data_7OQC
#
_entry.id   7OQC
#
loop_
_entity.id
_entity.type
_entity.pdbx_description
1 polymer 'Protein NAM8'
2 polymer 'ACT1 pre-mRNA (delta BS-A),ACT1 pre-mRNA (delta BS-A),ACT1 pre-mRNA (delta BS-A),ACT1 pre-mRNA (delta BS-A),ACT1 pre-mRNA (delta BS-A),ACT1 pre-mRNA (delta BS-A),ACT1 pre-mRNA (delta BS-A),ACT1 pre-mRNA (delta BS-A),ACT1 pre-mRNA (delta BS-A)'
3 polymer 'U1 small nuclear ribonucleoprotein component PRP42'
4 polymer 'U1 small nuclear ribonucleoprotein component SNU71'
5 polymer 'U1 snRNA'
6 polymer '56 kDa U1 small nuclear ribonucleoprotein component'
7 polymer 'U1 small nuclear ribonucleoprotein A'
8 polymer 'U1 small nuclear ribonucleoprotein C'
9 polymer 'Small nuclear ribonucleoprotein-associated protein B'
10 polymer 'Small nuclear ribonucleoprotein Sm D3'
11 polymer 'Small nuclear ribonucleoprotein E'
12 polymer 'Small nuclear ribonucleoprotein F'
13 polymer 'Small nuclear ribonucleoprotein G'
14 polymer 'Small nuclear ribonucleoprotein Sm D1'
15 polymer 'Small nuclear ribonucleoprotein Sm D2'
16 polymer 'Protein LUC7'
17 polymer 'Pre-mRNA-processing factor 39'
18 polymer 'U1 small nuclear ribonucleoprotein 70 kDa homolog'
#
loop_
_entity_poly.entity_id
_entity_poly.type
_entity_poly.pdbx_seq_one_letter_code
_entity_poly.pdbx_strand_id
1 'polypeptide(L)'
;MSYKQTTYYPSRGNLVRNDSSPYTNTISSETNNSSTSVLSLQGASNVSLGTTGNQLYMGDLDPTWDKNTVRQIWASLGEA
NINVRMMWNNTLNNGSRSSMGPKNNQGYCFVDFPSSTHAANALLKNGMLIPNFPNKKLKLNWATSSYSNSNNSLNNVKSG
NNCSIFVGDLAPNVTESQLFELFINRYASTSHAKIVHDQVTGMSKGYGFVKFTNSDEQQLALSEMQGVFLNGRAIKVGPT
SGQQQHVSGNNDYNRSSSSLNNENVDSRFLSKGQSFLSNGNNNMGFKRNHMSQFIYPVQQQPSLNHFTDPNNTTVFIGGL
SSLVTEDELRAYFQPFGTIVYVKIPVGKCCGFVQYVDRLSAEAAIAGMQGFPIANSRVRLSWGRSAKQTALLQQAMLSNS
LQVQQQQPGLQQPNYGYIPSSTCEAPVLPDNNVSSTMLPGCQILNYSNPYANANGLGSNNFSFYSNNNATNTQATSLLAD
TSSMDLSGTGGQQVIMQGSEAVVNSTNAMLNRLEQGSNGFMFA
;
F
2 'polyribonucleotide'
;AUGGAUUCUGGUAUGUUC(N)(N)(N)(N)(N)(N)(N)(N)(N)(N)(N)(N)(N)(N)(N)(N)(N)(N)(N)(N)
(N)(N)(N)(N)(N)(N)(N)(N)(N)(N)(N)(N)(N)(N)(N)(N)(N)(N)(N)(N)(N)(N)(N)(N)(N)(N)
(N)(N)(N)(N)(N)(N)(N)UAGCGCUUGCACCAUCCCAUUUAACUGUAAGAAGAAUUGCACGGUCCCAAUUGCUCGAG
AGAUUUCUCUUUUACCUUUUUUUACUAUUUUUCACUCUCCCAUAACCUCCUAUAUUGACUGAUCUGUAAUAACCACGAUA
UUAUUGGAAUAAAUAGGGGCUUGAAAUUUGGAAAAAAAAAAAAAACUGAAAUAUUUUCGUGAUAAGUGAUAGUGAUAUUC
UUCUUUUAUUUGCUACUGUUACUAAGUCUCAUGUACUACAUCGAUUGCUUCAUUCUUUUUGUUGCUAUAUUAUAUGUUUA
G
;
I
3 'polypeptide(L)'
;MDKYTALIHDENFSTLTLNVSRYPKSLAYWEKLLNYIVKASAPICKSTEPQLLKLIRCTYSSMLNEFPYLENYYIDFALL
EYKLGNVSMSHKIFQRGLQAFNQRSLLLWTSYLKFCNNVISHQKQLFKKYETAEEYVGLHFFSGEFWDLYLEQISSRCTS
SKKYWNVLRKILEIPLHSFSKFYALWLQRIDDIMDLKQLSQLTSKDELLKKLKIDINYSGRKGPYLQDAKKKLKKITKEM
YMVVQYQVLEIYSIFESKIYINYYTSPETLVSSDEIETWIKYLDYTITLQTDSLTHLNFQRALLPLAHYDLVWIKYSKWL
INSKNDLLGAKNVLLMGLKFSLKKTEIIKLLYSVICKLNEYVLLRNLLEKIESSYSDNVENVDDFEIFWDYLQFKTFCQN
SLYSSRYSDSQSNGLLNKELFDKVWKRLSCKEKKSGQEILLNNLVQFYSKDTVEFVEKNIFQKIIEFGWEYYLQNGMFWN
CYCRLIYFDTSRSYLDKRQYIVRKIWPQIDKKFAQSVLPSLTEFCESYFPEEMDTLEEMFTEEP
;
E
4 'polypeptide(L)'
;MRDIVFVSPQLYLSSQEGWKSDSAKSGFIPILKNDLQRFQDSLKHIVDARNSLSETLLNSNDDGSIHNSDQNTGLNKDKE
ASIADNNSANKCATSSSRYQELKQFLPISLDQQIHTVSLQGVSSSFSRGQIESLLDHCLNLALTETQSNSALKVEAWSSF
SSFLDTQDIFIRFSKVDEDEAFVNTLNYCKALFAFIRKLHEDFKIELHLDLNTKEYVEDRTGTIPSVKPEKASEFYSVFK
NIEDQTDERNSKKEQLDDSSTQYKVDTNTLSDLPSDALDQLCKDIIEFRTKVVSIEKEKKMKSTYEESRRQRHQMQKVFD
QIRKNHSGAKGSANTEEEDTNMEDEDEEDDTEDDLALEKRKEERDLEESNRRYEDMLHQLHSNTEPKIKSIRADIMSAEN
YEEHLEKNRSLYLKELLHLANDVHYDHHRSFKEQEERRDEEDRAKNGNAKELAPIQLSDGKAISAGKAAAITLPEGTVKS
ENYNADKNVSESSEHVKIKFDFKKAIDHSVESSSEDEGYRESELPPTKPSERSAAEDRLPFTADELNIRLTNLKESRYVD
ELVREFLGVYEDELVEYILENIRVNQSKQALLNELRETFDEDGETIADRLWSRKEFRLGT
;
J
5 'polyribonucleotide'
;AUACUUACCUUAAGAUAUCAGAGGAGAUCAAGAAGUCCUACUGAUCAAACAUGCGCUUCCAAUAGUAGAAGGACGUUAAG
CAUUUAUCAUUGAACUAUAAUUGUUCAUUGAAGUCAUUGAUGCAAACUCCUUGGUCACACACACAUACGGCGCGGAAGGC
GUGUUUGCUGACGUUUCCAUUCCCUUGUUUCAAUCAUUGGUUAAUCCCUUGAUUCCUUUGGGGAUUUUUGGGUUAAACUG
AUUUUUGGGGCCCUUUGUUUCUUCUGCCUGGAGAAGUUUGACACCAAAUUCAAAUUGGUGUUAGGGGAGCUGGGGCCUUU
CAAAAGAGAGCUUUGUAGAGGCAUUCUUUUUGACUACUUUUCUCUAGCGUGCCAUUUUAGUUUUUGACGGCAGAUUCGAA
UGAACUUAAGUUUAUGAUGAAGGUAUGGCUGUUGAGAUUAUUUGGUCGGGAUUGUAGUUUGAAGAUGUGCUCUUUUGAGC
AGUCUCAACUUUGCUCGUUCCCGUUAUGGGAAAAAUUUUGGAAGGUCUUGGUAGGAACGGGUGGAUCUUAUAAUUUUUGA
UUUAUUUU
;
1
6 'polypeptide(L)'
;MRPRRRGLAYHHTKPKGQLSQGHYPTTSNDGQRRKVGNSEAFQSFDIWKNLDRIRSTKKNAGQFIKGSLLILPMRTEDKQ
QFDECMDELHKYISKDILRCYPQKEQKDEGMLFYIVLKDFNILDSCFVLSVLLAFQKRLWMAPSEKSYFRVPKNINLTGS
FYLPKNIETGRGHIITSYRREQPSSSIVEVGFNVVPDFQQFQVKACHVSKFMNELSNFFSQVEFGKCEANVINYFKREYN
RTYSQISLALYELPLIGDGLFDIKSYISKTRPIIETSKAQMIKHISEMKAYNEISGLQGDQFPRQQRPLSNSPSSNSISS
SQTIEAGATSYQTQPQRHAVNKPSNVLNSSNRHSGPKTFEDGRYSEGNKPGFMTQDEIKQHCIGTIKASMDAVKKKSSYQ
ILKTYVRCPRQNYIDIVYQNLNDLRSKTNCNIVVLNLNNLHESQMWLESLNTTNYTIFAQAPHPSTIRVISIGGVGEYIV
KALELILNILEH
;
G
7 'polypeptide(L)'
;MSALYFQNLPSRPANKENYTRLLLKHINPNNKYAINPSLPLPHNKLQISSQPLMLLDDQMGLLEVSISRSSKMTNQAFLT
FVTQEEADRFLEKYTTTALKVQGRKVRMGKARTNSLLGLSIEMQKKKGNDETYNLDIKKVLKARKLKRKLRSDDICAKKF
RLKRQIRRLKHKLRSRKVEEAEIDRIVKEFETRRLENMKSQQENLKQSQKPLKRAKVSNTMENPPNKVLLIQNLPSGTTE
QLLSQILGNEALVEIRLVSVRNLAFVEYETVADATKIKNQLGSTYKLQNNDVTIGFAK
;
A
8 'polypeptide(L)'
;MTRYYCEYCHSYLTHDTLSVRKSHLVGKNHLRITADYYRNKARDIINKHNHKRRHIGKRGRKERENSSQNETLKVTCLSN
KEKRHIMHVKKMNQKELAQTSIDTLKLLYDGSPGYSKVFVDANRFDIGDLVKASKLPQRANEKSAHHSFKQTSRSRDETC
ESNPFPRLNNPKKLEPPKILSQWSNTIPKTSIFYSVDILQTTIKESKKRMHSDGIRKPSSANGYKRRRYGN
;
C
9 'polypeptide(L)'
;MSKIQVAHSSRLANLIDYKLRVLTQDGRVYIGQLMAFDKHMNLVLNECIEERVPKTQLDKLRPRKDSKDGTTLNIKVEKR
VLGLTILRGEQILSTVVEDKPLLSKKERLVRDKKEKKQAQKQTKLRKEKEKKPGKIAKPNTANAKHTSSNSREIAQPSSS
RYNGGNDNIGANRSRFNNEAPPQTRKFQPPPGFKRK
;
b
10 'polypeptide(L)'
;MTMNGIPVKLLNEAQGHIVSLELTTGATYRGKLVESEDSMNVQLRDVIATEPQGAVTHMDQIFVRGSQIKFIVVPDLLKN
APLFKKNSSRPMPPIRGPKRR
;
d
11 'polypeptide(L)'
;MSNKVKTKAMVPPINCIFNFLQQQTPVTIWLFEQIGIRIKGKIVGFDEFMNVVIDEAVEIPVNSADGKEDVEKGTPLGKI
LLKGDNITLITSAD
;
e
12 'polypeptide(L)'
;MSESSDISAMQPVNPKPFLKGLVNHRVGVKLKFNSTEYRGTLVSTDNYFNLQLNEAEEFVAGVSHGTLGEIFIRCNNVLY
IRELPN
;
f
13 'polypeptide(L)' MVSTPELKKYMDKKILLNINGSRKVAGILRGYDIFLNVVLDDAMEINGEDPANNHQLGLQTVIRGNSIISLEALDAI g
14 'polypeptide(L)'
;MKLVNFLKKLRNEQVTIELKNGTTVWGTLQSVSPQMNAILTDVKLTLPQPRLNKLNSNGIAMASLYLTGGQQPTASDNIA
SLQYINIRGNTIRQIILPDSLNLDSLLVDQKQLNSLRRSGQIANDPSKKRRRDFGAPANKRPRRGL
;
h
15 'polypeptide(L)'
;MSSQIIDRPKHELSRAELEELEEFEFKHGPMSLINDAMVTRTPVIISLRNNHKIIARVKAFDRHCNMVLENVKELWTEKK
GKNVINRERFISKLFLRGDSVIVVLKTPVE
;
i
16 'polypeptide(L)'
;MSTMSTPAAEQRKLVEQLMGRDFSFRHNRYSHQKRDLGLHDPKICKSYLVGECPYDLFQGTKQSLGKCPQMHLTKHKIQY
EREVKQGKTFPEFEREYLAILSRFVNECNGQISVALQNLKHTAEERMKIQQVTEELDVLDVRIGLMGQEIDSLIRADEVS
MGMLQSVKLQELISKRKEVAKRVRNITENVGQSAQQKLQVCEVCGAYLSRLDTDRRLADHFLGKIHLGYVKMREDYDRLM
KNNRTTNASKTATTLPGRRFV
;
H
17 'polypeptide(L)'
;MPDETNFTIEDIEPRPDALRGLDTQFLQDNTALVQAYRGLDWSDISSLTQMVDVIEQTVVKYGNPNDSIKLALETILWQI
LRKYPLLFGFWKRFATIEYQLFGLKKSIAVLATSVKWFPTSLELWCDYLNVLCVNNPNETDFIRNNFEIAKDLIGKQFLS
HPFWDKFIEFEVGQKNWHNVQRIYEYIIEVPLHQYARFFTSYKKFLNEKNLKTTRNIDIVLRKTQTTVNEIWQFESKIKQ
PFFNLGQVLNDDLENWSRYLKFVTDPSKSLDKEFVMSVFDRCLIPCLYHENTWMMYIKWLTKKNISDEVVVDIYQKANTF
LPLDFKTLRYDFLRFLKRKYRSNNTLFNNIFNETVSRYLKIWPNDILLMTEYLCMLKRHSFKNSLDQSPKEILEKQTSFT
KILETSITNYINNQIDAKVHLQTLINDKNLSIVVVELIKTTWLVLKNNMQTRKYFNLYQKNILIKNSVPFWLTYYKFEKS
NVNFTKLNKFIRELGVEIYLPTTVMNDILTDYKTFYLTHSNIVTYESSIIDSNTFDPILYPELKMSNPKYDPVLNTTANV
DWHKKTEWKEAGHIGITTERPQISNSIIECNSGTLIQKPISLPNFRNLEKINQVKINDLYTEEFLKEGK
;
D
18 'polypeptide(L)'
;MNYNLSKYPDDVSRLFKPRPPLSYKRPTDYPYAKRQTNPNITGVANLLSTSLKHYMEEFPEGSPNNHLQRYEDIKLSKIK
NAQLLDRRLQNWNPNVDPHIKDTDPYRTIFIGRLPYDLDEIELQKYFVKFGEIEKIRIVKDKITQKSKGYAFIVFKDPIS
SKMAFKEIGVHRGIQIKDRICIVDIERGRTVKYFKPRRLGGGLGGRGYSNRDSRLPGRFASASTSNPAERNYAPRLPRRE
TSSSAYSADRYGSSTLDARYRGNRPLLSAATPTAAVTSVYKSRNSRTRESQPAPKEAPDY
;
B
#
loop_
_chem_comp.id
_chem_comp.type
_chem_comp.name
_chem_comp.formula
A RNA linking ADENOSINE-5'-MONOPHOSPHATE 'C10 H14 N5 O7 P'
C RNA linking CYTIDINE-5'-MONOPHOSPHATE 'C9 H14 N3 O8 P'
G RNA linking GUANOSINE-5'-MONOPHOSPHATE 'C10 H14 N5 O8 P'
N RNA linking 'ANY 5'-MONOPHOSPHATE NUCLEOTIDE' 'C5 H11 O7 P'
U RNA linking URIDINE-5'-MONOPHOSPHATE 'C9 H13 N2 O9 P'
#
# COMPACT_ATOMS: atom_id res chain seq x y z
N ASN A 161 16.05 -5.29 -37.16
CA ASN A 161 14.61 -5.41 -36.98
C ASN A 161 14.27 -6.40 -35.88
N ASN A 162 14.98 -7.54 -35.89
CA ASN A 162 14.84 -8.63 -34.92
C ASN A 162 13.41 -9.17 -34.90
N CYS A 163 12.98 -9.74 -36.02
CA CYS A 163 11.65 -10.31 -36.13
C CYS A 163 11.58 -11.62 -35.38
N SER A 164 10.51 -11.81 -34.61
CA SER A 164 10.35 -12.98 -33.76
C SER A 164 9.25 -13.89 -34.32
N ILE A 165 9.52 -15.19 -34.34
CA ILE A 165 8.57 -16.19 -34.78
C ILE A 165 8.38 -17.20 -33.64
N PHE A 166 7.14 -17.62 -33.43
CA PHE A 166 6.78 -18.52 -32.34
C PHE A 166 6.38 -19.87 -32.91
N VAL A 167 7.27 -20.85 -32.81
CA VAL A 167 6.96 -22.22 -33.19
C VAL A 167 6.20 -22.89 -32.06
N GLY A 168 5.15 -23.63 -32.40
CA GLY A 168 4.31 -24.25 -31.39
C GLY A 168 3.99 -25.69 -31.73
N ASP A 169 3.52 -26.41 -30.70
CA ASP A 169 3.09 -27.81 -30.79
C ASP A 169 4.20 -28.73 -31.27
N LEU A 170 5.41 -28.50 -30.77
CA LEU A 170 6.54 -29.33 -31.14
C LEU A 170 6.52 -30.64 -30.35
N ALA A 171 7.34 -31.59 -30.81
CA ALA A 171 7.43 -32.89 -30.17
C ALA A 171 8.32 -32.81 -28.93
N PRO A 172 8.38 -33.88 -28.14
CA PRO A 172 9.21 -33.85 -26.93
C PRO A 172 10.68 -34.04 -27.23
N ASN A 173 10.99 -34.79 -28.29
CA ASN A 173 12.38 -35.05 -28.68
C ASN A 173 12.89 -34.02 -29.68
N VAL A 174 12.76 -32.74 -29.34
CA VAL A 174 13.22 -31.65 -30.18
C VAL A 174 13.88 -30.63 -29.26
N THR A 175 15.21 -30.60 -29.26
CA THR A 175 15.96 -29.69 -28.42
C THR A 175 16.15 -28.34 -29.12
N GLU A 176 16.95 -27.47 -28.52
CA GLU A 176 17.21 -26.16 -29.11
C GLU A 176 18.15 -26.26 -30.31
N SER A 177 18.99 -27.30 -30.36
CA SER A 177 19.91 -27.46 -31.47
C SER A 177 19.18 -27.85 -32.75
N GLN A 178 18.15 -28.72 -32.64
CA GLN A 178 17.38 -29.09 -33.81
C GLN A 178 16.53 -27.93 -34.31
N LEU A 179 15.99 -27.12 -33.39
CA LEU A 179 15.23 -25.94 -33.80
C LEU A 179 16.13 -24.88 -34.40
N PHE A 180 17.36 -24.74 -33.91
CA PHE A 180 18.31 -23.80 -34.51
C PHE A 180 18.80 -24.28 -35.87
N GLU A 181 18.90 -25.60 -36.06
CA GLU A 181 19.27 -26.13 -37.36
C GLU A 181 18.14 -26.01 -38.37
N LEU A 182 16.90 -26.16 -37.91
CA LEU A 182 15.75 -26.03 -38.81
C LEU A 182 15.40 -24.58 -39.10
N PHE A 183 15.73 -23.65 -38.21
CA PHE A 183 15.44 -22.23 -38.40
C PHE A 183 16.56 -21.53 -39.16
N ILE A 184 17.79 -21.59 -38.66
CA ILE A 184 18.92 -20.95 -39.31
C ILE A 184 19.43 -21.82 -40.45
N ASN A 185 20.27 -21.24 -41.32
CA ASN A 185 20.94 -21.90 -42.44
C ASN A 185 19.97 -22.50 -43.46
N ARG A 186 18.74 -21.99 -43.53
CA ARG A 186 17.77 -22.38 -44.55
C ARG A 186 17.19 -21.10 -45.13
N TYR A 187 17.91 -20.52 -46.11
CA TYR A 187 17.58 -19.26 -46.80
C TYR A 187 17.39 -18.09 -45.83
N ALA A 188 18.06 -18.12 -44.68
CA ALA A 188 17.92 -17.10 -43.65
C ALA A 188 19.11 -17.20 -42.70
N SER A 189 19.10 -16.32 -41.71
CA SER A 189 20.13 -16.30 -40.66
C SER A 189 19.45 -15.94 -39.34
N THR A 190 19.07 -16.96 -38.58
CA THR A 190 18.42 -16.74 -37.29
C THR A 190 19.46 -16.31 -36.26
N SER A 191 19.20 -15.18 -35.60
CA SER A 191 20.15 -14.66 -34.62
C SER A 191 20.07 -15.42 -33.31
N HIS A 192 18.87 -15.78 -32.87
CA HIS A 192 18.70 -16.49 -31.61
C HIS A 192 17.50 -17.42 -31.70
N ALA A 193 17.55 -18.50 -30.93
CA ALA A 193 16.46 -19.46 -30.87
C ALA A 193 16.46 -20.13 -29.51
N LYS A 194 15.30 -20.16 -28.85
CA LYS A 194 15.19 -20.71 -27.50
C LYS A 194 13.83 -21.37 -27.35
N ILE A 195 13.83 -22.65 -26.96
CA ILE A 195 12.59 -23.36 -26.69
C ILE A 195 12.23 -23.19 -25.22
N VAL A 196 10.99 -22.78 -24.97
CA VAL A 196 10.52 -22.52 -23.60
C VAL A 196 10.19 -23.87 -22.97
N HIS A 197 11.03 -24.31 -22.04
CA HIS A 197 10.84 -25.58 -21.35
C HIS A 197 10.13 -25.34 -20.02
N ASP A 198 10.04 -26.39 -19.21
CA ASP A 198 9.43 -26.29 -17.90
C ASP A 198 10.38 -25.61 -16.91
N GLN A 199 9.80 -25.08 -15.83
CA GLN A 199 10.60 -24.36 -14.85
C GLN A 199 11.38 -25.30 -13.94
N VAL A 200 10.81 -26.46 -13.59
CA VAL A 200 11.47 -27.39 -12.69
C VAL A 200 11.58 -28.80 -13.24
N THR A 201 10.84 -29.16 -14.29
CA THR A 201 10.89 -30.51 -14.84
C THR A 201 11.95 -30.67 -15.92
N GLY A 202 12.24 -29.60 -16.67
CA GLY A 202 13.23 -29.64 -17.72
C GLY A 202 12.71 -30.02 -19.09
N MET A 203 11.50 -30.58 -19.16
CA MET A 203 10.93 -30.95 -20.45
C MET A 203 10.37 -29.73 -21.18
N SER A 204 10.42 -29.79 -22.50
CA SER A 204 9.92 -28.70 -23.32
C SER A 204 8.39 -28.70 -23.34
N LYS A 205 7.80 -27.50 -23.32
CA LYS A 205 6.36 -27.35 -23.36
C LYS A 205 5.80 -27.36 -24.78
N GLY A 206 6.65 -27.49 -25.80
CA GLY A 206 6.20 -27.50 -27.18
C GLY A 206 6.22 -26.16 -27.86
N TYR A 207 6.78 -25.12 -27.24
CA TYR A 207 6.81 -23.78 -27.81
C TYR A 207 8.25 -23.27 -27.81
N GLY A 208 8.54 -22.42 -28.80
CA GLY A 208 9.87 -21.85 -28.93
C GLY A 208 9.84 -20.55 -29.69
N PHE A 209 10.80 -19.69 -29.38
CA PHE A 209 10.94 -18.39 -30.03
C PHE A 209 12.20 -18.37 -30.88
N VAL A 210 12.10 -17.74 -32.05
CA VAL A 210 13.22 -17.60 -32.98
C VAL A 210 13.28 -16.15 -33.43
N LYS A 211 14.33 -15.45 -33.06
CA LYS A 211 14.51 -14.03 -33.37
C LYS A 211 15.61 -13.90 -34.43
N PHE A 212 15.24 -13.34 -35.59
CA PHE A 212 16.16 -13.11 -36.68
C PHE A 212 16.41 -11.61 -36.84
N THR A 213 17.44 -11.29 -37.61
CA THR A 213 17.82 -9.89 -37.82
C THR A 213 16.92 -9.21 -38.85
N ASN A 214 16.70 -9.85 -39.99
CA ASN A 214 15.88 -9.30 -41.06
C ASN A 214 14.45 -9.81 -40.94
N SER A 215 13.50 -8.94 -41.28
CA SER A 215 12.09 -9.30 -41.22
C SER A 215 11.65 -10.08 -42.46
N ASP A 216 12.29 -9.84 -43.61
CA ASP A 216 11.91 -10.54 -44.83
C ASP A 216 12.31 -12.00 -44.79
N GLU A 217 13.49 -12.30 -44.24
CA GLU A 217 13.94 -13.68 -44.11
C GLU A 217 13.09 -14.44 -43.09
N GLN A 218 12.69 -13.76 -42.01
CA GLN A 218 11.82 -14.39 -41.02
C GLN A 218 10.42 -14.62 -41.57
N GLN A 219 9.94 -13.70 -42.42
CA GLN A 219 8.63 -13.88 -43.06
C GLN A 219 8.67 -15.02 -44.08
N LEU A 220 9.77 -15.14 -44.82
CA LEU A 220 9.93 -16.25 -45.75
C LEU A 220 10.05 -17.59 -45.02
N ALA A 221 10.73 -17.60 -43.87
CA ALA A 221 10.85 -18.82 -43.07
C ALA A 221 9.50 -19.20 -42.45
N LEU A 222 8.70 -18.21 -42.04
CA LEU A 222 7.38 -18.50 -41.50
C LEU A 222 6.41 -18.95 -42.60
N SER A 223 6.58 -18.46 -43.82
CA SER A 223 5.75 -18.90 -44.94
C SER A 223 6.16 -20.27 -45.46
N GLU A 224 7.44 -20.63 -45.36
CA GLU A 224 7.92 -21.93 -45.82
C GLU A 224 7.78 -23.02 -44.76
N MET A 225 7.79 -22.67 -43.48
CA MET A 225 7.68 -23.64 -42.41
C MET A 225 6.25 -23.83 -41.91
N GLN A 226 5.27 -23.19 -42.56
CA GLN A 226 3.87 -23.34 -42.17
C GLN A 226 3.37 -24.69 -42.63
N GLY A 227 3.45 -25.68 -41.75
CA GLY A 227 3.02 -27.04 -42.06
C GLY A 227 4.14 -28.00 -42.40
N VAL A 228 5.39 -27.65 -42.12
CA VAL A 228 6.51 -28.54 -42.41
C VAL A 228 6.59 -29.62 -41.34
N PHE A 229 7.20 -30.75 -41.72
CA PHE A 229 7.34 -31.88 -40.80
C PHE A 229 8.46 -31.58 -39.79
N LEU A 230 8.08 -31.39 -38.53
CA LEU A 230 9.03 -31.07 -37.46
C LEU A 230 8.92 -32.16 -36.40
N ASN A 231 9.82 -33.15 -36.47
CA ASN A 231 9.94 -34.26 -35.53
C ASN A 231 8.65 -35.09 -35.44
N GLY A 232 7.99 -35.26 -36.58
CA GLY A 232 6.78 -36.06 -36.66
C GLY A 232 5.47 -35.29 -36.52
N ARG A 233 5.53 -33.98 -36.35
CA ARG A 233 4.33 -33.17 -36.18
C ARG A 233 4.51 -31.88 -36.99
N ALA A 234 3.56 -30.96 -36.83
CA ALA A 234 3.60 -29.69 -37.54
C ALA A 234 4.54 -28.72 -36.84
N ILE A 235 5.00 -27.72 -37.58
CA ILE A 235 5.93 -26.73 -37.04
C ILE A 235 5.20 -25.57 -36.40
N LYS A 236 4.22 -25.01 -37.11
CA LYS A 236 3.40 -23.85 -36.70
C LYS A 236 4.28 -22.66 -36.33
N VAL A 237 4.99 -22.17 -37.35
CA VAL A 237 6.07 -21.21 -37.16
C VAL A 237 5.60 -19.79 -37.47
N GLY A 238 4.30 -19.55 -37.31
CA GLY A 238 3.72 -18.24 -37.51
C GLY A 238 4.27 -17.18 -36.58
N PRO A 239 4.20 -15.92 -36.99
CA PRO A 239 4.84 -14.85 -36.22
C PRO A 239 4.09 -14.48 -34.96
N THR A 240 4.85 -14.09 -33.94
CA THR A 240 4.29 -13.69 -32.66
C THR A 240 4.14 -12.18 -32.53
N SER A 241 5.13 -11.42 -32.99
CA SER A 241 5.10 -9.96 -32.88
C SER A 241 5.31 -9.36 -34.26
N GLY A 242 4.48 -8.37 -34.61
CA GLY A 242 4.57 -7.72 -35.90
C GLY A 242 3.55 -8.24 -36.89
N MET A 291 -7.38 -2.77 -31.98
CA MET A 291 -7.35 -1.31 -31.97
C MET A 291 -7.37 -0.77 -30.55
N SER A 292 -6.20 -0.73 -29.92
CA SER A 292 -6.07 -0.23 -28.56
C SER A 292 -5.59 1.23 -28.57
N GLN A 293 -5.90 1.92 -27.47
CA GLN A 293 -5.45 3.30 -27.33
C GLN A 293 -4.06 3.39 -26.71
N PHE A 294 -3.67 2.38 -25.93
CA PHE A 294 -2.44 2.43 -25.16
C PHE A 294 -1.31 1.77 -25.95
N ILE A 295 -0.32 2.56 -26.33
CA ILE A 295 0.87 2.06 -27.03
C ILE A 295 2.11 2.59 -26.32
N TYR A 296 3.18 1.80 -26.37
CA TYR A 296 4.43 2.20 -25.74
C TYR A 296 5.06 3.35 -26.53
N PRO A 297 5.67 4.31 -25.86
CA PRO A 297 6.29 5.43 -26.58
C PRO A 297 7.58 5.00 -27.27
N VAL A 298 7.79 5.54 -28.46
CA VAL A 298 8.96 5.25 -29.27
C VAL A 298 9.67 6.58 -29.56
N GLN A 299 11.00 6.53 -29.57
CA GLN A 299 11.82 7.73 -29.73
C GLN A 299 12.96 7.46 -30.70
N GLN A 300 13.49 8.54 -31.27
CA GLN A 300 14.69 8.47 -32.08
C GLN A 300 15.90 8.74 -31.19
N GLN A 301 17.07 8.92 -31.80
CA GLN A 301 18.28 9.11 -31.03
C GLN A 301 18.90 10.47 -31.35
N PRO A 302 19.64 11.06 -30.40
CA PRO A 302 20.28 12.37 -30.65
C PRO A 302 21.60 12.29 -31.41
N SER A 303 21.87 11.15 -32.07
CA SER A 303 23.01 10.86 -32.94
C SER A 303 24.35 10.84 -32.20
N LEU A 304 24.33 10.80 -30.86
CA LEU A 304 25.49 10.55 -29.99
C LEU A 304 26.59 11.60 -30.21
N ASN A 305 26.27 12.80 -29.77
CA ASN A 305 27.28 13.83 -29.58
C ASN A 305 27.82 13.73 -28.16
N HIS A 306 28.63 14.70 -27.74
CA HIS A 306 29.20 14.67 -26.40
C HIS A 306 28.35 15.43 -25.39
N PHE A 307 27.17 15.91 -25.78
CA PHE A 307 26.23 16.52 -24.84
C PHE A 307 25.18 15.52 -24.37
N THR A 308 24.62 14.75 -25.30
CA THR A 308 23.51 13.85 -25.01
C THR A 308 23.96 12.45 -24.62
N ASP A 309 25.18 12.30 -24.11
CA ASP A 309 25.66 11.02 -23.64
C ASP A 309 25.56 10.98 -22.12
N PRO A 310 24.74 10.11 -21.54
CA PRO A 310 24.65 10.07 -20.06
C PRO A 310 25.88 9.49 -19.40
N ASN A 311 26.71 8.74 -20.11
CA ASN A 311 27.95 8.21 -19.57
C ASN A 311 29.12 9.18 -19.76
N ASN A 312 28.90 10.33 -20.37
CA ASN A 312 29.95 11.31 -20.61
C ASN A 312 30.21 12.07 -19.32
N THR A 313 31.34 11.78 -18.66
CA THR A 313 31.62 12.33 -17.34
C THR A 313 32.79 13.31 -17.33
N THR A 314 33.34 13.67 -18.48
CA THR A 314 34.45 14.61 -18.55
C THR A 314 33.95 16.00 -18.92
N VAL A 315 34.40 17.00 -18.18
CA VAL A 315 33.94 18.38 -18.31
C VAL A 315 35.02 19.17 -19.04
N PHE A 316 34.61 19.88 -20.08
CA PHE A 316 35.50 20.81 -20.78
C PHE A 316 35.47 22.16 -20.08
N ILE A 317 36.64 22.58 -19.61
CA ILE A 317 36.83 23.86 -18.93
C ILE A 317 37.54 24.81 -19.89
N GLY A 318 37.07 26.05 -19.95
CA GLY A 318 37.67 27.06 -20.80
C GLY A 318 37.59 28.43 -20.16
N GLY A 319 38.12 29.41 -20.86
CA GLY A 319 38.17 30.77 -20.34
C GLY A 319 39.28 31.00 -19.36
N LEU A 320 40.29 30.14 -19.34
CA LEU A 320 41.42 30.32 -18.46
C LEU A 320 42.34 31.44 -18.96
N SER A 321 43.19 31.93 -18.07
CA SER A 321 44.11 33.01 -18.38
C SER A 321 45.49 32.52 -18.81
N SER A 322 45.60 31.22 -19.16
CA SER A 322 46.87 30.55 -19.50
C SER A 322 47.91 30.71 -18.39
N LEU A 323 47.46 30.65 -17.14
CA LEU A 323 48.31 30.90 -15.98
C LEU A 323 48.18 29.84 -14.89
N VAL A 324 47.05 29.15 -14.80
CA VAL A 324 46.85 28.11 -13.81
C VAL A 324 47.65 26.87 -14.21
N THR A 325 48.15 26.14 -13.23
CA THR A 325 48.93 24.94 -13.46
C THR A 325 48.01 23.72 -13.51
N GLU A 326 48.61 22.53 -13.50
CA GLU A 326 47.85 21.29 -13.49
C GLU A 326 47.51 20.83 -12.08
N ASP A 327 48.43 21.03 -11.13
CA ASP A 327 48.15 20.65 -9.74
C ASP A 327 47.14 21.60 -9.11
N GLU A 328 47.18 22.88 -9.48
CA GLU A 328 46.20 23.83 -8.97
C GLU A 328 44.82 23.54 -9.54
N LEU A 329 44.74 23.20 -10.84
CA LEU A 329 43.48 22.82 -11.45
C LEU A 329 42.97 21.49 -10.92
N ARG A 330 43.88 20.62 -10.46
CA ARG A 330 43.46 19.45 -9.70
C ARG A 330 42.86 19.86 -8.36
N ALA A 331 43.47 20.85 -7.71
CA ALA A 331 42.98 21.31 -6.42
C ALA A 331 41.64 22.06 -6.51
N TYR A 332 41.30 22.60 -7.68
CA TYR A 332 39.96 23.16 -7.85
C TYR A 332 38.91 22.05 -7.87
N PHE A 333 39.20 20.95 -8.54
CA PHE A 333 38.20 19.91 -8.81
C PHE A 333 38.44 18.63 -8.01
N GLN A 334 39.16 18.71 -6.90
CA GLN A 334 39.43 17.53 -6.09
C GLN A 334 38.28 17.08 -5.17
N PRO A 335 37.62 17.92 -4.35
CA PRO A 335 36.62 17.37 -3.43
C PRO A 335 35.28 17.04 -4.08
N PHE A 336 35.07 17.38 -5.34
CA PHE A 336 33.83 17.02 -6.02
C PHE A 336 33.73 15.53 -6.33
N GLY A 337 34.86 14.84 -6.38
CA GLY A 337 34.85 13.41 -6.66
C GLY A 337 36.25 12.96 -7.03
N THR A 338 36.36 11.64 -7.21
CA THR A 338 37.63 11.07 -7.63
C THR A 338 37.91 11.44 -9.09
N ILE A 339 39.21 11.49 -9.42
CA ILE A 339 39.66 12.09 -10.67
C ILE A 339 40.79 11.21 -11.23
N VAL A 340 41.01 11.31 -12.54
CA VAL A 340 41.95 10.45 -13.23
C VAL A 340 43.10 11.24 -13.86
N TYR A 341 42.84 12.38 -14.49
CA TYR A 341 43.91 13.23 -15.02
C TYR A 341 43.42 14.66 -15.11
N VAL A 342 44.38 15.59 -15.06
CA VAL A 342 44.09 17.03 -15.08
C VAL A 342 44.92 17.73 -16.15
N LYS A 343 45.28 17.02 -17.22
CA LYS A 343 46.14 17.61 -18.23
C LYS A 343 45.37 18.64 -19.06
N ILE A 344 46.07 19.70 -19.46
CA ILE A 344 45.47 20.80 -20.21
C ILE A 344 46.26 21.02 -21.49
N PRO A 345 45.63 21.51 -22.56
CA PRO A 345 46.40 21.91 -23.74
C PRO A 345 47.19 23.19 -23.46
N VAL A 346 48.35 23.29 -24.10
CA VAL A 346 49.22 24.45 -23.95
C VAL A 346 48.88 25.46 -25.04
N GLY A 347 48.82 26.74 -24.64
CA GLY A 347 48.50 27.81 -25.56
C GLY A 347 47.07 27.88 -26.02
N LYS A 348 46.18 27.03 -25.50
CA LYS A 348 44.79 26.97 -25.93
C LYS A 348 43.83 27.52 -24.88
N CYS A 349 44.34 27.90 -23.70
CA CYS A 349 43.61 28.44 -22.54
C CYS A 349 42.36 27.63 -22.20
N CYS A 350 42.51 26.31 -22.18
CA CYS A 350 41.41 25.41 -21.89
C CYS A 350 41.97 24.16 -21.23
N GLY A 351 41.07 23.22 -20.93
CA GLY A 351 41.48 21.97 -20.31
C GLY A 351 40.43 20.89 -20.33
N PHE A 352 40.68 19.81 -19.59
CA PHE A 352 39.77 18.67 -19.52
C PHE A 352 39.81 18.12 -18.10
N VAL A 353 38.65 17.97 -17.48
CA VAL A 353 38.55 17.41 -16.13
C VAL A 353 37.65 16.18 -16.21
N GLN A 354 38.25 14.99 -16.17
CA GLN A 354 37.50 13.75 -16.27
C GLN A 354 37.37 13.12 -14.89
N TYR A 355 36.13 12.91 -14.46
CA TYR A 355 35.84 12.20 -13.22
C TYR A 355 35.59 10.73 -13.52
N VAL A 356 35.11 10.01 -12.51
CA VAL A 356 34.57 8.67 -12.68
C VAL A 356 33.06 8.67 -12.64
N ASP A 357 32.46 9.46 -11.76
CA ASP A 357 31.01 9.54 -11.61
C ASP A 357 30.45 10.68 -12.44
N ARG A 358 29.18 10.53 -12.81
CA ARG A 358 28.44 11.57 -13.53
C ARG A 358 27.79 12.57 -12.59
N LEU A 359 27.40 12.12 -11.39
CA LEU A 359 26.89 13.03 -10.37
C LEU A 359 28.00 13.96 -9.87
N SER A 360 29.24 13.48 -9.84
CA SER A 360 30.36 14.36 -9.50
C SER A 360 30.56 15.43 -10.56
N ALA A 361 30.35 15.10 -11.83
CA ALA A 361 30.40 16.11 -12.88
C ALA A 361 29.25 17.09 -12.76
N GLU A 362 28.06 16.60 -12.37
CA GLU A 362 26.93 17.50 -12.14
C GLU A 362 27.20 18.46 -10.99
N ALA A 363 27.78 17.97 -9.90
CA ALA A 363 28.13 18.83 -8.77
C ALA A 363 29.23 19.81 -9.15
N ALA A 364 30.20 19.39 -9.96
CA ALA A 364 31.28 20.28 -10.38
C ALA A 364 30.77 21.40 -11.28
N ILE A 365 29.85 21.08 -12.20
CA ILE A 365 29.31 22.12 -13.07
C ILE A 365 28.35 23.03 -12.30
N ALA A 366 27.57 22.46 -11.37
CA ALA A 366 26.63 23.26 -10.61
C ALA A 366 27.31 24.14 -9.57
N GLY A 367 28.52 23.79 -9.14
CA GLY A 367 29.22 24.63 -8.18
C GLY A 367 30.21 25.59 -8.83
N MET A 368 30.99 25.11 -9.79
CA MET A 368 32.12 25.84 -10.33
C MET A 368 31.71 26.84 -11.42
N GLN A 369 30.45 26.87 -11.81
CA GLN A 369 30.01 27.79 -12.86
C GLN A 369 29.99 29.21 -12.34
N GLY A 370 30.53 30.14 -13.13
CA GLY A 370 30.61 31.53 -12.70
C GLY A 370 31.69 31.80 -11.69
N PHE A 371 32.66 30.90 -11.55
CA PHE A 371 33.76 31.08 -10.61
C PHE A 371 34.98 31.62 -11.34
N PRO A 372 35.45 32.82 -11.04
CA PRO A 372 36.62 33.37 -11.74
C PRO A 372 37.92 32.77 -11.21
N ILE A 373 38.67 32.12 -12.09
CA ILE A 373 40.00 31.61 -11.78
C ILE A 373 41.02 32.61 -12.30
N ALA A 374 41.78 33.21 -11.37
CA ALA A 374 42.86 34.16 -11.65
C ALA A 374 42.36 35.37 -12.44
N ASN A 375 41.31 36.02 -11.91
CA ASN A 375 40.67 37.22 -12.48
C ASN A 375 40.19 36.97 -13.92
N SER A 376 39.60 35.79 -14.13
CA SER A 376 39.10 35.41 -15.45
C SER A 376 37.97 34.42 -15.26
N ARG A 377 36.77 34.78 -15.74
CA ARG A 377 35.59 33.95 -15.55
C ARG A 377 35.71 32.65 -16.33
N VAL A 378 35.08 31.61 -15.80
CA VAL A 378 35.24 30.27 -16.32
C VAL A 378 34.08 29.97 -17.27
N ARG A 379 34.32 29.07 -18.24
CA ARG A 379 33.29 28.56 -19.13
C ARG A 379 33.29 27.05 -19.03
N LEU A 380 32.21 26.48 -18.49
CA LEU A 380 32.08 25.05 -18.29
C LEU A 380 31.11 24.46 -19.30
N SER A 381 31.52 23.38 -19.95
CA SER A 381 30.63 22.66 -20.87
C SER A 381 31.07 21.21 -20.91
N TRP A 382 30.56 20.47 -21.88
CA TRP A 382 30.96 19.09 -22.07
C TRP A 382 31.99 18.98 -23.20
N GLY A 383 32.57 17.80 -23.33
CA GLY A 383 33.60 17.57 -24.32
C GLY A 383 34.08 16.13 -24.32
N ARG A 384 34.87 15.76 -25.33
CA ARG A 384 35.42 14.42 -25.39
C ARG A 384 36.81 14.39 -24.75
N SER A 385 37.48 13.24 -24.87
CA SER A 385 38.83 13.08 -24.37
C SER A 385 39.82 13.60 -25.40
N ALA A 386 41.12 13.42 -25.15
CA ALA A 386 42.14 13.91 -26.07
C ALA A 386 42.24 13.03 -27.31
N LYS A 387 42.13 11.72 -27.16
CA LYS A 387 42.21 10.81 -28.30
C LYS A 387 40.98 10.96 -29.21
N GLN A 388 39.80 11.15 -28.60
CA GLN A 388 38.60 11.38 -29.38
C GLN A 388 38.63 12.75 -30.06
N THR A 389 39.27 13.75 -29.43
CA THR A 389 39.43 15.04 -30.08
C THR A 389 40.40 14.95 -31.25
N ALA A 390 41.46 14.14 -31.11
CA ALA A 390 42.38 13.91 -32.22
C ALA A 390 41.71 13.16 -33.36
N LEU A 391 40.83 12.20 -33.04
CA LEU A 391 40.09 11.49 -34.07
C LEU A 391 39.09 12.40 -34.77
N LEU A 392 38.44 13.30 -34.01
CA LEU A 392 37.53 14.26 -34.61
C LEU A 392 38.25 15.29 -35.47
N GLN A 393 39.48 15.65 -35.08
CA GLN A 393 40.27 16.56 -35.90
C GLN A 393 40.78 15.88 -37.16
N GLN A 394 41.11 14.59 -37.07
CA GLN A 394 41.53 13.84 -38.24
C GLN A 394 40.38 13.53 -39.19
N ALA A 395 39.17 13.35 -38.68
CA ALA A 395 38.00 13.13 -39.52
C ALA A 395 37.35 14.42 -40.00
N MET A 396 37.65 15.55 -39.36
CA MET A 396 37.11 16.83 -39.78
C MET A 396 38.02 17.56 -40.77
N LEU A 397 39.29 17.17 -40.85
CA LEU A 397 40.17 17.77 -41.85
C LEU A 397 39.83 17.30 -43.25
N SER A 398 39.27 16.10 -43.38
CA SER A 398 38.81 15.58 -44.66
C SER A 398 37.28 15.65 -44.79
N ASN A 399 36.57 15.81 -43.67
CA ASN A 399 35.12 15.95 -43.57
C ASN A 399 34.38 14.77 -44.20
N SER A 400 34.74 13.55 -43.81
CA SER A 400 34.09 12.36 -44.37
C SER A 400 32.93 11.89 -43.49
N LEU A 401 33.21 11.57 -42.24
CA LEU A 401 32.18 11.10 -41.31
C LEU A 401 32.06 11.97 -40.07
N GLN A 402 33.17 12.25 -39.39
CA GLN A 402 33.24 13.00 -38.13
C GLN A 402 32.34 12.39 -37.07
N VAL A 403 32.39 11.06 -36.96
CA VAL A 403 31.57 10.31 -36.01
C VAL A 403 32.31 10.19 -34.70
N GLN A 404 31.55 10.19 -33.60
CA GLN A 404 32.09 10.06 -32.26
C GLN A 404 31.78 8.68 -31.70
N GLN A 405 32.35 8.39 -30.53
CA GLN A 405 32.15 7.13 -29.85
C GLN A 405 31.69 7.38 -28.43
N GLN A 406 30.76 6.54 -27.95
CA GLN A 406 30.25 6.68 -26.60
C GLN A 406 31.28 6.23 -25.58
N GLN A 407 31.30 6.90 -24.44
CA GLN A 407 32.20 6.53 -23.36
C GLN A 407 31.73 5.22 -22.73
N PRO A 408 32.63 4.28 -22.44
CA PRO A 408 32.20 3.00 -21.87
C PRO A 408 31.64 3.15 -20.46
N GLY A 409 30.79 2.19 -20.10
CA GLY A 409 30.08 2.21 -18.84
C GLY A 409 30.92 1.74 -17.68
N LEU A 410 30.22 1.23 -16.67
CA LEU A 410 30.82 0.82 -15.42
C LEU A 410 30.64 -0.68 -15.14
N GLN A 411 29.94 -1.39 -16.03
CA GLN A 411 29.55 -2.79 -15.89
C GLN A 411 28.76 -3.01 -14.60
N GLN A 412 27.67 -2.26 -14.52
CA GLN A 412 26.73 -2.23 -13.42
C GLN A 412 25.95 -3.54 -13.35
N PRO A 413 25.47 -3.94 -12.15
CA PRO A 413 25.45 -3.33 -10.80
C PRO A 413 26.79 -3.31 -10.07
N ASN A 414 26.93 -2.38 -9.14
CA ASN A 414 28.14 -2.20 -8.35
C ASN A 414 27.72 -1.89 -6.92
N TYR A 415 27.77 -2.90 -6.06
CA TYR A 415 27.22 -2.76 -4.71
C TYR A 415 28.15 -1.98 -3.79
N GLY A 416 29.46 -2.16 -3.96
CA GLY A 416 30.40 -1.62 -2.99
C GLY A 416 30.64 -0.14 -3.08
N TYR A 417 30.57 0.43 -4.28
CA TYR A 417 30.97 1.82 -4.49
C TYR A 417 29.85 2.76 -4.08
N ILE A 418 30.24 3.89 -3.49
CA ILE A 418 29.33 4.97 -3.14
C ILE A 418 29.75 6.19 -3.95
N PRO A 419 28.85 6.81 -4.71
CA PRO A 419 29.25 7.94 -5.56
C PRO A 419 29.50 9.19 -4.75
N SER A 420 30.31 10.08 -5.34
CA SER A 420 30.79 11.33 -4.74
C SER A 420 31.50 11.09 -3.41
N SER A 421 32.49 10.21 -3.46
CA SER A 421 33.26 9.82 -2.28
C SER A 421 34.74 9.81 -2.62
N THR A 422 35.55 10.48 -1.82
CA THR A 422 36.97 10.63 -2.06
C THR A 422 37.77 10.01 -0.92
N CYS A 423 38.94 9.47 -1.26
CA CYS A 423 39.87 8.93 -0.27
C CYS A 423 41.28 9.10 -0.80
N GLU A 424 42.13 9.78 -0.03
CA GLU A 424 43.50 10.05 -0.48
C GLU A 424 44.46 8.93 -0.11
N ALA A 425 44.39 8.44 1.12
CA ALA A 425 45.29 7.38 1.58
C ALA A 425 44.86 6.03 1.01
N ASN A 432 47.33 -3.67 7.82
CA ASN A 432 46.28 -4.48 7.22
C ASN A 432 44.91 -3.79 7.29
N VAL A 433 43.95 -4.32 6.53
CA VAL A 433 42.59 -3.78 6.47
C VAL A 433 41.64 -4.88 6.92
N SER A 434 40.95 -4.66 8.03
CA SER A 434 39.93 -5.57 8.55
C SER A 434 38.59 -4.90 8.35
N SER A 435 38.00 -5.08 7.18
CA SER A 435 36.76 -4.43 6.80
C SER A 435 35.57 -5.34 7.07
N THR A 436 34.52 -4.77 7.65
CA THR A 436 33.28 -5.50 7.90
C THR A 436 32.31 -5.44 6.73
N MET A 437 32.59 -4.60 5.72
CA MET A 437 31.82 -4.47 4.49
C MET A 437 30.37 -4.06 4.75
N LEU A 438 30.14 -3.31 5.83
CA LEU A 438 28.80 -2.91 6.21
C LEU A 438 28.26 -1.84 5.25
N PRO A 439 26.95 -1.84 4.98
CA PRO A 439 26.42 -0.91 3.97
C PRO A 439 26.43 0.54 4.39
N GLY A 440 26.36 0.84 5.69
CA GLY A 440 26.41 2.23 6.12
C GLY A 440 27.73 2.90 5.86
N CYS A 441 28.83 2.14 5.89
CA CYS A 441 30.14 2.67 5.57
C CYS A 441 30.42 2.47 4.08
N GLN A 442 31.66 2.70 3.68
CA GLN A 442 32.09 2.53 2.30
C GLN A 442 32.95 1.28 2.21
N ILE A 443 32.83 0.53 1.10
CA ILE A 443 33.53 -0.73 0.95
C ILE A 443 34.75 -0.53 0.06
N LEU A 444 34.53 -0.15 -1.20
CA LEU A 444 35.60 0.02 -2.17
C LEU A 444 35.62 1.45 -2.67
N ASN A 445 36.80 1.86 -3.18
CA ASN A 445 36.92 3.20 -3.73
C ASN A 445 38.04 3.20 -4.79
N TYR A 446 38.01 4.21 -5.64
CA TYR A 446 39.06 4.42 -6.62
C TYR A 446 40.19 5.25 -6.01
N SER A 447 41.42 4.81 -6.25
CA SER A 447 42.58 5.50 -5.70
C SER A 447 42.83 6.82 -6.41
N ASN A 448 43.61 7.68 -5.77
CA ASN A 448 43.93 8.99 -6.32
C ASN A 448 45.34 8.93 -6.91
N PRO A 449 45.50 9.09 -8.24
CA PRO A 449 46.83 9.06 -8.85
C PRO A 449 47.65 10.31 -8.55
N GLN A 492 46.85 4.52 -10.56
CA GLN A 492 45.51 4.44 -10.01
C GLN A 492 45.01 3.00 -9.95
N GLN A 493 44.47 2.61 -8.80
CA GLN A 493 44.00 1.25 -8.59
C GLN A 493 42.73 1.30 -7.75
N VAL A 494 42.31 0.14 -7.27
CA VAL A 494 41.10 0.00 -6.46
C VAL A 494 41.54 -0.29 -5.03
N ILE A 495 41.03 0.51 -4.09
CA ILE A 495 41.42 0.36 -2.69
C ILE A 495 40.21 -0.05 -1.86
N MET A 496 40.49 -0.86 -0.83
CA MET A 496 39.49 -1.21 0.16
C MET A 496 39.40 -0.08 1.18
N GLN A 497 38.19 0.40 1.43
CA GLN A 497 38.00 1.56 2.30
C GLN A 497 38.21 1.17 3.76
N GLY A 498 39.27 1.70 4.37
CA GLY A 498 39.55 1.44 5.76
C GLY A 498 38.82 2.37 6.69
N SER A 499 39.02 2.16 7.99
CA SER A 499 38.37 2.99 8.99
C SER A 499 39.15 4.26 9.27
N GLU A 500 40.47 4.23 9.08
CA GLU A 500 41.34 5.38 9.34
C GLU A 500 41.53 6.21 8.07
N ALA A 501 40.41 6.68 7.53
CA ALA A 501 40.41 7.51 6.33
C ALA A 501 40.23 9.00 6.65
N VAL A 502 39.35 9.33 7.59
CA VAL A 502 39.15 10.73 7.97
C VAL A 502 40.34 11.21 8.78
N VAL A 503 41.00 10.31 9.51
CA VAL A 503 42.22 10.66 10.24
C VAL A 503 43.35 10.98 9.28
N ASN A 504 43.52 10.15 8.25
CA ASN A 504 44.57 10.39 7.26
C ASN A 504 44.26 11.63 6.43
N SER A 505 42.98 11.88 6.15
CA SER A 505 42.60 13.09 5.42
C SER A 505 42.82 14.35 6.28
N THR A 506 42.60 14.24 7.59
CA THR A 506 42.83 15.37 8.48
C THR A 506 44.32 15.66 8.62
N ASN A 507 45.15 14.61 8.73
CA ASN A 507 46.60 14.80 8.76
C ASN A 507 47.10 15.36 7.44
N ALA A 508 46.49 14.94 6.32
CA ALA A 508 46.89 15.44 5.00
C ALA A 508 46.51 16.90 4.83
N MET A 509 45.33 17.31 5.32
CA MET A 509 44.96 18.72 5.16
C MET A 509 45.73 19.61 6.12
N LEU A 510 46.11 19.10 7.31
CA LEU A 510 46.97 19.89 8.19
C LEU A 510 48.38 20.04 7.60
N ASN A 511 48.89 18.97 6.98
CA ASN A 511 50.17 19.07 6.27
C ASN A 511 50.06 20.00 5.06
N ARG A 512 48.91 20.02 4.39
CA ARG A 512 48.70 20.90 3.26
C ARG A 512 48.65 22.36 3.70
N LEU A 513 48.01 22.64 4.83
CA LEU A 513 47.99 24.00 5.37
C LEU A 513 49.38 24.44 5.81
N GLU A 514 50.14 23.51 6.42
CA GLU A 514 51.50 23.84 6.86
C GLU A 514 52.43 24.10 5.68
N GLN A 515 52.29 23.32 4.60
CA GLN A 515 53.14 23.51 3.43
C GLN A 515 52.62 24.58 2.48
N GLY A 516 51.39 25.05 2.67
CA GLY A 516 50.86 26.15 1.87
C GLY A 516 51.00 27.49 2.55
N SER A 517 51.19 27.49 3.87
CA SER A 517 51.49 28.73 4.57
C SER A 517 52.86 29.27 4.22
N ASN A 518 53.79 28.38 3.85
CA ASN A 518 55.17 28.77 3.55
C ASN A 518 55.38 29.02 2.07
N GLY A 519 54.80 28.17 1.22
CA GLY A 519 54.93 28.35 -0.22
C GLY A 519 55.58 27.18 -0.92
N PHE A 520 55.54 26.00 -0.30
CA PHE A 520 56.07 24.79 -0.94
C PHE A 520 55.13 24.24 -2.01
N MET A 521 53.84 24.56 -1.94
CA MET A 521 52.92 24.28 -3.03
C MET A 521 51.91 25.42 -3.10
N PHE A 522 51.43 25.67 -4.31
CA PHE A 522 50.42 26.70 -4.52
C PHE A 522 49.01 26.12 -4.57
N ALA A 523 48.87 24.84 -4.88
CA ALA A 523 47.57 24.18 -4.93
C ALA A 523 47.00 23.99 -3.53
N MET C 1 -2.06 -31.55 26.11
CA MET C 1 -1.53 -30.20 26.01
C MET C 1 -2.01 -29.52 24.72
N ASP C 2 -2.01 -28.19 24.73
CA ASP C 2 -2.43 -27.41 23.58
C ASP C 2 -1.22 -27.13 22.67
N LYS C 3 -1.40 -26.25 21.69
CA LYS C 3 -0.30 -25.89 20.81
C LYS C 3 0.68 -24.93 21.47
N TYR C 4 0.23 -24.20 22.50
CA TYR C 4 1.10 -23.24 23.17
C TYR C 4 2.13 -23.95 24.06
N THR C 5 1.69 -24.97 24.80
CA THR C 5 2.62 -25.72 25.64
C THR C 5 3.59 -26.54 24.80
N ALA C 6 3.11 -27.09 23.69
CA ALA C 6 4.00 -27.78 22.76
C ALA C 6 4.92 -26.80 22.04
N LEU C 7 4.50 -25.53 21.92
CA LEU C 7 5.35 -24.51 21.32
C LEU C 7 6.45 -24.06 22.29
N ILE C 8 6.17 -24.09 23.60
CA ILE C 8 7.21 -23.75 24.57
C ILE C 8 8.27 -24.84 24.64
N HIS C 9 7.84 -26.09 24.81
CA HIS C 9 8.76 -27.19 25.02
C HIS C 9 9.40 -27.72 23.73
N ASP C 10 9.13 -27.10 22.58
CA ASP C 10 9.74 -27.53 21.34
C ASP C 10 11.20 -27.09 21.30
N GLU C 11 12.03 -27.93 20.67
CA GLU C 11 13.47 -27.65 20.63
C GLU C 11 13.82 -26.59 19.60
N ASN C 12 13.08 -26.53 18.49
CA ASN C 12 13.42 -25.58 17.42
C ASN C 12 13.04 -24.15 17.78
N PHE C 13 11.98 -23.96 18.58
CA PHE C 13 11.51 -22.61 18.91
C PHE C 13 12.51 -21.87 19.78
N SER C 14 13.12 -22.57 20.74
CA SER C 14 14.13 -21.93 21.59
C SER C 14 15.37 -21.55 20.80
N THR C 15 15.79 -22.41 19.86
CA THR C 15 16.96 -22.11 19.03
C THR C 15 16.69 -20.93 18.10
N LEU C 16 15.50 -20.88 17.49
CA LEU C 16 15.16 -19.75 16.63
C LEU C 16 15.02 -18.47 17.43
N THR C 17 14.47 -18.55 18.64
CA THR C 17 14.30 -17.36 19.48
C THR C 17 15.65 -16.84 19.96
N LEU C 18 16.59 -17.74 20.28
CA LEU C 18 17.92 -17.30 20.67
C LEU C 18 18.72 -16.77 19.48
N ASN C 19 18.50 -17.30 18.28
CA ASN C 19 19.17 -16.72 17.11
C ASN C 19 18.58 -15.37 16.73
N VAL C 20 17.30 -15.12 17.04
CA VAL C 20 16.74 -13.79 16.84
C VAL C 20 17.28 -12.81 17.87
N SER C 21 17.22 -13.19 19.15
CA SER C 21 17.66 -12.31 20.23
C SER C 21 19.18 -12.21 20.33
N ARG C 22 19.92 -13.03 19.59
CA ARG C 22 21.38 -12.94 19.55
C ARG C 22 21.84 -11.85 18.60
N TYR C 23 21.23 -11.76 17.41
CA TYR C 23 21.52 -10.72 16.44
C TYR C 23 20.19 -10.10 16.05
N PRO C 24 19.79 -9.01 16.72
CA PRO C 24 18.44 -8.46 16.50
C PRO C 24 18.26 -7.78 15.14
N LYS C 25 19.33 -7.31 14.50
CA LYS C 25 19.22 -6.66 13.21
C LYS C 25 19.55 -7.59 12.05
N SER C 26 19.19 -8.87 12.17
CA SER C 26 19.20 -9.81 11.06
C SER C 26 17.75 -10.15 10.74
N LEU C 27 17.22 -9.57 9.66
CA LEU C 27 15.79 -9.63 9.39
C LEU C 27 15.35 -11.03 8.95
N ALA C 28 16.26 -11.82 8.36
CA ALA C 28 15.93 -13.18 7.96
C ALA C 28 15.65 -14.07 9.15
N TYR C 29 16.33 -13.83 10.28
CA TYR C 29 16.04 -14.55 11.51
C TYR C 29 14.65 -14.21 12.04
N TRP C 30 14.29 -12.93 12.00
CA TRP C 30 12.96 -12.49 12.39
C TRP C 30 11.88 -13.11 11.51
N GLU C 31 12.13 -13.20 10.21
CA GLU C 31 11.13 -13.76 9.31
C GLU C 31 11.00 -15.27 9.45
N LYS C 32 12.12 -15.97 9.71
CA LYS C 32 12.04 -17.40 9.98
C LYS C 32 11.31 -17.69 11.29
N LEU C 33 11.57 -16.88 12.31
CA LEU C 33 10.88 -17.05 13.59
C LEU C 33 9.39 -16.73 13.47
N LEU C 34 9.06 -15.70 12.70
CA LEU C 34 7.66 -15.34 12.50
C LEU C 34 6.91 -16.41 11.70
N ASN C 35 7.56 -16.94 10.66
CA ASN C 35 6.96 -18.02 9.89
C ASN C 35 6.83 -19.30 10.70
N TYR C 36 7.76 -19.54 11.63
CA TYR C 36 7.63 -20.71 12.50
C TYR C 36 6.48 -20.54 13.50
N ILE C 37 6.28 -19.32 14.01
CA ILE C 37 5.16 -19.08 14.91
C ILE C 37 3.82 -19.21 14.17
N VAL C 38 3.75 -18.69 12.94
CA VAL C 38 2.53 -18.84 12.15
C VAL C 38 2.31 -20.30 11.74
N LYS C 39 3.39 -21.04 11.45
CA LYS C 39 3.28 -22.47 11.14
C LYS C 39 2.85 -23.27 12.36
N ALA C 40 3.19 -22.80 13.56
CA ALA C 40 2.74 -23.46 14.79
C ALA C 40 1.23 -23.37 14.98
N SER C 41 0.58 -22.34 14.41
CA SER C 41 -0.86 -22.21 14.43
C SER C 41 -1.37 -22.41 13.00
N ALA C 42 -1.55 -23.67 12.61
CA ALA C 42 -2.01 -23.95 11.26
C ALA C 42 -3.48 -23.60 11.05
N PRO C 43 -4.39 -23.76 12.06
CA PRO C 43 -5.63 -22.97 11.99
C PRO C 43 -5.46 -21.61 12.66
N ILE C 44 -5.75 -20.54 11.93
CA ILE C 44 -5.71 -19.19 12.45
C ILE C 44 -7.15 -18.69 12.55
N CYS C 45 -7.61 -18.48 13.78
CA CYS C 45 -8.99 -18.09 14.03
C CYS C 45 -9.07 -17.44 15.40
N LYS C 46 -10.29 -17.20 15.87
CA LYS C 46 -10.51 -16.60 17.18
C LYS C 46 -10.64 -17.63 18.30
N SER C 47 -10.76 -18.91 17.96
CA SER C 47 -10.92 -19.97 18.95
C SER C 47 -9.59 -20.52 19.46
N THR C 48 -8.47 -19.94 19.02
CA THR C 48 -7.17 -20.39 19.49
C THR C 48 -6.85 -19.79 20.86
N GLU C 49 -5.68 -20.12 21.37
CA GLU C 49 -5.31 -19.70 22.71
C GLU C 49 -4.90 -18.23 22.71
N PRO C 50 -5.47 -17.40 23.60
CA PRO C 50 -5.03 -16.01 23.69
C PRO C 50 -3.65 -15.84 24.28
N GLN C 51 -3.17 -16.82 25.05
CA GLN C 51 -1.81 -16.79 25.57
C GLN C 51 -0.77 -16.92 24.46
N LEU C 52 -1.15 -17.50 23.31
CA LEU C 52 -0.28 -17.52 22.14
C LEU C 52 -0.53 -16.31 21.24
N LEU C 53 -1.76 -15.80 21.21
CA LEU C 53 -2.05 -14.60 20.42
C LEU C 53 -1.34 -13.38 20.97
N LYS C 54 -1.22 -13.28 22.30
CA LYS C 54 -0.44 -12.21 22.90
C LYS C 54 1.03 -12.30 22.53
N LEU C 55 1.55 -13.53 22.40
CA LEU C 55 2.95 -13.70 21.99
C LEU C 55 3.13 -13.33 20.51
N ILE C 56 2.13 -13.63 19.68
CA ILE C 56 2.18 -13.22 18.27
C ILE C 56 2.16 -11.70 18.15
N ARG C 57 1.32 -11.05 18.97
CA ARG C 57 1.24 -9.60 18.96
C ARG C 57 2.53 -8.96 19.47
N CYS C 58 3.15 -9.55 20.49
CA CYS C 58 4.42 -9.05 20.98
C CYS C 58 5.55 -9.27 19.97
N THR C 59 5.51 -10.39 19.24
CA THR C 59 6.53 -10.65 18.21
C THR C 59 6.41 -9.66 17.06
N TYR C 60 5.18 -9.42 16.57
CA TYR C 60 4.98 -8.41 15.54
C TYR C 60 5.30 -7.01 16.02
N SER C 61 5.00 -6.70 17.28
CA SER C 61 5.30 -5.37 17.80
C SER C 61 6.80 -5.17 17.95
N SER C 62 7.53 -6.21 18.35
CA SER C 62 8.98 -6.12 18.45
C SER C 62 9.63 -6.01 17.07
N MET C 63 9.06 -6.73 16.08
CA MET C 63 9.61 -6.65 14.72
C MET C 63 9.34 -5.29 14.09
N LEU C 64 8.17 -4.71 14.35
CA LEU C 64 7.84 -3.40 13.80
C LEU C 64 8.46 -2.25 14.58
N ASN C 65 8.88 -2.48 15.82
CA ASN C 65 9.65 -1.46 16.53
C ASN C 65 11.13 -1.55 16.23
N GLU C 66 11.62 -2.74 15.89
CA GLU C 66 13.03 -2.86 15.50
C GLU C 66 13.23 -2.44 14.05
N PHE C 67 12.27 -2.75 13.18
CA PHE C 67 12.35 -2.43 11.76
C PHE C 67 11.08 -1.67 11.36
N PRO C 68 11.00 -0.37 11.61
CA PRO C 68 9.77 0.37 11.31
C PRO C 68 9.60 0.72 9.84
N TYR C 69 10.58 0.46 8.99
CA TYR C 69 10.50 0.79 7.57
C TYR C 69 10.00 -0.36 6.72
N LEU C 70 9.51 -1.44 7.32
CA LEU C 70 8.93 -2.55 6.58
C LEU C 70 7.49 -2.19 6.20
N GLU C 71 7.24 -2.04 4.90
CA GLU C 71 5.94 -1.59 4.43
C GLU C 71 4.89 -2.69 4.52
N ASN C 72 5.25 -3.92 4.15
CA ASN C 72 4.27 -4.99 4.02
C ASN C 72 3.84 -5.56 5.38
N TYR C 73 4.68 -5.46 6.40
CA TYR C 73 4.38 -6.14 7.65
C TYR C 73 3.39 -5.38 8.53
N TYR C 74 3.30 -4.05 8.38
CA TYR C 74 2.19 -3.32 9.00
C TYR C 74 0.86 -3.76 8.40
N ILE C 75 0.82 -3.94 7.07
CA ILE C 75 -0.37 -4.45 6.40
C ILE C 75 -0.68 -5.87 6.87
N ASP C 76 0.36 -6.69 7.04
CA ASP C 76 0.19 -8.08 7.45
C ASP C 76 -0.39 -8.17 8.85
N PHE C 77 0.18 -7.43 9.81
CA PHE C 77 -0.33 -7.50 11.18
C PHE C 77 -1.67 -6.78 11.32
N ALA C 78 -1.93 -5.77 10.49
CA ALA C 78 -3.21 -5.07 10.56
C ALA C 78 -4.34 -5.96 10.03
N LEU C 79 -4.11 -6.64 8.91
CA LEU C 79 -5.11 -7.59 8.44
C LEU C 79 -5.15 -8.86 9.28
N LEU C 80 -4.09 -9.15 10.04
CA LEU C 80 -4.17 -10.21 11.04
C LEU C 80 -5.10 -9.82 12.19
N GLU C 81 -4.99 -8.58 12.66
CA GLU C 81 -5.92 -8.11 13.70
C GLU C 81 -7.33 -7.95 13.16
N TYR C 82 -7.49 -7.63 11.88
CA TYR C 82 -8.81 -7.62 11.26
C TYR C 82 -9.36 -9.04 11.13
N LYS C 83 -8.49 -10.02 10.92
CA LYS C 83 -8.94 -11.41 10.91
C LYS C 83 -9.32 -11.87 12.32
N LEU C 84 -8.65 -11.34 13.35
CA LEU C 84 -8.93 -11.71 14.73
C LEU C 84 -10.10 -10.94 15.35
N GLY C 85 -10.89 -10.23 14.55
CA GLY C 85 -12.17 -9.73 15.01
C GLY C 85 -12.30 -8.23 15.18
N ASN C 86 -11.29 -7.56 15.72
CA ASN C 86 -11.38 -6.16 16.04
C ASN C 86 -10.79 -5.29 14.94
N VAL C 87 -11.27 -4.05 14.85
CA VAL C 87 -10.76 -3.09 13.87
C VAL C 87 -10.12 -1.87 14.51
N SER C 88 -10.36 -1.63 15.81
CA SER C 88 -9.74 -0.50 16.50
C SER C 88 -8.23 -0.71 16.64
N MET C 89 -7.83 -1.93 17.00
CA MET C 89 -6.40 -2.25 17.05
C MET C 89 -5.78 -2.24 15.66
N SER C 90 -6.53 -2.65 14.64
CA SER C 90 -6.05 -2.58 13.27
C SER C 90 -5.89 -1.14 12.80
N HIS C 91 -6.81 -0.25 13.22
CA HIS C 91 -6.64 1.17 12.91
C HIS C 91 -5.45 1.76 13.64
N LYS C 92 -5.19 1.30 14.87
CA LYS C 92 -3.99 1.77 15.59
C LYS C 92 -2.71 1.30 14.91
N ILE C 93 -2.73 0.06 14.37
CA ILE C 93 -1.57 -0.45 13.65
C ILE C 93 -1.35 0.30 12.34
N PHE C 94 -2.44 0.64 11.63
CA PHE C 94 -2.31 1.47 10.44
C PHE C 94 -1.82 2.88 10.77
N GLN C 95 -2.27 3.45 11.89
CA GLN C 95 -1.83 4.80 12.25
C GLN C 95 -0.36 4.83 12.64
N ARG C 96 0.11 3.83 13.39
CA ARG C 96 1.53 3.80 13.72
C ARG C 96 2.38 3.41 12.51
N GLY C 97 1.80 2.67 11.55
CA GLY C 97 2.52 2.39 10.32
C GLY C 97 2.68 3.62 9.45
N LEU C 98 1.63 4.42 9.31
CA LEU C 98 1.75 5.67 8.57
C LEU C 98 2.60 6.69 9.31
N GLN C 99 2.67 6.60 10.63
CA GLN C 99 3.57 7.47 11.37
C GLN C 99 5.02 7.02 11.26
N ALA C 100 5.25 5.73 11.01
CA ALA C 100 6.61 5.22 10.85
C ALA C 100 7.31 5.80 9.63
N PHE C 101 6.56 6.15 8.59
CA PHE C 101 7.09 6.84 7.43
C PHE C 101 6.73 8.33 7.41
N ASN C 102 6.05 8.80 8.46
CA ASN C 102 5.56 10.18 8.60
C ASN C 102 4.66 10.57 7.43
N GLN C 103 3.58 9.79 7.25
CA GLN C 103 2.42 10.10 6.41
C GLN C 103 2.75 10.17 4.92
N ARG C 104 3.89 9.62 4.48
CA ARG C 104 4.34 9.73 3.10
C ARG C 104 4.78 8.38 2.54
N SER C 105 3.97 7.34 2.72
CA SER C 105 4.24 6.03 2.14
C SER C 105 3.00 5.59 1.36
N LEU C 106 3.18 5.38 0.05
CA LEU C 106 2.03 5.16 -0.84
C LEU C 106 1.35 3.83 -0.58
N LEU C 107 2.13 2.79 -0.29
CA LEU C 107 1.58 1.45 -0.13
C LEU C 107 0.70 1.36 1.12
N LEU C 108 1.12 2.01 2.21
CA LEU C 108 0.32 1.96 3.43
C LEU C 108 -0.95 2.79 3.29
N TRP C 109 -0.89 3.93 2.59
CA TRP C 109 -2.11 4.68 2.32
C TRP C 109 -3.06 3.90 1.43
N THR C 110 -2.53 3.19 0.42
CA THR C 110 -3.35 2.42 -0.50
C THR C 110 -4.03 1.25 0.22
N SER C 111 -3.27 0.52 1.03
CA SER C 111 -3.84 -0.61 1.75
C SER C 111 -4.79 -0.17 2.86
N TYR C 112 -4.47 0.94 3.55
CA TYR C 112 -5.37 1.49 4.55
C TYR C 112 -6.66 2.01 3.95
N LEU C 113 -6.61 2.57 2.74
CA LEU C 113 -7.86 3.03 2.15
C LEU C 113 -8.67 1.90 1.52
N LYS C 114 -8.00 0.85 1.00
CA LYS C 114 -8.74 -0.35 0.61
C LYS C 114 -9.35 -1.05 1.83
N PHE C 115 -8.72 -0.90 2.99
CA PHE C 115 -9.29 -1.38 4.24
C PHE C 115 -10.47 -0.51 4.68
N CYS C 116 -10.32 0.81 4.56
CA CYS C 116 -11.30 1.78 5.03
C CYS C 116 -12.52 1.90 4.11
N ASN C 117 -12.44 1.37 2.89
CA ASN C 117 -13.60 1.32 2.00
C ASN C 117 -14.70 0.41 2.53
N ASN C 118 -14.41 -0.47 3.47
CA ASN C 118 -15.39 -1.37 4.05
C ASN C 118 -15.72 -1.08 5.51
N VAL C 119 -14.80 -0.49 6.26
CA VAL C 119 -14.90 -0.48 7.73
C VAL C 119 -15.26 0.88 8.30
N ILE C 120 -15.44 1.91 7.49
CA ILE C 120 -15.59 3.25 8.06
C ILE C 120 -17.04 3.52 8.50
N SER C 121 -18.02 2.98 7.77
CA SER C 121 -19.46 3.16 8.00
C SER C 121 -19.87 4.64 8.09
N HIS C 122 -19.17 5.51 7.36
CA HIS C 122 -19.40 6.94 7.41
C HIS C 122 -18.81 7.58 6.16
N GLN C 123 -19.56 8.46 5.52
CA GLN C 123 -19.14 8.97 4.21
C GLN C 123 -18.26 10.21 4.33
N LYS C 124 -18.63 11.14 5.22
CA LYS C 124 -17.84 12.36 5.38
C LYS C 124 -16.47 12.07 5.98
N GLN C 125 -16.38 11.07 6.86
CA GLN C 125 -15.09 10.69 7.42
C GLN C 125 -14.21 10.02 6.37
N LEU C 126 -14.80 9.22 5.48
CA LEU C 126 -14.07 8.66 4.35
C LEU C 126 -13.57 9.76 3.44
N PHE C 127 -14.37 10.80 3.22
CA PHE C 127 -13.93 11.89 2.35
C PHE C 127 -12.81 12.70 3.00
N LYS C 128 -12.88 12.91 4.33
CA LYS C 128 -11.79 13.61 5.00
C LYS C 128 -10.51 12.80 5.01
N LYS C 129 -10.62 11.46 5.14
CA LYS C 129 -9.43 10.62 5.11
C LYS C 129 -8.82 10.57 3.71
N TYR C 130 -9.65 10.44 2.67
CA TYR C 130 -9.12 10.49 1.30
C TYR C 130 -8.57 11.87 0.94
N GLU C 131 -9.12 12.95 1.48
CA GLU C 131 -8.52 14.26 1.21
C GLU C 131 -7.22 14.46 1.97
N THR C 132 -7.09 13.84 3.16
CA THR C 132 -5.80 13.84 3.85
C THR C 132 -4.76 13.07 3.05
N ALA C 133 -5.14 11.92 2.51
CA ALA C 133 -4.25 11.16 1.63
C ALA C 133 -3.94 11.90 0.34
N GLU C 134 -4.89 12.72 -0.13
CA GLU C 134 -4.66 13.56 -1.30
C GLU C 134 -3.63 14.64 -1.02
N GLU C 135 -3.77 15.34 0.11
CA GLU C 135 -2.87 16.46 0.40
C GLU C 135 -1.49 15.98 0.87
N TYR C 136 -1.37 14.76 1.39
CA TYR C 136 -0.05 14.27 1.79
C TYR C 136 0.63 13.42 0.71
N VAL C 137 0.01 12.30 0.30
CA VAL C 137 0.68 11.34 -0.56
C VAL C 137 0.15 11.37 -1.99
N GLY C 138 -0.82 12.25 -2.28
CA GLY C 138 -1.51 12.22 -3.56
C GLY C 138 -0.68 12.65 -4.75
N LEU C 139 0.51 13.19 -4.54
CA LEU C 139 1.41 13.60 -5.61
C LEU C 139 2.45 12.54 -5.94
N HIS C 140 2.19 11.27 -5.66
CA HIS C 140 3.17 10.24 -5.90
C HIS C 140 3.19 9.88 -7.38
N PHE C 141 4.36 9.44 -7.85
CA PHE C 141 4.54 9.19 -9.28
C PHE C 141 3.82 7.91 -9.71
N PHE C 142 3.91 6.86 -8.89
CA PHE C 142 3.26 5.58 -9.18
C PHE C 142 1.95 5.42 -8.42
N SER C 143 1.17 6.49 -8.27
CA SER C 143 -0.06 6.46 -7.49
C SER C 143 -1.29 6.25 -8.36
N GLY C 144 -1.17 5.46 -9.43
CA GLY C 144 -2.32 5.18 -10.27
C GLY C 144 -3.39 4.37 -9.58
N GLU C 145 -2.98 3.45 -8.70
CA GLU C 145 -3.95 2.64 -7.97
C GLU C 145 -4.74 3.46 -6.96
N PHE C 146 -4.06 4.39 -6.28
CA PHE C 146 -4.72 5.28 -5.31
C PHE C 146 -5.77 6.15 -5.98
N TRP C 147 -5.41 6.78 -7.10
CA TRP C 147 -6.36 7.66 -7.75
C TRP C 147 -7.45 6.90 -8.49
N ASP C 148 -7.14 5.69 -8.99
CA ASP C 148 -8.19 4.86 -9.56
C ASP C 148 -9.20 4.44 -8.49
N LEU C 149 -8.71 4.11 -7.29
CA LEU C 149 -9.59 3.76 -6.19
C LEU C 149 -10.42 4.96 -5.72
N TYR C 150 -9.81 6.14 -5.69
CA TYR C 150 -10.53 7.32 -5.23
C TYR C 150 -11.59 7.77 -6.24
N LEU C 151 -11.27 7.70 -7.54
CA LEU C 151 -12.29 7.98 -8.55
C LEU C 151 -13.38 6.92 -8.56
N GLU C 152 -13.04 5.66 -8.25
CA GLU C 152 -14.06 4.62 -8.14
C GLU C 152 -14.98 4.88 -6.96
N GLN C 153 -14.44 5.32 -5.83
CA GLN C 153 -15.27 5.63 -4.67
C GLN C 153 -16.14 6.86 -4.90
N ILE C 154 -15.63 7.86 -5.64
CA ILE C 154 -16.46 9.02 -5.96
C ILE C 154 -17.57 8.62 -6.94
N SER C 155 -17.25 7.83 -7.96
CA SER C 155 -18.25 7.39 -8.91
C SER C 155 -19.28 6.42 -8.31
N SER C 156 -18.92 5.74 -7.22
CA SER C 156 -19.87 4.83 -6.58
C SER C 156 -20.70 5.49 -5.49
N ARG C 157 -20.13 6.43 -4.72
CA ARG C 157 -20.83 7.04 -3.61
C ARG C 157 -21.56 8.31 -3.97
N CYS C 158 -20.90 9.23 -4.69
CA CYS C 158 -21.50 10.51 -5.00
C CYS C 158 -22.56 10.38 -6.09
N THR C 159 -23.65 11.13 -5.92
CA THR C 159 -24.75 11.12 -6.88
C THR C 159 -24.93 12.44 -7.60
N SER C 160 -24.19 13.48 -7.22
CA SER C 160 -24.34 14.78 -7.87
C SER C 160 -23.55 14.89 -9.16
N SER C 161 -22.56 13.99 -9.36
CA SER C 161 -21.69 13.98 -10.55
C SER C 161 -20.96 15.30 -10.75
N LYS C 162 -20.36 15.81 -9.68
CA LYS C 162 -19.58 17.04 -9.72
C LYS C 162 -18.17 16.88 -9.18
N LYS C 163 -18.00 16.10 -8.11
CA LYS C 163 -16.70 15.91 -7.49
C LYS C 163 -15.77 15.07 -8.37
N TYR C 164 -16.36 14.17 -9.18
CA TYR C 164 -15.58 13.35 -10.09
C TYR C 164 -14.89 14.21 -11.15
N TRP C 165 -15.63 15.19 -11.70
CA TRP C 165 -15.06 16.12 -12.66
C TRP C 165 -13.93 16.95 -12.05
N ASN C 166 -14.12 17.38 -10.80
CA ASN C 166 -13.12 18.20 -10.11
C ASN C 166 -11.84 17.42 -9.87
N VAL C 167 -11.96 16.19 -9.38
CA VAL C 167 -10.79 15.37 -9.08
C VAL C 167 -10.08 14.95 -10.36
N LEU C 168 -10.85 14.63 -11.41
CA LEU C 168 -10.22 14.23 -12.66
C LEU C 168 -9.56 15.42 -13.36
N ARG C 169 -10.14 16.62 -13.21
CA ARG C 169 -9.49 17.84 -13.69
C ARG C 169 -8.21 18.12 -12.93
N LYS C 170 -8.17 17.77 -11.63
CA LYS C 170 -6.91 17.89 -10.89
C LYS C 170 -5.88 16.87 -11.37
N ILE C 171 -6.33 15.65 -11.71
CA ILE C 171 -5.42 14.59 -12.16
C ILE C 171 -4.85 14.91 -13.54
N LEU C 172 -5.61 15.59 -14.39
CA LEU C 172 -5.10 16.03 -15.69
C LEU C 172 -4.02 17.12 -15.60
N GLU C 173 -3.58 17.54 -14.41
CA GLU C 173 -2.41 18.42 -14.29
C GLU C 173 -1.30 17.82 -13.43
N ILE C 174 -1.44 16.58 -12.98
CA ILE C 174 -0.46 15.95 -12.09
C ILE C 174 0.38 14.97 -12.91
N PRO C 175 1.72 15.04 -12.83
CA PRO C 175 2.57 14.10 -13.60
C PRO C 175 2.64 12.69 -13.02
N LEU C 176 1.64 11.88 -13.38
CA LEU C 176 1.55 10.50 -12.93
C LEU C 176 2.23 9.57 -13.93
N HIS C 177 2.61 8.38 -13.45
CA HIS C 177 3.16 7.38 -14.35
C HIS C 177 2.08 6.78 -15.24
N SER C 178 1.06 6.17 -14.66
CA SER C 178 -0.09 5.67 -15.39
C SER C 178 -1.08 6.84 -15.47
N PHE C 179 -0.86 7.73 -16.44
CA PHE C 179 -1.65 8.94 -16.57
C PHE C 179 -2.63 8.91 -17.72
N SER C 180 -2.35 8.13 -18.77
CA SER C 180 -3.19 8.14 -19.96
C SER C 180 -4.52 7.43 -19.75
N LYS C 181 -4.64 6.61 -18.70
CA LYS C 181 -5.95 6.07 -18.35
C LYS C 181 -6.89 7.17 -17.89
N PHE C 182 -6.36 8.15 -17.16
CA PHE C 182 -7.18 9.26 -16.71
C PHE C 182 -7.54 10.19 -17.85
N TYR C 183 -6.63 10.38 -18.81
CA TYR C 183 -6.96 11.13 -20.01
C TYR C 183 -7.98 10.39 -20.88
N ALA C 184 -7.92 9.05 -20.90
CA ALA C 184 -8.90 8.30 -21.67
C ALA C 184 -10.27 8.36 -21.01
N LEU C 185 -10.31 8.32 -19.68
CA LEU C 185 -11.56 8.53 -18.95
C LEU C 185 -12.11 9.93 -19.21
N TRP C 186 -11.23 10.94 -19.25
CA TRP C 186 -11.65 12.31 -19.54
C TRP C 186 -12.21 12.44 -20.95
N LEU C 187 -11.56 11.81 -21.94
CA LEU C 187 -12.01 11.92 -23.32
C LEU C 187 -13.29 11.14 -23.56
N GLN C 188 -13.47 9.99 -22.89
CA GLN C 188 -14.73 9.28 -23.06
C GLN C 188 -15.84 9.86 -22.20
N ARG C 189 -15.52 10.69 -21.21
CA ARG C 189 -16.55 11.38 -20.45
C ARG C 189 -16.99 12.68 -21.13
N ILE C 190 -16.09 13.32 -21.89
CA ILE C 190 -16.51 14.39 -22.79
C ILE C 190 -17.46 13.84 -23.85
N ASP C 191 -17.17 12.63 -24.36
CA ASP C 191 -18.07 11.96 -25.29
C ASP C 191 -19.39 11.57 -24.63
N ASP C 192 -19.40 11.37 -23.32
CA ASP C 192 -20.57 10.95 -22.57
C ASP C 192 -21.42 12.14 -22.09
N ILE C 193 -21.21 13.31 -22.70
CA ILE C 193 -22.00 14.49 -22.33
C ILE C 193 -23.37 14.39 -23.01
N MET C 194 -24.37 15.04 -22.43
CA MET C 194 -25.72 14.99 -22.96
C MET C 194 -26.25 16.33 -23.43
N ASP C 195 -25.84 17.44 -22.83
CA ASP C 195 -26.33 18.76 -23.23
C ASP C 195 -25.27 19.80 -22.88
N LEU C 196 -25.56 21.05 -23.24
CA LEU C 196 -24.61 22.13 -23.04
C LEU C 196 -24.53 22.54 -21.57
N LYS C 197 -25.60 22.33 -20.81
CA LYS C 197 -25.66 22.77 -19.42
C LYS C 197 -24.73 22.00 -18.51
N GLN C 198 -24.19 20.86 -18.95
CA GLN C 198 -23.18 20.16 -18.18
C GLN C 198 -21.79 20.78 -18.32
N LEU C 199 -21.61 21.76 -19.23
CA LEU C 199 -20.32 22.44 -19.32
C LEU C 199 -20.02 23.30 -18.11
N SER C 200 -21.04 23.67 -17.33
CA SER C 200 -20.82 24.31 -16.04
C SER C 200 -20.25 23.34 -15.00
N GLN C 201 -20.30 22.03 -15.25
CA GLN C 201 -19.62 21.09 -14.38
C GLN C 201 -18.10 21.16 -14.56
N LEU C 202 -17.65 21.60 -15.73
CA LEU C 202 -16.21 21.74 -15.99
C LEU C 202 -15.66 23.01 -15.34
N THR C 203 -16.11 24.17 -15.81
CA THR C 203 -15.64 25.46 -15.33
C THR C 203 -16.83 26.35 -15.00
N SER C 204 -16.57 27.62 -14.73
CA SER C 204 -17.64 28.60 -14.58
C SER C 204 -18.05 29.14 -15.94
N LYS C 205 -19.18 29.86 -15.97
CA LYS C 205 -19.70 30.35 -17.23
C LYS C 205 -18.93 31.56 -17.74
N ASP C 206 -18.33 32.36 -16.85
CA ASP C 206 -17.56 33.51 -17.32
C ASP C 206 -16.22 33.09 -17.90
N GLU C 207 -15.64 31.99 -17.41
CA GLU C 207 -14.42 31.48 -18.01
C GLU C 207 -14.68 30.83 -19.36
N LEU C 208 -15.90 30.32 -19.57
CA LEU C 208 -16.28 29.85 -20.89
C LEU C 208 -16.58 31.01 -21.83
N LEU C 209 -17.14 32.10 -21.30
CA LEU C 209 -17.48 33.25 -22.13
C LEU C 209 -16.24 34.06 -22.51
N LYS C 210 -15.22 34.07 -21.66
CA LYS C 210 -14.03 34.87 -21.92
C LYS C 210 -12.96 34.11 -22.68
N LYS C 211 -12.60 32.91 -22.21
CA LYS C 211 -11.47 32.19 -22.80
C LYS C 211 -11.89 31.43 -24.06
N LEU C 212 -13.02 30.73 -24.02
CA LEU C 212 -13.46 29.92 -25.14
C LEU C 212 -14.54 30.61 -25.97
N LYS C 213 -15.03 31.77 -25.53
CA LYS C 213 -16.06 32.58 -26.22
C LYS C 213 -17.34 31.77 -26.47
N ILE C 214 -17.76 31.01 -25.47
CA ILE C 214 -18.91 30.12 -25.59
C ILE C 214 -19.86 30.37 -24.42
N ASP C 215 -21.16 30.36 -24.72
CA ASP C 215 -22.19 30.60 -23.72
C ASP C 215 -22.95 29.31 -23.45
N ILE C 216 -23.40 29.14 -22.20
CA ILE C 216 -24.20 27.98 -21.85
C ILE C 216 -25.64 28.19 -22.29
N ASN C 217 -26.19 29.39 -22.06
CA ASN C 217 -27.59 29.69 -22.35
C ASN C 217 -27.84 30.06 -23.81
N TYR C 218 -26.89 29.83 -24.71
CA TYR C 218 -27.09 30.09 -26.13
C TYR C 218 -28.05 29.06 -26.70
N SER C 219 -29.29 29.48 -26.96
CA SER C 219 -30.33 28.59 -27.47
C SER C 219 -30.44 28.72 -28.97
N GLY C 220 -30.72 27.61 -29.63
CA GLY C 220 -30.79 27.53 -31.07
C GLY C 220 -30.52 26.10 -31.51
N ARG C 221 -29.76 25.96 -32.60
CA ARG C 221 -29.30 24.65 -33.02
C ARG C 221 -28.02 24.33 -32.27
N LYS C 222 -28.11 23.44 -31.29
CA LYS C 222 -27.01 23.17 -30.38
C LYS C 222 -26.18 21.96 -30.80
N GLY C 223 -26.39 21.44 -32.00
CA GLY C 223 -25.62 20.33 -32.51
C GLY C 223 -24.17 20.69 -32.82
N PRO C 224 -23.95 21.53 -33.85
CA PRO C 224 -22.57 21.99 -34.13
C PRO C 224 -22.01 22.89 -33.05
N TYR C 225 -22.86 23.51 -32.23
CA TYR C 225 -22.38 24.29 -31.08
C TYR C 225 -21.70 23.38 -30.06
N LEU C 226 -22.35 22.25 -29.73
CA LEU C 226 -21.74 21.27 -28.84
C LEU C 226 -20.57 20.56 -29.49
N GLN C 227 -20.60 20.36 -30.81
CA GLN C 227 -19.47 19.76 -31.50
C GLN C 227 -18.24 20.67 -31.47
N ASP C 228 -18.44 21.98 -31.65
CA ASP C 228 -17.35 22.94 -31.54
C ASP C 228 -16.86 23.03 -30.10
N ALA C 229 -17.77 22.88 -29.13
CA ALA C 229 -17.38 22.80 -27.72
C ALA C 229 -16.47 21.61 -27.47
N LYS C 230 -16.86 20.44 -27.99
CA LYS C 230 -16.05 19.23 -27.86
C LYS C 230 -14.70 19.38 -28.53
N LYS C 231 -14.66 20.03 -29.70
CA LYS C 231 -13.40 20.20 -30.42
C LYS C 231 -12.46 21.15 -29.69
N LYS C 232 -12.99 22.26 -29.14
CA LYS C 232 -12.13 23.21 -28.45
C LYS C 232 -11.66 22.66 -27.10
N LEU C 233 -12.54 21.96 -26.38
CA LEU C 233 -12.11 21.30 -25.14
C LEU C 233 -11.12 20.18 -25.41
N LYS C 234 -11.27 19.47 -26.53
CA LYS C 234 -10.30 18.45 -26.92
C LYS C 234 -8.96 19.07 -27.28
N LYS C 235 -8.97 20.27 -27.87
CA LYS C 235 -7.70 20.95 -28.19
C LYS C 235 -7.00 21.42 -26.92
N ILE C 236 -7.75 21.96 -25.96
CA ILE C 236 -7.17 22.38 -24.68
C ILE C 236 -6.63 21.17 -23.91
N THR C 237 -7.39 20.07 -23.92
CA THR C 237 -6.94 18.83 -23.27
C THR C 237 -5.73 18.26 -23.98
N LYS C 238 -5.64 18.42 -25.30
CA LYS C 238 -4.47 17.95 -26.04
C LYS C 238 -3.23 18.77 -25.72
N GLU C 239 -3.38 20.09 -25.54
CA GLU C 239 -2.24 20.92 -25.17
C GLU C 239 -1.74 20.59 -23.77
N MET C 240 -2.67 20.44 -22.82
CA MET C 240 -2.27 20.06 -21.46
C MET C 240 -1.73 18.63 -21.42
N TYR C 241 -2.21 17.78 -22.33
CA TYR C 241 -1.67 16.43 -22.47
C TYR C 241 -0.25 16.46 -23.00
N MET C 242 0.05 17.39 -23.92
CA MET C 242 1.43 17.53 -24.39
C MET C 242 2.35 18.01 -23.27
N VAL C 243 1.86 18.93 -22.43
CA VAL C 243 2.67 19.42 -21.30
C VAL C 243 2.97 18.30 -20.31
N VAL C 244 1.92 17.60 -19.86
CA VAL C 244 2.09 16.52 -18.89
C VAL C 244 2.84 15.34 -19.51
N GLN C 245 2.68 15.11 -20.82
CA GLN C 245 3.39 14.04 -21.50
C GLN C 245 4.88 14.33 -21.58
N TYR C 246 5.24 15.59 -21.86
CA TYR C 246 6.65 15.96 -21.87
C TYR C 246 7.26 15.84 -20.48
N GLN C 247 6.50 16.23 -19.44
CA GLN C 247 7.01 16.12 -18.07
C GLN C 247 7.23 14.66 -17.66
N VAL C 248 6.23 13.81 -17.87
CA VAL C 248 6.33 12.41 -17.48
C VAL C 248 7.37 11.68 -18.33
N LEU C 249 7.47 12.02 -19.62
CA LEU C 249 8.44 11.39 -20.49
C LEU C 249 9.87 11.79 -20.12
N GLU C 250 10.07 13.05 -19.72
CA GLU C 250 11.37 13.50 -19.23
C GLU C 250 11.76 12.79 -17.94
N ILE C 251 10.84 12.73 -16.98
CA ILE C 251 11.11 12.11 -15.69
C ILE C 251 11.37 10.60 -15.85
N TYR C 252 10.67 9.95 -16.76
CA TYR C 252 10.89 8.53 -16.98
C TYR C 252 12.20 8.28 -17.74
N SER C 253 12.38 8.92 -18.89
CA SER C 253 13.50 8.63 -19.76
C SER C 253 14.84 9.11 -19.19
N ILE C 254 14.84 10.04 -18.26
CA ILE C 254 16.07 10.46 -17.61
C ILE C 254 16.27 9.75 -16.26
N PHE C 255 15.24 9.76 -15.41
CA PHE C 255 15.40 9.32 -14.03
C PHE C 255 14.75 7.97 -13.76
N GLU C 256 13.46 7.83 -14.00
CA GLU C 256 12.69 6.69 -13.47
C GLU C 256 12.96 5.38 -14.20
N SER C 257 13.61 5.40 -15.35
CA SER C 257 13.95 4.17 -16.05
C SER C 257 15.23 3.53 -15.52
N LYS C 258 15.85 4.10 -14.50
CA LYS C 258 17.10 3.61 -13.95
C LYS C 258 16.94 2.98 -12.57
N ILE C 259 16.07 3.52 -11.73
CA ILE C 259 15.85 2.99 -10.39
C ILE C 259 15.04 1.71 -10.51
N TYR C 260 15.60 0.60 -10.02
CA TYR C 260 14.93 -0.69 -10.08
C TYR C 260 14.35 -1.15 -8.74
N ILE C 261 14.81 -0.56 -7.64
CA ILE C 261 14.36 -0.95 -6.30
C ILE C 261 13.71 0.26 -5.64
N ASN C 262 12.48 0.09 -5.16
CA ASN C 262 11.74 1.16 -4.51
C ASN C 262 11.19 0.72 -3.15
N TYR C 263 11.83 -0.27 -2.52
CA TYR C 263 11.32 -0.84 -1.28
C TYR C 263 12.46 -0.98 -0.28
N TYR C 264 12.09 -1.18 0.98
CA TYR C 264 13.04 -1.34 2.08
C TYR C 264 13.33 -2.82 2.28
N THR C 265 14.52 -3.23 1.82
CA THR C 265 14.91 -4.63 1.91
C THR C 265 15.26 -5.03 3.33
N SER C 266 16.33 -4.44 3.88
CA SER C 266 16.92 -4.80 5.17
C SER C 266 17.99 -3.77 5.54
N PRO C 267 18.45 -3.75 6.79
CA PRO C 267 19.68 -3.00 7.11
C PRO C 267 20.97 -3.68 6.68
N GLU C 268 20.89 -4.88 6.11
CA GLU C 268 22.06 -5.61 5.66
C GLU C 268 22.20 -5.65 4.16
N THR C 269 21.27 -5.05 3.41
CA THR C 269 21.28 -5.14 1.97
C THR C 269 22.31 -4.18 1.37
N LEU C 270 22.53 -4.33 0.07
CA LEU C 270 23.43 -3.47 -0.69
C LEU C 270 22.73 -2.96 -1.93
N VAL C 271 22.77 -1.65 -2.14
CA VAL C 271 22.15 -0.99 -3.29
C VAL C 271 23.27 -0.56 -4.22
N SER C 272 23.05 -0.75 -5.53
CA SER C 272 24.06 -0.50 -6.54
C SER C 272 24.42 0.99 -6.63
N SER C 273 25.60 1.25 -7.21
CA SER C 273 26.07 2.63 -7.35
C SER C 273 25.30 3.40 -8.43
N ASP C 274 24.60 2.70 -9.33
CA ASP C 274 23.72 3.38 -10.27
C ASP C 274 22.51 3.98 -9.55
N GLU C 275 21.91 3.20 -8.65
CA GLU C 275 20.63 3.62 -8.07
C GLU C 275 20.80 4.75 -7.06
N ILE C 276 21.90 4.74 -6.31
CA ILE C 276 22.19 5.84 -5.37
C ILE C 276 22.39 7.14 -6.14
N GLU C 277 23.15 7.05 -7.24
CA GLU C 277 23.44 8.20 -8.09
C GLU C 277 22.15 8.74 -8.73
N THR C 278 21.27 7.85 -9.17
CA THR C 278 20.03 8.31 -9.78
C THR C 278 19.02 8.81 -8.75
N TRP C 279 19.07 8.33 -7.50
CA TRP C 279 18.27 8.97 -6.46
C TRP C 279 18.76 10.38 -6.17
N ILE C 280 20.08 10.59 -6.14
CA ILE C 280 20.60 11.94 -5.91
C ILE C 280 20.25 12.86 -7.08
N LYS C 281 20.32 12.34 -8.32
CA LYS C 281 19.94 13.14 -9.48
C LYS C 281 18.44 13.45 -9.49
N TYR C 282 17.60 12.47 -9.16
CA TYR C 282 16.17 12.68 -9.14
C TYR C 282 15.75 13.65 -8.03
N LEU C 283 16.44 13.64 -6.90
CA LEU C 283 16.09 14.59 -5.86
C LEU C 283 16.62 15.99 -6.18
N ASP C 284 17.76 16.08 -6.89
CA ASP C 284 18.22 17.38 -7.38
C ASP C 284 17.24 17.95 -8.41
N TYR C 285 16.61 17.08 -9.21
CA TYR C 285 15.53 17.54 -10.08
C TYR C 285 14.31 17.93 -9.27
N THR C 286 14.01 17.19 -8.20
CA THR C 286 12.79 17.40 -7.43
C THR C 286 12.83 18.72 -6.65
N ILE C 287 14.01 19.12 -6.17
CA ILE C 287 14.18 20.39 -5.47
C ILE C 287 13.85 21.58 -6.36
N THR C 288 14.14 21.46 -7.66
CA THR C 288 13.97 22.59 -8.58
C THR C 288 12.50 22.93 -8.82
N LEU C 289 11.61 21.93 -8.76
CA LEU C 289 10.19 22.16 -9.06
C LEU C 289 9.50 23.01 -8.00
N GLN C 290 10.02 22.99 -6.76
CA GLN C 290 9.54 23.80 -5.64
C GLN C 290 8.08 23.54 -5.30
N THR C 291 7.63 22.31 -5.50
CA THR C 291 6.34 21.83 -5.00
C THR C 291 6.63 21.06 -3.73
N ASP C 292 6.14 21.57 -2.60
CA ASP C 292 6.67 21.15 -1.30
C ASP C 292 6.21 19.74 -0.94
N SER C 293 4.92 19.44 -1.16
CA SER C 293 4.41 18.11 -0.84
C SER C 293 5.05 17.03 -1.70
N LEU C 294 5.23 17.31 -2.99
CA LEU C 294 5.92 16.38 -3.89
C LEU C 294 7.39 16.25 -3.53
N THR C 295 8.03 17.32 -3.06
CA THR C 295 9.44 17.26 -2.70
C THR C 295 9.66 16.42 -1.43
N HIS C 296 8.87 16.68 -0.39
CA HIS C 296 8.93 15.86 0.82
C HIS C 296 8.55 14.42 0.53
N LEU C 297 7.60 14.21 -0.40
CA LEU C 297 7.23 12.86 -0.82
C LEU C 297 8.39 12.12 -1.48
N ASN C 298 9.09 12.79 -2.39
CA ASN C 298 10.19 12.12 -3.08
C ASN C 298 11.41 11.95 -2.18
N PHE C 299 11.62 12.83 -1.20
CA PHE C 299 12.66 12.57 -0.22
C PHE C 299 12.31 11.39 0.69
N GLN C 300 11.03 11.23 1.04
CA GLN C 300 10.65 10.04 1.79
C GLN C 300 10.76 8.78 0.91
N ARG C 301 10.46 8.91 -0.38
CA ARG C 301 10.62 7.82 -1.32
C ARG C 301 12.09 7.41 -1.47
N ALA C 302 13.01 8.38 -1.34
CA ALA C 302 14.43 8.06 -1.37
C ALA C 302 14.94 7.53 -0.03
N LEU C 303 14.30 7.93 1.08
CA LEU C 303 14.54 7.30 2.36
C LEU C 303 13.98 5.88 2.44
N LEU C 304 13.09 5.50 1.52
CA LEU C 304 12.56 4.13 1.55
C LEU C 304 13.63 3.05 1.30
N PRO C 305 14.45 3.06 0.20
CA PRO C 305 15.34 1.90 -0.01
C PRO C 305 16.58 1.94 0.87
N LEU C 306 17.15 3.13 1.03
CA LEU C 306 18.54 3.28 1.45
C LEU C 306 18.69 4.37 2.52
N ALA C 307 17.85 4.29 3.56
CA ALA C 307 17.97 5.20 4.69
C ALA C 307 19.23 4.93 5.51
N HIS C 308 19.86 3.76 5.36
CA HIS C 308 21.07 3.45 6.09
C HIS C 308 22.32 4.02 5.44
N TYR C 309 22.23 4.58 4.24
CA TYR C 309 23.40 5.10 3.54
C TYR C 309 23.74 6.54 3.91
N ASP C 310 22.87 7.20 4.68
CA ASP C 310 22.99 8.51 5.33
C ASP C 310 23.18 9.70 4.37
N LEU C 311 23.16 9.47 3.06
CA LEU C 311 23.36 10.56 2.12
C LEU C 311 22.11 11.39 1.94
N VAL C 312 20.95 10.73 1.84
CA VAL C 312 19.71 11.44 1.59
C VAL C 312 19.24 12.15 2.87
N TRP C 313 19.61 11.63 4.04
CA TRP C 313 19.32 12.30 5.30
C TRP C 313 20.03 13.65 5.39
N ILE C 314 21.33 13.66 5.11
CA ILE C 314 22.11 14.90 5.16
C ILE C 314 21.70 15.83 4.04
N LYS C 315 21.37 15.29 2.86
CA LYS C 315 20.92 16.10 1.73
C LYS C 315 19.58 16.79 2.04
N TYR C 316 18.64 16.05 2.63
CA TYR C 316 17.33 16.61 2.94
C TYR C 316 17.41 17.57 4.13
N SER C 317 18.34 17.33 5.06
CA SER C 317 18.60 18.28 6.13
C SER C 317 19.17 19.59 5.61
N LYS C 318 20.15 19.51 4.70
CA LYS C 318 20.72 20.71 4.10
C LYS C 318 19.70 21.43 3.23
N TRP C 319 18.81 20.70 2.56
CA TRP C 319 17.74 21.32 1.80
C TRP C 319 16.76 22.07 2.70
N LEU C 320 16.41 21.48 3.85
CA LEU C 320 15.55 22.19 4.79
C LEU C 320 16.25 23.38 5.43
N ILE C 321 17.58 23.36 5.54
CA ILE C 321 18.29 24.50 6.08
C ILE C 321 18.34 25.64 5.07
N ASN C 322 18.94 25.41 3.89
CA ASN C 322 19.28 26.54 3.03
C ASN C 322 18.14 26.99 2.13
N SER C 323 17.31 26.08 1.64
CA SER C 323 16.29 26.42 0.64
C SER C 323 14.97 26.88 1.23
N LYS C 324 14.66 26.49 2.46
CA LYS C 324 13.39 26.83 3.08
C LYS C 324 13.53 27.71 4.31
N ASN C 325 14.73 27.75 4.91
CA ASN C 325 15.00 28.36 6.22
C ASN C 325 14.05 27.81 7.27
N ASP C 326 13.96 26.47 7.30
CA ASP C 326 13.12 25.72 8.23
C ASP C 326 14.07 24.72 8.89
N LEU C 327 14.73 25.16 9.96
CA LEU C 327 15.88 24.44 10.50
C LEU C 327 15.51 23.46 11.61
N LEU C 328 14.38 23.67 12.29
CA LEU C 328 13.87 22.63 13.19
C LEU C 328 13.44 21.38 12.42
N GLY C 329 12.97 21.57 11.18
CA GLY C 329 12.70 20.42 10.33
C GLY C 329 13.95 19.61 10.05
N ALA C 330 15.07 20.30 9.78
CA ALA C 330 16.34 19.62 9.60
C ALA C 330 16.84 19.00 10.91
N LYS C 331 16.50 19.61 12.05
CA LYS C 331 16.83 19.02 13.34
C LYS C 331 16.08 17.70 13.54
N ASN C 332 14.81 17.65 13.17
CA ASN C 332 14.06 16.40 13.28
C ASN C 332 14.53 15.36 12.27
N VAL C 333 14.97 15.81 11.08
CA VAL C 333 15.57 14.91 10.10
C VAL C 333 16.83 14.26 10.67
N LEU C 334 17.71 15.07 11.27
CA LEU C 334 18.94 14.52 11.81
C LEU C 334 18.68 13.70 13.08
N LEU C 335 17.61 14.01 13.83
CA LEU C 335 17.23 13.15 14.95
C LEU C 335 16.75 11.79 14.49
N MET C 336 15.96 11.73 13.41
CA MET C 336 15.51 10.43 12.94
C MET C 336 16.62 9.72 12.16
N GLY C 337 17.63 10.45 11.70
CA GLY C 337 18.77 9.84 11.05
C GLY C 337 19.67 9.06 11.98
N LEU C 338 19.64 9.37 13.28
CA LEU C 338 20.37 8.57 14.26
C LEU C 338 19.79 7.17 14.42
N LYS C 339 18.49 7.01 14.15
CA LYS C 339 17.84 5.73 14.40
C LYS C 339 18.04 4.72 13.29
N PHE C 340 18.57 5.13 12.13
CA PHE C 340 18.67 4.21 11.00
C PHE C 340 20.06 4.12 10.42
N SER C 341 20.81 5.22 10.36
CA SER C 341 22.09 5.23 9.69
C SER C 341 23.14 4.50 10.50
N LEU C 342 24.04 3.81 9.80
CA LEU C 342 25.12 3.09 10.47
C LEU C 342 26.38 3.93 10.59
N LYS C 343 26.62 4.82 9.63
CA LYS C 343 27.75 5.75 9.69
C LYS C 343 27.24 7.01 10.37
N LYS C 344 27.29 7.00 11.70
CA LYS C 344 26.71 8.07 12.51
C LYS C 344 27.67 9.22 12.76
N THR C 345 28.73 9.34 11.97
CA THR C 345 29.70 10.42 12.19
C THR C 345 29.18 11.76 11.67
N GLU C 346 28.86 11.81 10.38
CA GLU C 346 28.57 13.09 9.73
C GLU C 346 27.20 13.63 10.12
N ILE C 347 26.24 12.73 10.41
CA ILE C 347 24.92 13.17 10.85
C ILE C 347 24.99 13.82 12.23
N ILE C 348 25.74 13.22 13.16
CA ILE C 348 25.90 13.81 14.48
C ILE C 348 26.75 15.09 14.42
N LYS C 349 27.74 15.13 13.51
CA LYS C 349 28.55 16.34 13.36
C LYS C 349 27.73 17.50 12.79
N LEU C 350 26.80 17.22 11.87
CA LEU C 350 25.92 18.26 11.37
C LEU C 350 24.83 18.63 12.39
N LEU C 351 24.35 17.64 13.15
CA LEU C 351 23.34 17.89 14.17
C LEU C 351 23.89 18.75 15.30
N TYR C 352 25.19 18.65 15.58
CA TYR C 352 25.85 19.55 16.52
C TYR C 352 25.72 21.01 16.08
N SER C 353 25.98 21.29 14.80
CA SER C 353 25.87 22.66 14.29
C SER C 353 24.41 23.10 14.21
N VAL C 354 23.50 22.17 13.92
CA VAL C 354 22.07 22.47 13.90
C VAL C 354 21.57 22.87 15.28
N ILE C 355 22.00 22.14 16.32
CA ILE C 355 21.63 22.48 17.68
C ILE C 355 22.29 23.78 18.12
N CYS C 356 23.55 24.00 17.73
CA CYS C 356 24.25 25.23 18.10
C CYS C 356 23.69 26.46 17.40
N LYS C 357 23.05 26.32 16.24
CA LYS C 357 22.42 27.48 15.63
C LYS C 357 21.10 27.82 16.32
N LEU C 358 20.42 26.82 16.90
CA LEU C 358 19.15 27.03 17.57
C LEU C 358 19.25 27.70 18.92
N ASN C 359 20.48 27.86 19.44
CA ASN C 359 20.76 28.41 20.78
C ASN C 359 20.03 27.64 21.87
N GLU C 360 20.03 26.31 21.75
CA GLU C 360 19.48 25.41 22.76
C GLU C 360 20.65 24.53 23.22
N TYR C 361 21.42 25.04 24.19
CA TYR C 361 22.66 24.39 24.57
C TYR C 361 22.50 23.41 25.72
N VAL C 362 21.39 23.48 26.48
CA VAL C 362 21.11 22.44 27.46
C VAL C 362 20.75 21.15 26.73
N LEU C 363 20.06 21.26 25.59
CA LEU C 363 19.84 20.12 24.71
C LEU C 363 21.15 19.58 24.15
N LEU C 364 22.11 20.47 23.86
CA LEU C 364 23.42 20.03 23.40
C LEU C 364 24.17 19.27 24.49
N ARG C 365 24.11 19.76 25.73
CA ARG C 365 24.75 19.06 26.83
C ARG C 365 24.07 17.73 27.14
N ASN C 366 22.75 17.68 27.04
CA ASN C 366 22.02 16.42 27.24
C ASN C 366 22.28 15.45 26.09
N LEU C 367 22.61 15.95 24.91
CA LEU C 367 22.97 15.07 23.80
C LEU C 367 24.39 14.53 23.99
N LEU C 368 25.33 15.38 24.41
CA LEU C 368 26.71 14.93 24.63
C LEU C 368 26.82 14.00 25.83
N GLU C 369 25.89 14.13 26.79
CA GLU C 369 25.84 13.20 27.91
C GLU C 369 25.53 11.78 27.45
N LYS C 370 24.74 11.63 26.39
CA LYS C 370 24.42 10.31 25.87
C LYS C 370 25.63 9.68 25.18
N ILE C 371 26.48 10.48 24.55
CA ILE C 371 27.72 9.95 23.98
C ILE C 371 28.70 9.56 25.08
N GLU C 372 28.88 10.42 26.08
CA GLU C 372 29.84 10.12 27.14
C GLU C 372 29.33 9.04 28.10
N SER C 373 28.03 8.73 28.10
CA SER C 373 27.51 7.60 28.85
C SER C 373 27.35 6.34 28.00
N SER C 374 27.37 6.46 26.67
CA SER C 374 27.27 5.29 25.81
C SER C 374 28.56 4.47 25.81
N TYR C 375 29.68 5.08 26.18
CA TYR C 375 30.95 4.37 26.33
C TYR C 375 31.28 4.07 27.79
N SER C 376 30.38 4.43 28.72
CA SER C 376 30.59 4.35 30.17
C SER C 376 31.86 5.09 30.60
N ASP C 377 31.97 6.35 30.14
CA ASP C 377 33.09 7.25 30.40
C ASP C 377 34.43 6.65 29.97
N ASN C 378 34.46 6.08 28.78
CA ASN C 378 35.67 5.52 28.18
C ASN C 378 35.78 5.98 26.73
N VAL C 379 35.60 7.28 26.51
CA VAL C 379 35.67 7.84 25.16
C VAL C 379 37.09 7.98 24.65
N GLU C 380 38.09 7.82 25.52
CA GLU C 380 39.49 7.94 25.10
C GLU C 380 40.05 6.67 24.49
N ASN C 381 39.29 5.57 24.51
CA ASN C 381 39.75 4.29 23.99
C ASN C 381 38.87 3.82 22.83
N VAL C 382 38.27 4.76 22.10
CA VAL C 382 37.40 4.43 20.97
C VAL C 382 38.27 4.24 19.73
N ASP C 383 37.87 3.31 18.86
CA ASP C 383 38.62 3.05 17.64
C ASP C 383 38.42 4.17 16.62
N ASP C 384 37.20 4.68 16.52
CA ASP C 384 36.89 5.73 15.55
C ASP C 384 37.22 7.09 16.16
N PHE C 385 38.23 7.76 15.59
CA PHE C 385 38.61 9.08 16.06
C PHE C 385 37.63 10.17 15.63
N GLU C 386 36.84 9.92 14.58
CA GLU C 386 35.92 10.94 14.08
C GLU C 386 34.76 11.16 15.05
N ILE C 387 34.40 10.15 15.82
CA ILE C 387 33.40 10.33 16.87
C ILE C 387 33.98 11.15 18.01
N PHE C 388 35.18 10.79 18.47
CA PHE C 388 35.76 11.42 19.64
C PHE C 388 36.15 12.86 19.37
N TRP C 389 36.60 13.18 18.17
CA TRP C 389 37.03 14.54 17.87
C TRP C 389 35.84 15.48 17.70
N ASP C 390 34.77 14.98 17.06
CA ASP C 390 33.54 15.77 16.95
C ASP C 390 32.86 15.91 18.31
N TYR C 391 33.04 14.94 19.21
CA TYR C 391 32.61 15.13 20.58
C TYR C 391 33.47 16.16 21.29
N LEU C 392 34.78 16.14 21.05
CA LEU C 392 35.73 16.92 21.83
C LEU C 392 35.69 18.40 21.49
N GLN C 393 35.43 18.74 20.21
CA GLN C 393 35.27 20.15 19.82
C GLN C 393 34.12 20.81 20.57
N PHE C 394 32.94 20.19 20.53
CA PHE C 394 31.77 20.79 21.16
C PHE C 394 31.77 20.61 22.68
N LYS C 395 32.46 19.61 23.20
CA LYS C 395 32.65 19.53 24.65
C LYS C 395 33.59 20.62 25.13
N THR C 396 34.60 20.97 24.33
CA THR C 396 35.47 22.10 24.65
C THR C 396 34.70 23.41 24.55
N PHE C 397 33.77 23.50 23.59
CA PHE C 397 32.90 24.66 23.49
C PHE C 397 32.01 24.78 24.72
N CYS C 398 31.50 23.66 25.23
CA CYS C 398 30.68 23.70 26.44
C CYS C 398 31.50 24.02 27.68
N GLN C 399 32.76 23.56 27.74
CA GLN C 399 33.61 23.91 28.89
C GLN C 399 34.04 25.37 28.85
N ASN C 400 34.19 25.95 27.66
CA ASN C 400 34.35 27.40 27.57
C ASN C 400 33.05 28.13 27.86
N SER C 401 31.91 27.46 27.68
CA SER C 401 30.63 28.10 27.98
C SER C 401 30.40 28.19 29.49
N LEU C 402 30.67 27.11 30.22
CA LEU C 402 30.47 27.12 31.67
C LEU C 402 31.55 27.91 32.39
N TYR C 403 32.80 27.48 32.26
CA TYR C 403 33.87 28.06 33.05
C TYR C 403 34.35 29.38 32.46
N SER C 404 34.87 30.25 33.33
CA SER C 404 35.38 31.54 32.91
C SER C 404 36.83 31.40 32.44
N SER C 405 37.42 32.52 32.04
CA SER C 405 38.80 32.54 31.57
C SER C 405 39.77 32.48 32.74
N ARG C 406 40.94 31.91 32.49
CA ARG C 406 42.00 31.88 33.50
C ARG C 406 43.17 32.77 33.15
N TYR C 407 43.51 32.90 31.87
CA TYR C 407 44.69 33.64 31.45
C TYR C 407 44.34 35.09 31.14
N SER C 408 45.33 35.83 30.66
CA SER C 408 45.14 37.24 30.33
C SER C 408 44.73 37.39 28.87
N ASP C 409 44.54 38.66 28.46
CA ASP C 409 44.23 39.08 27.08
C ASP C 409 42.91 38.47 26.59
N SER C 410 41.97 38.27 27.55
CA SER C 410 40.63 37.73 27.31
C SER C 410 40.67 36.37 26.62
N GLN C 411 41.62 35.53 27.03
CA GLN C 411 41.83 34.22 26.43
C GLN C 411 41.23 33.16 27.35
N SER C 412 40.18 32.50 26.87
CA SER C 412 39.53 31.45 27.65
C SER C 412 40.27 30.13 27.46
N ASN C 413 40.22 29.28 28.49
CA ASN C 413 40.93 28.01 28.46
C ASN C 413 40.25 27.02 27.53
N GLY C 414 41.03 26.42 26.63
CA GLY C 414 40.46 25.52 25.64
C GLY C 414 40.52 24.07 26.05
N LEU C 415 41.44 23.30 25.45
CA LEU C 415 41.54 21.88 25.75
C LEU C 415 42.21 21.59 27.08
N LEU C 416 42.83 22.58 27.71
CA LEU C 416 43.56 22.39 28.96
C LEU C 416 42.69 22.58 30.19
N ASN C 417 41.53 21.95 30.19
CA ASN C 417 40.62 21.94 31.32
C ASN C 417 40.81 20.64 32.08
N LYS C 418 40.37 20.64 33.36
CA LYS C 418 40.53 19.47 34.20
C LYS C 418 39.64 18.30 33.77
N GLU C 419 38.53 18.58 33.09
CA GLU C 419 37.69 17.54 32.52
C GLU C 419 38.03 17.24 31.06
N LEU C 420 39.00 17.96 30.47
CA LEU C 420 39.35 17.78 29.08
C LEU C 420 40.79 17.31 28.87
N PHE C 421 41.75 17.82 29.64
CA PHE C 421 43.14 17.45 29.45
C PHE C 421 43.41 16.01 29.83
N ASP C 422 42.68 15.49 30.83
CA ASP C 422 42.83 14.09 31.22
C ASP C 422 42.32 13.15 30.12
N LYS C 423 41.25 13.55 29.42
CA LYS C 423 40.74 12.74 28.32
C LYS C 423 41.68 12.76 27.12
N VAL C 424 42.42 13.85 26.92
CA VAL C 424 43.42 13.89 25.86
C VAL C 424 44.63 13.05 26.23
N TRP C 425 45.09 13.15 27.49
CA TRP C 425 46.26 12.41 27.92
C TRP C 425 45.99 10.92 28.05
N LYS C 426 44.73 10.53 28.28
CA LYS C 426 44.38 9.11 28.28
C LYS C 426 44.44 8.52 26.88
N ARG C 427 44.23 9.33 25.85
CA ARG C 427 44.34 8.84 24.49
C ARG C 427 45.77 8.91 23.95
N LEU C 428 46.53 9.93 24.35
CA LEU C 428 47.90 10.08 23.86
C LEU C 428 48.87 9.05 24.45
N SER C 429 48.47 8.31 25.48
CA SER C 429 49.35 7.34 26.12
C SER C 429 49.38 6.00 25.42
N CYS C 430 48.57 5.80 24.37
CA CYS C 430 48.54 4.50 23.70
C CYS C 430 49.67 4.35 22.69
N LYS C 431 49.87 5.36 21.85
CA LYS C 431 51.00 5.61 20.94
C LYS C 431 51.05 4.70 19.71
N GLU C 432 50.24 3.63 19.69
CA GLU C 432 50.11 2.82 18.49
C GLU C 432 48.70 2.33 18.23
N LYS C 433 47.79 2.39 19.19
CA LYS C 433 46.46 1.81 19.05
C LYS C 433 45.41 2.83 18.64
N LYS C 434 45.59 4.09 19.02
CA LYS C 434 44.60 5.12 18.76
C LYS C 434 45.14 6.10 17.71
N SER C 435 44.44 6.22 16.60
CA SER C 435 44.84 7.16 15.56
C SER C 435 44.42 8.58 15.92
N GLY C 436 44.94 9.53 15.17
CA GLY C 436 44.68 10.93 15.44
C GLY C 436 45.58 11.49 16.51
N GLN C 437 46.83 11.04 16.52
CA GLN C 437 47.79 11.49 17.51
C GLN C 437 48.35 12.87 17.16
N GLU C 438 48.74 13.08 15.90
CA GLU C 438 49.29 14.36 15.50
C GLU C 438 48.23 15.45 15.32
N ILE C 439 46.96 15.05 15.22
CA ILE C 439 45.88 16.03 15.10
C ILE C 439 45.73 16.82 16.40
N LEU C 440 45.80 16.13 17.54
CA LEU C 440 45.83 16.82 18.83
C LEU C 440 47.09 17.64 19.02
N LEU C 441 48.24 17.14 18.54
CA LEU C 441 49.50 17.85 18.69
C LEU C 441 49.53 19.12 17.84
N ASN C 442 48.81 19.13 16.72
CA ASN C 442 48.64 20.35 15.94
C ASN C 442 47.50 21.21 16.46
N ASN C 443 46.61 20.65 17.28
CA ASN C 443 45.49 21.41 17.82
C ASN C 443 45.61 21.73 19.30
N LEU C 444 46.68 21.31 19.97
CA LEU C 444 47.01 21.79 21.30
C LEU C 444 48.00 22.95 21.27
N VAL C 445 48.37 23.43 20.09
CA VAL C 445 49.37 24.48 19.95
C VAL C 445 48.75 25.71 19.33
N GLN C 446 47.45 25.93 19.58
CA GLN C 446 46.71 27.02 18.95
C GLN C 446 46.23 28.03 19.99
N PHE C 447 47.10 28.39 20.94
CA PHE C 447 46.77 29.37 21.96
C PHE C 447 47.55 30.67 21.80
N TYR C 448 48.87 30.57 21.64
CA TYR C 448 49.77 31.67 21.27
C TYR C 448 49.77 32.78 22.33
N SER C 449 50.21 32.42 23.53
CA SER C 449 50.35 33.36 24.63
C SER C 449 51.73 33.21 25.26
N LYS C 450 51.97 33.94 26.35
CA LYS C 450 53.23 33.83 27.07
C LYS C 450 53.18 32.74 28.13
N ASP C 451 52.10 32.71 28.92
CA ASP C 451 51.99 31.73 30.00
C ASP C 451 51.28 30.46 29.55
N THR C 452 50.40 30.56 28.54
CA THR C 452 49.66 29.39 28.09
C THR C 452 50.53 28.47 27.25
N VAL C 453 51.42 29.04 26.43
CA VAL C 453 52.39 28.25 25.68
C VAL C 453 53.37 27.56 26.65
N GLU C 454 53.75 28.25 27.71
CA GLU C 454 54.57 27.65 28.77
C GLU C 454 53.81 26.52 29.48
N PHE C 455 52.50 26.71 29.67
CA PHE C 455 51.66 25.69 30.31
C PHE C 455 51.58 24.44 29.45
N VAL C 456 51.35 24.61 28.14
CA VAL C 456 51.26 23.48 27.22
C VAL C 456 52.61 22.78 27.10
N GLU C 457 53.71 23.55 27.01
CA GLU C 457 55.04 22.96 26.93
C GLU C 457 55.48 22.32 28.24
N LYS C 458 54.86 22.69 29.36
CA LYS C 458 55.19 22.06 30.64
C LYS C 458 54.39 20.79 30.88
N ASN C 459 53.11 20.75 30.48
CA ASN C 459 52.27 19.60 30.83
C ASN C 459 52.58 18.36 30.00
N ILE C 460 52.64 18.48 28.68
CA ILE C 460 52.83 17.32 27.81
C ILE C 460 54.26 17.21 27.28
N PHE C 461 54.79 18.30 26.71
CA PHE C 461 56.03 18.20 25.93
C PHE C 461 57.25 17.94 26.81
N GLN C 462 57.35 18.68 27.93
CA GLN C 462 58.39 18.41 28.92
C GLN C 462 58.20 17.03 29.54
N LYS C 463 56.95 16.56 29.63
CA LYS C 463 56.70 15.22 30.15
C LYS C 463 57.08 14.13 29.15
N ILE C 464 56.92 14.39 27.85
CA ILE C 464 57.42 13.46 26.82
C ILE C 464 58.94 13.42 26.84
N ILE C 465 59.59 14.57 27.05
CA ILE C 465 61.04 14.60 27.17
C ILE C 465 61.50 13.88 28.44
N GLU C 466 60.72 13.99 29.51
CA GLU C 466 61.09 13.34 30.77
C GLU C 466 60.93 11.83 30.71
N PHE C 467 59.80 11.34 30.18
CA PHE C 467 59.62 9.90 30.05
C PHE C 467 60.46 9.33 28.90
N GLY C 468 60.50 10.03 27.77
CA GLY C 468 61.26 9.53 26.63
C GLY C 468 60.56 8.39 25.91
N TRP C 469 59.31 8.60 25.53
CA TRP C 469 58.56 7.58 24.81
C TRP C 469 59.07 7.45 23.38
N GLU C 470 59.01 6.23 22.84
CA GLU C 470 59.67 5.95 21.57
C GLU C 470 58.89 6.53 20.38
N TYR C 471 57.56 6.53 20.46
CA TYR C 471 56.75 6.90 19.30
C TYR C 471 56.83 8.40 19.02
N TYR C 472 56.78 9.24 20.05
CA TYR C 472 56.86 10.68 19.82
C TYR C 472 58.28 11.14 19.55
N LEU C 473 59.27 10.45 20.11
CA LEU C 473 60.67 10.78 19.80
C LEU C 473 61.05 10.33 18.40
N GLN C 474 60.40 9.30 17.88
CA GLN C 474 60.70 8.85 16.52
C GLN C 474 60.05 9.76 15.48
N ASN C 475 58.83 10.21 15.73
CA ASN C 475 58.11 11.05 14.77
C ASN C 475 58.66 12.47 14.83
N GLY C 476 58.94 13.04 13.65
CA GLY C 476 59.40 14.41 13.58
C GLY C 476 58.30 15.45 13.56
N MET C 477 57.06 15.03 13.29
CA MET C 477 55.94 15.96 13.32
C MET C 477 55.65 16.45 14.73
N PHE C 478 55.94 15.61 15.73
CA PHE C 478 55.87 16.02 17.13
C PHE C 478 56.80 17.19 17.43
N TRP C 479 58.06 17.08 17.01
CA TRP C 479 59.00 18.17 17.24
C TRP C 479 58.70 19.36 16.35
N ASN C 480 58.08 19.13 15.19
CA ASN C 480 57.64 20.25 14.35
C ASN C 480 56.53 21.05 15.03
N CYS C 481 55.56 20.35 15.64
CA CYS C 481 54.52 21.03 16.40
C CYS C 481 55.07 21.71 17.64
N TYR C 482 56.07 21.10 18.28
CA TYR C 482 56.69 21.72 19.44
C TYR C 482 57.47 22.97 19.09
N CYS C 483 58.17 22.97 17.95
CA CYS C 483 58.85 24.18 17.51
C CYS C 483 57.87 25.25 17.03
N ARG C 484 56.75 24.83 16.44
CA ARG C 484 55.72 25.79 16.03
C ARG C 484 55.01 26.40 17.23
N LEU C 485 54.98 25.68 18.35
CA LEU C 485 54.40 26.22 19.57
C LEU C 485 55.22 27.39 20.12
N ILE C 486 56.54 27.24 20.14
CA ILE C 486 57.39 28.30 20.68
C ILE C 486 57.58 29.43 19.68
N TYR C 487 57.75 29.11 18.39
CA TYR C 487 58.14 30.11 17.41
C TYR C 487 57.05 31.15 17.13
N PHE C 488 55.78 30.77 17.28
CA PHE C 488 54.68 31.70 17.09
C PHE C 488 54.21 32.35 18.38
N ASP C 489 55.10 32.55 19.34
CA ASP C 489 54.76 33.29 20.55
C ASP C 489 54.57 34.76 20.21
N THR C 490 53.69 35.43 20.96
CA THR C 490 53.37 36.83 20.74
C THR C 490 54.03 37.76 21.74
N SER C 491 54.78 37.23 22.70
CA SER C 491 55.43 38.05 23.72
C SER C 491 56.94 38.10 23.58
N ARG C 492 57.57 37.04 23.10
CA ARG C 492 59.02 36.99 22.97
C ARG C 492 59.48 37.73 21.71
N SER C 493 60.77 38.04 21.66
CA SER C 493 61.38 38.63 20.48
C SER C 493 61.73 37.51 19.50
N TYR C 494 62.53 37.81 18.48
CA TYR C 494 62.96 36.79 17.54
C TYR C 494 64.25 36.10 17.97
N LEU C 495 65.20 36.87 18.50
CA LEU C 495 66.53 36.33 18.80
C LEU C 495 66.49 35.37 19.97
N ASP C 496 65.68 35.67 20.99
CA ASP C 496 65.64 34.82 22.17
C ASP C 496 64.97 33.48 21.89
N LYS C 497 63.85 33.48 21.15
CA LYS C 497 63.22 32.21 20.82
C LYS C 497 64.02 31.45 19.76
N ARG C 498 64.75 32.15 18.89
CA ARG C 498 65.60 31.48 17.93
C ARG C 498 66.77 30.78 18.63
N GLN C 499 67.40 31.47 19.59
CA GLN C 499 68.45 30.85 20.38
C GLN C 499 67.92 29.71 21.23
N TYR C 500 66.68 29.84 21.73
CA TYR C 500 66.03 28.77 22.48
C TYR C 500 65.85 27.51 21.63
N ILE C 501 65.27 27.67 20.43
CA ILE C 501 64.98 26.53 19.57
C ILE C 501 66.27 25.89 19.05
N VAL C 502 67.28 26.70 18.72
CA VAL C 502 68.52 26.14 18.17
C VAL C 502 69.34 25.47 19.28
N ARG C 503 69.50 26.12 20.42
CA ARG C 503 70.44 25.63 21.44
C ARG C 503 69.83 24.55 22.34
N LYS C 504 68.55 24.66 22.72
CA LYS C 504 68.01 23.78 23.76
C LYS C 504 66.90 22.86 23.26
N ILE C 505 66.81 22.61 21.96
CA ILE C 505 65.89 21.62 21.42
C ILE C 505 66.63 20.64 20.51
N TRP C 506 67.38 21.18 19.54
CA TRP C 506 68.04 20.36 18.53
C TRP C 506 69.18 19.48 19.05
N PRO C 507 70.01 19.88 20.03
CA PRO C 507 70.90 18.88 20.64
C PRO C 507 70.18 17.87 21.52
N GLN C 508 68.94 18.14 21.95
CA GLN C 508 68.26 17.20 22.84
C GLN C 508 67.73 15.97 22.11
N ILE C 509 67.37 16.10 20.83
CA ILE C 509 66.82 14.98 20.09
C ILE C 509 67.95 14.03 19.71
N ASP C 510 67.58 12.76 19.47
CA ASP C 510 68.55 11.72 19.24
C ASP C 510 69.07 11.76 17.80
N LYS C 511 70.32 11.34 17.63
CA LYS C 511 70.95 11.36 16.32
C LYS C 511 70.55 10.15 15.48
N LYS C 512 70.44 8.97 16.09
CA LYS C 512 70.03 7.79 15.36
C LYS C 512 68.53 7.77 15.09
N PHE C 513 67.74 8.56 15.83
CA PHE C 513 66.32 8.69 15.58
C PHE C 513 65.99 9.78 14.58
N ALA C 514 67.00 10.45 14.02
CA ALA C 514 66.76 11.58 13.13
C ALA C 514 66.42 11.16 11.71
N GLN C 515 66.39 9.84 11.42
CA GLN C 515 66.10 9.38 10.07
C GLN C 515 64.65 9.65 9.68
N SER C 516 63.74 9.68 10.65
CA SER C 516 62.35 10.04 10.41
C SER C 516 62.04 11.46 10.87
N VAL C 517 62.94 12.12 11.59
CA VAL C 517 62.73 13.49 12.03
C VAL C 517 63.21 14.49 11.00
N LEU C 518 64.32 14.18 10.34
CA LEU C 518 64.90 15.09 9.34
C LEU C 518 64.00 15.38 8.13
N PRO C 519 63.22 14.44 7.57
CA PRO C 519 62.23 14.87 6.56
C PRO C 519 61.12 15.76 7.09
N SER C 520 60.85 15.74 8.40
CA SER C 520 59.85 16.62 8.97
C SER C 520 60.45 17.90 9.55
N LEU C 521 61.73 17.88 9.93
CA LEU C 521 62.37 19.07 10.49
C LEU C 521 63.06 19.90 9.42
N THR C 522 63.43 19.28 8.29
CA THR C 522 64.07 20.00 7.20
C THR C 522 63.09 20.98 6.55
N GLU C 523 61.82 20.59 6.47
CA GLU C 523 60.79 21.48 5.93
C GLU C 523 60.56 22.69 6.84
N PHE C 524 60.59 22.46 8.16
CA PHE C 524 60.44 23.56 9.10
C PHE C 524 61.66 24.48 9.08
N CYS C 525 62.85 23.90 8.94
CA CYS C 525 64.06 24.72 8.90
C CYS C 525 64.19 25.49 7.59
N GLU C 526 63.79 24.92 6.47
CA GLU C 526 63.72 25.65 5.22
C GLU C 526 62.61 26.69 5.24
N SER C 527 61.57 26.47 6.04
CA SER C 527 60.46 27.40 6.18
C SER C 527 60.85 28.68 6.90
N TYR C 528 61.33 28.56 8.14
CA TYR C 528 61.45 29.72 9.02
C TYR C 528 62.86 30.06 9.46
N PHE C 529 63.81 29.12 9.38
CA PHE C 529 65.19 29.33 9.85
C PHE C 529 66.18 29.16 8.70
N PRO C 530 66.33 30.17 7.83
CA PRO C 530 67.18 29.98 6.64
C PRO C 530 68.66 29.92 6.96
N GLU C 531 69.15 30.79 7.85
CA GLU C 531 70.57 30.79 8.18
C GLU C 531 70.95 29.66 9.13
N GLU C 532 69.97 28.99 9.75
CA GLU C 532 70.21 27.86 10.64
C GLU C 532 70.16 26.52 9.91
N MET C 533 70.31 26.52 8.59
CA MET C 533 70.24 25.28 7.83
C MET C 533 71.57 24.53 7.87
N ASP C 534 72.67 25.25 7.63
CA ASP C 534 73.98 24.60 7.61
C ASP C 534 74.44 24.24 9.03
N THR C 535 73.92 24.93 10.04
CA THR C 535 74.20 24.55 11.41
C THR C 535 73.54 23.22 11.76
N LEU C 536 72.28 23.04 11.34
CA LEU C 536 71.59 21.77 11.56
C LEU C 536 72.16 20.67 10.66
N GLU C 537 72.73 21.05 9.52
CA GLU C 537 73.33 20.08 8.63
C GLU C 537 74.63 19.51 9.19
N GLU C 538 75.44 20.35 9.83
CA GLU C 538 76.69 19.89 10.43
C GLU C 538 76.47 19.09 11.71
N MET C 539 75.29 19.18 12.32
CA MET C 539 74.94 18.37 13.49
C MET C 539 74.44 16.99 13.11
N PHE C 540 73.86 16.83 11.91
CA PHE C 540 73.28 15.59 11.45
C PHE C 540 74.01 15.07 10.23
N THR C 541 75.32 15.33 10.15
CA THR C 541 76.10 14.88 9.02
C THR C 541 76.47 13.41 9.15
N GLU C 542 77.09 12.87 8.09
CA GLU C 542 77.34 11.43 8.01
C GLU C 542 78.51 10.97 8.86
N GLU C 543 79.40 11.87 9.27
CA GLU C 543 80.56 11.46 10.05
C GLU C 543 80.55 12.12 11.42
N PRO C 544 81.04 11.42 12.46
CA PRO C 544 81.13 12.01 13.81
C PRO C 544 82.16 13.13 13.90
N MET D 1 1.94 -12.75 31.12
CA MET D 1 2.21 -14.03 30.47
C MET D 1 3.21 -14.86 31.28
N ARG D 2 2.90 -16.13 31.48
CA ARG D 2 3.81 -17.06 32.13
C ARG D 2 4.76 -17.68 31.11
N ASP D 3 5.91 -18.16 31.62
CA ASP D 3 6.97 -18.81 30.85
C ASP D 3 7.49 -17.93 29.72
N ILE D 4 7.68 -16.65 30.01
CA ILE D 4 8.22 -15.70 29.03
C ILE D 4 9.02 -14.66 29.79
N VAL D 5 9.94 -14.00 29.09
CA VAL D 5 10.68 -12.86 29.62
C VAL D 5 11.10 -11.98 28.44
N PHE D 6 10.87 -10.68 28.58
CA PHE D 6 11.18 -9.71 27.54
C PHE D 6 12.56 -9.12 27.79
N VAL D 7 13.40 -9.12 26.76
CA VAL D 7 14.78 -8.69 26.89
C VAL D 7 15.24 -8.12 25.55
N SER D 8 16.10 -7.11 25.61
CA SER D 8 16.74 -6.56 24.41
C SER D 8 18.23 -6.38 24.66
N PRO D 9 19.07 -6.74 23.69
CA PRO D 9 20.51 -6.54 23.85
C PRO D 9 20.95 -5.08 23.76
N GLN D 10 20.08 -4.18 23.34
CA GLN D 10 20.44 -2.77 23.22
C GLN D 10 20.58 -2.11 24.58
N LEU D 11 19.89 -2.63 25.59
CA LEU D 11 19.99 -2.14 26.95
C LEU D 11 20.87 -3.01 27.83
N TYR D 12 21.22 -4.22 27.39
CA TYR D 12 22.08 -5.10 28.17
C TYR D 12 23.55 -4.94 27.79
N LEU D 13 23.86 -4.83 26.49
CA LEU D 13 25.24 -4.60 26.09
C LEU D 13 25.70 -3.20 26.40
N SER D 14 24.77 -2.24 26.50
CA SER D 14 25.09 -0.89 26.95
C SER D 14 25.13 -0.78 28.46
N SER D 15 24.77 -1.85 29.18
CA SER D 15 24.80 -1.94 30.65
C SER D 15 23.93 -0.87 31.30
N GLN D 16 22.63 -0.95 31.02
CA GLN D 16 21.65 -0.03 31.56
C GLN D 16 20.63 -0.79 32.40
N GLU D 17 19.84 -0.03 33.17
CA GLU D 17 18.80 -0.61 34.00
C GLU D 17 17.52 -0.79 33.19
N GLY D 18 16.69 -1.73 33.64
CA GLY D 18 15.49 -2.06 32.90
C GLY D 18 15.72 -2.82 31.63
N TRP D 19 16.85 -3.55 31.53
CA TRP D 19 17.17 -4.29 30.32
C TRP D 19 16.33 -5.55 30.16
N LYS D 20 15.72 -6.04 31.24
CA LYS D 20 14.84 -7.19 31.19
C LYS D 20 13.52 -6.85 31.86
N SER D 21 12.46 -7.53 31.42
CA SER D 21 11.12 -7.31 31.96
C SER D 21 10.28 -8.55 31.67
N ASP D 22 9.19 -8.69 32.43
CA ASP D 22 8.26 -9.78 32.22
C ASP D 22 6.99 -9.36 31.49
N SER D 23 6.71 -8.06 31.42
CA SER D 23 5.51 -7.54 30.80
C SER D 23 5.79 -7.00 29.41
N ALA D 24 4.72 -6.84 28.64
CA ALA D 24 4.81 -6.44 27.23
C ALA D 24 5.15 -4.96 27.14
N LYS D 25 6.44 -4.67 27.04
CA LYS D 25 6.94 -3.33 26.76
C LYS D 25 7.35 -3.26 25.30
N SER D 26 7.05 -2.13 24.66
CA SER D 26 7.32 -1.96 23.24
C SER D 26 8.81 -1.84 22.97
N GLY D 27 9.34 -2.76 22.16
CA GLY D 27 10.73 -2.75 21.79
C GLY D 27 11.58 -3.86 22.36
N PHE D 28 10.98 -4.81 23.08
CA PHE D 28 11.72 -5.91 23.68
C PHE D 28 11.39 -7.22 22.97
N ILE D 29 12.37 -8.13 22.97
CA ILE D 29 12.25 -9.43 22.32
C ILE D 29 11.82 -10.45 23.37
N PRO D 30 10.74 -11.20 23.14
CA PRO D 30 10.32 -12.23 24.10
C PRO D 30 11.11 -13.53 23.90
N ILE D 31 11.81 -13.96 24.95
CA ILE D 31 12.49 -15.23 24.97
C ILE D 31 11.94 -16.06 26.14
N LEU D 32 12.36 -17.31 26.20
CA LEU D 32 11.93 -18.20 27.26
C LEU D 32 12.64 -17.87 28.57
N LYS D 33 12.00 -18.22 29.68
CA LYS D 33 12.54 -17.91 30.99
C LYS D 33 13.72 -18.80 31.35
N ASN D 34 13.68 -20.08 30.99
CA ASN D 34 14.76 -21.00 31.32
C ASN D 34 15.98 -20.84 30.42
N ASP D 35 15.87 -20.08 29.34
CA ASP D 35 16.98 -19.87 28.42
C ASP D 35 17.61 -18.49 28.56
N LEU D 36 17.34 -17.78 29.65
CA LEU D 36 17.95 -16.47 29.85
C LEU D 36 19.42 -16.60 30.22
N GLN D 37 19.80 -17.69 30.88
CA GLN D 37 21.22 -17.96 31.12
C GLN D 37 21.94 -18.28 29.82
N ARG D 38 21.26 -18.94 28.88
CA ARG D 38 21.81 -19.15 27.55
C ARG D 38 21.93 -17.86 26.76
N PHE D 39 21.08 -16.87 27.05
CA PHE D 39 21.23 -15.56 26.44
C PHE D 39 22.40 -14.79 27.05
N GLN D 40 22.58 -14.89 28.37
CA GLN D 40 23.69 -14.19 29.02
C GLN D 40 25.04 -14.83 28.70
N ASP D 41 25.09 -16.14 28.51
CA ASP D 41 26.33 -16.82 28.17
C ASP D 41 26.70 -16.68 26.70
N SER D 42 25.78 -16.22 25.86
CA SER D 42 26.06 -16.05 24.43
C SER D 42 26.77 -14.75 24.12
N LEU D 43 26.48 -13.68 24.86
CA LEU D 43 27.05 -12.36 24.61
C LEU D 43 28.21 -12.06 25.55
N LYS D 44 29.01 -13.08 25.89
CA LYS D 44 30.09 -12.90 26.86
C LYS D 44 31.25 -12.10 26.27
N HIS D 45 31.60 -12.37 25.01
CA HIS D 45 32.77 -11.74 24.42
C HIS D 45 32.55 -10.26 24.14
N ILE D 46 31.31 -9.86 23.86
CA ILE D 46 31.02 -8.44 23.63
C ILE D 46 31.13 -7.65 24.94
N VAL D 47 30.64 -8.23 26.04
CA VAL D 47 30.78 -7.60 27.35
C VAL D 47 32.25 -7.57 27.79
N ASP D 48 33.00 -8.62 27.45
CA ASP D 48 34.43 -8.65 27.79
C ASP D 48 35.23 -7.63 26.98
N ALA D 49 34.86 -7.40 25.72
CA ALA D 49 35.51 -6.35 24.94
C ALA D 49 35.05 -4.96 25.36
N ARG D 50 33.83 -4.85 25.89
CA ARG D 50 33.34 -3.57 26.39
C ARG D 50 34.04 -3.18 27.69
N ASN D 51 34.28 -4.16 28.57
CA ASN D 51 34.94 -3.87 29.84
C ASN D 51 36.44 -3.64 29.62
N SER D 52 37.04 -4.36 28.69
CA SER D 52 38.47 -4.20 28.39
C SER D 52 38.68 -3.31 27.16
N SER D 260 0.34 -45.33 -2.88
CA SER D 260 -0.39 -45.05 -4.10
C SER D 260 -0.40 -43.55 -4.41
N THR D 261 -0.77 -43.19 -5.62
CA THR D 261 -0.81 -41.79 -6.05
C THR D 261 -2.21 -41.21 -5.90
N GLN D 262 -2.80 -41.39 -4.72
CA GLN D 262 -4.14 -40.87 -4.44
C GLN D 262 -4.07 -39.77 -3.40
N TYR D 263 -5.05 -38.87 -3.43
CA TYR D 263 -5.19 -37.72 -2.53
C TYR D 263 -3.96 -36.83 -2.49
N LYS D 264 -3.85 -35.93 -3.46
CA LYS D 264 -2.70 -35.03 -3.54
C LYS D 264 -3.02 -33.68 -2.90
N VAL D 265 -4.19 -33.61 -2.24
CA VAL D 265 -4.69 -32.42 -1.54
C VAL D 265 -4.76 -31.17 -2.43
N ASP D 266 -5.14 -31.37 -3.68
CA ASP D 266 -5.27 -30.28 -4.63
C ASP D 266 -6.63 -30.33 -5.31
N THR D 267 -7.15 -31.54 -5.46
CA THR D 267 -8.47 -31.74 -6.06
C THR D 267 -9.53 -31.85 -4.96
N ASN D 268 -9.22 -32.62 -3.93
CA ASN D 268 -10.15 -32.82 -2.82
C ASN D 268 -9.98 -31.74 -1.75
N THR D 269 -10.25 -30.50 -2.13
CA THR D 269 -10.16 -29.37 -1.21
C THR D 269 -11.54 -28.77 -0.97
N LEU D 270 -12.40 -28.84 -1.98
CA LEU D 270 -13.75 -28.33 -1.88
C LEU D 270 -14.74 -29.46 -1.62
N SER D 271 -14.22 -30.63 -1.26
CA SER D 271 -15.04 -31.79 -0.97
C SER D 271 -15.39 -31.85 0.52
N ASP D 272 -15.85 -33.02 0.96
CA ASP D 272 -16.22 -33.21 2.36
C ASP D 272 -14.98 -33.42 3.23
N LEU D 273 -14.98 -32.80 4.40
CA LEU D 273 -13.85 -32.92 5.33
C LEU D 273 -14.11 -34.04 6.33
N PRO D 274 -15.33 -34.55 6.34
CA PRO D 274 -15.70 -35.63 7.25
C PRO D 274 -15.11 -36.96 6.78
N SER D 275 -15.74 -37.57 5.78
CA SER D 275 -15.27 -38.84 5.24
C SER D 275 -14.22 -38.60 4.16
N ASP D 276 -13.02 -38.19 4.58
CA ASP D 276 -11.93 -37.91 3.66
C ASP D 276 -10.78 -38.88 3.87
N ALA D 277 -10.93 -39.76 4.85
CA ALA D 277 -9.91 -40.76 5.14
C ALA D 277 -10.16 -42.04 4.35
N LEU D 278 -11.42 -42.48 4.34
CA LEU D 278 -11.81 -43.68 3.61
C LEU D 278 -11.91 -43.40 2.12
N ASP D 279 -12.12 -42.14 1.76
CA ASP D 279 -12.25 -41.73 0.37
C ASP D 279 -10.90 -41.83 -0.35
N GLN D 280 -9.82 -41.60 0.38
CA GLN D 280 -8.48 -41.73 -0.17
C GLN D 280 -8.14 -43.20 -0.31
N LEU D 281 -8.59 -44.01 0.65
CA LEU D 281 -8.35 -45.44 0.66
C LEU D 281 -9.06 -46.14 -0.49
N CYS D 282 -10.29 -45.70 -0.77
CA CYS D 282 -11.07 -46.24 -1.87
C CYS D 282 -10.43 -45.89 -3.22
N LYS D 283 -9.90 -44.67 -3.32
CA LYS D 283 -9.21 -44.22 -4.52
C LYS D 283 -7.92 -45.00 -4.74
N ASP D 284 -7.19 -45.26 -3.66
CA ASP D 284 -5.96 -46.04 -3.70
C ASP D 284 -6.23 -47.50 -4.05
N ILE D 285 -7.38 -47.99 -3.62
CA ILE D 285 -7.80 -49.35 -3.95
C ILE D 285 -8.21 -49.46 -5.42
N ILE D 286 -8.91 -48.44 -5.91
CA ILE D 286 -9.34 -48.39 -7.30
C ILE D 286 -8.16 -48.26 -8.26
N GLU D 287 -7.17 -47.46 -7.88
CA GLU D 287 -5.96 -47.29 -8.68
C GLU D 287 -5.16 -48.59 -8.72
N PHE D 288 -5.09 -49.28 -7.59
CA PHE D 288 -4.41 -50.57 -7.48
C PHE D 288 -5.12 -51.63 -8.33
N ARG D 289 -6.45 -51.61 -8.30
CA ARG D 289 -7.24 -52.54 -9.11
C ARG D 289 -7.08 -52.27 -10.60
N THR D 290 -7.03 -50.99 -10.96
CA THR D 290 -6.83 -50.59 -12.36
C THR D 290 -5.43 -50.95 -12.85
N LYS D 291 -4.45 -50.90 -11.95
CA LYS D 291 -3.09 -51.31 -12.27
C LYS D 291 -3.02 -52.82 -12.43
N VAL D 292 -3.69 -53.55 -11.54
CA VAL D 292 -3.69 -55.02 -11.56
C VAL D 292 -4.42 -55.57 -12.80
N VAL D 293 -5.52 -54.95 -13.17
CA VAL D 293 -6.28 -55.38 -14.34
C VAL D 293 -5.52 -55.07 -15.63
N SER D 294 -4.69 -54.03 -15.59
CA SER D 294 -3.87 -53.69 -16.74
C SER D 294 -2.70 -54.66 -16.85
N ILE D 295 -2.11 -55.01 -15.70
CA ILE D 295 -1.00 -55.95 -15.65
C ILE D 295 -1.42 -57.35 -16.08
N GLU D 296 -2.60 -57.78 -15.64
CA GLU D 296 -3.14 -59.08 -16.01
C GLU D 296 -3.45 -59.15 -17.51
N LYS D 297 -3.95 -58.04 -18.06
CA LYS D 297 -4.25 -57.95 -19.48
C LYS D 297 -2.97 -57.96 -20.31
N GLU D 298 -1.94 -57.29 -19.82
CA GLU D 298 -0.65 -57.26 -20.50
C GLU D 298 0.04 -58.62 -20.43
N LYS D 299 -0.19 -59.35 -19.34
CA LYS D 299 0.38 -60.68 -19.18
C LYS D 299 -0.35 -61.69 -20.07
N LYS D 300 -1.66 -61.55 -20.19
CA LYS D 300 -2.46 -62.46 -21.01
C LYS D 300 -2.32 -62.14 -22.49
N MET D 301 -1.94 -60.91 -22.81
CA MET D 301 -1.76 -60.49 -24.19
C MET D 301 -0.46 -61.04 -24.75
N LYS D 302 0.50 -61.32 -23.87
CA LYS D 302 1.79 -61.87 -24.28
C LYS D 302 1.86 -63.36 -23.94
N SER D 303 0.70 -63.99 -23.78
CA SER D 303 0.62 -65.41 -23.47
C SER D 303 -0.23 -66.15 -24.48
N THR D 304 -1.43 -65.64 -24.72
CA THR D 304 -2.35 -66.26 -25.68
C THR D 304 -1.89 -66.00 -27.11
N TYR D 305 -1.46 -64.78 -27.38
CA TYR D 305 -0.98 -64.39 -28.70
C TYR D 305 0.36 -65.06 -29.01
N GLU D 306 1.17 -65.27 -27.97
CA GLU D 306 2.44 -65.94 -28.12
C GLU D 306 2.23 -67.43 -28.40
N GLU D 307 1.17 -67.99 -27.82
CA GLU D 307 0.82 -69.38 -28.05
C GLU D 307 0.21 -69.56 -29.43
N SER D 308 -0.51 -68.54 -29.89
CA SER D 308 -1.10 -68.55 -31.22
C SER D 308 -0.02 -68.36 -32.29
N ARG D 309 1.05 -67.65 -31.93
CA ARG D 309 2.18 -67.45 -32.81
C ARG D 309 3.01 -68.72 -32.88
N ARG D 310 2.95 -69.51 -31.82
CA ARG D 310 3.65 -70.81 -31.77
C ARG D 310 2.82 -71.87 -32.48
N GLN D 311 1.53 -71.59 -32.64
CA GLN D 311 0.62 -72.50 -33.34
C GLN D 311 0.48 -72.10 -34.80
N ARG D 312 0.79 -70.84 -35.09
CA ARG D 312 0.71 -70.32 -36.46
C ARG D 312 1.87 -69.38 -36.75
N GLN F 43 11.13 48.90 20.64
CA GLN F 43 11.04 50.01 21.59
C GLN F 43 12.09 49.87 22.70
N SER F 44 11.61 49.62 23.91
CA SER F 44 12.49 49.47 25.06
C SER F 44 12.89 48.00 25.22
N PHE F 45 13.63 47.72 26.30
CA PHE F 45 14.05 46.37 26.63
C PHE F 45 13.30 45.80 27.82
N ASP F 46 12.22 46.44 28.25
CA ASP F 46 11.44 46.00 29.39
C ASP F 46 10.26 45.16 28.91
N ILE F 47 9.87 44.19 29.73
CA ILE F 47 8.76 43.32 29.37
C ILE F 47 7.42 44.03 29.60
N TRP F 48 7.33 44.79 30.70
CA TRP F 48 6.04 45.36 31.10
C TRP F 48 5.64 46.54 30.21
N LYS F 49 6.59 47.28 29.65
CA LYS F 49 6.25 48.36 28.74
C LYS F 49 5.70 47.82 27.42
N ASN F 50 6.30 46.74 26.90
CA ASN F 50 5.74 46.09 25.73
C ASN F 50 4.43 45.38 26.05
N LEU F 51 4.25 44.96 27.30
CA LEU F 51 2.96 44.40 27.71
C LEU F 51 1.87 45.47 27.73
N ASP F 52 2.21 46.67 28.18
CA ASP F 52 1.26 47.78 28.14
C ASP F 52 0.97 48.21 26.70
N ARG F 53 2.00 48.20 25.84
CA ARG F 53 1.81 48.53 24.43
C ARG F 53 0.94 47.49 23.73
N ILE F 54 1.13 46.21 24.06
CA ILE F 54 0.35 45.18 23.40
C ILE F 54 -1.04 45.06 24.01
N ARG F 55 -1.25 45.59 25.22
CA ARG F 55 -2.59 45.74 25.77
C ARG F 55 -3.31 46.93 25.14
N SER F 56 -2.55 47.96 24.73
CA SER F 56 -3.16 49.18 24.24
C SER F 56 -3.74 49.02 22.83
N THR F 57 -2.88 48.68 21.86
CA THR F 57 -3.22 48.83 20.45
C THR F 57 -3.43 47.50 19.72
N LYS F 58 -4.04 46.52 20.39
CA LYS F 58 -4.37 45.25 19.73
C LYS F 58 -5.89 45.07 19.62
N LYS F 59 -6.65 46.15 19.82
CA LYS F 59 -8.09 46.26 19.47
C LYS F 59 -8.93 45.22 20.21
N ASN F 60 -8.99 45.41 21.54
CA ASN F 60 -9.77 44.59 22.48
C ASN F 60 -9.31 43.13 22.44
N ALA F 61 -8.04 42.95 22.83
CA ALA F 61 -7.42 41.63 22.89
C ALA F 61 -7.53 41.00 24.27
N GLY F 62 -8.56 41.36 25.05
CA GLY F 62 -8.72 40.79 26.37
C GLY F 62 -9.41 39.44 26.37
N GLN F 63 -10.15 39.13 25.30
CA GLN F 63 -10.83 37.85 25.22
C GLN F 63 -9.84 36.73 24.90
N PHE F 64 -9.96 35.62 25.62
CA PHE F 64 -9.08 34.48 25.41
C PHE F 64 -9.64 33.63 24.26
N ILE F 65 -9.00 32.49 24.01
CA ILE F 65 -9.36 31.61 22.89
C ILE F 65 -10.04 30.38 23.46
N LYS F 66 -11.21 30.06 22.92
CA LYS F 66 -11.98 28.89 23.36
C LYS F 66 -11.29 27.62 22.90
N GLY F 67 -10.99 26.72 23.84
CA GLY F 67 -10.33 25.47 23.53
C GLY F 67 -8.88 25.66 23.11
N SER F 68 -8.12 26.40 23.91
CA SER F 68 -6.77 26.80 23.57
C SER F 68 -5.76 26.01 24.40
N LEU F 69 -4.66 25.60 23.78
CA LEU F 69 -3.65 24.80 24.45
C LEU F 69 -2.29 25.09 23.83
N LEU F 70 -1.27 25.12 24.67
CA LEU F 70 0.11 25.27 24.23
C LEU F 70 1.00 24.48 25.17
N ILE F 71 2.02 23.82 24.63
CA ILE F 71 2.97 23.03 25.42
C ILE F 71 4.37 23.47 25.05
N LEU F 72 5.14 23.91 26.06
CA LEU F 72 6.55 24.28 25.88
C LEU F 72 7.41 23.34 26.71
N PRO F 73 8.04 22.34 26.09
CA PRO F 73 9.04 21.54 26.82
C PRO F 73 10.39 22.24 26.80
N MET F 74 10.97 22.45 27.99
CA MET F 74 12.25 23.13 28.12
C MET F 74 13.18 22.29 28.97
N ARG F 75 14.46 22.65 28.95
CA ARG F 75 15.51 21.94 29.66
C ARG F 75 16.39 22.93 30.40
N THR F 76 16.69 22.62 31.66
CA THR F 76 17.56 23.45 32.48
C THR F 76 18.70 22.61 33.02
N GLU F 77 19.86 23.23 33.18
CA GLU F 77 21.00 22.55 33.78
C GLU F 77 20.79 22.33 35.27
N ASP F 78 20.37 23.38 35.98
CA ASP F 78 20.14 23.32 37.41
C ASP F 78 18.68 23.64 37.72
N LYS F 79 18.24 23.24 38.91
CA LYS F 79 16.85 23.39 39.32
C LYS F 79 16.64 24.59 40.24
N GLN F 80 17.64 24.95 41.05
CA GLN F 80 17.46 25.96 42.08
C GLN F 80 17.28 27.36 41.49
N GLN F 81 17.98 27.65 40.39
CA GLN F 81 17.78 28.93 39.71
C GLN F 81 16.44 28.98 39.00
N PHE F 82 15.94 27.82 38.55
CA PHE F 82 14.66 27.76 37.85
C PHE F 82 13.50 27.96 38.81
N ASP F 83 13.67 27.56 40.08
CA ASP F 83 12.56 27.53 41.02
C ASP F 83 12.11 28.93 41.42
N GLU F 84 13.06 29.87 41.55
CA GLU F 84 12.69 31.23 41.92
C GLU F 84 11.91 31.93 40.81
N CYS F 85 12.36 31.75 39.56
CA CYS F 85 11.65 32.32 38.42
C CYS F 85 10.28 31.67 38.24
N MET F 86 10.18 30.36 38.49
CA MET F 86 8.88 29.70 38.37
C MET F 86 7.93 30.09 39.52
N ASP F 87 8.48 30.35 40.71
CA ASP F 87 7.64 30.84 41.80
C ASP F 87 7.13 32.25 41.52
N GLU F 88 7.99 33.10 40.94
CA GLU F 88 7.54 34.43 40.52
C GLU F 88 6.50 34.35 39.40
N LEU F 89 6.64 33.36 38.51
CA LEU F 89 5.68 33.19 37.42
C LEU F 89 4.33 32.71 37.96
N HIS F 90 4.34 31.79 38.93
CA HIS F 90 3.09 31.36 39.56
C HIS F 90 2.49 32.45 40.45
N LYS F 91 3.31 33.36 40.98
CA LYS F 91 2.74 34.53 41.65
C LYS F 91 2.12 35.50 40.65
N TYR F 92 2.64 35.54 39.42
CA TYR F 92 2.06 36.43 38.42
C TYR F 92 0.96 35.76 37.60
N ILE F 93 1.15 34.50 37.20
CA ILE F 93 0.19 33.78 36.37
C ILE F 93 -0.51 32.74 37.23
N SER F 94 -1.83 32.65 37.09
CA SER F 94 -2.66 31.79 37.94
C SER F 94 -2.41 30.31 37.64
N LYS F 95 -2.91 29.46 38.55
CA LYS F 95 -2.71 28.02 38.46
C LYS F 95 -3.60 27.38 37.40
N ASP F 96 -4.79 27.95 37.18
CA ASP F 96 -5.72 27.35 36.23
C ASP F 96 -5.27 27.58 34.79
N ILE F 97 -4.60 28.70 34.52
CA ILE F 97 -4.15 29.00 33.17
C ILE F 97 -2.91 28.18 32.82
N LEU F 98 -1.90 28.21 33.68
CA LEU F 98 -0.62 27.56 33.41
C LEU F 98 -0.37 26.46 34.42
N ARG F 99 0.13 25.33 33.91
CA ARG F 99 0.50 24.19 34.73
C ARG F 99 1.90 23.73 34.35
N CYS F 100 2.55 23.02 35.28
CA CYS F 100 3.93 22.60 35.12
C CYS F 100 4.01 21.09 35.33
N TYR F 101 4.90 20.44 34.60
CA TYR F 101 5.06 18.98 34.69
C TYR F 101 6.53 18.62 34.74
N PRO F 102 7.02 18.00 35.80
CA PRO F 102 8.42 17.58 35.86
C PRO F 102 8.64 16.26 35.14
N GLN F 103 9.91 15.88 35.06
CA GLN F 103 10.31 14.62 34.46
C GLN F 103 10.41 13.54 35.53
N LYS F 104 10.98 12.39 35.17
CA LYS F 104 11.14 11.28 36.09
C LYS F 104 12.56 11.13 36.61
N GLU F 105 13.45 12.04 36.23
CA GLU F 105 14.88 12.05 36.59
C GLU F 105 15.55 10.74 36.18
N GLN F 106 15.59 10.51 34.86
CA GLN F 106 16.20 9.29 34.34
C GLN F 106 17.64 9.54 33.92
N LYS F 107 17.94 10.73 33.40
CA LYS F 107 19.28 11.04 32.96
C LYS F 107 20.14 11.55 34.11
N ASP F 108 19.51 12.19 35.11
CA ASP F 108 20.04 12.75 36.35
C ASP F 108 20.89 14.01 36.12
N GLU F 109 21.13 14.39 34.87
CA GLU F 109 21.88 15.61 34.55
C GLU F 109 21.03 16.64 33.80
N GLY F 110 20.30 16.21 32.78
CA GLY F 110 19.45 17.12 32.04
C GLY F 110 17.97 16.91 32.31
N MET F 111 17.36 17.83 33.05
CA MET F 111 15.95 17.73 33.35
C MET F 111 15.11 18.24 32.18
N LEU F 112 13.85 17.81 32.16
CA LEU F 112 12.90 18.16 31.10
C LEU F 112 11.60 18.58 31.77
N PHE F 113 11.21 19.84 31.58
CA PHE F 113 10.04 20.40 32.23
C PHE F 113 9.03 20.85 31.19
N TYR F 114 7.78 20.40 31.36
CA TYR F 114 6.69 20.81 30.49
C TYR F 114 6.00 22.03 31.09
N ILE F 115 5.76 23.04 30.26
CA ILE F 115 5.00 24.22 30.65
C ILE F 115 3.76 24.24 29.76
N VAL F 116 2.61 23.91 30.35
CA VAL F 116 1.37 23.80 29.60
C VAL F 116 0.51 25.02 29.89
N LEU F 117 0.26 25.81 28.86
CA LEU F 117 -0.63 26.97 28.94
C LEU F 117 -1.99 26.55 28.40
N LYS F 118 -2.99 26.54 29.26
CA LYS F 118 -4.33 26.07 28.92
C LYS F 118 -5.33 27.18 29.14
N ASP F 119 -6.17 27.42 28.11
CA ASP F 119 -7.21 28.46 28.10
C ASP F 119 -6.62 29.85 28.37
N PHE F 120 -5.50 30.14 27.71
CA PHE F 120 -4.76 31.37 27.96
C PHE F 120 -5.25 32.50 27.08
N ASN F 121 -5.03 33.72 27.55
CA ASN F 121 -5.25 34.91 26.76
C ASN F 121 -4.00 35.20 25.91
N ILE F 122 -4.09 36.21 25.04
CA ILE F 122 -2.99 36.50 24.15
C ILE F 122 -1.85 37.24 24.86
N LEU F 123 -2.15 37.97 25.94
CA LEU F 123 -1.12 38.70 26.68
C LEU F 123 -0.30 37.81 27.59
N ASP F 124 -0.97 36.89 28.31
CA ASP F 124 -0.27 36.00 29.22
C ASP F 124 0.64 35.03 28.47
N SER F 125 0.24 34.63 27.25
CA SER F 125 1.09 33.79 26.41
C SER F 125 2.38 34.50 26.02
N CYS F 126 2.27 35.75 25.59
CA CYS F 126 3.44 36.56 25.25
C CYS F 126 4.33 36.77 26.45
N PHE F 127 3.73 37.02 27.63
CA PHE F 127 4.50 37.23 28.84
C PHE F 127 5.26 35.98 29.27
N VAL F 128 4.57 34.82 29.27
CA VAL F 128 5.19 33.57 29.68
C VAL F 128 6.29 33.16 28.69
N LEU F 129 6.03 33.28 27.39
CA LEU F 129 7.04 32.91 26.41
C LEU F 129 8.24 33.86 26.44
N SER F 130 8.01 35.15 26.72
CA SER F 130 9.12 36.08 26.85
C SER F 130 9.98 35.78 28.06
N VAL F 131 9.34 35.49 29.20
CA VAL F 131 10.07 35.16 30.43
C VAL F 131 10.86 33.86 30.27
N LEU F 132 10.23 32.83 29.70
CA LEU F 132 10.92 31.54 29.59
C LEU F 132 12.01 31.56 28.53
N LEU F 133 11.78 32.27 27.40
CA LEU F 133 12.82 32.38 26.39
C LEU F 133 13.96 33.28 26.83
N ALA F 134 13.70 34.22 27.75
CA ALA F 134 14.80 34.96 28.34
C ALA F 134 15.56 34.10 29.32
N PHE F 135 14.85 33.29 30.11
CA PHE F 135 15.50 32.57 31.20
C PHE F 135 16.30 31.36 30.72
N GLN F 136 15.84 30.68 29.67
CA GLN F 136 16.58 29.50 29.22
C GLN F 136 17.77 29.85 28.33
N LYS F 137 18.06 31.14 28.13
CA LYS F 137 19.24 31.58 27.42
C LYS F 137 20.10 32.53 28.26
N ARG F 138 19.52 33.14 29.30
CA ARG F 138 20.27 33.94 30.25
C ARG F 138 21.26 33.11 31.05
N LEU F 139 20.99 31.81 31.24
CA LEU F 139 21.91 30.92 31.92
C LEU F 139 23.20 30.71 31.13
N TRP F 140 23.16 30.88 29.81
CA TRP F 140 24.35 30.78 28.99
C TRP F 140 24.97 32.14 28.65
N MET F 141 24.15 33.18 28.52
CA MET F 141 24.69 34.47 28.10
C MET F 141 25.02 35.40 29.27
N ALA F 142 24.09 35.59 30.20
CA ALA F 142 24.26 36.56 31.29
C ALA F 142 24.12 35.88 32.64
N PRO F 143 25.20 35.29 33.18
CA PRO F 143 25.12 34.72 34.53
C PRO F 143 25.29 35.74 35.64
N SER F 144 25.58 37.00 35.31
CA SER F 144 25.81 38.03 36.31
C SER F 144 24.81 39.18 36.25
N GLU F 145 23.78 39.08 35.41
CA GLU F 145 22.80 40.16 35.30
C GLU F 145 21.84 40.14 36.48
N LYS F 146 21.30 38.96 36.80
CA LYS F 146 20.49 38.66 37.99
C LYS F 146 19.24 39.54 38.04
N SER F 147 18.37 39.31 37.05
CA SER F 147 17.04 39.91 37.01
C SER F 147 16.17 39.03 36.13
N TYR F 148 15.14 38.42 36.71
CA TYR F 148 14.32 37.44 36.02
C TYR F 148 13.22 38.06 35.16
N PHE F 149 13.12 39.40 35.12
CA PHE F 149 12.10 40.06 34.32
C PHE F 149 12.64 41.27 33.56
N ARG F 150 13.96 41.41 33.45
CA ARG F 150 14.58 42.45 32.64
C ARG F 150 15.43 41.77 31.58
N VAL F 151 15.10 42.02 30.32
CA VAL F 151 15.73 41.36 29.17
C VAL F 151 16.75 42.32 28.59
N PRO F 152 18.02 41.92 28.46
CA PRO F 152 19.03 42.81 27.90
C PRO F 152 18.91 42.93 26.39
N LYS F 153 19.80 43.75 25.81
CA LYS F 153 19.78 44.02 24.39
C LYS F 153 20.62 43.05 23.56
N ASN F 154 21.61 42.40 24.18
CA ASN F 154 22.50 41.51 23.45
C ASN F 154 21.87 40.15 23.13
N ILE F 155 20.73 39.84 23.72
CA ILE F 155 20.10 38.53 23.57
C ILE F 155 19.02 38.61 22.50
N ASN F 156 18.92 37.55 21.70
CA ASN F 156 17.87 37.40 20.71
C ASN F 156 17.02 36.19 21.08
N LEU F 157 15.70 36.34 20.98
CA LEU F 157 14.78 35.30 21.39
C LEU F 157 14.58 34.31 20.24
N THR F 158 14.91 33.05 20.49
CA THR F 158 14.79 31.99 19.49
C THR F 158 14.31 30.73 20.19
N GLY F 159 13.15 30.24 19.81
CA GLY F 159 12.58 29.11 20.51
C GLY F 159 11.63 28.29 19.65
N SER F 160 11.09 27.26 20.28
CA SER F 160 10.29 26.24 19.61
C SER F 160 9.19 25.80 20.54
N PHE F 161 7.93 25.93 20.10
CA PHE F 161 6.81 25.56 20.94
C PHE F 161 5.80 24.73 20.16
N TYR F 162 5.17 23.79 20.85
CA TYR F 162 4.19 22.90 20.23
C TYR F 162 2.79 23.48 20.38
N LEU F 163 1.96 23.20 19.38
CA LEU F 163 0.54 23.51 19.40
C LEU F 163 -0.22 22.28 18.91
N PRO F 164 -1.50 22.15 19.23
CA PRO F 164 -2.28 21.04 18.69
C PRO F 164 -2.50 21.16 17.19
N LYS F 165 -2.94 20.05 16.59
CA LYS F 165 -3.06 19.99 15.14
C LYS F 165 -4.24 20.79 14.62
N ASN F 166 -5.33 20.88 15.40
CA ASN F 166 -6.54 21.57 14.98
C ASN F 166 -6.33 23.08 15.03
N ILE F 167 -5.69 23.60 13.99
CA ILE F 167 -5.42 25.02 13.83
C ILE F 167 -6.01 25.49 12.52
N GLU F 168 -6.26 26.80 12.44
CA GLU F 168 -6.78 27.42 11.23
C GLU F 168 -6.26 28.85 11.16
N THR F 169 -5.25 29.07 10.31
CA THR F 169 -4.66 30.40 10.18
C THR F 169 -5.52 31.35 9.38
N GLY F 170 -6.45 30.84 8.58
CA GLY F 170 -7.33 31.68 7.79
C GLY F 170 -8.55 32.17 8.56
N SER F 185 7.54 37.52 8.25
CA SER F 185 7.15 36.96 9.54
C SER F 185 8.33 36.26 10.21
N SER F 186 8.25 36.12 11.53
CA SER F 186 9.31 35.47 12.30
C SER F 186 8.91 34.10 12.83
N ILE F 187 7.63 33.84 13.06
CA ILE F 187 7.14 32.54 13.48
C ILE F 187 6.80 31.74 12.23
N VAL F 188 7.45 30.59 12.08
CA VAL F 188 7.24 29.72 10.94
C VAL F 188 6.75 28.36 11.42
N GLU F 189 6.08 27.64 10.53
CA GLU F 189 5.73 26.26 10.74
C GLU F 189 6.95 25.38 10.47
N VAL F 190 6.82 24.09 10.71
CA VAL F 190 7.90 23.16 10.39
C VAL F 190 7.38 22.15 9.38
N GLY F 191 8.32 21.57 8.64
CA GLY F 191 8.06 20.39 7.82
C GLY F 191 8.80 19.21 8.44
N PHE F 192 8.19 18.03 8.35
CA PHE F 192 8.68 16.78 8.92
C PHE F 192 8.88 16.92 10.44
N ASN F 193 7.75 17.11 11.11
CA ASN F 193 7.75 17.14 12.57
C ASN F 193 7.93 15.73 13.13
N VAL F 194 8.41 15.66 14.38
CA VAL F 194 8.67 14.36 14.99
C VAL F 194 7.48 13.87 15.82
N VAL F 195 6.57 14.76 16.20
CA VAL F 195 5.43 14.38 17.03
C VAL F 195 4.26 14.00 16.11
N PRO F 196 3.61 12.85 16.36
CA PRO F 196 2.48 12.44 15.52
C PRO F 196 1.27 13.35 15.60
N ASP F 197 1.00 13.94 16.77
CA ASP F 197 -0.23 14.68 16.99
C ASP F 197 -0.06 16.19 16.90
N PHE F 198 1.09 16.72 17.33
CA PHE F 198 1.25 18.15 17.52
C PHE F 198 2.12 18.76 16.43
N GLN F 199 1.98 20.08 16.27
CA GLN F 199 2.70 20.85 15.28
C GLN F 199 3.71 21.75 15.98
N GLN F 200 4.96 21.69 15.53
CA GLN F 200 6.04 22.49 16.07
C GLN F 200 6.10 23.85 15.36
N PHE F 201 6.28 24.92 16.15
CA PHE F 201 6.35 26.27 15.62
C PHE F 201 7.64 26.93 16.10
N GLN F 202 8.29 27.64 15.18
CA GLN F 202 9.63 28.18 15.39
C GLN F 202 9.59 29.71 15.39
N VAL F 203 10.29 30.30 16.36
CA VAL F 203 10.60 31.73 16.33
C VAL F 203 12.12 31.86 16.41
N LYS F 204 12.67 32.84 15.70
CA LYS F 204 14.13 32.98 15.63
C LYS F 204 14.53 34.45 15.61
N ALA F 205 15.50 34.79 16.46
CA ALA F 205 16.34 35.99 16.37
C ALA F 205 15.54 37.29 16.37
N CYS F 206 14.88 37.55 17.49
CA CYS F 206 14.02 38.72 17.62
C CYS F 206 14.38 39.50 18.87
N HIS F 207 13.98 40.77 18.89
CA HIS F 207 14.05 41.61 20.08
C HIS F 207 12.80 41.36 20.92
N VAL F 208 12.56 42.22 21.92
CA VAL F 208 11.41 42.02 22.80
C VAL F 208 10.13 42.47 22.10
N SER F 209 10.15 43.67 21.51
CA SER F 209 8.95 44.22 20.88
C SER F 209 8.57 43.45 19.62
N LYS F 210 9.57 42.97 18.86
CA LYS F 210 9.28 42.13 17.71
C LYS F 210 8.71 40.79 18.12
N PHE F 211 9.16 40.25 19.25
CA PHE F 211 8.60 39.01 19.79
C PHE F 211 7.15 39.19 20.20
N MET F 212 6.85 40.31 20.89
CA MET F 212 5.48 40.62 21.29
C MET F 212 4.57 40.78 20.08
N ASN F 213 5.01 41.57 19.09
CA ASN F 213 4.18 41.84 17.91
C ASN F 213 3.99 40.59 17.07
N GLU F 214 5.02 39.74 16.97
CA GLU F 214 4.91 38.55 16.15
C GLU F 214 4.05 37.49 16.81
N LEU F 215 4.18 37.32 18.13
CA LEU F 215 3.31 36.38 18.84
C LEU F 215 1.86 36.85 18.84
N SER F 216 1.62 38.16 18.92
CA SER F 216 0.25 38.65 18.88
C SER F 216 -0.34 38.53 17.48
N ASN F 217 0.47 38.76 16.44
CA ASN F 217 -0.01 38.60 15.08
C ASN F 217 -0.22 37.12 14.74
N PHE F 218 0.52 36.23 15.41
CA PHE F 218 0.31 34.80 15.21
C PHE F 218 -0.96 34.31 15.89
N PHE F 219 -1.17 34.70 17.15
CA PHE F 219 -2.38 34.26 17.86
C PHE F 219 -3.63 35.05 17.49
N SER F 220 -3.50 36.16 16.76
CA SER F 220 -4.69 36.84 16.27
C SER F 220 -5.26 36.21 15.01
N GLN F 221 -4.48 35.39 14.31
CA GLN F 221 -4.93 34.75 13.09
C GLN F 221 -5.30 33.29 13.27
N VAL F 222 -4.65 32.59 14.18
CA VAL F 222 -4.89 31.16 14.37
C VAL F 222 -6.18 30.97 15.17
N GLU F 223 -6.87 29.85 14.92
CA GLU F 223 -8.13 29.54 15.58
C GLU F 223 -8.04 28.13 16.15
N PHE F 224 -8.07 28.02 17.47
CA PHE F 224 -8.00 26.74 18.16
C PHE F 224 -9.40 26.17 18.37
N GLY F 225 -9.46 24.98 18.96
CA GLY F 225 -10.75 24.41 19.32
C GLY F 225 -10.76 22.91 19.50
N LYS F 226 -11.53 22.45 20.50
CA LYS F 226 -11.86 21.04 20.74
C LYS F 226 -10.61 20.18 20.97
N CYS F 227 -9.90 20.49 22.04
CA CYS F 227 -8.73 19.71 22.43
C CYS F 227 -9.13 18.51 23.27
N GLU F 228 -8.30 17.47 23.23
CA GLU F 228 -8.56 16.27 24.00
C GLU F 228 -8.17 16.51 25.46
N ALA F 229 -8.84 15.80 26.37
CA ALA F 229 -8.75 16.09 27.80
C ALA F 229 -7.38 15.77 28.39
N ASN F 230 -6.99 14.50 28.40
CA ASN F 230 -5.67 14.11 28.89
C ASN F 230 -4.69 13.93 27.73
N VAL F 231 -4.58 14.99 26.92
CA VAL F 231 -3.64 14.96 25.80
C VAL F 231 -2.23 15.29 26.30
N ILE F 232 -2.11 15.85 27.50
CA ILE F 232 -0.81 16.19 28.07
C ILE F 232 -0.03 14.92 28.41
N ASN F 233 -0.69 13.94 29.03
CA ASN F 233 -0.03 12.67 29.34
C ASN F 233 0.27 11.88 28.08
N TYR F 234 -0.58 12.02 27.06
CA TYR F 234 -0.31 11.40 25.76
C TYR F 234 0.95 11.98 25.13
N PHE F 235 1.10 13.30 25.18
CA PHE F 235 2.31 13.94 24.66
C PHE F 235 3.53 13.59 25.50
N LYS F 236 3.36 13.43 26.82
CA LYS F 236 4.47 13.02 27.69
C LYS F 236 4.95 11.63 27.32
N ARG F 237 4.02 10.68 27.15
CA ARG F 237 4.39 9.31 26.81
C ARG F 237 5.01 9.22 25.42
N GLU F 238 4.48 9.99 24.45
CA GLU F 238 5.02 9.96 23.10
C GLU F 238 6.39 10.63 23.03
N TYR F 239 6.58 11.72 23.78
CA TYR F 239 7.85 12.42 23.81
C TYR F 239 8.93 11.57 24.47
N ASN F 240 8.58 10.92 25.57
CA ASN F 240 9.50 10.01 26.25
C ASN F 240 9.82 8.80 25.38
N ARG F 241 8.84 8.29 24.64
CA ARG F 241 9.06 7.15 23.76
C ARG F 241 10.00 7.50 22.62
N THR F 242 9.80 8.67 21.99
CA THR F 242 10.64 9.08 20.87
C THR F 242 12.07 9.36 21.31
N TYR F 243 12.24 10.08 22.42
CA TYR F 243 13.61 10.35 22.84
C TYR F 243 14.27 9.15 23.52
N SER F 244 13.51 8.20 24.04
CA SER F 244 14.10 6.93 24.45
C SER F 244 14.53 6.11 23.24
N GLN F 245 13.81 6.21 22.12
CA GLN F 245 14.25 5.57 20.90
C GLN F 245 15.55 6.17 20.37
N ILE F 246 15.68 7.50 20.40
CA ILE F 246 16.94 8.05 19.88
C ILE F 246 18.08 7.85 20.89
N SER F 247 17.77 7.76 22.19
CA SER F 247 18.80 7.42 23.16
C SER F 247 19.26 5.97 22.99
N LEU F 248 18.34 5.07 22.66
CA LEU F 248 18.71 3.70 22.34
C LEU F 248 19.50 3.63 21.04
N ALA F 249 19.19 4.52 20.09
CA ALA F 249 19.96 4.58 18.85
C ALA F 249 21.39 5.05 19.11
N LEU F 250 21.56 6.01 20.02
CA LEU F 250 22.92 6.38 20.44
C LEU F 250 23.58 5.28 21.25
N TYR F 251 22.81 4.47 21.96
CA TYR F 251 23.35 3.29 22.62
C TYR F 251 23.77 2.20 21.64
N GLU F 252 23.21 2.18 20.44
CA GLU F 252 23.61 1.23 19.40
C GLU F 252 24.88 1.64 18.67
N LEU F 253 25.46 2.80 19.00
CA LEU F 253 26.61 3.33 18.27
C LEU F 253 27.91 2.56 18.51
N PRO F 254 28.27 2.11 19.72
CA PRO F 254 29.45 1.22 19.82
C PRO F 254 29.19 -0.20 19.37
N LEU F 255 27.94 -0.60 19.16
CA LEU F 255 27.61 -1.98 18.83
C LEU F 255 27.51 -2.23 17.33
N ILE F 256 28.25 -1.46 16.53
CA ILE F 256 28.19 -1.63 15.07
C ILE F 256 29.04 -2.82 14.64
N GLY F 257 30.34 -2.78 14.92
CA GLY F 257 31.24 -3.83 14.52
C GLY F 257 31.19 -5.05 15.42
N ASP F 258 30.86 -6.22 14.83
CA ASP F 258 30.87 -7.56 15.40
C ASP F 258 29.80 -7.77 16.48
N GLY F 259 29.00 -6.75 16.79
CA GLY F 259 28.05 -6.86 17.88
C GLY F 259 26.77 -7.60 17.56
N LEU F 260 25.95 -7.04 16.67
CA LEU F 260 24.59 -7.54 16.49
C LEU F 260 24.16 -7.55 15.02
N PHE F 261 25.10 -7.67 14.09
CA PHE F 261 24.79 -7.66 12.67
C PHE F 261 24.93 -9.02 12.00
N ASP F 262 25.28 -10.07 12.76
CA ASP F 262 25.57 -11.42 12.25
C ASP F 262 26.67 -11.38 11.18
N ILE F 263 27.85 -10.98 11.64
CA ILE F 263 29.00 -10.77 10.76
C ILE F 263 29.49 -12.10 10.19
N LYS F 264 29.31 -13.20 10.93
CA LYS F 264 29.82 -14.51 10.51
C LYS F 264 29.13 -15.01 9.24
N SER F 265 27.86 -14.68 9.05
CA SER F 265 27.19 -14.97 7.78
C SER F 265 27.30 -13.84 6.78
N TYR F 266 27.47 -12.61 7.24
CA TYR F 266 27.51 -11.45 6.35
C TYR F 266 28.82 -11.36 5.58
N ILE F 267 29.92 -11.89 6.15
CA ILE F 267 31.17 -11.95 5.40
C ILE F 267 31.06 -12.94 4.26
N SER F 268 30.56 -14.14 4.55
CA SER F 268 30.43 -15.19 3.53
C SER F 268 29.32 -14.88 2.53
N LYS F 269 28.36 -14.02 2.88
CA LYS F 269 27.32 -13.66 1.94
C LYS F 269 27.82 -12.67 0.89
N THR F 270 28.82 -11.86 1.24
CA THR F 270 29.34 -10.82 0.33
C THR F 270 30.80 -11.04 -0.02
N ARG F 271 31.34 -12.25 0.17
CA ARG F 271 32.75 -12.47 -0.15
C ARG F 271 33.02 -12.63 -1.66
N PRO F 272 32.24 -13.39 -2.46
CA PRO F 272 32.49 -13.34 -3.90
C PRO F 272 32.00 -12.07 -4.55
N ILE F 273 31.03 -11.38 -3.96
CA ILE F 273 30.37 -10.27 -4.64
C ILE F 273 31.27 -9.05 -4.69
N ILE F 274 31.93 -8.74 -3.57
CA ILE F 274 32.88 -7.62 -3.53
C ILE F 274 34.10 -7.93 -4.39
N GLU F 275 34.49 -9.20 -4.49
CA GLU F 275 35.60 -9.59 -5.36
C GLU F 275 35.26 -9.38 -6.83
N THR F 276 34.04 -9.78 -7.25
CA THR F 276 33.60 -9.56 -8.62
C THR F 276 33.41 -8.06 -8.90
N SER F 277 32.94 -7.30 -7.92
CA SER F 277 32.81 -5.85 -8.11
C SER F 277 34.17 -5.19 -8.24
N LYS F 278 35.16 -5.66 -7.47
CA LYS F 278 36.53 -5.15 -7.60
C LYS F 278 37.14 -5.51 -8.94
N ALA F 279 36.84 -6.71 -9.44
CA ALA F 279 37.29 -7.09 -10.78
C ALA F 279 36.63 -6.23 -11.86
N GLN F 280 35.35 -5.88 -11.67
CA GLN F 280 34.67 -4.96 -12.58
C GLN F 280 35.27 -3.56 -12.52
N MET F 281 35.69 -3.12 -11.33
CA MET F 281 36.34 -1.81 -11.21
C MET F 281 37.71 -1.80 -11.87
N ILE F 282 38.48 -2.90 -11.74
CA ILE F 282 39.77 -3.00 -12.40
C ILE F 282 39.60 -3.04 -13.91
N LYS F 283 38.58 -3.76 -14.39
CA LYS F 283 38.27 -3.76 -15.82
C LYS F 283 37.83 -2.39 -16.30
N HIS F 284 37.11 -1.63 -15.45
CA HIS F 284 36.71 -0.28 -15.80
C HIS F 284 37.91 0.66 -15.89
N ILE F 285 38.87 0.51 -14.98
CA ILE F 285 40.07 1.34 -15.02
C ILE F 285 40.93 1.00 -16.25
N SER F 286 41.04 -0.29 -16.57
CA SER F 286 41.81 -0.70 -17.74
C SER F 286 41.14 -0.26 -19.04
N GLU F 287 39.81 -0.33 -19.10
CA GLU F 287 39.09 0.12 -20.28
C GLU F 287 39.11 1.64 -20.41
N MET F 288 39.14 2.35 -19.28
CA MET F 288 39.31 3.81 -19.33
C MET F 288 40.70 4.20 -19.79
N LYS F 289 41.71 3.43 -19.38
CA LYS F 289 43.08 3.69 -19.82
C LYS F 289 43.24 3.39 -21.31
N ALA F 290 42.56 2.35 -21.80
CA ALA F 290 42.57 2.06 -23.23
C ALA F 290 41.75 3.10 -24.01
N TYR F 291 40.75 3.70 -23.36
CA TYR F 291 39.94 4.71 -24.03
C TYR F 291 40.64 6.07 -24.10
N ASN F 292 41.43 6.42 -23.10
CA ASN F 292 42.15 7.68 -23.10
C ASN F 292 43.51 7.62 -23.78
N GLU F 293 43.96 6.43 -24.19
CA GLU F 293 45.26 6.28 -24.83
C GLU F 293 45.17 6.68 -26.29
N ILE F 294 46.13 7.51 -26.74
CA ILE F 294 46.19 7.88 -28.14
C ILE F 294 46.80 6.75 -28.97
N SER F 295 48.01 6.35 -28.61
CA SER F 295 48.79 5.26 -29.24
C SER F 295 48.97 5.43 -30.75
N SER G 2 -62.88 49.48 -5.37
CA SER G 2 -61.44 49.36 -5.22
C SER G 2 -60.93 48.05 -5.81
N ALA G 3 -60.97 47.97 -7.14
CA ALA G 3 -60.56 46.77 -7.86
C ALA G 3 -59.32 47.06 -8.69
N LEU G 4 -58.43 46.08 -8.74
CA LEU G 4 -57.18 46.16 -9.49
C LEU G 4 -57.13 45.04 -10.51
N TYR G 5 -56.86 45.41 -11.76
CA TYR G 5 -56.76 44.49 -12.88
C TYR G 5 -55.32 43.97 -12.96
N PHE G 6 -55.15 42.68 -12.72
CA PHE G 6 -53.86 42.01 -12.87
C PHE G 6 -53.83 41.26 -14.19
N GLN G 7 -52.82 41.56 -15.01
CA GLN G 7 -52.70 41.05 -16.36
C GLN G 7 -51.39 40.29 -16.48
N ASN G 8 -51.38 39.31 -17.40
CA ASN G 8 -50.29 38.34 -17.61
C ASN G 8 -50.04 37.54 -16.33
N LEU G 9 -51.05 36.75 -15.97
CA LEU G 9 -51.17 35.79 -14.89
C LEU G 9 -51.13 34.37 -15.45
N PRO G 10 -50.73 33.37 -14.66
CA PRO G 10 -50.73 31.99 -15.17
C PRO G 10 -52.13 31.47 -15.46
N SER G 11 -52.22 30.64 -16.50
CA SER G 11 -53.50 30.37 -17.14
C SER G 11 -54.30 29.28 -16.40
N ARG G 12 -53.79 28.05 -16.37
CA ARG G 12 -54.61 26.90 -16.00
C ARG G 12 -54.13 26.16 -14.76
N PRO G 13 -54.41 26.68 -13.55
CA PRO G 13 -54.71 25.77 -12.44
C PRO G 13 -56.20 25.49 -12.43
N ALA G 14 -56.61 24.22 -12.38
CA ALA G 14 -58.02 23.89 -12.61
C ALA G 14 -58.89 24.22 -11.41
N ASN G 15 -58.30 24.34 -10.22
CA ASN G 15 -59.07 24.72 -9.03
C ASN G 15 -58.88 26.21 -8.77
N LYS G 16 -59.94 26.83 -8.24
CA LYS G 16 -59.91 28.27 -7.98
C LYS G 16 -59.24 28.59 -6.65
N GLU G 17 -59.53 27.80 -5.61
CA GLU G 17 -58.96 28.08 -4.29
C GLU G 17 -57.47 27.75 -4.24
N ASN G 18 -57.01 26.81 -5.06
CA ASN G 18 -55.57 26.56 -5.15
C ASN G 18 -54.85 27.73 -5.81
N TYR G 19 -55.47 28.35 -6.81
CA TYR G 19 -54.90 29.56 -7.39
C TYR G 19 -54.96 30.73 -6.42
N THR G 20 -55.99 30.76 -5.55
CA THR G 20 -56.05 31.77 -4.50
C THR G 20 -54.91 31.59 -3.50
N ARG G 21 -54.64 30.34 -3.09
CA ARG G 21 -53.51 30.05 -2.21
C ARG G 21 -52.18 30.39 -2.88
N LEU G 22 -52.07 30.11 -4.18
CA LEU G 22 -50.86 30.44 -4.94
C LEU G 22 -50.64 31.95 -5.01
N LEU G 23 -51.71 32.71 -5.23
CA LEU G 23 -51.58 34.16 -5.35
C LEU G 23 -51.27 34.79 -4.01
N LEU G 24 -51.93 34.33 -2.94
CA LEU G 24 -51.59 34.84 -1.61
C LEU G 24 -50.23 34.36 -1.11
N LYS G 25 -49.69 33.29 -1.70
CA LYS G 25 -48.32 32.91 -1.41
C LYS G 25 -47.33 33.81 -2.15
N HIS G 26 -47.65 34.18 -3.39
CA HIS G 26 -46.73 34.96 -4.20
C HIS G 26 -46.83 36.47 -3.98
N ILE G 27 -47.88 36.96 -3.32
CA ILE G 27 -47.89 38.37 -2.90
C ILE G 27 -46.90 38.59 -1.77
N ASN G 28 -47.04 37.84 -0.68
CA ASN G 28 -46.15 37.94 0.46
C ASN G 28 -45.78 36.56 1.00
N PRO G 29 -44.50 36.27 1.16
CA PRO G 29 -44.09 35.00 1.77
C PRO G 29 -44.43 34.96 3.26
N ASN G 30 -44.48 33.74 3.79
CA ASN G 30 -44.74 33.44 5.19
C ASN G 30 -46.07 34.01 5.69
N ASN G 31 -47.09 33.98 4.83
CA ASN G 31 -48.41 34.42 5.24
C ASN G 31 -49.07 33.39 6.15
N LYS G 32 -50.13 33.83 6.85
CA LYS G 32 -50.80 32.95 7.78
C LYS G 32 -51.60 31.87 7.07
N TYR G 33 -52.28 32.23 5.98
CA TYR G 33 -53.11 31.31 5.23
C TYR G 33 -52.36 30.60 4.11
N ALA G 34 -51.16 31.07 3.75
CA ALA G 34 -50.40 30.46 2.67
C ALA G 34 -49.46 29.36 3.15
N ILE G 35 -48.98 29.44 4.39
CA ILE G 35 -48.05 28.44 4.89
C ILE G 35 -48.78 27.17 5.33
N ASN G 36 -50.08 27.24 5.57
CA ASN G 36 -50.86 26.11 6.09
C ASN G 36 -51.92 25.71 5.09
N PRO G 37 -51.72 24.62 4.33
CA PRO G 37 -52.79 24.11 3.47
C PRO G 37 -53.90 23.43 4.26
N SER G 38 -54.92 22.94 3.54
CA SER G 38 -56.13 22.32 4.09
C SER G 38 -56.83 23.25 5.09
N LEU G 39 -56.91 24.53 4.74
CA LEU G 39 -57.54 25.55 5.55
C LEU G 39 -58.80 26.02 4.84
N PRO G 40 -59.95 26.09 5.50
CA PRO G 40 -61.18 26.54 4.84
C PRO G 40 -61.13 28.03 4.54
N LEU G 41 -61.28 28.37 3.26
CA LEU G 41 -61.22 29.76 2.83
C LEU G 41 -62.49 30.49 3.24
N PRO G 42 -62.40 31.58 4.00
CA PRO G 42 -63.61 32.31 4.40
C PRO G 42 -64.20 33.11 3.23
N HIS G 43 -65.52 33.08 3.11
CA HIS G 43 -66.22 33.83 2.08
C HIS G 43 -66.73 35.14 2.66
N ASN G 44 -66.61 36.21 1.86
CA ASN G 44 -67.03 37.55 2.27
C ASN G 44 -68.23 37.97 1.42
N LYS G 45 -69.40 38.04 2.05
CA LYS G 45 -70.61 38.46 1.37
C LYS G 45 -70.81 39.96 1.52
N LEU G 46 -71.82 40.48 0.82
CA LEU G 46 -72.14 41.89 0.87
C LEU G 46 -72.92 42.24 2.13
N LEU G 55 -64.60 40.16 6.99
CA LEU G 55 -63.48 39.45 7.59
C LEU G 55 -62.20 39.71 6.80
N LEU G 56 -61.18 40.21 7.47
CA LEU G 56 -59.89 40.46 6.82
C LEU G 56 -59.17 39.13 6.56
N ASP G 57 -58.77 38.92 5.31
CA ASP G 57 -58.20 37.63 4.92
C ASP G 57 -56.68 37.65 4.82
N ASP G 58 -56.09 38.78 4.46
CA ASP G 58 -54.64 38.83 4.28
C ASP G 58 -54.15 40.22 4.69
N GLN G 59 -52.88 40.29 5.08
CA GLN G 59 -52.23 41.52 5.52
C GLN G 59 -51.95 42.40 4.29
N MET G 60 -51.52 43.65 4.56
CA MET G 60 -51.31 44.71 3.56
C MET G 60 -52.60 45.04 2.81
N GLY G 61 -53.73 44.90 3.50
CA GLY G 61 -55.03 45.29 2.97
C GLY G 61 -55.60 44.40 1.88
N LEU G 62 -54.92 43.33 1.51
CA LEU G 62 -55.39 42.43 0.45
C LEU G 62 -56.60 41.66 0.97
N LEU G 63 -57.79 42.05 0.50
CA LEU G 63 -59.00 41.44 1.03
C LEU G 63 -59.33 40.14 0.30
N GLU G 64 -59.56 40.20 -1.02
CA GLU G 64 -59.84 38.97 -1.75
C GLU G 64 -59.50 39.14 -3.22
N VAL G 65 -59.63 38.05 -3.96
CA VAL G 65 -59.33 38.01 -5.38
C VAL G 65 -60.60 37.62 -6.13
N SER G 66 -60.52 37.64 -7.46
CA SER G 66 -61.63 37.23 -8.31
C SER G 66 -61.09 36.81 -9.66
N ILE G 67 -61.30 35.53 -9.99
CA ILE G 67 -60.92 34.96 -11.27
C ILE G 67 -62.19 34.44 -11.94
N SER G 68 -62.03 33.98 -13.18
CA SER G 68 -63.15 33.41 -13.92
C SER G 68 -62.60 32.45 -14.97
N ARG G 69 -63.48 31.59 -15.48
CA ARG G 69 -63.13 30.62 -16.50
C ARG G 69 -63.67 30.99 -17.87
N SER G 70 -63.99 32.27 -18.09
CA SER G 70 -64.46 32.71 -19.39
C SER G 70 -63.31 32.71 -20.41
N SER G 71 -63.66 32.41 -21.66
CA SER G 71 -62.64 32.19 -22.68
C SER G 71 -61.96 33.49 -23.14
N LYS G 72 -62.54 34.65 -22.84
CA LYS G 72 -61.97 35.91 -23.31
C LYS G 72 -60.89 36.46 -22.39
N MET G 73 -60.90 36.10 -21.11
CA MET G 73 -59.94 36.62 -20.15
C MET G 73 -59.42 35.49 -19.26
N THR G 74 -58.94 34.42 -19.91
CA THR G 74 -58.42 33.25 -19.20
C THR G 74 -57.21 33.58 -18.34
N ASN G 75 -56.33 34.44 -18.85
CA ASN G 75 -55.12 34.80 -18.11
C ASN G 75 -55.41 35.79 -17.00
N GLN G 76 -55.88 36.98 -17.36
CA GLN G 76 -55.98 38.10 -16.44
C GLN G 76 -57.11 37.91 -15.42
N ALA G 77 -57.00 38.60 -14.29
CA ALA G 77 -57.99 38.51 -13.24
C ALA G 77 -58.02 39.82 -12.47
N PHE G 78 -58.73 39.83 -11.34
CA PHE G 78 -58.91 41.04 -10.55
C PHE G 78 -58.66 40.75 -9.08
N LEU G 79 -58.35 41.81 -8.33
CA LEU G 79 -58.19 41.71 -6.89
C LEU G 79 -58.86 42.93 -6.26
N THR G 80 -59.35 42.77 -5.03
CA THR G 80 -59.91 43.91 -4.34
C THR G 80 -59.42 43.96 -2.90
N PHE G 81 -59.32 45.19 -2.40
CA PHE G 81 -58.69 45.60 -1.16
C PHE G 81 -59.74 46.16 -0.22
N VAL G 82 -59.28 46.75 0.88
CA VAL G 82 -60.19 47.40 1.82
C VAL G 82 -60.69 48.72 1.26
N THR G 83 -59.79 49.60 0.85
CA THR G 83 -60.15 50.93 0.38
C THR G 83 -59.13 51.38 -0.66
N GLN G 84 -59.24 52.66 -1.08
CA GLN G 84 -58.32 53.22 -2.05
C GLN G 84 -56.93 53.45 -1.47
N GLU G 85 -56.85 53.59 -0.14
CA GLU G 85 -55.56 53.84 0.51
C GLU G 85 -54.67 52.60 0.44
N GLU G 86 -55.26 51.40 0.52
CA GLU G 86 -54.47 50.18 0.38
C GLU G 86 -53.98 49.99 -1.05
N ALA G 87 -54.78 50.40 -2.05
CA ALA G 87 -54.32 50.34 -3.43
C ALA G 87 -53.21 51.35 -3.70
N ASP G 88 -53.33 52.54 -3.12
CA ASP G 88 -52.27 53.53 -3.25
C ASP G 88 -50.99 53.08 -2.53
N ARG G 89 -51.14 52.38 -1.40
CA ARG G 89 -49.97 51.82 -0.72
C ARG G 89 -49.35 50.67 -1.52
N PHE G 90 -50.19 49.90 -2.23
CA PHE G 90 -49.70 48.84 -3.12
C PHE G 90 -48.85 49.43 -4.25
N LEU G 91 -49.40 50.44 -4.94
CA LEU G 91 -48.69 51.04 -6.07
C LEU G 91 -47.56 51.96 -5.61
N GLU G 92 -47.53 52.34 -4.34
CA GLU G 92 -46.38 53.07 -3.80
C GLU G 92 -45.31 52.16 -3.25
N LYS G 93 -45.66 50.93 -2.88
CA LYS G 93 -44.68 49.95 -2.43
C LYS G 93 -43.99 49.26 -3.59
N TYR G 94 -44.74 48.97 -4.67
CA TYR G 94 -44.09 48.33 -5.82
C TYR G 94 -43.49 49.36 -6.77
N THR G 95 -44.31 50.33 -7.22
CA THR G 95 -43.90 51.50 -8.01
C THR G 95 -43.20 51.08 -9.31
N THR G 96 -44.00 50.44 -10.17
CA THR G 96 -43.60 49.94 -11.49
C THR G 96 -42.46 48.92 -11.35
N THR G 97 -42.78 47.80 -10.73
CA THR G 97 -41.84 46.71 -10.51
C THR G 97 -42.59 45.40 -10.69
N ALA G 98 -42.08 44.55 -11.58
CA ALA G 98 -42.76 43.31 -11.93
C ALA G 98 -42.64 42.30 -10.78
N LEU G 99 -43.75 42.06 -10.09
CA LEU G 99 -43.79 41.07 -9.04
C LEU G 99 -43.86 39.67 -9.64
N LYS G 100 -43.15 38.72 -9.03
CA LYS G 100 -42.95 37.40 -9.61
C LYS G 100 -44.06 36.44 -9.19
N VAL G 101 -44.52 35.64 -10.15
CA VAL G 101 -45.43 34.52 -9.95
C VAL G 101 -44.77 33.32 -10.63
N GLN G 102 -45.53 32.23 -10.79
CA GLN G 102 -45.10 30.89 -11.23
C GLN G 102 -44.00 30.82 -12.28
N GLY G 103 -44.14 31.54 -13.39
CA GLY G 103 -43.00 31.70 -14.26
C GLY G 103 -42.85 33.07 -14.90
N ARG G 104 -43.87 33.91 -14.76
CA ARG G 104 -44.02 35.11 -15.59
C ARG G 104 -44.05 36.37 -14.74
N LYS G 105 -43.94 37.50 -15.43
CA LYS G 105 -44.00 38.81 -14.79
C LYS G 105 -45.38 39.41 -14.98
N VAL G 106 -46.02 39.80 -13.87
CA VAL G 106 -47.38 40.34 -13.93
C VAL G 106 -47.32 41.84 -14.18
N ARG G 107 -48.47 42.42 -14.55
CA ARG G 107 -48.61 43.87 -14.60
C ARG G 107 -49.95 44.26 -14.00
N MET G 108 -49.95 45.28 -13.16
CA MET G 108 -51.14 45.69 -12.43
C MET G 108 -51.62 47.04 -12.93
N GLY G 109 -52.93 47.27 -12.79
CA GLY G 109 -53.50 48.55 -13.14
C GLY G 109 -54.80 48.78 -12.40
N LYS G 110 -55.24 50.04 -12.42
CA LYS G 110 -56.54 50.40 -11.87
C LYS G 110 -57.62 50.14 -12.91
N ALA G 111 -58.58 49.31 -12.57
CA ALA G 111 -59.62 48.92 -13.51
C ALA G 111 -60.60 50.06 -13.73
N ARG G 112 -61.21 50.07 -14.91
CA ARG G 112 -62.20 51.09 -15.25
C ARG G 112 -63.52 50.88 -14.51
N THR G 113 -63.77 49.67 -14.01
CA THR G 113 -64.96 49.37 -13.23
C THR G 113 -64.54 48.67 -11.96
N ASN G 114 -64.90 49.24 -10.81
CA ASN G 114 -64.55 48.66 -9.54
C ASN G 114 -65.41 47.42 -9.23
N SER G 115 -65.04 46.72 -8.18
CA SER G 115 -65.68 45.46 -7.84
C SER G 115 -67.06 45.70 -7.23
N LEU G 116 -67.89 44.65 -7.27
CA LEU G 116 -69.19 44.71 -6.62
C LEU G 116 -69.05 44.70 -5.11
N LEU G 117 -67.99 44.06 -4.59
CA LEU G 117 -67.67 44.17 -3.18
C LEU G 117 -67.21 45.58 -2.84
N GLY G 118 -66.57 46.27 -3.80
CA GLY G 118 -66.27 47.68 -3.61
C GLY G 118 -67.52 48.54 -3.51
N LEU G 119 -68.55 48.19 -4.28
CA LEU G 119 -69.85 48.84 -4.13
C LEU G 119 -70.49 48.51 -2.79
N SER G 120 -70.30 47.29 -2.29
CA SER G 120 -70.80 46.93 -0.97
C SER G 120 -70.09 47.69 0.15
N ILE G 121 -68.80 47.98 -0.04
CA ILE G 121 -68.07 48.78 0.94
C ILE G 121 -68.49 50.24 0.87
N GLU G 122 -68.57 50.80 -0.35
CA GLU G 122 -68.80 52.23 -0.49
C GLU G 122 -70.25 52.63 -0.21
N MET G 123 -71.22 51.80 -0.61
CA MET G 123 -72.62 52.18 -0.44
C MET G 123 -73.09 52.01 1.01
N GLN G 124 -72.39 51.20 1.80
CA GLN G 124 -72.74 51.00 3.20
C GLN G 124 -71.95 51.91 4.14
N LYS G 125 -71.42 53.02 3.63
CA LYS G 125 -70.68 53.96 4.45
C LYS G 125 -71.64 54.80 5.29
N TYR G 133 -77.41 48.75 -3.38
CA TYR G 133 -77.76 47.44 -3.93
C TYR G 133 -78.45 47.59 -5.27
N ASN G 134 -78.51 48.83 -5.77
CA ASN G 134 -79.16 49.09 -7.05
C ASN G 134 -78.31 48.65 -8.23
N LEU G 135 -76.98 48.68 -8.08
CA LEU G 135 -76.10 48.31 -9.19
C LEU G 135 -76.14 46.81 -9.47
N ASP G 136 -76.40 46.01 -8.44
CA ASP G 136 -76.62 44.58 -8.65
C ASP G 136 -77.90 44.34 -9.46
N ILE G 137 -78.94 45.13 -9.19
CA ILE G 137 -80.19 45.04 -9.95
C ILE G 137 -79.96 45.47 -11.40
N LYS G 138 -79.14 46.52 -11.59
CA LYS G 138 -78.80 46.95 -12.95
C LYS G 138 -77.99 45.90 -13.70
N LYS G 139 -77.09 45.20 -13.00
CA LYS G 139 -76.34 44.12 -13.65
C LYS G 139 -77.22 42.92 -13.97
N VAL G 140 -78.22 42.63 -13.13
CA VAL G 140 -79.18 41.58 -13.44
C VAL G 140 -80.01 41.96 -14.66
N LEU G 141 -80.39 43.24 -14.77
CA LEU G 141 -81.15 43.68 -15.94
C LEU G 141 -80.29 43.66 -17.21
N LYS G 142 -79.00 43.99 -17.08
CA LYS G 142 -78.09 43.91 -18.23
C LYS G 142 -77.88 42.46 -18.66
N ALA G 143 -77.78 41.53 -17.71
CA ALA G 143 -77.68 40.12 -18.05
C ALA G 143 -78.96 39.60 -18.68
N ARG G 144 -80.12 40.11 -18.25
CA ARG G 144 -81.38 39.73 -18.86
C ARG G 144 -81.48 40.27 -20.28
N LYS G 145 -80.96 41.47 -20.53
CA LYS G 145 -80.94 42.00 -21.89
C LYS G 145 -79.95 41.26 -22.78
N LEU G 146 -78.83 40.82 -22.23
CA LEU G 146 -77.85 40.08 -23.03
C LEU G 146 -78.30 38.66 -23.33
N LYS G 147 -78.97 38.00 -22.39
CA LYS G 147 -79.41 36.63 -22.61
C LYS G 147 -80.67 36.52 -23.47
N ARG G 148 -81.35 37.63 -23.75
CA ARG G 148 -82.55 37.60 -24.57
C ARG G 148 -82.20 37.40 -26.05
N ARG H 3 -42.25 -28.85 -7.52
CA ARG H 3 -41.59 -28.68 -8.80
C ARG H 3 -40.76 -27.40 -8.81
N TYR H 4 -39.74 -27.37 -9.66
CA TYR H 4 -38.81 -26.25 -9.73
C TYR H 4 -38.50 -25.94 -11.19
N TYR H 5 -38.47 -24.65 -11.51
CA TYR H 5 -38.17 -24.19 -12.87
C TYR H 5 -37.07 -23.14 -12.81
N CYS H 6 -35.99 -23.37 -13.55
CA CYS H 6 -34.92 -22.40 -13.68
C CYS H 6 -35.31 -21.36 -14.72
N GLU H 7 -35.36 -20.09 -14.31
CA GLU H 7 -35.69 -19.02 -15.25
C GLU H 7 -34.54 -18.75 -16.22
N TYR H 8 -33.32 -19.12 -15.84
CA TYR H 8 -32.15 -18.88 -16.67
C TYR H 8 -32.01 -19.95 -17.75
N CYS H 9 -31.81 -21.20 -17.32
CA CYS H 9 -31.51 -22.30 -18.23
C CYS H 9 -32.74 -22.81 -18.97
N HIS H 10 -33.94 -22.37 -18.56
CA HIS H 10 -35.23 -22.83 -19.10
C HIS H 10 -35.38 -24.35 -19.00
N SER H 11 -35.00 -24.89 -17.84
CA SER H 11 -35.05 -26.33 -17.58
C SER H 11 -35.92 -26.58 -16.36
N TYR H 12 -36.72 -27.65 -16.44
CA TYR H 12 -37.59 -28.04 -15.35
C TYR H 12 -36.85 -28.99 -14.41
N LEU H 13 -37.59 -29.50 -13.42
CA LEU H 13 -37.00 -30.34 -12.40
C LEU H 13 -38.14 -31.15 -11.77
N THR H 14 -37.76 -32.08 -10.90
CA THR H 14 -38.70 -32.91 -10.16
C THR H 14 -39.15 -32.11 -8.92
N HIS H 15 -39.72 -32.77 -7.90
CA HIS H 15 -40.06 -32.13 -6.64
C HIS H 15 -38.83 -31.47 -6.02
N ASP H 16 -39.05 -30.30 -5.41
CA ASP H 16 -37.98 -29.36 -5.11
C ASP H 16 -37.06 -29.86 -4.00
N THR H 17 -35.97 -30.51 -4.40
CA THR H 17 -34.95 -31.01 -3.49
C THR H 17 -33.81 -30.01 -3.43
N LEU H 18 -33.35 -29.70 -2.21
CA LEU H 18 -32.26 -28.75 -2.04
C LEU H 18 -30.94 -29.30 -2.57
N SER H 19 -30.75 -30.62 -2.52
CA SER H 19 -29.51 -31.21 -3.04
C SER H 19 -29.45 -31.16 -4.57
N VAL H 20 -30.61 -31.18 -5.23
CA VAL H 20 -30.62 -31.07 -6.69
C VAL H 20 -30.52 -29.62 -7.11
N ARG H 21 -31.21 -28.72 -6.40
CA ARG H 21 -31.18 -27.30 -6.73
C ARG H 21 -29.81 -26.69 -6.44
N LYS H 22 -29.12 -27.19 -5.41
CA LYS H 22 -27.77 -26.73 -5.14
C LYS H 22 -26.80 -27.20 -6.22
N SER H 23 -26.97 -28.44 -6.70
CA SER H 23 -26.12 -28.96 -7.76
C SER H 23 -26.43 -28.32 -9.12
N HIS H 24 -27.63 -27.74 -9.28
CA HIS H 24 -27.98 -27.11 -10.55
C HIS H 24 -27.26 -25.77 -10.73
N LEU H 25 -27.05 -25.03 -9.64
CA LEU H 25 -26.37 -23.73 -9.73
C LEU H 25 -24.85 -23.85 -9.76
N VAL H 26 -24.31 -25.06 -9.73
CA VAL H 26 -22.87 -25.28 -9.85
C VAL H 26 -22.47 -25.71 -11.25
N GLY H 27 -23.36 -26.40 -11.98
CA GLY H 27 -23.01 -26.93 -13.29
C GLY H 27 -22.76 -25.85 -14.33
N LYS H 28 -21.93 -26.20 -15.32
CA LYS H 28 -21.29 -25.21 -16.18
C LYS H 28 -22.30 -24.56 -17.16
N ASN H 29 -23.35 -25.27 -17.53
CA ASN H 29 -24.34 -24.72 -18.46
C ASN H 29 -25.14 -23.60 -17.81
N HIS H 30 -25.52 -23.78 -16.55
CA HIS H 30 -26.21 -22.72 -15.81
C HIS H 30 -25.30 -21.52 -15.59
N LEU H 31 -24.01 -21.77 -15.35
CA LEU H 31 -23.03 -20.69 -15.22
C LEU H 31 -22.90 -19.87 -16.50
N ARG H 32 -22.82 -20.57 -17.66
CA ARG H 32 -22.69 -19.86 -18.93
C ARG H 32 -23.94 -19.06 -19.26
N ILE H 33 -25.13 -19.65 -19.08
CA ILE H 33 -26.38 -18.97 -19.39
C ILE H 33 -26.60 -17.79 -18.44
N THR H 34 -26.27 -17.97 -17.15
CA THR H 34 -26.46 -16.90 -16.17
C THR H 34 -25.49 -15.75 -16.40
N ALA H 35 -24.22 -16.05 -16.69
CA ALA H 35 -23.23 -15.01 -16.93
C ALA H 35 -23.54 -14.25 -18.21
N ASP H 36 -23.95 -14.97 -19.28
CA ASP H 36 -24.31 -14.29 -20.52
C ASP H 36 -25.57 -13.44 -20.36
N TYR H 37 -26.54 -13.91 -19.57
CA TYR H 37 -27.75 -13.13 -19.34
C TYR H 37 -27.47 -11.86 -18.54
N TYR H 38 -26.63 -11.96 -17.51
CA TYR H 38 -26.27 -10.78 -16.74
C TYR H 38 -25.45 -9.79 -17.56
N ARG H 39 -24.53 -10.30 -18.39
CA ARG H 39 -23.76 -9.42 -19.28
C ARG H 39 -24.65 -8.72 -20.29
N ASN H 40 -25.61 -9.43 -20.87
CA ASN H 40 -26.48 -8.80 -21.86
C ASN H 40 -27.48 -7.83 -21.22
N LYS H 41 -27.95 -8.09 -20.00
CA LYS H 41 -28.85 -7.14 -19.37
C LYS H 41 -28.11 -5.89 -18.90
N ALA H 42 -26.86 -6.05 -18.43
CA ALA H 42 -26.05 -4.89 -18.08
C ALA H 42 -25.70 -4.08 -19.32
N ARG H 43 -25.40 -4.76 -20.43
CA ARG H 43 -25.11 -4.08 -21.69
C ARG H 43 -26.34 -3.37 -22.23
N ASP H 44 -27.53 -3.93 -22.03
CA ASP H 44 -28.75 -3.28 -22.48
C ASP H 44 -29.07 -2.05 -21.64
N ILE H 45 -28.87 -2.13 -20.32
CA ILE H 45 -29.18 -0.95 -19.50
C ILE H 45 -28.10 0.11 -19.57
N ILE H 46 -26.90 -0.23 -20.04
CA ILE H 46 -25.93 0.81 -20.37
C ILE H 46 -26.25 1.42 -21.73
N ASN H 47 -26.51 0.58 -22.73
CA ASN H 47 -26.66 1.02 -24.12
C ASN H 47 -28.01 1.68 -24.39
N LYS H 48 -28.97 1.60 -23.47
CA LYS H 48 -30.27 2.23 -23.68
C LYS H 48 -30.13 3.73 -23.47
N HIS H 49 -30.19 4.50 -24.55
CA HIS H 49 -30.05 5.95 -24.50
C HIS H 49 -31.44 6.55 -24.27
N ASN H 50 -31.85 6.58 -23.00
CA ASN H 50 -33.13 7.17 -22.62
C ASN H 50 -32.99 8.68 -22.69
N HIS H 51 -33.36 9.26 -23.82
CA HIS H 51 -33.25 10.69 -24.04
C HIS H 51 -34.44 11.41 -23.42
N LYS H 52 -34.22 12.67 -23.07
CA LYS H 52 -35.28 13.49 -22.50
C LYS H 52 -36.27 13.90 -23.58
N ARG H 53 -37.55 13.97 -23.21
CA ARG H 53 -38.56 14.48 -24.12
C ARG H 53 -38.41 15.98 -24.29
N ARG H 54 -38.29 16.42 -25.54
CA ARG H 54 -37.93 17.80 -25.84
C ARG H 54 -39.11 18.74 -25.60
N HIS H 55 -38.82 19.93 -25.11
CA HIS H 55 -39.82 20.96 -24.83
C HIS H 55 -39.39 22.23 -25.56
N ILE H 56 -40.05 22.53 -26.67
CA ILE H 56 -39.72 23.68 -27.51
C ILE H 56 -40.77 24.75 -27.29
N GLY H 57 -40.33 25.93 -26.85
CA GLY H 57 -41.21 27.05 -26.65
C GLY H 57 -41.02 28.13 -27.70
N LYS H 58 -42.00 29.03 -27.79
CA LYS H 58 -41.95 30.14 -28.72
C LYS H 58 -40.97 31.19 -28.21
N ARG H 59 -39.77 31.22 -28.80
CA ARG H 59 -38.67 32.00 -28.30
C ARG H 59 -38.92 33.51 -28.45
N GLY H 60 -38.16 34.29 -27.68
CA GLY H 60 -38.32 35.72 -27.69
C GLY H 60 -37.88 36.37 -28.99
N ARG H 61 -38.34 37.61 -29.18
CA ARG H 61 -38.06 38.31 -30.43
C ARG H 61 -36.59 38.73 -30.52
N LYS H 62 -36.10 39.39 -29.47
CA LYS H 62 -34.73 39.90 -29.48
C LYS H 62 -33.70 38.77 -29.44
N GLU H 63 -34.07 37.61 -28.88
CA GLU H 63 -33.21 36.44 -28.99
C GLU H 63 -33.13 35.96 -30.43
N ARG H 64 -34.20 36.14 -31.20
CA ARG H 64 -34.19 35.75 -32.60
C ARG H 64 -33.41 36.74 -33.45
N GLU H 65 -33.49 38.04 -33.13
CA GLU H 65 -32.65 38.99 -33.87
C GLU H 65 -31.19 38.93 -33.45
N ASN H 66 -30.89 38.41 -32.25
CA ASN H 66 -29.48 38.27 -31.86
C ASN H 66 -28.88 36.97 -32.38
N SER H 67 -29.64 35.88 -32.34
CA SER H 67 -29.08 34.58 -32.70
C SER H 67 -28.99 34.36 -34.20
N SER H 68 -29.89 34.94 -34.99
CA SER H 68 -29.88 34.76 -36.43
C SER H 68 -28.95 35.73 -37.15
N GLN H 69 -28.18 36.55 -36.43
CA GLN H 69 -27.28 37.50 -37.04
C GLN H 69 -25.82 37.32 -36.63
N ASN H 70 -25.54 36.58 -35.56
CA ASN H 70 -24.17 36.36 -35.10
C ASN H 70 -23.34 35.58 -36.11
N GLU H 71 -23.67 34.30 -36.32
CA GLU H 71 -23.03 33.46 -37.33
C GLU H 71 -23.91 32.24 -37.56
N THR H 72 -23.51 31.42 -38.53
CA THR H 72 -24.11 30.13 -38.79
C THR H 72 -22.99 29.09 -38.77
N LEU H 73 -23.09 28.13 -37.86
CA LEU H 73 -22.03 27.14 -37.67
C LEU H 73 -22.15 26.02 -38.69
N LYS H 74 -21.05 25.28 -38.84
CA LYS H 74 -20.98 24.17 -39.78
C LYS H 74 -21.18 22.85 -39.06
N VAL H 75 -22.03 22.00 -39.63
CA VAL H 75 -22.33 20.68 -39.09
C VAL H 75 -21.43 19.67 -39.79
N THR H 76 -20.72 18.86 -39.02
CA THR H 76 -19.98 17.74 -39.58
C THR H 76 -20.80 16.47 -39.47
N CYS H 77 -20.60 15.57 -40.43
CA CYS H 77 -21.36 14.34 -40.52
C CYS H 77 -20.56 13.34 -41.34
N LEU H 78 -20.78 12.06 -41.06
CA LEU H 78 -20.01 10.99 -41.69
C LEU H 78 -20.96 9.97 -42.32
N SER H 79 -20.39 9.07 -43.10
CA SER H 79 -21.16 8.04 -43.79
C SER H 79 -21.46 6.89 -42.81
N ASN H 80 -22.10 5.84 -43.31
CA ASN H 80 -22.60 4.78 -42.44
C ASN H 80 -21.46 3.89 -41.95
N LYS H 81 -20.58 3.46 -42.85
CA LYS H 81 -19.48 2.58 -42.45
C LYS H 81 -18.47 3.31 -41.58
N GLU H 82 -18.30 4.61 -41.78
CA GLU H 82 -17.36 5.38 -40.98
C GLU H 82 -17.84 5.53 -39.54
N LYS H 83 -19.12 5.91 -39.35
CA LYS H 83 -19.65 6.02 -38.01
C LYS H 83 -19.79 4.66 -37.34
N ARG H 84 -20.02 3.60 -38.13
CA ARG H 84 -20.09 2.25 -37.56
C ARG H 84 -18.73 1.80 -37.05
N HIS H 85 -17.67 2.03 -37.84
CA HIS H 85 -16.33 1.66 -37.42
C HIS H 85 -15.86 2.50 -36.24
N ILE H 86 -16.19 3.80 -36.23
CA ILE H 86 -15.78 4.68 -35.13
C ILE H 86 -16.51 4.30 -33.83
N MET H 87 -17.82 4.01 -33.91
CA MET H 87 -18.54 3.59 -32.71
C MET H 87 -18.11 2.20 -32.24
N HIS H 88 -17.68 1.33 -33.15
CA HIS H 88 -17.18 0.03 -32.72
C HIS H 88 -15.83 0.16 -32.02
N VAL H 89 -14.97 1.05 -32.52
CA VAL H 89 -13.69 1.32 -31.85
C VAL H 89 -13.92 2.00 -30.50
N LYS H 90 -14.92 2.88 -30.40
CA LYS H 90 -15.23 3.49 -29.11
C LYS H 90 -15.81 2.49 -28.13
N LYS H 91 -16.61 1.52 -28.61
CA LYS H 91 -17.13 0.49 -27.71
C LYS H 91 -16.03 -0.43 -27.21
N MET H 92 -15.09 -0.83 -28.09
CA MET H 92 -13.99 -1.67 -27.62
C MET H 92 -13.05 -0.89 -26.70
N ASN H 93 -12.93 0.43 -26.89
CA ASN H 93 -12.12 1.23 -25.98
C ASN H 93 -12.80 1.38 -24.63
N GLN H 94 -14.12 1.56 -24.62
CA GLN H 94 -14.84 1.65 -23.35
C GLN H 94 -14.80 0.33 -22.58
N LYS H 95 -14.90 -0.81 -23.27
CA LYS H 95 -14.85 -2.06 -22.54
C LYS H 95 -13.42 -2.41 -22.10
N GLU H 96 -12.39 -2.01 -22.86
CA GLU H 96 -11.04 -2.26 -22.39
C GLU H 96 -10.61 -1.28 -21.32
N LEU H 97 -11.25 -0.12 -21.20
CA LEU H 97 -11.01 0.73 -20.04
C LEU H 97 -11.80 0.27 -18.82
N ALA H 98 -12.99 -0.32 -19.04
CA ALA H 98 -13.75 -0.86 -17.91
C ALA H 98 -13.14 -2.13 -17.35
N GLN H 99 -12.42 -2.90 -18.19
CA GLN H 99 -11.79 -4.13 -17.70
C GLN H 99 -10.39 -3.92 -17.15
N THR H 100 -9.69 -2.85 -17.53
CA THR H 100 -8.31 -2.70 -17.10
C THR H 100 -8.23 -2.11 -15.69
N SER H 101 -7.02 -2.17 -15.14
CA SER H 101 -6.70 -1.58 -13.84
C SER H 101 -5.19 -1.41 -13.75
N ILE H 102 -4.76 -0.48 -12.92
CA ILE H 102 -3.34 -0.22 -12.73
C ILE H 102 -2.75 -1.33 -11.87
N ASP H 103 -1.71 -1.98 -12.37
CA ASP H 103 -1.04 -3.08 -11.68
C ASP H 103 0.45 -2.80 -11.57
N THR H 104 0.78 -1.58 -11.15
CA THR H 104 2.17 -1.18 -10.99
C THR H 104 2.73 -1.53 -9.62
N LEU H 105 1.90 -1.48 -8.57
CA LEU H 105 2.38 -1.78 -7.22
C LEU H 105 2.65 -3.27 -7.02
N LYS H 106 2.00 -4.14 -7.80
CA LYS H 106 2.25 -5.57 -7.69
C LYS H 106 3.59 -5.95 -8.29
N LEU H 107 3.92 -5.40 -9.46
CA LEU H 107 5.18 -5.70 -10.12
C LEU H 107 6.30 -4.75 -9.73
N LEU H 108 6.02 -3.75 -8.89
CA LEU H 108 7.06 -2.82 -8.46
C LEU H 108 7.63 -3.18 -7.10
N TYR H 109 6.88 -3.92 -6.28
CA TYR H 109 7.35 -4.45 -5.01
C TYR H 109 7.53 -5.96 -5.08
N ASP H 110 8.02 -6.45 -6.22
CA ASP H 110 8.07 -7.89 -6.45
C ASP H 110 9.17 -8.56 -5.63
N GLY H 111 10.24 -7.85 -5.34
CA GLY H 111 11.34 -8.41 -4.57
C GLY H 111 11.30 -8.00 -3.10
N SER H 112 10.16 -7.46 -2.67
CA SER H 112 10.02 -7.02 -1.30
C SER H 112 9.96 -8.22 -0.35
N PRO H 113 10.44 -8.06 0.89
CA PRO H 113 10.45 -9.21 1.81
C PRO H 113 9.08 -9.64 2.29
N GLY H 114 8.06 -8.80 2.14
CA GLY H 114 6.71 -9.20 2.49
C GLY H 114 5.82 -9.37 1.28
N TYR H 115 6.44 -9.71 0.14
CA TYR H 115 5.67 -9.95 -1.09
C TYR H 115 4.86 -11.23 -0.98
N SER H 116 5.35 -12.21 -0.24
CA SER H 116 4.67 -13.50 -0.09
C SER H 116 3.62 -13.49 1.00
N LYS H 117 3.38 -12.36 1.66
CA LYS H 117 2.39 -12.28 2.74
C LYS H 117 1.21 -11.39 2.43
N VAL H 118 1.31 -10.50 1.43
CA VAL H 118 0.23 -9.59 1.04
C VAL H 118 -0.12 -9.74 -0.43
N PHE H 119 0.87 -9.61 -1.32
CA PHE H 119 0.62 -9.52 -2.75
C PHE H 119 0.43 -10.87 -3.42
N VAL H 120 0.71 -11.98 -2.74
CA VAL H 120 0.61 -13.29 -3.38
C VAL H 120 -0.85 -13.72 -3.57
N ASP H 121 -1.78 -13.11 -2.81
CA ASP H 121 -3.23 -13.24 -2.87
C ASP H 121 -3.71 -14.64 -2.51
N ALA H 122 -2.84 -15.51 -2.01
CA ALA H 122 -3.21 -16.82 -1.49
C ALA H 122 -2.80 -17.03 -0.04
N ASN H 123 -1.74 -16.35 0.42
CA ASN H 123 -1.38 -16.32 1.83
C ASN H 123 -1.94 -15.09 2.53
N ARG H 124 -2.88 -14.40 1.90
CA ARG H 124 -3.56 -13.28 2.54
C ARG H 124 -4.40 -13.79 3.70
N PHE H 125 -4.54 -12.96 4.74
CA PHE H 125 -5.20 -13.42 5.96
C PHE H 125 -6.71 -13.38 5.86
N ASP H 126 -7.29 -12.25 5.44
CA ASP H 126 -8.73 -12.10 5.51
C ASP H 126 -9.46 -12.80 4.36
N ILE H 127 -8.89 -12.78 3.16
CA ILE H 127 -9.56 -13.34 1.99
C ILE H 127 -8.78 -14.51 1.39
N GLY H 128 -7.80 -15.04 2.12
CA GLY H 128 -7.06 -16.18 1.62
C GLY H 128 -7.78 -17.49 1.78
N ASP H 129 -8.67 -17.59 2.78
CA ASP H 129 -9.49 -18.78 2.93
C ASP H 129 -10.52 -18.89 1.82
N LEU H 130 -10.95 -17.75 1.27
CA LEU H 130 -11.82 -17.77 0.10
C LEU H 130 -11.10 -18.24 -1.15
N VAL H 131 -9.80 -17.95 -1.26
CA VAL H 131 -9.02 -18.44 -2.38
C VAL H 131 -8.75 -19.93 -2.21
N LYS H 132 -8.44 -20.37 -1.00
CA LYS H 132 -8.16 -21.78 -0.73
C LYS H 132 -9.42 -22.64 -0.69
N ALA H 133 -10.61 -22.05 -0.60
CA ALA H 133 -11.82 -22.84 -0.49
C ALA H 133 -12.29 -23.35 -1.86
N SER H 134 -12.62 -22.44 -2.77
CA SER H 134 -13.09 -22.79 -4.10
C SER H 134 -11.90 -22.74 -5.05
N LYS H 135 -11.32 -23.91 -5.30
CA LYS H 135 -10.20 -24.05 -6.22
C LYS H 135 -10.67 -24.25 -7.67
N LEU H 136 -11.98 -24.46 -7.88
CA LEU H 136 -12.58 -25.01 -9.09
C LEU H 136 -11.85 -26.32 -9.36
N PRO H 137 -12.20 -27.41 -8.63
CA PRO H 137 -11.31 -28.57 -8.48
C PRO H 137 -11.02 -29.41 -9.74
N GLN H 138 -11.51 -28.97 -10.90
CA GLN H 138 -11.25 -29.50 -12.25
C GLN H 138 -11.45 -31.03 -12.32
N ARG H 139 -12.72 -31.41 -12.14
CA ARG H 139 -13.14 -32.80 -12.25
C ARG H 139 -13.01 -33.35 -13.67
N ALA H 140 -12.85 -32.50 -14.68
CA ALA H 140 -12.48 -32.96 -16.01
C ALA H 140 -10.97 -33.16 -16.09
N ASN H 141 -10.56 -34.27 -16.73
CA ASN H 141 -9.14 -34.55 -16.87
C ASN H 141 -8.50 -33.66 -17.92
N GLU H 142 -9.28 -33.18 -18.89
CA GLU H 142 -8.73 -32.32 -19.94
C GLU H 142 -8.41 -30.92 -19.41
N LYS H 143 -9.14 -30.45 -18.40
CA LYS H 143 -8.85 -29.15 -17.81
C LYS H 143 -7.55 -29.18 -17.01
N SER H 144 -7.17 -30.34 -16.49
CA SER H 144 -5.90 -30.49 -15.79
C SER H 144 -4.76 -30.87 -16.73
N ALA H 145 -5.07 -31.52 -17.84
CA ALA H 145 -4.06 -31.92 -18.81
C ALA H 145 -3.84 -30.89 -19.92
N HIS H 146 -4.62 -29.81 -19.93
CA HIS H 146 -4.45 -28.79 -20.96
C HIS H 146 -3.23 -27.92 -20.67
N HIS H 147 -3.20 -27.30 -19.50
CA HIS H 147 -2.08 -26.43 -19.12
C HIS H 147 -0.88 -27.28 -18.72
N SER H 148 0.27 -26.98 -19.32
CA SER H 148 1.50 -27.70 -19.03
C SER H 148 2.62 -26.77 -18.57
N PHE H 149 2.27 -25.58 -18.08
CA PHE H 149 3.24 -24.63 -17.59
C PHE H 149 3.40 -24.78 -16.08
N LYS H 150 4.31 -23.98 -15.51
CA LYS H 150 4.58 -24.05 -14.08
C LYS H 150 3.53 -23.26 -13.30
N GLN H 151 3.35 -23.64 -12.03
CA GLN H 151 2.38 -22.97 -11.18
C GLN H 151 2.98 -21.71 -10.54
N THR H 152 4.25 -21.79 -10.13
CA THR H 152 5.01 -20.72 -9.45
C THR H 152 4.26 -20.21 -8.22
N SER H 153 3.80 -21.14 -7.39
CA SER H 153 3.08 -20.80 -6.17
C SER H 153 4.08 -20.39 -5.09
N ARG H 154 4.06 -19.11 -4.72
CA ARG H 154 4.98 -18.58 -3.71
C ARG H 154 4.38 -18.83 -2.34
N SER H 155 5.06 -19.65 -1.54
CA SER H 155 4.59 -19.95 -0.19
C SER H 155 4.86 -18.77 0.74
N ARG H 156 4.18 -18.80 1.90
CA ARG H 156 4.32 -17.72 2.87
C ARG H 156 5.69 -17.76 3.56
N ASP H 157 6.29 -18.94 3.65
CA ASP H 157 7.53 -19.14 4.40
C ASP H 157 8.78 -18.65 3.69
N GLU H 158 8.65 -17.94 2.57
CA GLU H 158 9.82 -17.37 1.90
C GLU H 158 10.34 -16.18 2.69
N THR H 159 11.63 -16.21 3.02
CA THR H 159 12.24 -15.24 3.91
C THR H 159 13.21 -14.34 3.13
N CYS H 160 13.90 -13.46 3.87
CA CYS H 160 14.85 -12.53 3.28
C CYS H 160 16.17 -13.18 2.94
N GLU H 161 16.44 -14.39 3.48
CA GLU H 161 17.66 -15.12 3.13
C GLU H 161 17.65 -15.54 1.67
N SER H 162 16.48 -15.93 1.16
CA SER H 162 16.35 -16.21 -0.26
C SER H 162 16.32 -14.89 -1.05
N ASN H 163 17.03 -14.88 -2.19
CA ASN H 163 17.28 -13.73 -3.05
C ASN H 163 17.84 -12.55 -2.26
N PRO H 164 19.11 -12.59 -1.84
CA PRO H 164 19.64 -11.47 -1.04
C PRO H 164 19.88 -10.22 -1.85
N PHE H 165 20.44 -10.36 -3.06
CA PHE H 165 20.75 -9.21 -3.91
C PHE H 165 19.78 -9.18 -5.09
N PRO H 166 18.86 -8.22 -5.14
CA PRO H 166 17.83 -8.23 -6.20
C PRO H 166 18.33 -7.88 -7.58
N ARG H 167 19.56 -7.37 -7.72
CA ARG H 167 20.06 -7.00 -9.05
C ARG H 167 20.84 -8.12 -9.72
N LEU H 168 21.41 -9.04 -8.95
CA LEU H 168 22.12 -10.17 -9.55
C LEU H 168 21.14 -11.17 -10.15
N ASN H 169 20.12 -11.56 -9.39
CA ASN H 169 19.00 -12.27 -9.96
C ASN H 169 18.25 -11.33 -10.89
N ASN H 170 18.19 -11.68 -12.17
CA ASN H 170 17.84 -10.77 -13.27
C ASN H 170 16.43 -10.20 -13.15
N PRO H 171 16.27 -8.91 -12.89
CA PRO H 171 14.94 -8.32 -12.80
C PRO H 171 14.43 -7.97 -14.19
N LYS H 172 13.27 -7.33 -14.21
CA LYS H 172 12.71 -6.79 -15.44
C LYS H 172 12.80 -5.27 -15.42
N LYS H 173 13.11 -4.69 -16.58
CA LYS H 173 12.98 -3.24 -16.72
C LYS H 173 11.50 -2.88 -16.69
N LEU H 174 11.19 -1.78 -16.00
CA LEU H 174 9.80 -1.39 -15.81
C LEU H 174 9.21 -0.91 -17.13
N GLU H 175 7.88 -1.03 -17.23
CA GLU H 175 7.19 -0.64 -18.44
C GLU H 175 7.17 0.89 -18.58
N PRO H 176 7.25 1.40 -19.79
CA PRO H 176 7.16 2.86 -19.99
C PRO H 176 5.76 3.35 -19.74
N PRO H 177 5.58 4.64 -19.42
CA PRO H 177 4.23 5.20 -19.32
C PRO H 177 3.55 5.21 -20.68
N LYS H 178 2.45 4.45 -20.77
CA LYS H 178 1.74 4.31 -22.03
C LYS H 178 1.04 5.60 -22.39
N ILE H 179 0.99 5.91 -23.68
CA ILE H 179 0.40 7.14 -24.18
C ILE H 179 -0.76 6.80 -25.11
N LEU H 180 -1.59 7.80 -25.36
CA LEU H 180 -2.74 7.61 -26.23
C LEU H 180 -2.31 7.52 -27.68
N SER H 181 -2.82 6.52 -28.40
CA SER H 181 -2.42 6.30 -29.78
C SER H 181 -2.99 7.34 -30.72
N GLN H 182 -4.11 7.97 -30.38
CA GLN H 182 -4.67 9.03 -31.21
C GLN H 182 -3.87 10.33 -31.09
N TRP H 183 -3.11 10.50 -30.02
CA TRP H 183 -2.28 11.68 -29.79
C TRP H 183 -0.81 11.29 -29.69
N SER H 184 -0.41 10.28 -30.44
CA SER H 184 0.96 9.80 -30.41
C SER H 184 1.88 10.58 -31.35
N ASN H 185 1.33 11.41 -32.23
CA ASN H 185 2.13 12.14 -33.20
C ASN H 185 2.78 13.40 -32.62
N THR H 186 2.49 13.75 -31.37
CA THR H 186 3.04 14.94 -30.74
C THR H 186 4.10 14.63 -29.69
N ILE H 187 4.63 13.41 -29.70
CA ILE H 187 5.72 13.01 -28.80
C ILE H 187 6.98 13.76 -29.22
N PRO H 188 7.83 14.18 -28.29
CA PRO H 188 9.16 14.70 -28.68
C PRO H 188 10.00 13.61 -29.32
N LYS H 189 10.29 13.79 -30.61
CA LYS H 189 11.02 12.78 -31.37
C LYS H 189 12.49 12.71 -30.99
N THR H 190 13.03 13.74 -30.37
CA THR H 190 14.43 13.77 -29.95
C THR H 190 14.48 13.57 -28.44
N SER H 191 15.21 12.55 -28.00
CA SER H 191 15.35 12.27 -26.58
C SER H 191 16.41 13.18 -25.97
N ILE H 192 16.48 13.19 -24.64
CA ILE H 192 17.47 14.01 -23.96
C ILE H 192 18.83 13.31 -23.95
N PHE H 193 18.86 12.04 -23.58
CA PHE H 193 20.10 11.28 -23.49
C PHE H 193 20.09 10.15 -24.53
N TYR H 194 21.29 9.67 -24.84
CA TYR H 194 21.46 8.57 -25.78
C TYR H 194 21.21 7.25 -25.06
N SER H 195 20.17 6.53 -25.47
CA SER H 195 19.85 5.22 -24.92
C SER H 195 20.18 4.16 -25.97
N VAL H 196 20.94 3.15 -25.55
CA VAL H 196 21.35 2.06 -26.44
C VAL H 196 20.45 0.86 -26.19
N ASP H 197 20.10 0.15 -27.26
CA ASP H 197 19.27 -1.07 -27.26
C ASP H 197 17.90 -0.87 -26.63
N SER I 2 -50.87 14.34 -1.00
CA SER I 2 -49.89 14.81 -1.96
C SER I 2 -50.45 14.77 -3.38
N LYS I 3 -51.76 14.98 -3.49
CA LYS I 3 -52.60 15.01 -4.70
C LYS I 3 -52.29 13.90 -5.71
N ILE I 4 -51.94 12.71 -5.22
CA ILE I 4 -51.65 11.59 -6.12
C ILE I 4 -52.95 10.88 -6.54
N GLN I 5 -53.93 10.82 -5.63
CA GLN I 5 -55.23 10.16 -5.82
C GLN I 5 -55.03 8.67 -6.16
N VAL I 6 -54.55 7.95 -5.14
CA VAL I 6 -54.35 6.51 -5.21
C VAL I 6 -55.69 5.82 -5.53
N ALA I 7 -55.61 4.72 -6.30
CA ALA I 7 -56.79 4.04 -6.82
C ALA I 7 -57.68 3.49 -5.71
N HIS I 8 -58.99 3.61 -5.92
CA HIS I 8 -59.97 3.38 -4.86
C HIS I 8 -60.29 1.91 -4.68
N SER I 9 -60.02 1.08 -5.67
CA SER I 9 -60.33 -0.35 -5.62
C SER I 9 -59.17 -1.18 -6.15
N SER I 10 -57.96 -0.88 -5.67
CA SER I 10 -56.75 -1.57 -6.13
C SER I 10 -56.14 -2.37 -4.99
N ARG I 11 -55.44 -3.44 -5.36
CA ARG I 11 -54.73 -4.29 -4.41
C ARG I 11 -53.28 -4.42 -4.82
N LEU I 12 -52.53 -5.34 -4.18
CA LEU I 12 -51.09 -5.42 -4.36
C LEU I 12 -50.69 -5.85 -5.77
N ALA I 13 -51.56 -6.58 -6.47
CA ALA I 13 -51.29 -6.88 -7.87
C ALA I 13 -51.46 -5.65 -8.75
N ASN I 14 -52.27 -4.70 -8.33
CA ASN I 14 -52.50 -3.47 -9.09
C ASN I 14 -51.61 -2.32 -8.65
N LEU I 15 -51.05 -2.38 -7.45
CA LEU I 15 -50.17 -1.34 -6.94
C LEU I 15 -48.71 -1.54 -7.32
N ILE I 16 -48.42 -2.47 -8.24
CA ILE I 16 -47.05 -2.81 -8.56
C ILE I 16 -46.40 -1.67 -9.35
N ASP I 17 -45.08 -1.51 -9.15
CA ASP I 17 -44.26 -0.44 -9.70
C ASP I 17 -44.74 0.96 -9.29
N TYR I 18 -45.30 1.08 -8.09
CA TYR I 18 -45.62 2.38 -7.50
C TYR I 18 -44.59 2.71 -6.44
N LYS I 19 -44.25 4.00 -6.34
CA LYS I 19 -43.29 4.44 -5.32
C LYS I 19 -44.00 4.46 -3.98
N LEU I 20 -43.89 3.33 -3.27
CA LEU I 20 -44.48 3.14 -1.95
C LEU I 20 -43.70 3.90 -0.89
N ARG I 21 -44.39 4.15 0.22
CA ARG I 21 -43.84 4.73 1.45
C ARG I 21 -44.30 3.80 2.57
N VAL I 22 -43.58 2.71 2.78
CA VAL I 22 -44.01 1.65 3.69
C VAL I 22 -43.47 1.91 5.09
N LEU I 23 -44.36 1.79 6.08
CA LEU I 23 -44.09 2.00 7.49
C LEU I 23 -43.86 0.66 8.18
N THR I 24 -42.97 0.67 9.18
CA THR I 24 -42.64 -0.51 9.96
C THR I 24 -43.06 -0.33 11.41
N GLN I 25 -42.72 -1.33 12.24
CA GLN I 25 -43.03 -1.26 13.66
C GLN I 25 -42.18 -0.21 14.36
N ASP I 26 -40.90 -0.10 13.99
CA ASP I 26 -40.04 0.94 14.52
C ASP I 26 -40.44 2.32 14.02
N GLY I 27 -40.99 2.41 12.81
CA GLY I 27 -41.15 3.68 12.14
C GLY I 27 -40.10 3.97 11.10
N ARG I 28 -39.21 3.01 10.85
CA ARG I 28 -38.18 3.17 9.83
C ARG I 28 -38.84 3.08 8.46
N VAL I 29 -39.17 4.23 7.88
CA VAL I 29 -40.00 4.28 6.69
C VAL I 29 -39.14 4.02 5.46
N TYR I 30 -39.54 3.06 4.65
CA TYR I 30 -38.84 2.74 3.42
C TYR I 30 -39.61 3.32 2.25
N ILE I 31 -38.93 4.06 1.38
CA ILE I 31 -39.53 4.68 0.21
C ILE I 31 -38.91 4.04 -1.02
N GLY I 32 -39.73 3.47 -1.88
CA GLY I 32 -39.21 2.84 -3.08
C GLY I 32 -40.28 2.11 -3.84
N GLN I 33 -39.91 1.67 -5.05
CA GLN I 33 -40.84 0.98 -5.94
C GLN I 33 -40.91 -0.49 -5.59
N LEU I 34 -42.12 -1.00 -5.40
CA LEU I 34 -42.26 -2.44 -5.24
C LEU I 34 -42.18 -3.10 -6.60
N MET I 35 -41.60 -4.29 -6.64
CA MET I 35 -41.58 -5.07 -7.86
C MET I 35 -42.07 -6.51 -7.68
N ALA I 36 -42.30 -6.95 -6.45
CA ALA I 36 -42.78 -8.30 -6.16
C ALA I 36 -43.34 -8.35 -4.75
N PHE I 37 -44.17 -9.35 -4.49
CA PHE I 37 -44.69 -9.63 -3.16
C PHE I 37 -44.98 -11.12 -3.07
N ASP I 38 -45.49 -11.54 -1.92
CA ASP I 38 -45.83 -12.95 -1.70
C ASP I 38 -46.98 -13.00 -0.71
N LYS I 39 -47.21 -14.19 -0.14
CA LYS I 39 -48.27 -14.35 0.86
C LYS I 39 -47.91 -13.70 2.18
N HIS I 40 -46.62 -13.69 2.54
CA HIS I 40 -46.17 -13.06 3.77
C HIS I 40 -45.86 -11.58 3.60
N MET I 41 -46.16 -11.02 2.42
CA MET I 41 -45.95 -9.61 2.06
C MET I 41 -44.47 -9.22 2.20
N ASN I 42 -43.61 -10.00 1.55
CA ASN I 42 -42.19 -9.69 1.47
C ASN I 42 -41.98 -8.84 0.23
N LEU I 43 -41.54 -7.60 0.43
CA LEU I 43 -41.52 -6.60 -0.64
C LEU I 43 -40.10 -6.30 -1.07
N VAL I 44 -39.82 -6.46 -2.35
CA VAL I 44 -38.57 -5.94 -2.90
C VAL I 44 -38.77 -4.48 -3.21
N LEU I 45 -37.72 -3.68 -3.04
CA LEU I 45 -37.82 -2.23 -3.15
C LEU I 45 -36.66 -1.72 -4.00
N ASN I 46 -36.98 -1.15 -5.14
CA ASN I 46 -35.99 -0.54 -6.02
C ASN I 46 -35.79 0.92 -5.61
N GLU I 47 -34.55 1.40 -5.79
CA GLU I 47 -34.02 2.71 -5.40
C GLU I 47 -34.48 3.19 -4.02
N CYS I 48 -34.50 2.28 -3.06
CA CYS I 48 -35.13 2.53 -1.77
C CYS I 48 -34.28 3.43 -0.88
N ILE I 49 -34.95 4.25 -0.10
CA ILE I 49 -34.33 5.03 0.96
C ILE I 49 -35.06 4.77 2.27
N GLU I 50 -34.29 4.63 3.35
CA GLU I 50 -34.82 4.38 4.68
C GLU I 50 -34.67 5.65 5.51
N GLU I 51 -35.77 6.20 5.97
CA GLU I 51 -35.78 7.43 6.75
C GLU I 51 -36.28 7.17 8.16
N ARG I 52 -35.66 7.85 9.11
CA ARG I 52 -35.98 7.79 10.53
C ARG I 52 -36.00 9.21 11.08
N VAL I 53 -36.42 9.34 12.34
CA VAL I 53 -36.26 10.60 13.07
C VAL I 53 -35.38 10.33 14.29
N PRO I 54 -34.50 11.26 14.65
CA PRO I 54 -33.65 11.06 15.83
C PRO I 54 -34.43 11.22 17.12
N LYS I 55 -33.76 10.89 18.23
CA LYS I 55 -34.39 11.04 19.54
C LYS I 55 -34.48 12.50 19.96
N THR I 56 -33.57 13.34 19.50
CA THR I 56 -33.64 14.76 19.82
C THR I 56 -34.71 15.48 19.01
N GLN I 57 -34.97 15.01 17.79
CA GLN I 57 -36.01 15.60 16.96
C GLN I 57 -37.41 15.20 17.43
N LEU I 58 -37.52 14.11 18.19
CA LEU I 58 -38.80 13.62 18.67
C LEU I 58 -39.44 14.57 19.67
N ASP I 59 -38.62 15.33 20.41
CA ASP I 59 -39.16 16.32 21.34
C ASP I 59 -39.80 17.48 20.58
N LYS I 60 -39.20 17.89 19.46
CA LYS I 60 -39.80 18.91 18.61
C LYS I 60 -41.03 18.38 17.88
N LEU I 61 -41.03 17.08 17.57
CA LEU I 61 -42.18 16.47 16.90
C LEU I 61 -43.38 16.35 17.84
N ARG I 62 -43.15 16.27 19.14
CA ARG I 62 -44.25 16.18 20.09
C ARG I 62 -44.94 17.54 20.22
N PRO I 63 -46.27 17.61 20.09
CA PRO I 63 -46.99 18.88 20.18
C PRO I 63 -47.06 19.43 21.60
N LEU I 73 -43.12 24.48 11.07
CA LEU I 73 -42.19 23.60 11.77
C LEU I 73 -41.41 22.75 10.77
N ASN I 74 -40.18 22.39 11.14
CA ASN I 74 -39.30 21.59 10.29
C ASN I 74 -38.75 20.41 11.09
N ILE I 75 -38.68 19.26 10.43
CA ILE I 75 -38.19 18.03 11.05
C ILE I 75 -37.06 17.49 10.17
N LYS I 76 -35.88 17.35 10.77
CA LYS I 76 -34.69 16.88 10.06
C LYS I 76 -34.64 15.37 10.18
N VAL I 77 -35.11 14.68 9.14
CA VAL I 77 -35.11 13.22 9.13
C VAL I 77 -33.75 12.72 8.69
N GLU I 78 -33.39 11.53 9.17
CA GLU I 78 -32.15 10.86 8.80
C GLU I 78 -32.46 9.87 7.70
N LYS I 79 -31.87 10.08 6.52
CA LYS I 79 -32.11 9.25 5.34
C LYS I 79 -30.84 8.50 4.99
N ARG I 80 -30.95 7.17 4.88
CA ARG I 80 -29.90 6.31 4.36
C ARG I 80 -30.40 5.67 3.06
N VAL I 81 -29.48 5.38 2.16
CA VAL I 81 -29.82 4.90 0.82
C VAL I 81 -29.54 3.40 0.76
N LEU I 82 -30.55 2.62 0.42
CA LEU I 82 -30.41 1.17 0.35
C LEU I 82 -30.38 0.64 -1.08
N GLY I 83 -30.89 1.38 -2.04
CA GLY I 83 -30.90 0.90 -3.41
C GLY I 83 -31.97 -0.17 -3.60
N LEU I 84 -31.58 -1.28 -4.22
CA LEU I 84 -32.47 -2.42 -4.40
C LEU I 84 -32.33 -3.34 -3.18
N THR I 85 -33.34 -3.32 -2.32
CA THR I 85 -33.36 -4.18 -1.15
C THR I 85 -34.53 -5.15 -1.25
N ILE I 86 -34.58 -6.08 -0.32
CA ILE I 86 -35.71 -6.99 -0.18
C ILE I 86 -36.07 -7.07 1.31
N LEU I 87 -37.22 -6.51 1.65
CA LEU I 87 -37.71 -6.34 3.02
C LEU I 87 -38.71 -7.43 3.37
N ARG I 88 -38.62 -7.91 4.60
CA ARG I 88 -39.52 -8.96 5.08
C ARG I 88 -40.85 -8.37 5.53
N GLY I 89 -41.84 -9.24 5.61
CA GLY I 89 -43.18 -8.87 6.02
C GLY I 89 -43.48 -9.02 7.49
N GLU I 90 -42.51 -9.45 8.29
CA GLU I 90 -42.74 -9.60 9.72
C GLU I 90 -42.66 -8.25 10.42
N GLN I 91 -41.55 -7.54 10.27
CA GLN I 91 -41.35 -6.26 10.94
C GLN I 91 -41.75 -5.09 10.03
N ILE I 92 -42.97 -5.15 9.49
CA ILE I 92 -43.57 -4.01 8.81
C ILE I 92 -44.97 -3.82 9.37
N LEU I 93 -45.45 -2.58 9.29
CA LEU I 93 -46.73 -2.21 9.89
C LEU I 93 -47.77 -1.81 8.85
N SER I 94 -47.44 -0.90 7.95
CA SER I 94 -48.41 -0.40 6.99
C SER I 94 -47.68 0.11 5.76
N THR I 95 -48.36 0.08 4.61
CA THR I 95 -47.80 0.58 3.37
C THR I 95 -48.79 1.50 2.68
N VAL I 96 -48.28 2.61 2.15
CA VAL I 96 -49.08 3.57 1.38
C VAL I 96 -48.39 3.79 0.05
N VAL I 97 -49.07 4.51 -0.84
CA VAL I 97 -48.54 4.87 -2.14
C VAL I 97 -48.14 6.34 -2.09
N GLU I 98 -46.84 6.61 -2.25
CA GLU I 98 -46.36 7.99 -2.16
C GLU I 98 -46.31 8.67 -3.52
N ASP I 99 -45.61 8.08 -4.49
CA ASP I 99 -45.42 8.73 -5.77
C ASP I 99 -45.75 7.79 -6.92
N LYS I 100 -46.33 8.37 -7.98
CA LYS I 100 -46.67 7.64 -9.18
C LYS I 100 -45.41 7.31 -9.99
N PRO I 101 -45.44 6.26 -10.81
CA PRO I 101 -44.26 5.92 -11.61
C PRO I 101 -44.09 6.87 -12.80
N LEU I 102 -43.07 6.58 -13.60
CA LEU I 102 -42.71 7.45 -14.72
C LEU I 102 -43.70 7.29 -15.87
N LEU I 103 -43.81 6.08 -16.42
CA LEU I 103 -44.66 5.84 -17.57
C LEU I 103 -46.09 5.53 -17.13
N SER I 104 -47.04 5.82 -18.03
CA SER I 104 -48.45 5.81 -17.68
C SER I 104 -49.07 4.43 -17.88
N LYS I 105 -50.39 4.36 -17.69
CA LYS I 105 -51.11 3.09 -17.79
C LYS I 105 -51.20 2.61 -19.24
N LYS I 106 -51.42 3.52 -20.18
CA LYS I 106 -51.48 3.14 -21.59
C LYS I 106 -50.10 2.72 -22.09
N GLU I 107 -49.05 3.39 -21.62
CA GLU I 107 -47.70 3.00 -22.01
C GLU I 107 -47.29 1.67 -21.39
N ARG I 108 -47.72 1.40 -20.15
CA ARG I 108 -47.52 0.08 -19.57
C ARG I 108 -48.34 -0.99 -20.28
N LEU I 109 -49.51 -0.62 -20.82
CA LEU I 109 -50.32 -1.58 -21.58
C LEU I 109 -49.65 -1.93 -22.90
N VAL I 110 -49.09 -0.92 -23.59
CA VAL I 110 -48.36 -1.17 -24.83
C VAL I 110 -47.09 -1.97 -24.55
N ARG I 111 -46.42 -1.69 -23.42
CA ARG I 111 -45.24 -2.45 -23.04
C ARG I 111 -45.59 -3.89 -22.69
N ASP I 112 -46.74 -4.12 -22.06
CA ASP I 112 -47.16 -5.48 -21.75
C ASP I 112 -47.57 -6.24 -23.01
N LYS I 113 -48.18 -5.56 -23.98
CA LYS I 113 -48.47 -6.21 -25.25
C LYS I 113 -47.19 -6.55 -26.01
N LYS I 114 -46.18 -5.68 -25.95
CA LYS I 114 -44.89 -5.99 -26.57
C LYS I 114 -44.20 -7.15 -25.86
N GLU I 115 -44.34 -7.24 -24.53
CA GLU I 115 -43.77 -8.37 -23.80
C GLU I 115 -44.49 -9.67 -24.13
N LYS I 116 -45.82 -9.61 -24.30
CA LYS I 116 -46.57 -10.81 -24.67
C LYS I 116 -46.22 -11.27 -26.09
N LYS I 117 -46.06 -10.32 -27.02
CA LYS I 117 -45.67 -10.69 -28.39
C LYS I 117 -44.24 -11.22 -28.44
N GLN I 118 -43.35 -10.65 -27.62
CA GLN I 118 -41.98 -11.15 -27.55
C GLN I 118 -41.92 -12.54 -26.92
N ALA I 119 -42.77 -12.79 -25.92
CA ALA I 119 -42.83 -14.11 -25.29
C ALA I 119 -43.40 -15.15 -26.24
N GLN I 120 -44.41 -14.78 -27.03
CA GLN I 120 -44.94 -15.69 -28.04
C GLN I 120 -43.92 -15.96 -29.14
N LYS I 121 -43.14 -14.95 -29.52
CA LYS I 121 -42.07 -15.16 -30.48
C LYS I 121 -40.98 -16.06 -29.92
N GLN I 122 -40.67 -15.92 -28.62
CA GLN I 122 -39.70 -16.81 -27.99
C GLN I 122 -40.19 -18.25 -27.91
N THR I 123 -41.50 -18.44 -27.67
CA THR I 123 -42.04 -19.80 -27.70
C THR I 123 -42.05 -20.39 -29.10
N LYS I 124 -42.28 -19.55 -30.13
CA LYS I 124 -42.16 -20.04 -31.50
C LYS I 124 -40.71 -20.38 -31.85
N LEU I 125 -39.75 -19.62 -31.31
CA LEU I 125 -38.34 -19.95 -31.53
C LEU I 125 -37.94 -21.24 -30.81
N ARG I 126 -38.49 -21.48 -29.62
CA ARG I 126 -38.23 -22.74 -28.93
C ARG I 126 -38.88 -23.92 -29.66
N LYS I 127 -40.06 -23.71 -30.24
CA LYS I 127 -40.70 -24.76 -31.03
C LYS I 127 -39.95 -25.01 -32.33
N GLU I 128 -39.33 -23.97 -32.91
CA GLU I 128 -38.53 -24.16 -34.11
C GLU I 128 -37.21 -24.85 -33.82
N LYS I 129 -36.60 -24.53 -32.68
CA LYS I 129 -35.37 -25.20 -32.27
C LYS I 129 -35.61 -26.62 -31.78
N GLU I 130 -36.81 -26.92 -31.28
CA GLU I 130 -37.13 -28.29 -30.88
C GLU I 130 -37.35 -29.20 -32.08
N LYS I 131 -37.72 -28.66 -33.23
CA LYS I 131 -37.95 -29.46 -34.42
C LYS I 131 -36.64 -29.71 -35.16
N MET J 3 -46.27 -21.71 -3.95
CA MET J 3 -45.37 -22.54 -3.16
C MET J 3 -44.32 -21.69 -2.44
N ASN J 4 -43.17 -21.52 -3.07
CA ASN J 4 -42.09 -20.74 -2.47
C ASN J 4 -42.36 -19.25 -2.61
N GLY J 5 -42.44 -18.76 -3.83
CA GLY J 5 -42.70 -17.35 -4.08
C GLY J 5 -41.48 -16.65 -4.66
N ILE J 6 -41.74 -15.47 -5.21
CA ILE J 6 -40.72 -14.61 -5.83
C ILE J 6 -39.64 -14.09 -4.86
N PRO J 7 -39.94 -13.59 -3.64
CA PRO J 7 -38.82 -13.05 -2.83
C PRO J 7 -37.83 -14.09 -2.33
N VAL J 8 -38.27 -15.30 -1.99
CA VAL J 8 -37.30 -16.31 -1.56
C VAL J 8 -36.48 -16.81 -2.75
N LYS J 9 -37.05 -16.81 -3.96
CA LYS J 9 -36.28 -17.12 -5.15
C LYS J 9 -35.27 -16.01 -5.46
N LEU J 10 -35.61 -14.75 -5.18
CA LEU J 10 -34.66 -13.68 -5.36
C LEU J 10 -33.55 -13.73 -4.32
N LEU J 11 -33.87 -14.16 -3.10
CA LEU J 11 -32.83 -14.31 -2.08
C LEU J 11 -31.92 -15.48 -2.40
N ASN J 12 -32.48 -16.56 -2.97
CA ASN J 12 -31.65 -17.67 -3.45
C ASN J 12 -30.93 -17.33 -4.74
N GLU J 13 -31.33 -16.27 -5.43
CA GLU J 13 -30.69 -15.89 -6.69
C GLU J 13 -29.32 -15.26 -6.45
N ALA J 14 -29.21 -14.39 -5.45
CA ALA J 14 -27.98 -13.64 -5.21
C ALA J 14 -27.04 -14.36 -4.25
N GLN J 15 -26.75 -15.64 -4.54
CA GLN J 15 -25.78 -16.38 -3.74
C GLN J 15 -24.37 -16.13 -4.25
N GLY J 16 -23.45 -15.87 -3.33
CA GLY J 16 -22.08 -15.56 -3.70
C GLY J 16 -21.88 -14.11 -4.07
N HIS J 17 -22.58 -13.20 -3.40
CA HIS J 17 -22.50 -11.78 -3.70
C HIS J 17 -22.49 -11.00 -2.40
N ILE J 18 -21.91 -9.80 -2.45
CA ILE J 18 -21.81 -8.95 -1.27
C ILE J 18 -23.19 -8.36 -0.99
N VAL J 19 -23.80 -8.78 0.11
CA VAL J 19 -25.09 -8.27 0.56
C VAL J 19 -24.90 -7.62 1.93
N SER J 20 -25.95 -6.92 2.37
CA SER J 20 -25.94 -6.28 3.68
C SER J 20 -27.28 -6.57 4.36
N LEU J 21 -27.20 -7.23 5.50
CA LEU J 21 -28.35 -7.54 6.36
C LEU J 21 -28.50 -6.47 7.42
N GLU J 22 -29.73 -6.31 7.92
CA GLU J 22 -29.94 -5.68 9.20
C GLU J 22 -30.80 -6.60 10.07
N LEU J 23 -30.39 -6.76 11.31
CA LEU J 23 -31.05 -7.62 12.27
C LEU J 23 -32.18 -6.86 12.97
N THR J 24 -32.98 -7.59 13.75
CA THR J 24 -34.06 -6.93 14.48
C THR J 24 -33.55 -6.13 15.66
N THR J 25 -32.41 -6.51 16.25
CA THR J 25 -31.84 -5.73 17.33
C THR J 25 -31.26 -4.40 16.87
N GLY J 26 -30.86 -4.30 15.60
CA GLY J 26 -30.20 -3.12 15.08
C GLY J 26 -28.80 -3.36 14.57
N ALA J 27 -28.25 -4.55 14.77
CA ALA J 27 -26.93 -4.89 14.25
C ALA J 27 -27.01 -5.10 12.76
N THR J 28 -26.17 -4.39 12.00
CA THR J 28 -26.14 -4.49 10.55
C THR J 28 -24.94 -5.36 10.18
N TYR J 29 -25.20 -6.42 9.42
CA TYR J 29 -24.13 -7.26 8.90
C TYR J 29 -23.89 -6.93 7.43
N ARG J 30 -22.69 -7.23 6.96
CA ARG J 30 -22.38 -7.06 5.55
C ARG J 30 -21.33 -8.07 5.15
N GLY J 31 -21.61 -8.84 4.11
CA GLY J 31 -20.66 -9.86 3.69
C GLY J 31 -21.16 -10.63 2.50
N LYS J 32 -20.40 -11.64 2.13
CA LYS J 32 -20.71 -12.45 0.95
C LYS J 32 -21.59 -13.62 1.34
N LEU J 33 -22.73 -13.75 0.66
CA LEU J 33 -23.72 -14.76 0.98
C LEU J 33 -23.23 -16.13 0.56
N VAL J 34 -23.16 -17.07 1.51
CA VAL J 34 -22.65 -18.40 1.21
C VAL J 34 -23.71 -19.22 0.51
N GLU J 35 -24.82 -19.49 1.20
CA GLU J 35 -25.89 -20.32 0.65
C GLU J 35 -27.19 -19.95 1.36
N SER J 36 -28.12 -19.37 0.62
CA SER J 36 -29.42 -19.01 1.16
C SER J 36 -30.37 -20.19 1.06
N GLU J 37 -31.42 -20.15 1.87
CA GLU J 37 -32.40 -21.22 1.96
C GLU J 37 -33.80 -20.66 1.78
N ASP J 38 -34.78 -21.58 1.71
CA ASP J 38 -36.17 -21.17 1.55
C ASP J 38 -36.72 -20.56 2.83
N SER J 39 -36.16 -20.96 3.98
CA SER J 39 -36.56 -20.43 5.28
C SER J 39 -35.78 -19.18 5.66
N MET J 40 -34.98 -18.65 4.73
CA MET J 40 -34.20 -17.41 4.86
C MET J 40 -33.15 -17.46 5.96
N ASN J 41 -32.78 -18.65 6.43
CA ASN J 41 -31.73 -18.81 7.42
C ASN J 41 -30.40 -18.73 6.66
N VAL J 42 -29.83 -17.54 6.56
CA VAL J 42 -28.80 -17.27 5.56
C VAL J 42 -27.42 -17.23 6.22
N GLN J 43 -26.42 -17.67 5.47
CA GLN J 43 -25.05 -17.82 5.92
C GLN J 43 -24.16 -16.87 5.15
N LEU J 44 -23.34 -16.10 5.87
CA LEU J 44 -22.50 -15.07 5.24
C LEU J 44 -21.05 -15.29 5.62
N ARG J 45 -20.16 -14.74 4.79
CA ARG J 45 -18.73 -14.93 4.90
C ARG J 45 -18.05 -13.60 4.62
N ASP J 46 -16.87 -13.40 5.23
CA ASP J 46 -16.19 -12.11 5.35
C ASP J 46 -17.14 -11.05 5.90
N VAL J 47 -17.64 -11.31 7.10
CA VAL J 47 -18.73 -10.53 7.66
C VAL J 47 -18.15 -9.36 8.44
N ILE J 48 -18.64 -8.16 8.15
CA ILE J 48 -18.40 -7.00 8.99
C ILE J 48 -19.70 -6.64 9.69
N ALA J 49 -19.63 -6.45 11.00
CA ALA J 49 -20.80 -6.33 11.85
C ALA J 49 -20.79 -4.99 12.57
N THR J 50 -21.97 -4.39 12.70
CA THR J 50 -22.15 -3.17 13.47
C THR J 50 -23.21 -3.44 14.52
N GLU J 51 -22.79 -3.49 15.79
CA GLU J 51 -23.72 -3.68 16.90
C GLU J 51 -24.63 -2.46 17.06
N PRO J 52 -25.79 -2.63 17.71
CA PRO J 52 -26.65 -1.47 18.00
C PRO J 52 -26.03 -0.46 18.96
N GLN J 53 -25.03 -0.87 19.75
CA GLN J 53 -24.27 0.09 20.55
C GLN J 53 -23.43 1.02 19.67
N GLY J 54 -23.00 0.55 18.50
CA GLY J 54 -22.31 1.41 17.58
C GLY J 54 -21.02 0.86 17.01
N ALA J 55 -20.37 -0.04 17.76
CA ALA J 55 -19.03 -0.50 17.42
C ALA J 55 -19.04 -1.39 16.18
N VAL J 56 -17.87 -1.56 15.59
CA VAL J 56 -17.69 -2.31 14.35
C VAL J 56 -16.71 -3.46 14.62
N THR J 57 -17.11 -4.68 14.26
CA THR J 57 -16.27 -5.85 14.41
C THR J 57 -16.31 -6.67 13.13
N HIS J 58 -15.59 -7.78 13.11
CA HIS J 58 -15.48 -8.61 11.91
C HIS J 58 -15.59 -10.08 12.30
N MET J 59 -16.62 -10.74 11.80
CA MET J 59 -16.75 -12.19 11.89
C MET J 59 -16.28 -12.85 10.61
N ASP J 60 -15.89 -14.12 10.72
CA ASP J 60 -15.39 -14.87 9.57
C ASP J 60 -16.52 -15.61 8.86
N GLN J 61 -17.45 -16.21 9.61
CA GLN J 61 -18.45 -17.09 9.02
C GLN J 61 -19.69 -17.04 9.92
N ILE J 62 -20.67 -16.23 9.52
CA ILE J 62 -21.87 -16.01 10.34
C ILE J 62 -23.01 -16.82 9.72
N PHE J 63 -24.02 -17.11 10.53
CA PHE J 63 -25.22 -17.83 10.08
C PHE J 63 -26.39 -17.29 10.89
N VAL J 64 -27.24 -16.47 10.27
CA VAL J 64 -28.33 -15.81 10.98
C VAL J 64 -29.65 -16.48 10.60
N ARG J 65 -30.58 -16.52 11.55
CA ARG J 65 -31.90 -17.11 11.37
C ARG J 65 -32.83 -16.10 10.71
N GLY J 66 -33.78 -16.61 9.93
CA GLY J 66 -34.54 -15.77 9.02
C GLY J 66 -35.54 -14.84 9.70
N SER J 67 -36.01 -15.22 10.90
CA SER J 67 -37.00 -14.40 11.58
C SER J 67 -36.38 -13.20 12.28
N GLN J 68 -35.07 -13.21 12.53
CA GLN J 68 -34.38 -12.08 13.14
C GLN J 68 -33.70 -11.18 12.11
N ILE J 69 -34.29 -11.05 10.92
CA ILE J 69 -33.74 -10.20 9.87
C ILE J 69 -34.73 -9.09 9.57
N LYS J 70 -34.27 -7.84 9.64
CA LYS J 70 -35.10 -6.72 9.21
C LYS J 70 -35.20 -6.70 7.69
N PHE J 71 -34.07 -6.59 7.01
CA PHE J 71 -34.02 -6.66 5.56
C PHE J 71 -32.61 -7.08 5.13
N ILE J 72 -32.45 -7.25 3.82
CA ILE J 72 -31.19 -7.58 3.18
C ILE J 72 -31.14 -6.86 1.83
N VAL J 73 -29.98 -6.34 1.47
CA VAL J 73 -29.81 -5.56 0.25
C VAL J 73 -29.06 -6.40 -0.77
N VAL J 74 -29.70 -6.64 -1.91
CA VAL J 74 -29.09 -7.36 -3.04
C VAL J 74 -28.41 -6.32 -3.92
N PRO J 75 -27.43 -6.70 -4.75
CA PRO J 75 -26.82 -5.71 -5.66
C PRO J 75 -27.79 -5.29 -6.76
N ASP J 76 -27.44 -4.17 -7.42
CA ASP J 76 -28.37 -3.47 -8.29
C ASP J 76 -28.56 -4.13 -9.65
N LEU J 77 -27.67 -5.04 -10.04
CA LEU J 77 -27.81 -5.69 -11.34
C LEU J 77 -28.95 -6.70 -11.35
N LEU J 78 -29.43 -7.12 -10.18
CA LEU J 78 -30.67 -7.87 -10.04
C LEU J 78 -31.91 -6.98 -10.11
N LYS J 79 -31.75 -5.70 -10.49
CA LYS J 79 -32.88 -4.85 -10.86
C LYS J 79 -33.64 -5.44 -12.04
N ASN J 80 -32.91 -6.04 -12.99
CA ASN J 80 -33.48 -6.66 -14.17
C ASN J 80 -33.32 -8.17 -14.04
N ALA J 81 -34.39 -8.84 -13.64
CA ALA J 81 -34.41 -10.27 -13.40
C ALA J 81 -35.59 -10.89 -14.13
N PRO J 82 -35.47 -12.14 -14.58
CA PRO J 82 -36.63 -12.81 -15.21
C PRO J 82 -37.73 -13.20 -14.24
N LEU J 83 -37.47 -13.13 -12.92
CA LEU J 83 -38.53 -13.30 -11.95
C LEU J 83 -39.50 -12.11 -11.99
N PHE J 84 -39.02 -10.95 -12.43
CA PHE J 84 -39.83 -9.74 -12.53
C PHE J 84 -40.69 -9.72 -13.79
N LYS J 85 -40.45 -10.62 -14.74
CA LYS J 85 -41.23 -10.64 -15.97
C LYS J 85 -42.62 -11.20 -15.70
N LYS J 86 -43.64 -10.46 -16.13
CA LYS J 86 -45.02 -10.83 -15.84
C LYS J 86 -45.59 -11.86 -16.81
N ASN J 87 -45.18 -11.81 -18.08
CA ASN J 87 -45.80 -12.65 -19.11
C ASN J 87 -44.83 -13.65 -19.71
N SER J 88 -43.87 -14.14 -18.92
CA SER J 88 -42.93 -15.14 -19.40
C SER J 88 -43.63 -16.50 -19.49
N SER J 89 -43.75 -17.04 -20.70
CA SER J 89 -44.42 -18.30 -20.90
C SER J 89 -43.52 -19.47 -20.50
N ARG J 90 -44.09 -20.66 -20.50
CA ARG J 90 -43.42 -21.84 -19.97
C ARG J 90 -43.19 -22.88 -21.06
N PRO J 91 -41.93 -23.18 -21.41
CA PRO J 91 -41.68 -24.11 -22.52
C PRO J 91 -41.90 -25.57 -22.17
N MET J 92 -43.14 -26.07 -22.32
CA MET J 92 -43.60 -27.47 -22.25
C MET J 92 -43.12 -28.21 -21.01
N PRO J 93 -43.77 -28.02 -19.87
CA PRO J 93 -43.40 -28.76 -18.66
C PRO J 93 -43.60 -30.25 -18.84
N PRO J 94 -42.76 -31.07 -18.22
CA PRO J 94 -42.81 -32.52 -18.47
C PRO J 94 -44.04 -33.17 -17.85
N ILE J 95 -44.35 -34.37 -18.33
CA ILE J 95 -45.48 -35.13 -17.85
C ILE J 95 -45.05 -35.97 -16.65
N LYS K 8 -17.17 -37.28 16.74
CA LYS K 8 -17.82 -38.51 17.18
C LYS K 8 -18.95 -38.85 16.20
N ALA K 9 -20.09 -38.17 16.36
CA ALA K 9 -21.27 -38.37 15.53
C ALA K 9 -22.17 -37.16 15.71
N MET K 10 -23.39 -37.26 15.19
CA MET K 10 -24.38 -36.22 15.36
C MET K 10 -25.37 -36.62 16.44
N VAL K 11 -25.74 -35.67 17.28
CA VAL K 11 -26.71 -35.86 18.35
C VAL K 11 -27.81 -34.82 18.16
N PRO K 12 -28.97 -35.23 17.64
CA PRO K 12 -30.08 -34.28 17.42
C PRO K 12 -30.66 -33.80 18.74
N PRO K 13 -31.32 -32.63 18.75
CA PRO K 13 -31.80 -32.09 20.03
C PRO K 13 -32.91 -32.90 20.68
N ILE K 14 -33.72 -33.61 19.90
CA ILE K 14 -34.75 -34.45 20.49
C ILE K 14 -34.13 -35.66 21.18
N ASN K 15 -33.10 -36.26 20.58
CA ASN K 15 -32.39 -37.34 21.26
C ASN K 15 -31.48 -36.81 22.35
N CYS K 16 -31.04 -35.55 22.27
CA CYS K 16 -30.30 -34.95 23.35
C CYS K 16 -31.16 -34.76 24.59
N ILE K 17 -32.39 -34.26 24.40
CA ILE K 17 -33.33 -34.14 25.51
C ILE K 17 -33.79 -35.52 25.99
N PHE K 18 -33.84 -36.51 25.09
CA PHE K 18 -34.22 -37.87 25.48
C PHE K 18 -33.15 -38.54 26.35
N ASN K 19 -31.87 -38.38 25.99
CA ASN K 19 -30.79 -38.86 26.84
C ASN K 19 -30.70 -38.07 28.14
N PHE K 20 -30.98 -36.76 28.07
CA PHE K 20 -31.04 -35.91 29.25
C PHE K 20 -32.17 -36.33 30.19
N LEU K 21 -33.24 -36.89 29.63
CA LEU K 21 -34.33 -37.47 30.40
C LEU K 21 -33.96 -38.80 31.01
N GLN K 22 -33.25 -39.64 30.26
CA GLN K 22 -32.84 -40.96 30.78
C GLN K 22 -31.83 -40.83 31.91
N GLN K 23 -30.87 -39.91 31.78
CA GLN K 23 -29.81 -39.81 32.79
C GLN K 23 -30.29 -39.20 34.10
N GLN K 24 -31.33 -38.35 34.05
CA GLN K 24 -31.93 -37.68 35.22
C GLN K 24 -30.90 -36.86 36.00
N THR K 25 -30.13 -36.06 35.27
CA THR K 25 -29.18 -35.14 35.86
C THR K 25 -29.92 -33.97 36.53
N PRO K 26 -29.27 -33.23 37.44
CA PRO K 26 -29.87 -31.98 37.91
C PRO K 26 -29.91 -30.93 36.80
N VAL K 27 -31.04 -30.25 36.71
CA VAL K 27 -31.39 -29.44 35.54
C VAL K 27 -31.48 -27.99 35.94
N THR K 28 -30.85 -27.11 35.16
CA THR K 28 -31.06 -25.66 35.25
C THR K 28 -31.74 -25.21 33.96
N ILE K 29 -32.99 -24.81 34.07
CA ILE K 29 -33.77 -24.32 32.93
C ILE K 29 -33.88 -22.80 33.04
N TRP K 30 -33.40 -22.12 32.01
CA TRP K 30 -33.54 -20.68 31.89
C TRP K 30 -34.86 -20.35 31.19
N LEU K 31 -35.17 -19.07 31.12
CA LEU K 31 -36.45 -18.60 30.59
C LEU K 31 -36.20 -17.26 29.91
N PHE K 32 -37.28 -16.49 29.77
CA PHE K 32 -37.28 -15.13 29.23
C PHE K 32 -36.41 -14.22 30.12
N GLU K 33 -36.19 -12.99 29.66
CA GLU K 33 -35.32 -12.02 30.32
C GLU K 33 -36.00 -11.48 31.58
N GLN K 34 -35.46 -10.37 32.11
CA GLN K 34 -35.45 -9.92 33.51
C GLN K 34 -36.72 -10.16 34.34
N ILE K 35 -37.88 -10.19 33.67
CA ILE K 35 -39.11 -10.64 34.32
C ILE K 35 -39.02 -12.13 34.64
N GLY K 36 -38.38 -12.91 33.76
CA GLY K 36 -38.34 -14.36 33.94
C GLY K 36 -37.39 -14.78 35.05
N ILE K 37 -37.63 -15.97 35.57
CA ILE K 37 -36.96 -16.48 36.77
C ILE K 37 -36.39 -17.86 36.45
N ARG K 38 -35.10 -18.06 36.77
CA ARG K 38 -34.43 -19.30 36.44
C ARG K 38 -34.88 -20.43 37.36
N ILE K 39 -35.22 -21.58 36.78
CA ILE K 39 -35.77 -22.69 37.55
C ILE K 39 -34.75 -23.82 37.60
N LYS K 40 -34.72 -24.55 38.72
CA LYS K 40 -33.87 -25.72 38.86
C LYS K 40 -34.73 -26.91 39.24
N GLY K 41 -34.53 -28.02 38.55
CA GLY K 41 -35.31 -29.23 38.83
C GLY K 41 -34.82 -30.49 38.15
N LYS K 42 -35.74 -31.40 37.82
CA LYS K 42 -35.40 -32.64 37.14
C LYS K 42 -36.49 -32.96 36.13
N ILE K 43 -36.10 -33.28 34.90
CA ILE K 43 -37.04 -33.44 33.79
C ILE K 43 -37.72 -34.80 33.91
N VAL K 44 -39.04 -34.84 33.70
CA VAL K 44 -39.75 -36.10 33.66
C VAL K 44 -40.56 -36.28 32.37
N GLY K 45 -40.90 -35.23 31.63
CA GLY K 45 -41.64 -35.39 30.39
C GLY K 45 -41.58 -34.21 29.45
N PHE K 46 -41.64 -34.47 28.14
CA PHE K 46 -41.66 -33.41 27.13
C PHE K 46 -42.47 -33.91 25.93
N ASP K 47 -42.56 -33.04 24.92
CA ASP K 47 -43.39 -33.33 23.74
C ASP K 47 -42.75 -32.66 22.53
N GLU K 48 -43.53 -32.49 21.46
CA GLU K 48 -43.03 -31.94 20.21
C GLU K 48 -43.01 -30.41 20.20
N PHE K 49 -43.82 -29.75 21.01
CA PHE K 49 -43.79 -28.29 21.11
C PHE K 49 -42.90 -27.82 22.24
N MET K 50 -42.06 -28.72 22.78
CA MET K 50 -41.09 -28.46 23.84
C MET K 50 -41.78 -27.95 25.11
N ASN K 51 -42.92 -28.53 25.44
CA ASN K 51 -43.57 -28.27 26.72
C ASN K 51 -43.01 -29.27 27.72
N VAL K 52 -42.06 -28.82 28.52
CA VAL K 52 -41.23 -29.69 29.33
C VAL K 52 -41.83 -29.80 30.73
N VAL K 53 -42.00 -31.02 31.23
CA VAL K 53 -42.52 -31.26 32.57
C VAL K 53 -41.34 -31.53 33.49
N ILE K 54 -41.30 -30.83 34.62
CA ILE K 54 -40.17 -30.85 35.54
C ILE K 54 -40.72 -31.08 36.95
N ASP K 55 -39.87 -31.63 37.82
CA ASP K 55 -40.24 -31.92 39.20
C ASP K 55 -39.13 -31.44 40.11
N GLU K 56 -39.52 -31.16 41.38
CA GLU K 56 -38.65 -30.63 42.43
C GLU K 56 -38.02 -29.31 41.97
N ALA K 57 -38.90 -28.33 41.75
CA ALA K 57 -38.53 -27.07 41.13
C ALA K 57 -38.27 -26.02 42.20
N VAL K 58 -37.09 -25.40 42.15
CA VAL K 58 -36.73 -24.27 43.00
C VAL K 58 -36.39 -23.11 42.07
N GLU K 59 -37.05 -21.98 42.26
CA GLU K 59 -36.87 -20.83 41.40
C GLU K 59 -35.94 -19.80 42.05
N ILE K 60 -35.03 -19.27 41.26
CA ILE K 60 -34.07 -18.25 41.68
C ILE K 60 -34.10 -17.13 40.64
N PRO K 61 -34.28 -15.87 41.06
CA PRO K 61 -34.29 -14.76 40.10
C PRO K 61 -32.92 -14.47 39.51
N VAL K 62 -32.88 -13.54 38.56
CA VAL K 62 -31.63 -13.16 37.91
C VAL K 62 -30.79 -12.32 38.87
N ASN K 63 -29.47 -12.50 38.80
CA ASN K 63 -28.55 -11.77 39.67
C ASN K 63 -28.45 -10.30 39.25
N LYS K 73 -32.06 -17.25 47.90
CA LYS K 73 -33.41 -17.24 48.43
C LYS K 73 -34.38 -17.93 47.48
N GLY K 74 -34.22 -19.24 47.32
CA GLY K 74 -35.08 -20.01 46.43
C GLY K 74 -36.28 -20.60 47.15
N THR K 75 -37.39 -20.69 46.41
CA THR K 75 -38.64 -21.23 46.92
C THR K 75 -39.02 -22.51 46.20
N PRO K 76 -39.49 -23.53 46.92
CA PRO K 76 -39.92 -24.76 46.25
C PRO K 76 -41.22 -24.57 45.52
N LEU K 77 -41.39 -25.32 44.43
CA LEU K 77 -42.55 -25.17 43.55
C LEU K 77 -43.31 -26.46 43.28
N GLY K 78 -42.67 -27.62 43.37
CA GLY K 78 -43.37 -28.88 43.15
C GLY K 78 -43.16 -29.47 41.78
N LYS K 79 -44.25 -29.70 41.05
CA LYS K 79 -44.20 -30.29 39.73
C LYS K 79 -44.86 -29.34 38.74
N ILE K 80 -44.17 -29.08 37.62
CA ILE K 80 -44.47 -27.96 36.74
C ILE K 80 -44.48 -28.45 35.30
N LEU K 81 -45.54 -28.08 34.57
CA LEU K 81 -45.58 -28.29 33.12
C LEU K 81 -45.25 -26.94 32.48
N LEU K 82 -43.95 -26.70 32.25
CA LEU K 82 -43.48 -25.45 31.68
C LEU K 82 -43.73 -25.45 30.17
N LYS K 83 -44.36 -24.39 29.68
CA LYS K 83 -44.73 -24.31 28.28
C LYS K 83 -43.50 -24.00 27.42
N GLY K 84 -43.69 -24.14 26.10
CA GLY K 84 -42.60 -24.05 25.15
C GLY K 84 -42.14 -22.67 24.79
N ASP K 85 -43.07 -21.71 24.67
CA ASP K 85 -42.75 -20.40 24.11
C ASP K 85 -41.89 -19.52 25.03
N ASN K 86 -41.64 -19.94 26.28
CA ASN K 86 -40.78 -19.18 27.18
C ASN K 86 -39.46 -19.88 27.47
N ILE K 87 -39.28 -21.12 27.03
CA ILE K 87 -38.04 -21.86 27.28
C ILE K 87 -36.93 -21.32 26.39
N THR K 88 -35.81 -20.97 27.02
CA THR K 88 -34.66 -20.42 26.31
C THR K 88 -33.48 -21.38 26.29
N LEU K 89 -33.09 -21.95 27.43
CA LEU K 89 -31.84 -22.68 27.52
C LEU K 89 -31.92 -23.72 28.63
N ILE K 90 -31.34 -24.90 28.38
CA ILE K 90 -31.36 -26.03 29.30
C ILE K 90 -29.91 -26.46 29.54
N THR K 91 -29.51 -26.53 30.82
CA THR K 91 -28.19 -27.04 31.17
C THR K 91 -28.29 -28.10 32.26
N SER K 92 -27.21 -28.87 32.39
CA SER K 92 -27.05 -29.87 33.43
C SER K 92 -26.15 -29.27 34.52
N ALA K 93 -26.74 -28.98 35.67
CA ALA K 93 -26.00 -28.38 36.77
C ALA K 93 -25.10 -29.40 37.45
N PRO L 12 -40.51 -41.07 30.43
CA PRO L 12 -41.54 -42.02 30.88
C PRO L 12 -42.95 -41.48 30.71
N VAL L 13 -43.16 -40.22 31.06
CA VAL L 13 -44.47 -39.60 30.97
C VAL L 13 -44.45 -38.53 29.88
N ASN L 14 -45.64 -38.11 29.47
CA ASN L 14 -45.84 -37.10 28.44
C ASN L 14 -46.78 -36.04 29.00
N PRO L 15 -46.74 -34.81 28.46
CA PRO L 15 -47.61 -33.75 29.00
C PRO L 15 -49.11 -33.98 28.78
N LYS L 16 -49.49 -34.75 27.77
CA LYS L 16 -50.93 -34.96 27.54
C LYS L 16 -51.56 -35.93 28.54
N PRO L 17 -50.98 -37.10 28.90
CA PRO L 17 -51.61 -37.88 29.98
C PRO L 17 -51.45 -37.24 31.35
N PHE L 18 -50.38 -36.48 31.57
CA PHE L 18 -50.23 -35.76 32.82
C PHE L 18 -51.23 -34.61 32.93
N LEU L 19 -51.61 -34.02 31.80
CA LEU L 19 -52.54 -32.90 31.81
C LEU L 19 -54.00 -33.35 31.77
N LYS L 20 -54.28 -34.52 31.20
CA LYS L 20 -55.61 -35.10 31.34
C LYS L 20 -55.85 -35.59 32.76
N GLY L 21 -54.79 -36.06 33.43
CA GLY L 21 -54.88 -36.41 34.84
C GLY L 21 -54.81 -35.25 35.80
N LEU L 22 -54.51 -34.05 35.29
CA LEU L 22 -54.44 -32.85 36.11
C LEU L 22 -55.81 -32.21 36.31
N VAL L 23 -56.84 -32.73 35.62
CA VAL L 23 -58.20 -32.23 35.76
C VAL L 23 -58.72 -32.55 37.16
N ASN L 24 -59.51 -31.61 37.71
CA ASN L 24 -60.10 -31.68 39.05
C ASN L 24 -59.01 -31.72 40.13
N HIS L 25 -58.23 -30.65 40.17
CA HIS L 25 -57.21 -30.45 41.17
C HIS L 25 -56.96 -28.95 41.32
N ARG L 26 -56.62 -28.54 42.53
CA ARG L 26 -56.28 -27.14 42.80
C ARG L 26 -54.91 -26.85 42.18
N VAL L 27 -54.92 -26.37 40.95
CA VAL L 27 -53.71 -26.10 40.20
C VAL L 27 -53.46 -24.60 40.17
N GLY L 28 -52.23 -24.23 39.85
CA GLY L 28 -51.85 -22.84 39.74
C GLY L 28 -51.18 -22.57 38.40
N VAL L 29 -51.46 -21.41 37.83
CA VAL L 29 -50.94 -21.00 36.53
C VAL L 29 -50.30 -19.63 36.72
N LYS L 30 -49.02 -19.51 36.38
CA LYS L 30 -48.33 -18.23 36.38
C LYS L 30 -48.34 -17.70 34.95
N LEU L 31 -48.44 -16.38 34.80
CA LEU L 31 -48.39 -15.77 33.50
C LEU L 31 -46.99 -15.20 33.24
N LYS L 32 -46.82 -14.58 32.07
CA LYS L 32 -45.51 -14.08 31.67
C LYS L 32 -45.16 -12.76 32.36
N PHE L 33 -46.09 -12.15 33.08
CA PHE L 33 -45.97 -10.75 33.48
C PHE L 33 -45.55 -10.58 34.93
N ASN L 34 -45.43 -11.67 35.69
CA ASN L 34 -45.01 -11.74 37.10
C ASN L 34 -45.94 -10.93 38.01
N SER L 35 -47.17 -10.67 37.59
CA SER L 35 -48.16 -9.98 38.41
C SER L 35 -49.54 -10.59 38.27
N THR L 36 -49.68 -11.71 37.59
CA THR L 36 -50.97 -12.38 37.42
C THR L 36 -50.74 -13.87 37.56
N GLU L 37 -51.26 -14.44 38.64
CA GLU L 37 -51.21 -15.88 38.88
C GLU L 37 -52.59 -16.35 39.29
N TYR L 38 -53.12 -17.34 38.59
CA TYR L 38 -54.48 -17.81 38.81
C TYR L 38 -54.43 -19.23 39.35
N ARG L 39 -55.02 -19.43 40.53
CA ARG L 39 -55.02 -20.71 41.21
C ARG L 39 -56.47 -21.18 41.37
N GLY L 40 -56.82 -22.24 40.66
CA GLY L 40 -58.18 -22.76 40.70
C GLY L 40 -58.27 -24.21 40.30
N THR L 41 -59.49 -24.72 40.10
CA THR L 41 -59.71 -26.11 39.73
C THR L 41 -59.81 -26.21 38.21
N LEU L 42 -58.99 -27.06 37.61
CA LEU L 42 -58.96 -27.22 36.16
C LEU L 42 -60.17 -28.03 35.70
N VAL L 43 -60.77 -27.62 34.59
CA VAL L 43 -61.98 -28.26 34.06
C VAL L 43 -61.70 -29.01 32.77
N SER L 44 -61.12 -28.33 31.78
CA SER L 44 -60.91 -28.94 30.47
C SER L 44 -59.73 -28.25 29.79
N THR L 45 -59.09 -29.00 28.87
CA THR L 45 -57.92 -28.51 28.17
C THR L 45 -57.87 -29.15 26.79
N ASP L 46 -57.65 -28.35 25.76
CA ASP L 46 -57.64 -28.82 24.37
C ASP L 46 -56.23 -29.23 23.96
N ASN L 47 -56.05 -29.49 22.66
CA ASN L 47 -54.74 -29.84 22.12
C ASN L 47 -53.83 -28.63 21.92
N TYR L 48 -54.40 -27.42 21.82
CA TYR L 48 -53.62 -26.20 21.85
C TYR L 48 -53.39 -25.68 23.28
N PHE L 49 -53.79 -26.48 24.28
CA PHE L 49 -53.48 -26.27 25.70
C PHE L 49 -54.09 -24.97 26.24
N ASN L 50 -55.28 -24.61 25.78
CA ASN L 50 -56.04 -23.56 26.44
C ASN L 50 -56.55 -24.06 27.78
N LEU L 51 -56.64 -23.17 28.75
CA LEU L 51 -56.94 -23.55 30.12
C LEU L 51 -58.31 -23.02 30.53
N GLN L 52 -59.06 -23.86 31.25
CA GLN L 52 -60.35 -23.48 31.81
C GLN L 52 -60.34 -23.80 33.29
N LEU L 53 -60.53 -22.79 34.13
CA LEU L 53 -60.46 -22.95 35.58
C LEU L 53 -61.76 -22.50 36.22
N ASN L 54 -61.95 -22.96 37.46
CA ASN L 54 -63.11 -22.60 38.26
C ASN L 54 -62.62 -22.18 39.64
N GLU L 55 -63.38 -21.26 40.25
CA GLU L 55 -63.08 -20.55 41.51
C GLU L 55 -61.60 -20.13 41.62
N ALA L 56 -61.11 -19.49 40.58
CA ALA L 56 -59.73 -19.04 40.54
C ALA L 56 -59.52 -17.84 41.45
N GLU L 57 -58.25 -17.61 41.81
CA GLU L 57 -57.86 -16.51 42.68
C GLU L 57 -56.70 -15.76 42.04
N GLU L 58 -56.80 -14.43 42.03
CA GLU L 58 -55.74 -13.60 41.46
C GLU L 58 -54.62 -13.43 42.48
N PHE L 59 -53.37 -13.46 41.98
CA PHE L 59 -52.19 -13.30 42.82
C PHE L 59 -51.26 -12.29 42.14
N VAL L 60 -51.27 -11.05 42.62
CA VAL L 60 -50.37 -10.02 42.13
C VAL L 60 -49.14 -9.97 43.04
N ALA L 61 -48.01 -10.47 42.51
CA ALA L 61 -46.70 -10.54 43.19
C ALA L 61 -46.76 -11.29 44.52
N GLY L 62 -47.67 -12.26 44.63
CA GLY L 62 -47.83 -13.07 45.82
C GLY L 62 -49.09 -12.78 46.62
N VAL L 63 -49.48 -11.51 46.72
CA VAL L 63 -50.62 -11.12 47.53
C VAL L 63 -51.88 -11.25 46.69
N SER L 64 -53.00 -11.55 47.33
CA SER L 64 -54.27 -11.78 46.66
C SER L 64 -55.03 -10.46 46.49
N HIS L 65 -56.07 -10.52 45.66
CA HIS L 65 -56.98 -9.40 45.47
C HIS L 65 -58.45 -9.80 45.58
N GLY L 66 -58.79 -11.02 45.23
CA GLY L 66 -60.17 -11.48 45.33
C GLY L 66 -60.40 -12.68 44.46
N THR L 67 -61.54 -13.34 44.72
CA THR L 67 -61.94 -14.51 43.96
C THR L 67 -62.58 -14.11 42.64
N LEU L 68 -62.45 -14.98 41.65
CA LEU L 68 -62.91 -14.69 40.29
C LEU L 68 -64.04 -15.63 39.86
N GLY L 69 -63.83 -16.94 39.93
CA GLY L 69 -64.84 -17.89 39.50
C GLY L 69 -64.45 -18.66 38.26
N GLU L 70 -65.42 -18.91 37.39
CA GLU L 70 -65.15 -19.62 36.14
C GLU L 70 -64.41 -18.69 35.17
N ILE L 71 -63.23 -19.11 34.73
CA ILE L 71 -62.35 -18.25 33.96
C ILE L 71 -61.67 -19.08 32.86
N PHE L 72 -61.36 -18.41 31.75
CA PHE L 72 -60.71 -19.04 30.60
C PHE L 72 -59.36 -18.38 30.36
N ILE L 73 -58.28 -19.09 30.67
CA ILE L 73 -56.93 -18.59 30.52
C ILE L 73 -56.39 -19.05 29.16
N ARG L 74 -55.97 -18.07 28.36
CA ARG L 74 -55.45 -18.35 27.02
C ARG L 74 -54.01 -18.86 27.12
N CYS L 75 -53.68 -19.82 26.24
CA CYS L 75 -52.34 -20.41 26.19
C CYS L 75 -51.28 -19.45 25.67
N ASN L 76 -51.68 -18.29 25.14
CA ASN L 76 -50.74 -17.28 24.67
C ASN L 76 -49.92 -16.72 25.82
N ASN L 77 -50.57 -16.47 26.96
CA ASN L 77 -49.96 -15.74 28.06
C ASN L 77 -49.61 -16.61 29.26
N VAL L 78 -49.77 -17.92 29.16
CA VAL L 78 -49.34 -18.80 30.25
C VAL L 78 -47.82 -18.90 30.22
N LEU L 79 -47.24 -19.23 31.38
CA LEU L 79 -45.82 -19.55 31.47
C LEU L 79 -45.62 -20.99 31.91
N TYR L 80 -46.30 -21.41 32.97
CA TYR L 80 -46.36 -22.81 33.35
C TYR L 80 -47.67 -23.07 34.09
N ILE L 81 -47.95 -24.35 34.31
CA ILE L 81 -49.02 -24.79 35.20
C ILE L 81 -48.42 -25.77 36.21
N ARG L 82 -48.81 -25.62 37.48
CA ARG L 82 -48.22 -26.38 38.55
C ARG L 82 -49.30 -27.23 39.23
N GLU L 83 -48.85 -28.24 39.98
CA GLU L 83 -49.73 -29.12 40.73
C GLU L 83 -49.36 -29.05 42.20
N LEU L 84 -50.31 -28.70 43.05
CA LEU L 84 -50.07 -28.62 44.49
C LEU L 84 -50.51 -29.89 45.19
N VAL M 2 -39.33 -27.64 7.14
CA VAL M 2 -39.35 -28.37 5.87
C VAL M 2 -37.93 -28.72 5.45
N SER M 3 -37.14 -27.69 5.20
CA SER M 3 -35.77 -27.88 4.75
C SER M 3 -34.82 -27.93 5.93
N THR M 4 -33.92 -28.91 5.90
CA THR M 4 -32.89 -29.01 6.93
C THR M 4 -31.86 -27.89 6.71
N PRO M 5 -31.53 -27.12 7.73
CA PRO M 5 -30.56 -26.03 7.56
C PRO M 5 -29.14 -26.57 7.36
N GLU M 6 -28.36 -25.81 6.60
CA GLU M 6 -27.01 -26.23 6.20
C GLU M 6 -26.01 -25.84 7.30
N LEU M 7 -26.00 -26.67 8.34
CA LEU M 7 -25.00 -26.56 9.41
C LEU M 7 -23.99 -27.70 9.35
N LYS M 8 -23.78 -28.29 8.17
CA LYS M 8 -22.87 -29.42 8.02
C LYS M 8 -21.41 -28.97 8.17
N LYS M 9 -21.10 -27.75 7.75
CA LYS M 9 -19.75 -27.21 7.89
C LYS M 9 -19.38 -26.88 9.33
N TYR M 10 -20.35 -26.85 10.23
CA TYR M 10 -20.13 -26.53 11.65
C TYR M 10 -20.12 -27.80 12.50
N MET M 11 -19.63 -28.92 11.94
CA MET M 11 -19.84 -30.22 12.56
C MET M 11 -18.97 -30.43 13.79
N ASP M 12 -17.67 -30.12 13.69
CA ASP M 12 -16.75 -30.30 14.81
C ASP M 12 -15.99 -29.02 15.11
N LYS M 13 -16.65 -27.87 15.00
CA LYS M 13 -16.02 -26.58 15.19
C LYS M 13 -16.69 -25.82 16.33
N LYS M 14 -15.91 -24.96 16.98
CA LYS M 14 -16.42 -24.15 18.07
C LYS M 14 -17.22 -22.97 17.51
N ILE M 15 -18.46 -22.82 17.98
CA ILE M 15 -19.32 -21.73 17.57
C ILE M 15 -19.67 -20.89 18.78
N LEU M 16 -20.24 -19.72 18.51
CA LEU M 16 -20.64 -18.76 19.54
C LEU M 16 -22.04 -18.27 19.17
N LEU M 17 -23.04 -18.75 19.90
CA LEU M 17 -24.40 -18.24 19.76
C LEU M 17 -24.55 -16.94 20.52
N ASN M 18 -25.35 -16.03 19.99
CA ASN M 18 -25.78 -14.85 20.73
C ASN M 18 -27.25 -14.96 21.07
N ILE M 19 -27.60 -14.63 22.31
CA ILE M 19 -28.95 -14.76 22.82
C ILE M 19 -29.42 -13.38 23.24
N ASN M 20 -30.19 -12.76 22.33
CA ASN M 20 -31.20 -11.73 22.48
C ASN M 20 -30.72 -10.31 22.78
N GLY M 21 -29.55 -10.12 23.38
CA GLY M 21 -28.71 -9.02 22.96
C GLY M 21 -27.29 -9.16 23.43
N SER M 22 -27.08 -10.06 24.38
CA SER M 22 -25.78 -10.15 25.04
C SER M 22 -25.34 -11.55 25.43
N ARG M 23 -26.23 -12.54 25.51
CA ARG M 23 -25.83 -13.79 26.15
C ARG M 23 -25.06 -14.62 25.12
N LYS M 24 -23.74 -14.51 25.16
CA LYS M 24 -22.86 -15.15 24.18
C LYS M 24 -22.45 -16.51 24.73
N VAL M 25 -23.06 -17.57 24.21
CA VAL M 25 -22.78 -18.94 24.63
C VAL M 25 -21.83 -19.55 23.60
N ALA M 26 -20.58 -19.74 23.99
CA ALA M 26 -19.58 -20.36 23.13
C ALA M 26 -19.52 -21.84 23.45
N GLY M 27 -19.76 -22.68 22.45
CA GLY M 27 -19.73 -24.11 22.64
C GLY M 27 -19.24 -24.86 21.42
N ILE M 28 -19.38 -26.18 21.42
CA ILE M 28 -19.02 -27.02 20.29
C ILE M 28 -20.30 -27.67 19.78
N LEU M 29 -20.65 -27.41 18.52
CA LEU M 29 -21.90 -27.88 17.96
C LEU M 29 -21.87 -29.39 17.79
N ARG M 30 -22.74 -30.08 18.52
CA ARG M 30 -22.87 -31.53 18.38
C ARG M 30 -24.05 -31.94 17.51
N GLY M 31 -25.07 -31.08 17.39
CA GLY M 31 -26.20 -31.44 16.57
C GLY M 31 -27.23 -30.33 16.50
N TYR M 32 -28.08 -30.45 15.49
CA TYR M 32 -29.10 -29.46 15.18
C TYR M 32 -30.33 -30.17 14.63
N ASP M 33 -31.39 -29.41 14.45
CA ASP M 33 -32.64 -29.89 13.88
C ASP M 33 -33.10 -28.93 12.78
N ILE M 34 -34.35 -29.09 12.36
CA ILE M 34 -34.96 -28.21 11.37
C ILE M 34 -35.58 -27.00 12.05
N PHE M 35 -35.33 -26.85 13.35
CA PHE M 35 -35.85 -25.75 14.15
C PHE M 35 -34.73 -24.84 14.67
N LEU M 36 -33.48 -25.07 14.24
CA LEU M 36 -32.28 -24.38 14.74
C LEU M 36 -32.09 -24.52 16.25
N ASN M 37 -32.57 -25.62 16.83
CA ASN M 37 -32.19 -25.94 18.21
C ASN M 37 -30.77 -26.48 18.20
N VAL M 38 -29.91 -25.92 19.05
CA VAL M 38 -28.48 -26.14 18.95
C VAL M 38 -28.00 -26.92 20.18
N VAL M 39 -27.35 -28.05 19.94
CA VAL M 39 -26.75 -28.85 21.01
C VAL M 39 -25.28 -28.46 21.11
N LEU M 40 -24.87 -28.02 22.30
CA LEU M 40 -23.50 -27.57 22.52
C LEU M 40 -22.84 -28.40 23.62
N ASP M 41 -21.63 -28.89 23.35
CA ASP M 41 -20.80 -29.54 24.33
C ASP M 41 -19.78 -28.53 24.85
N ASP M 42 -19.59 -28.52 26.18
CA ASP M 42 -18.68 -27.62 26.91
C ASP M 42 -19.02 -26.16 26.62
N ALA M 43 -20.23 -25.78 27.04
CA ALA M 43 -20.70 -24.42 26.84
C ALA M 43 -20.00 -23.45 27.78
N MET M 44 -20.03 -22.17 27.42
CA MET M 44 -19.32 -21.14 28.18
C MET M 44 -20.02 -19.81 27.95
N GLU M 45 -20.48 -19.18 29.02
CA GLU M 45 -21.10 -17.86 28.90
C GLU M 45 -20.02 -16.78 28.94
N ILE M 46 -20.05 -15.88 27.96
CA ILE M 46 -19.06 -14.82 27.83
C ILE M 46 -19.75 -13.49 28.07
N ASN M 47 -19.28 -12.75 29.07
CA ASN M 47 -19.81 -11.43 29.40
C ASN M 47 -18.73 -10.37 29.22
N GLY M 48 -19.16 -9.17 28.87
CA GLY M 48 -18.25 -8.06 28.65
C GLY M 48 -17.74 -7.46 29.95
N ASN M 53 -16.68 -12.65 35.48
CA ASN M 53 -17.27 -12.42 34.17
C ASN M 53 -17.64 -13.73 33.51
N ASN M 54 -16.76 -14.72 33.60
CA ASN M 54 -16.96 -16.00 32.96
C ASN M 54 -17.92 -16.87 33.78
N HIS M 55 -18.65 -17.73 33.08
CA HIS M 55 -19.59 -18.63 33.73
C HIS M 55 -19.69 -19.92 32.91
N GLN M 56 -19.60 -21.06 33.59
CA GLN M 56 -19.65 -22.35 32.94
C GLN M 56 -21.08 -22.89 32.95
N LEU M 57 -21.44 -23.59 31.88
CA LEU M 57 -22.82 -24.03 31.68
C LEU M 57 -22.94 -25.54 31.53
N GLY M 58 -22.30 -26.29 32.41
CA GLY M 58 -22.44 -27.73 32.41
C GLY M 58 -21.63 -28.40 31.31
N LEU M 59 -21.85 -29.71 31.18
CA LEU M 59 -21.12 -30.49 30.18
C LEU M 59 -21.80 -30.38 28.82
N GLN M 60 -23.05 -30.81 28.72
CA GLN M 60 -23.84 -30.65 27.51
C GLN M 60 -24.99 -29.68 27.76
N THR M 61 -25.48 -29.09 26.68
CA THR M 61 -26.63 -28.20 26.76
C THR M 61 -27.37 -28.22 25.42
N VAL M 62 -28.65 -27.87 25.47
CA VAL M 62 -29.46 -27.68 24.27
C VAL M 62 -30.12 -26.30 24.38
N ILE M 63 -30.11 -25.56 23.28
CA ILE M 63 -30.53 -24.16 23.27
C ILE M 63 -31.64 -23.99 22.25
N ARG M 64 -32.73 -23.37 22.69
CA ARG M 64 -33.92 -23.13 21.87
C ARG M 64 -33.62 -22.20 20.70
N GLY M 65 -34.10 -22.56 19.52
CA GLY M 65 -33.88 -21.78 18.32
C GLY M 65 -34.66 -20.48 18.24
N ASN M 66 -35.62 -20.27 19.14
CA ASN M 66 -36.38 -19.03 19.12
C ASN M 66 -35.53 -17.85 19.62
N SER M 67 -34.75 -18.07 20.67
CA SER M 67 -33.88 -17.04 21.19
C SER M 67 -32.57 -16.92 20.42
N ILE M 68 -32.25 -17.91 19.59
CA ILE M 68 -31.03 -17.86 18.79
C ILE M 68 -31.22 -16.89 17.63
N ILE M 69 -30.32 -15.91 17.53
CA ILE M 69 -30.37 -14.95 16.45
C ILE M 69 -29.40 -15.36 15.36
N SER M 70 -28.12 -15.43 15.70
CA SER M 70 -27.08 -15.82 14.75
C SER M 70 -26.06 -16.67 15.49
N LEU M 71 -24.94 -16.99 14.83
CA LEU M 71 -23.85 -17.71 15.46
C LEU M 71 -22.56 -17.42 14.71
N GLU M 72 -21.51 -17.13 15.46
CA GLU M 72 -20.18 -16.89 14.90
C GLU M 72 -19.40 -18.19 14.90
N ALA M 73 -18.81 -18.54 13.76
CA ALA M 73 -17.92 -19.69 13.69
C ALA M 73 -16.56 -19.28 14.25
N LEU M 74 -16.30 -19.63 15.50
CA LEU M 74 -15.06 -19.22 16.14
C LEU M 74 -13.86 -20.00 15.60
N ASP M 75 -14.08 -21.22 15.12
CA ASP M 75 -13.01 -22.06 14.60
C ASP M 75 -12.96 -21.95 13.08
N ALA M 76 -11.77 -22.15 12.53
CA ALA M 76 -11.58 -22.06 11.09
C ALA M 76 -12.15 -23.29 10.40
N ILE M 77 -12.61 -23.09 9.16
CA ILE M 77 -13.20 -24.17 8.38
C ILE M 77 -12.30 -24.54 7.21
N MET N 1 -64.79 -21.41 10.07
CA MET N 1 -65.54 -20.60 11.03
C MET N 1 -64.71 -19.34 11.32
N LYS N 2 -63.77 -19.06 10.41
CA LYS N 2 -62.99 -17.83 10.51
C LYS N 2 -63.86 -16.62 10.23
N LEU N 3 -63.78 -15.62 11.12
CA LEU N 3 -64.59 -14.42 11.02
C LEU N 3 -63.97 -13.35 10.15
N VAL N 4 -62.94 -13.69 9.37
CA VAL N 4 -62.46 -12.79 8.34
C VAL N 4 -63.46 -12.73 7.19
N ASN N 5 -64.20 -13.81 6.96
CA ASN N 5 -65.28 -13.80 5.98
C ASN N 5 -66.43 -12.89 6.41
N PHE N 6 -66.57 -12.65 7.72
CA PHE N 6 -67.50 -11.63 8.19
C PHE N 6 -67.03 -10.23 7.79
N LEU N 7 -65.72 -9.98 7.82
CA LEU N 7 -65.20 -8.69 7.38
C LEU N 7 -65.16 -8.58 5.86
N LYS N 8 -65.19 -9.70 5.14
CA LYS N 8 -65.27 -9.65 3.68
C LYS N 8 -66.64 -9.17 3.21
N LYS N 9 -67.67 -9.30 4.05
CA LYS N 9 -68.99 -8.76 3.77
C LYS N 9 -69.15 -7.32 4.23
N LEU N 10 -68.07 -6.65 4.60
CA LEU N 10 -68.10 -5.31 5.15
C LEU N 10 -67.41 -4.32 4.23
N ARG N 11 -67.64 -4.44 2.93
CA ARG N 11 -67.11 -3.48 1.97
C ARG N 11 -67.92 -2.19 2.02
N ASN N 12 -67.22 -1.06 1.79
CA ASN N 12 -67.77 0.30 1.83
C ASN N 12 -68.40 0.59 3.19
N GLU N 13 -67.74 0.14 4.25
CA GLU N 13 -68.16 0.39 5.62
C GLU N 13 -67.17 1.36 6.25
N GLN N 14 -67.70 2.41 6.89
CA GLN N 14 -66.88 3.51 7.39
C GLN N 14 -66.56 3.24 8.85
N VAL N 15 -65.37 2.66 9.10
CA VAL N 15 -65.05 2.10 10.40
C VAL N 15 -63.87 2.84 11.03
N THR N 16 -63.52 2.44 12.25
CA THR N 16 -62.24 2.83 12.85
C THR N 16 -61.47 1.57 13.22
N ILE N 17 -60.16 1.70 13.31
CA ILE N 17 -59.26 0.61 13.68
C ILE N 17 -58.26 1.14 14.70
N GLU N 18 -58.27 0.57 15.90
CA GLU N 18 -57.19 0.82 16.85
C GLU N 18 -56.11 -0.24 16.65
N LEU N 19 -54.88 0.21 16.44
CA LEU N 19 -53.77 -0.70 16.21
C LEU N 19 -53.09 -1.04 17.53
N LYS N 20 -52.16 -1.99 17.47
CA LYS N 20 -51.40 -2.37 18.66
C LYS N 20 -50.39 -1.32 19.05
N ASN N 21 -49.97 -0.47 18.11
CA ASN N 21 -49.08 0.64 18.45
C ASN N 21 -49.83 1.72 19.21
N GLY N 22 -51.13 1.84 18.99
CA GLY N 22 -51.97 2.82 19.67
C GLY N 22 -52.66 3.81 18.77
N THR N 23 -52.59 3.64 17.44
CA THR N 23 -53.13 4.62 16.51
C THR N 23 -54.57 4.28 16.17
N THR N 24 -55.43 5.30 16.18
CA THR N 24 -56.83 5.16 15.78
C THR N 24 -56.97 5.64 14.34
N VAL N 25 -57.53 4.79 13.49
CA VAL N 25 -57.61 5.01 12.05
C VAL N 25 -59.08 5.06 11.66
N TRP N 26 -59.54 6.22 11.18
CA TRP N 26 -60.91 6.44 10.75
C TRP N 26 -60.93 6.44 9.24
N GLY N 27 -61.64 5.48 8.64
CA GLY N 27 -61.67 5.39 7.20
C GLY N 27 -62.63 4.32 6.73
N THR N 28 -62.88 4.33 5.42
CA THR N 28 -63.78 3.36 4.82
C THR N 28 -62.99 2.14 4.33
N LEU N 29 -63.57 0.96 4.55
CA LEU N 29 -62.97 -0.28 4.10
C LEU N 29 -63.21 -0.48 2.61
N GLN N 30 -62.18 -0.95 1.92
CA GLN N 30 -62.29 -1.32 0.51
C GLN N 30 -62.26 -2.83 0.32
N SER N 31 -61.23 -3.48 0.84
CA SER N 31 -61.08 -4.92 0.74
C SER N 31 -60.27 -5.41 1.92
N VAL N 32 -60.37 -6.71 2.18
CA VAL N 32 -59.61 -7.35 3.25
C VAL N 32 -59.17 -8.72 2.75
N SER N 33 -57.89 -9.04 2.98
CA SER N 33 -57.37 -10.35 2.65
C SER N 33 -57.93 -11.36 3.65
N PRO N 34 -57.97 -12.65 3.28
CA PRO N 34 -58.26 -13.69 4.28
C PRO N 34 -57.24 -13.79 5.41
N GLN N 35 -56.03 -13.27 5.21
CA GLN N 35 -55.05 -13.09 6.27
C GLN N 35 -55.23 -11.75 6.98
N MET N 36 -56.36 -11.07 6.72
CA MET N 36 -56.79 -9.82 7.38
C MET N 36 -55.78 -8.69 7.13
N ASN N 37 -55.37 -8.57 5.87
CA ASN N 37 -54.55 -7.46 5.40
C ASN N 37 -55.51 -6.45 4.76
N ALA N 38 -55.98 -5.49 5.55
CA ALA N 38 -57.13 -4.68 5.17
C ALA N 38 -56.68 -3.36 4.55
N ILE N 39 -57.28 -2.99 3.43
CA ILE N 39 -56.97 -1.72 2.77
C ILE N 39 -58.08 -0.72 3.08
N LEU N 40 -57.71 0.54 3.25
CA LEU N 40 -58.64 1.59 3.62
C LEU N 40 -58.36 2.84 2.81
N THR N 41 -59.41 3.59 2.51
CA THR N 41 -59.30 4.87 1.81
C THR N 41 -60.10 5.93 2.54
N ASP N 42 -59.81 7.20 2.20
CA ASP N 42 -60.34 8.40 2.85
C ASP N 42 -60.07 8.35 4.36
N VAL N 43 -58.78 8.35 4.70
CA VAL N 43 -58.31 7.95 6.02
C VAL N 43 -57.82 9.18 6.77
N LYS N 44 -58.21 9.30 8.04
CA LYS N 44 -57.44 10.12 8.97
C LYS N 44 -57.08 9.29 10.19
N LEU N 45 -55.83 9.38 10.60
CA LEU N 45 -55.30 8.59 11.70
C LEU N 45 -54.70 9.50 12.75
N THR N 46 -54.85 9.10 14.02
CA THR N 46 -54.55 9.95 15.16
C THR N 46 -53.96 9.10 16.28
N LEU N 47 -52.89 9.59 16.88
CA LEU N 47 -52.31 8.98 18.08
C LEU N 47 -52.76 9.77 19.29
N PRO N 48 -53.60 9.23 20.16
CA PRO N 48 -54.15 9.99 21.28
C PRO N 48 -53.14 10.10 22.42
N GLN N 49 -53.58 10.74 23.50
CA GLN N 49 -52.74 10.92 24.68
C GLN N 49 -52.56 9.61 25.45
N SER N 57 -45.59 10.59 25.61
CA SER N 57 -46.33 9.43 25.12
C SER N 57 -45.41 8.47 24.38
N ASN N 58 -45.99 7.64 23.52
CA ASN N 58 -45.24 6.68 22.73
C ASN N 58 -44.55 7.43 21.59
N GLY N 59 -43.22 7.56 21.68
CA GLY N 59 -42.48 8.27 20.65
C GLY N 59 -42.35 7.49 19.37
N ILE N 60 -42.34 6.16 19.45
CA ILE N 60 -42.32 5.32 18.27
C ILE N 60 -43.62 5.48 17.48
N ALA N 61 -44.75 5.56 18.19
CA ALA N 61 -46.03 5.79 17.54
C ALA N 61 -46.12 7.21 16.95
N MET N 62 -45.49 8.19 17.61
CA MET N 62 -45.46 9.54 17.05
C MET N 62 -44.60 9.60 15.78
N ALA N 63 -43.49 8.85 15.77
CA ALA N 63 -42.67 8.75 14.57
C ALA N 63 -43.42 8.07 13.43
N SER N 64 -44.16 7.00 13.75
CA SER N 64 -44.96 6.31 12.74
C SER N 64 -46.12 7.16 12.27
N LEU N 65 -46.61 8.06 13.11
CA LEU N 65 -47.69 8.97 12.72
C LEU N 65 -47.18 10.07 11.81
N TYR N 66 -46.03 10.68 12.14
CA TYR N 66 -45.55 11.81 11.34
C TYR N 66 -44.90 11.36 10.04
N LEU N 67 -44.13 10.27 10.06
CA LEU N 67 -43.35 9.91 8.88
C LEU N 67 -44.18 9.34 7.74
N THR N 68 -45.46 9.05 7.96
CA THR N 68 -46.38 8.88 6.84
C THR N 68 -46.73 10.26 6.29
N GLY N 69 -46.63 10.40 4.97
CA GLY N 69 -46.81 11.70 4.36
C GLY N 69 -48.25 12.18 4.41
N GLY N 70 -48.43 13.48 4.62
CA GLY N 70 -49.75 14.05 4.74
C GLY N 70 -50.14 14.37 6.17
N GLN N 71 -49.20 14.95 6.93
CA GLN N 71 -49.48 15.29 8.32
C GLN N 71 -50.20 16.62 8.44
N GLN N 72 -49.75 17.64 7.72
CA GLN N 72 -50.36 18.96 7.78
C GLN N 72 -51.65 19.01 6.97
N ASN N 78 -52.66 16.24 16.16
CA ASN N 78 -51.77 15.52 15.25
C ASN N 78 -52.54 14.55 14.33
N ILE N 79 -53.64 15.03 13.77
CA ILE N 79 -54.44 14.22 12.85
C ILE N 79 -53.75 14.19 11.49
N ALA N 80 -53.43 12.99 11.01
CA ALA N 80 -52.78 12.81 9.71
C ALA N 80 -53.81 12.32 8.70
N SER N 81 -53.95 13.04 7.59
CA SER N 81 -54.93 12.73 6.57
C SER N 81 -54.23 12.05 5.39
N LEU N 82 -54.56 10.79 5.14
CA LEU N 82 -53.95 10.00 4.08
C LEU N 82 -55.03 9.41 3.17
N GLN N 83 -54.64 9.15 1.92
CA GLN N 83 -55.59 8.75 0.90
C GLN N 83 -55.81 7.24 0.89
N TYR N 84 -54.78 6.45 1.18
CA TYR N 84 -54.88 5.01 1.00
C TYR N 84 -53.85 4.33 1.90
N ILE N 85 -54.31 3.50 2.84
CA ILE N 85 -53.43 2.79 3.76
C ILE N 85 -53.80 1.31 3.75
N ASN N 86 -52.82 0.45 3.48
CA ASN N 86 -52.95 -0.98 3.73
C ASN N 86 -52.39 -1.29 5.11
N ILE N 87 -53.09 -2.13 5.86
CA ILE N 87 -52.73 -2.47 7.23
C ILE N 87 -52.57 -3.97 7.33
N ARG N 88 -51.42 -4.40 7.87
CA ARG N 88 -51.09 -5.81 8.07
C ARG N 88 -51.95 -6.38 9.20
N GLY N 89 -52.09 -7.71 9.21
CA GLY N 89 -52.99 -8.36 10.14
C GLY N 89 -52.52 -8.31 11.58
N ASN N 90 -51.23 -8.56 11.81
CA ASN N 90 -50.73 -8.63 13.18
C ASN N 90 -50.62 -7.26 13.84
N THR N 91 -50.72 -6.18 13.08
CA THR N 91 -50.76 -4.85 13.67
C THR N 91 -52.16 -4.40 14.06
N ILE N 92 -53.19 -5.12 13.62
CA ILE N 92 -54.56 -4.78 14.00
C ILE N 92 -54.82 -5.28 15.41
N ARG N 93 -55.14 -4.36 16.32
CA ARG N 93 -55.56 -4.73 17.67
C ARG N 93 -57.06 -4.95 17.74
N GLN N 94 -57.83 -3.94 17.32
CA GLN N 94 -59.28 -4.07 17.28
C GLN N 94 -59.84 -3.13 16.22
N ILE N 95 -61.03 -3.46 15.73
CA ILE N 95 -61.72 -2.67 14.73
C ILE N 95 -63.15 -2.40 15.21
N ILE N 96 -63.53 -1.13 15.20
CA ILE N 96 -64.86 -0.69 15.63
C ILE N 96 -65.68 -0.40 14.39
N LEU N 97 -66.80 -1.11 14.27
CA LEU N 97 -67.81 -1.03 13.22
C LEU N 97 -68.82 0.05 13.56
N PRO N 98 -69.48 0.63 12.55
CA PRO N 98 -70.55 1.59 12.84
C PRO N 98 -71.77 0.89 13.42
N ASP N 99 -72.42 1.57 14.37
CA ASP N 99 -73.57 1.00 15.08
C ASP N 99 -74.83 0.93 14.21
N SER N 100 -74.87 1.67 13.09
CA SER N 100 -76.02 1.61 12.21
C SER N 100 -76.09 0.33 11.39
N LEU N 101 -74.98 -0.40 11.27
CA LEU N 101 -74.99 -1.66 10.54
C LEU N 101 -75.61 -2.75 11.40
N ASN N 102 -76.41 -3.62 10.76
CA ASN N 102 -77.08 -4.70 11.44
C ASN N 102 -76.16 -5.93 11.47
N LEU N 103 -75.76 -6.34 12.67
CA LEU N 103 -74.90 -7.50 12.82
C LEU N 103 -75.65 -8.82 12.67
N ASP N 104 -76.98 -8.79 12.78
CA ASP N 104 -77.77 -10.01 12.66
C ASP N 104 -77.92 -10.49 11.22
N SER N 105 -77.70 -9.60 10.24
CA SER N 105 -77.80 -9.97 8.83
C SER N 105 -76.46 -10.19 8.17
N LEU N 106 -75.40 -9.56 8.66
CA LEU N 106 -74.07 -9.74 8.09
C LEU N 106 -73.33 -10.94 8.67
N LEU N 107 -73.76 -11.45 9.83
CA LEU N 107 -73.19 -12.65 10.43
C LEU N 107 -74.04 -13.89 10.17
N VAL N 108 -74.61 -14.01 8.98
CA VAL N 108 -75.49 -15.15 8.68
C VAL N 108 -74.68 -16.43 8.55
N ASP N 109 -73.41 -16.32 8.15
CA ASP N 109 -72.43 -17.42 8.02
C ASP N 109 -72.94 -18.49 7.05
N GLN N 110 -73.05 -18.08 5.78
CA GLN N 110 -73.57 -18.96 4.74
C GLN N 110 -72.65 -20.15 4.47
N LYS N 111 -71.33 -19.97 4.69
CA LYS N 111 -70.43 -21.11 4.61
C LYS N 111 -70.68 -22.10 5.74
N GLN N 112 -70.96 -21.58 6.95
CA GLN N 112 -71.31 -22.45 8.07
C GLN N 112 -72.68 -23.08 7.85
N LEU N 113 -73.60 -22.38 7.18
CA LEU N 113 -74.90 -22.97 6.86
C LEU N 113 -74.76 -24.10 5.83
N ASN N 114 -73.88 -23.92 4.84
CA ASN N 114 -73.64 -24.99 3.88
C ASN N 114 -72.90 -26.16 4.52
N SER N 115 -72.01 -25.88 5.49
CA SER N 115 -71.34 -26.96 6.22
C SER N 115 -72.31 -27.72 7.12
N LEU N 116 -73.31 -27.02 7.68
CA LEU N 116 -74.30 -27.70 8.50
C LEU N 116 -75.27 -28.49 7.63
N ARG N 117 -75.57 -28.00 6.43
CA ARG N 117 -76.43 -28.74 5.51
C ARG N 117 -75.71 -29.93 4.91
N ARG N 118 -74.37 -29.86 4.80
CA ARG N 118 -73.60 -30.98 4.28
C ARG N 118 -73.45 -32.10 5.30
N SER N 119 -73.67 -31.83 6.57
CA SER N 119 -73.55 -32.84 7.62
C SER N 119 -74.73 -33.80 7.59
N ARG O 8 -54.03 -38.32 18.61
CA ARG O 8 -54.12 -38.48 17.17
C ARG O 8 -53.46 -37.31 16.44
N PRO O 9 -52.72 -37.60 15.38
CA PRO O 9 -52.12 -36.53 14.57
C PRO O 9 -53.18 -35.75 13.82
N LYS O 10 -52.90 -34.46 13.60
CA LYS O 10 -53.87 -33.58 12.98
C LYS O 10 -53.98 -33.81 11.48
N HIS O 11 -52.86 -34.12 10.82
CA HIS O 11 -52.86 -34.26 9.37
C HIS O 11 -53.44 -35.59 8.91
N GLU O 12 -53.56 -36.57 9.80
CA GLU O 12 -53.99 -37.91 9.42
C GLU O 12 -55.38 -38.27 9.91
N LEU O 13 -56.14 -37.32 10.44
CA LEU O 13 -57.50 -37.60 10.89
C LEU O 13 -58.44 -37.98 9.75
N SER O 14 -58.70 -37.03 8.86
CA SER O 14 -59.67 -37.18 7.76
C SER O 14 -59.52 -35.98 6.84
N ARG O 15 -60.41 -35.90 5.86
CA ARG O 15 -60.54 -34.73 5.00
C ARG O 15 -61.96 -34.18 5.09
N ALA O 16 -62.06 -32.87 5.32
CA ALA O 16 -63.29 -32.06 5.38
C ALA O 16 -64.23 -32.47 6.52
N GLU O 17 -63.77 -33.29 7.47
CA GLU O 17 -64.52 -33.60 8.66
C GLU O 17 -63.89 -33.02 9.91
N LEU O 18 -62.86 -32.19 9.75
CA LEU O 18 -62.23 -31.54 10.89
C LEU O 18 -63.11 -30.47 11.51
N GLU O 19 -64.05 -29.92 10.75
CA GLU O 19 -64.98 -28.93 11.29
C GLU O 19 -65.93 -29.56 12.30
N GLU O 20 -66.29 -30.83 12.11
CA GLU O 20 -67.13 -31.52 13.09
C GLU O 20 -66.37 -31.76 14.39
N LEU O 21 -65.08 -32.11 14.31
CA LEU O 21 -64.27 -32.24 15.51
C LEU O 21 -64.02 -30.89 16.17
N GLU O 22 -63.95 -29.82 15.38
CA GLU O 22 -63.79 -28.49 15.95
C GLU O 22 -65.07 -28.06 16.68
N GLU O 23 -66.24 -28.40 16.13
CA GLU O 23 -67.48 -28.13 16.84
C GLU O 23 -67.64 -29.00 18.09
N PHE O 24 -67.14 -30.24 18.04
CA PHE O 24 -67.17 -31.09 19.23
C PHE O 24 -66.23 -30.60 20.31
N GLU O 25 -65.10 -30.00 19.91
CA GLU O 25 -64.21 -29.38 20.89
C GLU O 25 -64.80 -28.06 21.38
N PHE O 26 -65.59 -27.39 20.55
CA PHE O 26 -66.29 -26.18 20.96
C PHE O 26 -67.36 -26.48 22.00
N LYS O 27 -68.08 -27.59 21.85
CA LYS O 27 -69.16 -27.91 22.77
C LYS O 27 -68.64 -28.51 24.08
N HIS O 28 -67.55 -29.27 24.02
CA HIS O 28 -67.08 -30.06 25.15
C HIS O 28 -65.58 -29.90 25.36
N GLY O 29 -65.11 -28.66 25.38
CA GLY O 29 -63.72 -28.38 25.63
C GLY O 29 -63.51 -27.11 26.43
N PRO O 30 -62.41 -26.40 26.18
CA PRO O 30 -62.19 -25.11 26.85
C PRO O 30 -63.11 -24.00 26.36
N MET O 31 -63.84 -24.21 25.26
CA MET O 31 -64.76 -23.23 24.71
C MET O 31 -66.13 -23.24 25.39
N SER O 32 -66.25 -23.84 26.57
CA SER O 32 -67.55 -23.91 27.25
C SER O 32 -67.97 -22.56 27.80
N LEU O 33 -67.04 -21.63 28.01
CA LEU O 33 -67.37 -20.33 28.56
C LEU O 33 -67.74 -19.31 27.48
N ILE O 34 -67.08 -19.40 26.30
CA ILE O 34 -67.47 -18.55 25.19
C ILE O 34 -68.79 -19.03 24.57
N ASN O 35 -69.11 -20.32 24.72
CA ASN O 35 -70.40 -20.83 24.26
C ASN O 35 -71.52 -20.43 25.20
N ASP O 36 -71.25 -20.41 26.51
CA ASP O 36 -72.27 -20.08 27.49
C ASP O 36 -72.61 -18.59 27.44
N ALA O 37 -71.64 -17.76 27.09
CA ALA O 37 -71.87 -16.31 27.06
C ALA O 37 -72.66 -15.86 25.84
N MET O 38 -72.58 -16.61 24.74
CA MET O 38 -73.26 -16.22 23.51
C MET O 38 -74.68 -16.79 23.41
N VAL O 39 -75.03 -17.75 24.26
CA VAL O 39 -76.38 -18.31 24.25
C VAL O 39 -77.21 -17.81 25.44
N THR O 40 -76.58 -17.35 26.52
CA THR O 40 -77.29 -16.81 27.66
C THR O 40 -77.15 -15.30 27.80
N ARG O 41 -76.54 -14.64 26.80
CA ARG O 41 -76.24 -13.20 26.69
C ARG O 41 -75.74 -12.56 27.98
N THR O 42 -74.89 -13.28 28.72
CA THR O 42 -74.34 -12.70 29.95
C THR O 42 -73.11 -11.85 29.62
N PRO O 43 -72.88 -10.76 30.35
CA PRO O 43 -71.67 -9.96 30.11
C PRO O 43 -70.43 -10.61 30.69
N VAL O 44 -69.35 -10.55 29.93
CA VAL O 44 -68.06 -11.08 30.34
C VAL O 44 -67.05 -9.93 30.40
N ILE O 45 -65.98 -10.17 31.13
CA ILE O 45 -64.90 -9.22 31.35
C ILE O 45 -63.65 -9.82 30.72
N ILE O 46 -63.19 -9.22 29.64
CA ILE O 46 -61.98 -9.64 28.95
C ILE O 46 -60.87 -8.67 29.32
N SER O 47 -59.80 -9.18 29.92
CA SER O 47 -58.62 -8.38 30.17
C SER O 47 -57.65 -8.61 29.01
N LEU O 48 -57.14 -7.50 28.46
CA LEU O 48 -56.29 -7.47 27.28
C LEU O 48 -54.86 -7.16 27.67
N ARG O 49 -53.97 -7.31 26.67
CA ARG O 49 -52.53 -7.16 26.87
C ARG O 49 -52.06 -5.71 27.01
N ASN O 50 -52.95 -4.73 27.03
CA ASN O 50 -52.58 -3.34 27.28
C ASN O 50 -53.57 -2.67 28.21
N ASN O 51 -53.96 -3.39 29.27
CA ASN O 51 -54.80 -2.90 30.37
C ASN O 51 -56.18 -2.43 29.93
N HIS O 52 -56.65 -2.86 28.77
CA HIS O 52 -57.97 -2.44 28.27
C HIS O 52 -58.98 -3.50 28.67
N LYS O 53 -59.58 -3.32 29.84
CA LYS O 53 -60.55 -4.27 30.35
C LYS O 53 -61.92 -3.98 29.75
N ILE O 54 -62.53 -5.01 29.15
CA ILE O 54 -63.75 -4.86 28.37
C ILE O 54 -64.87 -5.63 29.06
N ILE O 55 -65.95 -4.93 29.39
CA ILE O 55 -67.18 -5.56 29.86
C ILE O 55 -68.17 -5.53 28.71
N ALA O 56 -68.48 -6.69 28.14
CA ALA O 56 -69.34 -6.74 26.96
C ALA O 56 -69.94 -8.14 26.81
N ARG O 57 -70.93 -8.24 25.93
CA ARG O 57 -71.57 -9.51 25.60
C ARG O 57 -71.03 -10.09 24.30
N VAL O 58 -70.89 -11.41 24.27
CA VAL O 58 -70.26 -12.12 23.17
C VAL O 58 -71.29 -12.39 22.09
N LYS O 59 -70.93 -12.11 20.83
CA LYS O 59 -71.82 -12.36 19.70
C LYS O 59 -71.39 -13.52 18.82
N ALA O 60 -70.10 -13.82 18.73
CA ALA O 60 -69.63 -14.87 17.83
C ALA O 60 -68.35 -15.49 18.38
N PHE O 61 -68.06 -16.69 17.90
CA PHE O 61 -66.87 -17.45 18.30
C PHE O 61 -66.02 -17.74 17.08
N ASP O 62 -64.70 -17.82 17.30
CA ASP O 62 -63.76 -18.09 16.22
C ASP O 62 -62.68 -19.02 16.75
N ARG O 63 -62.01 -19.71 15.81
CA ARG O 63 -60.88 -20.56 16.16
C ARG O 63 -59.70 -19.75 16.68
N HIS O 64 -59.51 -18.54 16.16
CA HIS O 64 -58.48 -17.62 16.64
C HIS O 64 -58.92 -16.82 17.86
N CYS O 65 -60.07 -17.17 18.45
CA CYS O 65 -60.74 -16.41 19.51
C CYS O 65 -61.02 -14.97 19.08
N ASN O 66 -61.33 -14.76 17.79
CA ASN O 66 -61.78 -13.47 17.32
C ASN O 66 -63.24 -13.29 17.71
N MET O 67 -63.52 -12.32 18.58
CA MET O 67 -64.80 -12.22 19.26
C MET O 67 -65.50 -10.94 18.88
N VAL O 68 -66.78 -11.03 18.53
CA VAL O 68 -67.60 -9.85 18.28
C VAL O 68 -68.31 -9.47 19.57
N LEU O 69 -68.15 -8.22 20.00
CA LEU O 69 -68.66 -7.75 21.27
C LEU O 69 -69.64 -6.60 21.04
N GLU O 70 -70.75 -6.64 21.77
CA GLU O 70 -71.80 -5.63 21.67
C GLU O 70 -71.99 -4.98 23.03
N ASN O 71 -72.22 -3.66 23.02
CA ASN O 71 -72.31 -2.81 24.21
C ASN O 71 -71.06 -2.93 25.08
N VAL O 72 -69.94 -2.54 24.47
CA VAL O 72 -68.64 -2.59 25.10
C VAL O 72 -68.49 -1.42 26.07
N LYS O 73 -68.17 -1.73 27.31
CA LYS O 73 -67.71 -0.74 28.28
C LYS O 73 -66.27 -1.06 28.62
N GLU O 74 -65.34 -0.29 28.08
CA GLU O 74 -63.93 -0.55 28.28
C GLU O 74 -63.33 0.47 29.24
N LEU O 75 -62.31 0.03 29.96
CA LEU O 75 -61.69 0.83 31.01
C LEU O 75 -60.20 0.53 31.06
N TRP O 76 -59.40 1.58 31.19
CA TRP O 76 -57.97 1.44 31.42
C TRP O 76 -57.54 2.46 32.46
N THR O 77 -56.28 2.34 32.90
CA THR O 77 -55.74 3.16 33.99
C THR O 77 -54.44 3.79 33.53
N GLU O 78 -54.40 5.12 33.54
CA GLU O 78 -53.16 5.84 33.27
C GLU O 78 -52.44 6.10 34.58
N LYS O 79 -51.17 5.69 34.63
CA LYS O 79 -50.31 5.74 35.81
C LYS O 79 -49.22 6.79 35.56
N LYS O 80 -49.35 7.94 36.21
CA LYS O 80 -48.36 8.99 36.08
C LYS O 80 -47.77 9.36 37.44
N ASN O 83 -51.71 11.63 38.20
CA ASN O 83 -51.05 10.45 38.72
C ASN O 83 -51.79 9.20 38.26
N VAL O 84 -52.73 8.73 39.08
CA VAL O 84 -53.50 7.52 38.81
C VAL O 84 -54.90 7.94 38.42
N ILE O 85 -55.25 7.78 37.14
CA ILE O 85 -56.60 8.09 36.67
C ILE O 85 -57.15 6.89 35.92
N ASN O 86 -58.48 6.76 35.91
CA ASN O 86 -59.15 5.69 35.18
C ASN O 86 -59.97 6.30 34.05
N ARG O 87 -59.70 5.87 32.82
CA ARG O 87 -60.38 6.40 31.65
C ARG O 87 -61.17 5.28 30.98
N GLU O 88 -62.46 5.53 30.76
CA GLU O 88 -63.40 4.55 30.23
C GLU O 88 -64.00 5.07 28.93
N ARG O 89 -64.59 4.14 28.18
CA ARG O 89 -65.24 4.49 26.92
C ARG O 89 -66.30 3.45 26.59
N PHE O 90 -67.44 3.92 26.10
CA PHE O 90 -68.54 3.06 25.67
C PHE O 90 -68.51 2.97 24.15
N ILE O 91 -68.33 1.76 23.64
CA ILE O 91 -68.25 1.50 22.20
C ILE O 91 -69.35 0.50 21.86
N SER O 92 -70.13 0.82 20.82
CA SER O 92 -71.31 0.00 20.51
C SER O 92 -70.93 -1.36 19.95
N LYS O 93 -70.14 -1.42 18.89
CA LYS O 93 -69.77 -2.66 18.24
C LYS O 93 -68.26 -2.79 18.22
N LEU O 94 -67.76 -4.01 18.44
CA LEU O 94 -66.33 -4.24 18.46
C LEU O 94 -66.01 -5.62 17.90
N PHE O 95 -64.91 -5.71 17.16
CA PHE O 95 -64.38 -6.99 16.69
C PHE O 95 -62.97 -7.14 17.27
N LEU O 96 -62.85 -7.95 18.32
CA LEU O 96 -61.62 -8.08 19.08
C LEU O 96 -60.81 -9.27 18.57
N ARG O 97 -59.51 -9.05 18.39
CA ARG O 97 -58.60 -10.10 17.98
C ARG O 97 -58.15 -10.94 19.18
N GLY O 98 -57.99 -12.24 18.96
CA GLY O 98 -57.54 -13.14 20.00
C GLY O 98 -56.06 -13.01 20.35
N ASP O 99 -55.29 -12.21 19.60
CA ASP O 99 -53.92 -11.91 20.00
C ASP O 99 -53.88 -11.06 21.26
N SER O 100 -54.77 -10.07 21.37
CA SER O 100 -54.72 -9.14 22.48
C SER O 100 -55.27 -9.72 23.77
N VAL O 101 -56.01 -10.83 23.71
CA VAL O 101 -56.75 -11.33 24.86
C VAL O 101 -55.80 -11.99 25.85
N ILE O 102 -55.75 -11.47 27.08
CA ILE O 102 -55.09 -12.18 28.16
C ILE O 102 -56.06 -13.21 28.73
N VAL O 103 -57.19 -12.75 29.28
CA VAL O 103 -58.07 -13.67 29.99
C VAL O 103 -59.52 -13.22 29.82
N VAL O 104 -60.43 -14.19 29.98
CA VAL O 104 -61.87 -13.99 29.85
C VAL O 104 -62.53 -14.52 31.12
N LEU O 105 -63.26 -13.65 31.82
CA LEU O 105 -63.97 -14.00 33.04
C LEU O 105 -65.47 -13.86 32.80
N LYS O 106 -66.24 -14.84 33.24
CA LYS O 106 -67.69 -14.84 33.09
C LYS O 106 -68.34 -14.71 34.46
N THR O 107 -69.30 -13.79 34.58
CA THR O 107 -69.99 -13.67 35.85
C THR O 107 -71.22 -14.56 35.88
N PRO O 108 -71.57 -15.12 37.06
CA PRO O 108 -72.80 -15.93 37.17
C PRO O 108 -74.05 -15.07 37.31
N MET P 4 -43.21 -32.81 5.74
CA MET P 4 -44.51 -32.17 5.72
C MET P 4 -44.37 -30.68 5.40
N SER P 5 -45.51 -30.03 5.12
CA SER P 5 -45.49 -28.61 4.80
C SER P 5 -45.24 -27.77 6.04
N THR P 6 -45.67 -28.26 7.20
CA THR P 6 -45.29 -27.58 8.44
C THR P 6 -44.22 -28.38 9.18
N PRO P 7 -43.28 -27.73 9.85
CA PRO P 7 -42.28 -28.47 10.62
C PRO P 7 -42.79 -29.01 11.94
N ALA P 8 -43.92 -28.49 12.44
CA ALA P 8 -44.48 -28.97 13.70
C ALA P 8 -45.02 -30.39 13.55
N ALA P 9 -45.61 -30.70 12.40
CA ALA P 9 -46.03 -32.08 12.14
C ALA P 9 -44.84 -33.01 11.98
N GLU P 10 -43.72 -32.49 11.45
CA GLU P 10 -42.49 -33.28 11.37
C GLU P 10 -41.94 -33.59 12.75
N GLN P 11 -41.98 -32.60 13.66
CA GLN P 11 -41.52 -32.83 15.02
C GLN P 11 -42.46 -33.76 15.78
N ARG P 12 -43.77 -33.67 15.51
CA ARG P 12 -44.73 -34.59 16.09
C ARG P 12 -44.51 -36.01 15.58
N LYS P 13 -44.14 -36.15 14.31
CA LYS P 13 -43.80 -37.45 13.75
C LYS P 13 -42.53 -38.02 14.38
N LEU P 14 -41.54 -37.15 14.64
CA LEU P 14 -40.31 -37.58 15.31
C LEU P 14 -40.59 -38.02 16.74
N VAL P 15 -41.49 -37.34 17.44
CA VAL P 15 -41.86 -37.74 18.79
C VAL P 15 -42.62 -39.06 18.78
N GLU P 16 -43.56 -39.22 17.84
CA GLU P 16 -44.35 -40.46 17.78
C GLU P 16 -43.53 -41.65 17.29
N GLN P 17 -42.45 -41.45 16.56
CA GLN P 17 -41.59 -42.56 16.18
C GLN P 17 -40.39 -42.72 17.11
N LEU P 18 -40.17 -41.78 18.03
CA LEU P 18 -39.09 -41.91 19.00
C LEU P 18 -39.58 -42.49 20.32
N MET P 19 -40.83 -42.21 20.69
CA MET P 19 -41.39 -42.74 21.93
C MET P 19 -42.60 -43.61 21.65
N GLY P 38 -40.67 -58.92 26.17
CA GLY P 38 -39.35 -58.31 26.23
C GLY P 38 -38.99 -57.55 24.96
N LEU P 39 -37.69 -57.38 24.72
CA LEU P 39 -37.20 -56.68 23.55
C LEU P 39 -36.99 -57.58 22.34
N HIS P 40 -36.98 -58.90 22.54
CA HIS P 40 -36.77 -59.84 21.44
C HIS P 40 -38.12 -60.11 20.79
N ASP P 41 -38.50 -59.25 19.85
CA ASP P 41 -39.77 -59.35 19.14
C ASP P 41 -39.48 -59.24 17.66
N PRO P 42 -40.28 -59.90 16.81
CA PRO P 42 -40.07 -59.80 15.36
C PRO P 42 -40.41 -58.44 14.75
N LYS P 43 -41.10 -57.57 15.48
CA LYS P 43 -41.42 -56.25 14.97
C LYS P 43 -40.20 -55.35 14.90
N ILE P 44 -39.26 -55.54 15.83
CA ILE P 44 -38.02 -54.75 15.85
C ILE P 44 -37.09 -55.28 14.78
N CYS P 45 -36.65 -54.41 13.88
CA CYS P 45 -35.69 -54.76 12.85
C CYS P 45 -34.33 -55.02 13.49
N LYS P 46 -33.87 -56.28 13.45
CA LYS P 46 -32.61 -56.64 14.10
C LYS P 46 -31.40 -56.05 13.38
N SER P 47 -31.49 -55.89 12.05
CA SER P 47 -30.40 -55.26 11.32
C SER P 47 -30.30 -53.77 11.64
N TYR P 48 -31.42 -53.15 11.99
CA TYR P 48 -31.38 -51.76 12.46
C TYR P 48 -31.11 -51.70 13.95
N LEU P 49 -31.47 -52.74 14.70
CA LEU P 49 -31.18 -52.77 16.14
C LEU P 49 -29.69 -52.91 16.40
N VAL P 50 -29.01 -53.74 15.60
CA VAL P 50 -27.54 -53.77 15.65
C VAL P 50 -26.97 -52.51 15.03
N GLY P 51 -27.43 -52.16 13.84
CA GLY P 51 -26.99 -50.94 13.17
C GLY P 51 -26.73 -51.12 11.69
N GLU P 52 -26.98 -50.05 10.93
CA GLU P 52 -26.75 -49.97 9.48
C GLU P 52 -27.53 -51.06 8.73
N CYS P 53 -28.85 -50.94 8.80
CA CYS P 53 -29.74 -51.82 8.06
C CYS P 53 -29.57 -51.59 6.56
N PRO P 54 -29.50 -52.66 5.75
CA PRO P 54 -29.35 -52.47 4.29
C PRO P 54 -30.60 -51.91 3.63
N TYR P 55 -31.77 -52.02 4.26
CA TYR P 55 -32.96 -51.36 3.74
C TYR P 55 -33.00 -49.87 4.09
N ASP P 56 -32.11 -49.41 4.95
CA ASP P 56 -31.99 -48.00 5.30
C ASP P 56 -30.92 -47.29 4.48
N LEU P 57 -29.83 -48.00 4.16
CA LEU P 57 -28.74 -47.41 3.38
C LEU P 57 -29.03 -47.33 1.89
N PHE P 58 -30.16 -47.88 1.44
CA PHE P 58 -30.56 -47.79 0.04
C PHE P 58 -32.01 -47.30 -0.05
N GLN P 59 -32.32 -46.22 0.67
CA GLN P 59 -33.71 -45.77 0.78
C GLN P 59 -34.22 -45.13 -0.50
N GLY P 60 -33.60 -44.05 -0.94
CA GLY P 60 -34.08 -43.29 -2.07
C GLY P 60 -33.24 -43.34 -3.33
N THR P 61 -32.24 -44.22 -3.40
CA THR P 61 -31.37 -44.27 -4.55
C THR P 61 -31.97 -45.17 -5.64
N LYS P 62 -31.22 -45.33 -6.74
CA LYS P 62 -31.68 -46.15 -7.85
C LYS P 62 -31.59 -47.64 -7.56
N GLN P 63 -30.82 -48.03 -6.55
CA GLN P 63 -30.71 -49.43 -6.13
C GLN P 63 -31.58 -49.74 -4.93
N SER P 64 -32.76 -49.11 -4.86
CA SER P 64 -33.61 -49.24 -3.68
C SER P 64 -34.32 -50.59 -3.65
N LEU P 65 -34.46 -51.13 -2.44
CA LEU P 65 -35.16 -52.39 -2.22
C LEU P 65 -36.64 -52.18 -1.92
N GLY P 66 -37.10 -50.94 -1.87
CA GLY P 66 -38.49 -50.66 -1.56
C GLY P 66 -38.68 -50.09 -0.17
N LYS P 67 -39.24 -50.89 0.74
CA LYS P 67 -39.47 -50.47 2.11
C LYS P 67 -39.22 -51.65 3.04
N CYS P 68 -38.60 -51.39 4.18
CA CYS P 68 -38.34 -52.43 5.17
C CYS P 68 -39.64 -52.88 5.81
N PRO P 69 -39.94 -54.18 5.84
CA PRO P 69 -41.20 -54.63 6.46
C PRO P 69 -41.17 -54.55 7.98
N GLN P 70 -40.00 -54.67 8.60
CA GLN P 70 -39.88 -54.53 10.04
C GLN P 70 -39.76 -53.06 10.41
N MET P 71 -40.21 -52.71 11.61
CA MET P 71 -40.23 -51.34 12.07
C MET P 71 -38.88 -50.93 12.65
N HIS P 72 -38.54 -49.66 12.46
CA HIS P 72 -37.32 -49.08 13.01
C HIS P 72 -37.69 -48.11 14.12
N LEU P 73 -36.90 -48.12 15.20
CA LEU P 73 -37.17 -47.29 16.35
C LEU P 73 -35.87 -46.75 16.91
N THR P 74 -35.93 -45.55 17.51
CA THR P 74 -34.76 -44.92 18.10
C THR P 74 -34.61 -45.25 19.58
N LYS P 75 -35.72 -45.45 20.29
CA LYS P 75 -35.64 -45.79 21.71
C LYS P 75 -35.11 -47.19 21.91
N HIS P 76 -35.50 -48.14 21.05
CA HIS P 76 -34.94 -49.48 21.11
C HIS P 76 -33.46 -49.50 20.73
N LYS P 77 -33.06 -48.62 19.80
CA LYS P 77 -31.65 -48.52 19.43
C LYS P 77 -30.83 -47.93 20.57
N ILE P 78 -31.39 -46.94 21.27
CA ILE P 78 -30.71 -46.38 22.45
C ILE P 78 -30.63 -47.39 23.59
N GLN P 79 -31.67 -48.21 23.77
CA GLN P 79 -31.63 -49.25 24.79
C GLN P 79 -30.60 -50.33 24.44
N TYR P 80 -30.50 -50.66 23.15
CA TYR P 80 -29.50 -51.64 22.71
C TYR P 80 -28.08 -51.09 22.85
N GLU P 81 -27.90 -49.80 22.61
CA GLU P 81 -26.59 -49.18 22.80
C GLU P 81 -26.22 -49.11 24.28
N ARG P 82 -27.20 -48.83 25.14
CA ARG P 82 -26.94 -48.82 26.58
C ARG P 82 -26.69 -50.23 27.11
N GLU P 83 -27.30 -51.24 26.51
CA GLU P 83 -27.03 -52.61 26.93
C GLU P 83 -25.67 -53.09 26.43
N VAL P 84 -25.30 -52.74 25.20
CA VAL P 84 -24.02 -53.17 24.65
C VAL P 84 -22.88 -52.35 25.22
N LYS P 85 -23.17 -51.22 25.85
CA LYS P 85 -22.12 -50.43 26.49
C LYS P 85 -21.59 -51.12 27.74
N GLN P 86 -22.48 -51.56 28.62
CA GLN P 86 -22.05 -52.17 29.87
C GLN P 86 -22.70 -53.51 30.17
N GLY P 87 -23.99 -53.67 29.83
CA GLY P 87 -24.73 -54.83 30.28
C GLY P 87 -24.39 -56.16 29.64
N LYS P 88 -24.72 -56.34 28.36
CA LYS P 88 -24.58 -57.63 27.70
C LYS P 88 -24.71 -57.41 26.19
N THR P 89 -24.63 -58.52 25.45
CA THR P 89 -24.80 -58.52 24.01
C THR P 89 -25.68 -59.69 23.61
N PHE P 90 -26.40 -59.54 22.51
CA PHE P 90 -27.30 -60.58 22.01
C PHE P 90 -26.73 -61.18 20.72
N PRO P 91 -26.37 -62.46 20.70
CA PRO P 91 -25.79 -63.04 19.49
C PRO P 91 -26.82 -63.41 18.42
N GLU P 92 -28.11 -63.48 18.76
CA GLU P 92 -29.11 -63.88 17.78
C GLU P 92 -29.37 -62.77 16.76
N PHE P 93 -29.47 -61.52 17.22
CA PHE P 93 -29.62 -60.39 16.30
C PHE P 93 -28.36 -60.18 15.47
N GLU P 94 -27.19 -60.44 16.06
CA GLU P 94 -25.94 -60.36 15.31
C GLU P 94 -25.85 -61.45 14.25
N ARG P 95 -26.34 -62.66 14.56
CA ARG P 95 -26.37 -63.73 13.57
C ARG P 95 -27.38 -63.45 12.45
N GLU P 96 -28.52 -62.84 12.79
CA GLU P 96 -29.50 -62.46 11.77
C GLU P 96 -28.96 -61.35 10.87
N TYR P 97 -28.25 -60.38 11.44
CA TYR P 97 -27.62 -59.34 10.65
C TYR P 97 -26.49 -59.90 9.79
N LEU P 98 -25.77 -60.90 10.30
CA LEU P 98 -24.74 -61.57 9.52
C LEU P 98 -25.33 -62.34 8.35
N ALA P 99 -26.48 -62.99 8.56
CA ALA P 99 -27.14 -63.71 7.48
C ALA P 99 -27.69 -62.76 6.43
N ILE P 100 -28.24 -61.62 6.87
CA ILE P 100 -28.76 -60.62 5.93
C ILE P 100 -27.62 -59.99 5.14
N LEU P 101 -26.49 -59.71 5.80
CA LEU P 101 -25.34 -59.14 5.10
C LEU P 101 -24.71 -60.15 4.15
N SER P 102 -24.74 -61.44 4.51
CA SER P 102 -24.21 -62.47 3.62
C SER P 102 -25.11 -62.66 2.40
N ARG P 103 -26.43 -62.58 2.58
CA ARG P 103 -27.35 -62.67 1.44
C ARG P 103 -27.23 -61.46 0.53
N PHE P 104 -27.11 -60.26 1.09
CA PHE P 104 -26.94 -59.08 0.26
C PHE P 104 -25.58 -59.05 -0.43
N VAL P 105 -24.54 -59.57 0.23
CA VAL P 105 -23.22 -59.64 -0.38
C VAL P 105 -23.19 -60.68 -1.49
N ASN P 106 -23.96 -61.77 -1.32
CA ASN P 106 -24.06 -62.77 -2.38
C ASN P 106 -24.83 -62.23 -3.58
N GLU P 107 -25.90 -61.46 -3.34
CA GLU P 107 -26.63 -60.83 -4.44
C GLU P 107 -25.77 -59.79 -5.16
N CYS P 108 -25.00 -59.00 -4.42
CA CYS P 108 -24.12 -58.02 -5.04
C CYS P 108 -22.95 -58.68 -5.77
N ASN P 109 -22.47 -59.82 -5.27
CA ASN P 109 -21.41 -60.55 -5.96
C ASN P 109 -21.94 -61.18 -7.24
N GLY P 110 -23.20 -61.64 -7.23
CA GLY P 110 -23.81 -62.11 -8.45
C GLY P 110 -24.03 -61.01 -9.47
N GLN P 111 -24.39 -59.82 -9.00
CA GLN P 111 -24.52 -58.66 -9.89
C GLN P 111 -23.16 -58.24 -10.46
N ILE P 112 -22.10 -58.30 -9.64
CA ILE P 112 -20.76 -57.98 -10.12
C ILE P 112 -20.24 -59.04 -11.09
N SER P 113 -20.59 -60.32 -10.88
CA SER P 113 -20.21 -61.36 -11.81
C SER P 113 -20.98 -61.21 -13.13
N VAL P 114 -22.24 -60.77 -13.07
CA VAL P 114 -23.00 -60.51 -14.29
C VAL P 114 -22.42 -59.32 -15.04
N ALA P 115 -21.95 -58.29 -14.31
CA ALA P 115 -21.31 -57.15 -14.94
C ALA P 115 -19.98 -57.53 -15.57
N LEU P 116 -19.20 -58.39 -14.91
CA LEU P 116 -17.95 -58.88 -15.47
C LEU P 116 -18.19 -59.75 -16.69
N GLN P 117 -19.25 -60.57 -16.68
CA GLN P 117 -19.60 -61.36 -17.86
C GLN P 117 -20.08 -60.48 -19.01
N ASN P 118 -20.79 -59.39 -18.71
CA ASN P 118 -21.20 -58.46 -19.76
C ASN P 118 -20.01 -57.72 -20.34
N LEU P 119 -19.03 -57.38 -19.49
CA LEU P 119 -17.80 -56.75 -19.98
C LEU P 119 -16.97 -57.71 -20.83
N LYS P 120 -16.92 -58.98 -20.44
CA LYS P 120 -16.21 -59.97 -21.22
C LYS P 120 -16.93 -60.28 -22.54
N HIS P 121 -18.26 -60.19 -22.56
CA HIS P 121 -18.99 -60.38 -23.81
C HIS P 121 -18.83 -59.16 -24.72
N THR P 122 -18.74 -57.97 -24.14
CA THR P 122 -18.50 -56.78 -24.95
C THR P 122 -17.07 -56.74 -25.49
N ALA P 123 -16.12 -57.31 -24.75
CA ALA P 123 -14.75 -57.39 -25.24
C ALA P 123 -14.56 -58.50 -26.27
N GLU P 124 -15.50 -59.44 -26.33
CA GLU P 124 -15.44 -60.58 -27.25
C GLU P 124 -16.64 -60.63 -28.18
N GLU P 125 -16.99 -59.48 -28.76
CA GLU P 125 -18.08 -59.43 -29.72
C GLU P 125 -17.68 -60.11 -31.03
N ARG P 126 -18.68 -60.38 -31.87
CA ARG P 126 -18.44 -61.14 -33.10
C ARG P 126 -17.70 -60.30 -34.14
N MET P 127 -18.18 -59.08 -34.40
CA MET P 127 -17.54 -58.21 -35.37
C MET P 127 -16.18 -57.72 -34.89
N LYS P 128 -16.02 -57.52 -33.58
CA LYS P 128 -14.73 -57.11 -33.03
C LYS P 128 -13.70 -58.22 -33.15
N ILE P 129 -14.10 -59.47 -32.88
CA ILE P 129 -13.18 -60.59 -33.02
C ILE P 129 -12.88 -60.87 -34.49
N GLN P 130 -13.86 -60.61 -35.38
CA GLN P 130 -13.61 -60.76 -36.82
C GLN P 130 -12.62 -59.71 -37.32
N GLN P 131 -12.75 -58.47 -36.86
CA GLN P 131 -11.79 -57.43 -37.23
C GLN P 131 -10.42 -57.69 -36.63
N VAL P 132 -10.37 -58.24 -35.42
CA VAL P 132 -9.09 -58.58 -34.80
C VAL P 132 -8.41 -59.74 -35.52
N THR P 133 -9.20 -60.72 -35.98
CA THR P 133 -8.62 -61.83 -36.74
C THR P 133 -8.19 -61.38 -38.13
N GLU P 134 -8.90 -60.43 -38.74
CA GLU P 134 -8.47 -59.89 -40.03
C GLU P 134 -7.23 -59.03 -39.88
N GLU P 135 -7.06 -58.36 -38.75
CA GLU P 135 -5.84 -57.59 -38.50
C GLU P 135 -4.66 -58.51 -38.17
N LEU P 136 -4.91 -59.60 -37.45
CA LEU P 136 -3.84 -60.53 -37.10
C LEU P 136 -3.46 -61.44 -38.26
N ASP P 137 -4.35 -61.64 -39.23
CA ASP P 137 -4.00 -62.43 -40.40
C ASP P 137 -3.02 -61.67 -41.30
N VAL P 138 -3.12 -60.33 -41.34
CA VAL P 138 -2.16 -59.52 -42.07
C VAL P 138 -0.98 -59.10 -41.22
N LEU P 139 -0.91 -59.54 -39.96
CA LEU P 139 0.17 -59.18 -39.07
C LEU P 139 1.47 -59.91 -39.39
N ASP P 140 1.40 -61.03 -40.10
CA ASP P 140 2.59 -61.80 -40.44
C ASP P 140 3.31 -61.18 -41.63
N LEU P 172 15.23 -59.21 -38.98
CA LEU P 172 15.72 -57.93 -39.45
C LEU P 172 14.60 -57.09 -40.06
N ILE P 173 14.42 -57.19 -41.36
CA ILE P 173 13.37 -56.44 -42.04
C ILE P 173 12.00 -57.07 -41.79
N SER P 174 11.93 -58.40 -41.80
CA SER P 174 10.68 -59.09 -41.51
C SER P 174 10.28 -58.93 -40.06
N LYS P 175 11.27 -58.91 -39.15
CA LYS P 175 10.99 -58.69 -37.74
C LYS P 175 10.52 -57.27 -37.48
N ARG P 176 11.08 -56.30 -38.20
CA ARG P 176 10.63 -54.92 -38.08
C ARG P 176 9.23 -54.73 -38.63
N LYS P 177 8.92 -55.42 -39.75
CA LYS P 177 7.57 -55.36 -40.31
C LYS P 177 6.56 -56.04 -39.38
N GLU P 178 6.96 -57.14 -38.74
CA GLU P 178 6.08 -57.80 -37.78
C GLU P 178 5.88 -56.96 -36.53
N VAL P 179 6.91 -56.23 -36.10
CA VAL P 179 6.77 -55.35 -34.94
C VAL P 179 5.88 -54.16 -35.27
N ALA P 180 5.99 -53.63 -36.49
CA ALA P 180 5.11 -52.54 -36.90
C ALA P 180 3.66 -53.01 -37.05
N LYS P 181 3.46 -54.22 -37.55
CA LYS P 181 2.11 -54.78 -37.66
C LYS P 181 1.53 -55.08 -36.28
N ARG P 182 2.36 -55.53 -35.33
CA ARG P 182 1.89 -55.75 -33.97
C ARG P 182 1.56 -54.43 -33.28
N VAL P 183 2.33 -53.37 -33.56
CA VAL P 183 2.03 -52.05 -32.99
C VAL P 183 0.73 -51.50 -33.59
N ARG P 184 0.49 -51.75 -34.88
CA ARG P 184 -0.75 -51.32 -35.51
C ARG P 184 -1.95 -52.12 -34.98
N ASN P 185 -1.75 -53.41 -34.71
CA ASN P 185 -2.81 -54.22 -34.10
C ASN P 185 -3.09 -53.79 -32.67
N ILE P 186 -2.05 -53.40 -31.92
CA ILE P 186 -2.24 -52.89 -30.57
C ILE P 186 -2.95 -51.54 -30.60
N THR P 187 -2.66 -50.71 -31.60
CA THR P 187 -3.36 -49.43 -31.74
C THR P 187 -4.82 -49.64 -32.12
N GLU P 188 -5.10 -50.63 -32.96
CA GLU P 188 -6.48 -50.96 -33.30
C GLU P 188 -7.24 -51.53 -32.11
N ASN P 189 -6.57 -52.34 -31.29
CA ASN P 189 -7.19 -52.88 -30.08
C ASN P 189 -7.44 -51.77 -29.05
N VAL P 190 -6.53 -50.79 -28.97
CA VAL P 190 -6.72 -49.67 -28.05
C VAL P 190 -7.85 -48.77 -28.54
N GLY P 191 -7.99 -48.62 -29.86
CA GLY P 191 -9.10 -47.86 -30.39
C GLY P 191 -10.43 -48.56 -30.23
N GLN P 192 -10.41 -49.89 -30.26
CA GLN P 192 -11.64 -50.65 -30.00
C GLN P 192 -12.02 -50.64 -28.54
N SER P 193 -11.02 -50.67 -27.64
CA SER P 193 -11.31 -50.64 -26.20
C SER P 193 -11.66 -49.23 -25.74
N ALA P 194 -11.21 -48.21 -26.48
CA ALA P 194 -11.51 -46.83 -26.12
C ALA P 194 -12.90 -46.39 -26.57
N GLN P 195 -13.64 -47.24 -27.28
CA GLN P 195 -15.00 -46.90 -27.67
C GLN P 195 -15.93 -46.89 -26.47
N GLN P 196 -15.66 -47.72 -25.47
CA GLN P 196 -16.40 -47.71 -24.22
C GLN P 196 -15.52 -47.21 -23.06
N LYS P 197 -14.36 -47.85 -22.85
CA LYS P 197 -13.36 -47.50 -21.84
C LYS P 197 -13.97 -47.50 -20.44
N LEU P 198 -14.68 -48.59 -20.14
CA LEU P 198 -15.39 -48.75 -18.88
C LEU P 198 -14.78 -49.92 -18.11
N GLN P 199 -14.21 -49.62 -16.95
CA GLN P 199 -13.63 -50.64 -16.09
C GLN P 199 -14.70 -51.19 -15.15
N VAL P 200 -14.28 -52.02 -14.21
CA VAL P 200 -15.18 -52.62 -13.23
C VAL P 200 -14.69 -52.20 -11.85
N CYS P 201 -15.61 -51.65 -11.04
CA CYS P 201 -15.29 -51.28 -9.67
C CYS P 201 -15.11 -52.54 -8.83
N GLU P 202 -13.97 -52.64 -8.16
CA GLU P 202 -13.62 -53.85 -7.42
C GLU P 202 -14.46 -54.04 -6.16
N VAL P 203 -15.01 -52.97 -5.58
CA VAL P 203 -15.80 -53.11 -4.37
C VAL P 203 -17.30 -53.10 -4.69
N CYS P 204 -17.79 -51.97 -5.20
CA CYS P 204 -19.22 -51.78 -5.37
C CYS P 204 -19.76 -52.37 -6.67
N GLY P 205 -18.90 -52.83 -7.56
CA GLY P 205 -19.33 -53.47 -8.79
C GLY P 205 -19.84 -52.53 -9.87
N ALA P 206 -19.64 -51.23 -9.72
CA ALA P 206 -20.07 -50.27 -10.73
C ALA P 206 -19.03 -50.17 -11.84
N TYR P 207 -19.22 -49.20 -12.73
CA TYR P 207 -18.30 -48.95 -13.82
C TYR P 207 -17.43 -47.75 -13.52
N LEU P 208 -16.16 -47.83 -13.91
CA LEU P 208 -15.20 -46.77 -13.67
C LEU P 208 -14.50 -46.44 -14.98
N SER P 209 -13.46 -45.61 -14.90
CA SER P 209 -12.67 -45.25 -16.07
C SER P 209 -11.23 -45.03 -15.64
N ARG P 210 -10.30 -45.35 -16.53
CA ARG P 210 -8.89 -45.18 -16.28
C ARG P 210 -8.37 -43.81 -16.66
N LEU P 211 -8.84 -43.26 -17.79
CA LEU P 211 -8.42 -41.93 -18.21
C LEU P 211 -9.07 -40.82 -17.39
N ASP P 212 -10.11 -41.14 -16.62
CA ASP P 212 -10.75 -40.16 -15.76
C ASP P 212 -9.85 -39.80 -14.60
N THR P 213 -9.84 -38.52 -14.23
CA THR P 213 -8.98 -38.02 -13.18
C THR P 213 -9.53 -38.40 -11.81
N ASP P 214 -8.76 -38.08 -10.76
CA ASP P 214 -9.11 -38.52 -9.42
C ASP P 214 -10.23 -37.71 -8.78
N ARG P 215 -10.56 -36.53 -9.32
CA ARG P 215 -11.60 -35.71 -8.71
C ARG P 215 -12.99 -36.24 -9.01
N ARG P 216 -13.25 -36.62 -10.27
CA ARG P 216 -14.52 -37.25 -10.61
C ARG P 216 -14.65 -38.63 -9.97
N LEU P 217 -13.53 -39.34 -9.79
CA LEU P 217 -13.57 -40.61 -9.06
C LEU P 217 -13.89 -40.39 -7.59
N ALA P 218 -13.33 -39.34 -6.98
CA ALA P 218 -13.65 -39.01 -5.60
C ALA P 218 -15.09 -38.55 -5.45
N ASP P 219 -15.64 -37.89 -6.48
CA ASP P 219 -17.07 -37.59 -6.49
C ASP P 219 -17.90 -38.87 -6.62
N HIS P 220 -17.38 -39.87 -7.31
CA HIS P 220 -18.07 -41.16 -7.42
C HIS P 220 -18.07 -41.90 -6.09
N PHE P 221 -16.95 -41.89 -5.36
CA PHE P 221 -16.88 -42.65 -4.10
C PHE P 221 -17.74 -42.05 -2.99
N LEU P 222 -18.08 -40.77 -3.05
CA LEU P 222 -18.93 -40.15 -2.04
C LEU P 222 -20.39 -40.16 -2.48
N GLY P 223 -20.98 -41.36 -2.43
CA GLY P 223 -22.39 -41.54 -2.67
C GLY P 223 -23.01 -42.36 -1.54
N LYS P 224 -24.34 -42.49 -1.60
CA LYS P 224 -25.04 -43.29 -0.59
C LYS P 224 -24.78 -44.78 -0.81
N ILE P 225 -24.75 -45.21 -2.09
CA ILE P 225 -24.56 -46.61 -2.43
C ILE P 225 -23.17 -47.08 -2.02
N HIS P 226 -22.14 -46.29 -2.33
CA HIS P 226 -20.77 -46.73 -2.06
C HIS P 226 -20.45 -46.69 -0.57
N LEU P 227 -20.90 -45.64 0.14
CA LEU P 227 -20.67 -45.57 1.59
C LEU P 227 -21.42 -46.68 2.31
N GLY P 228 -22.67 -46.93 1.92
CA GLY P 228 -23.43 -48.01 2.52
C GLY P 228 -22.84 -49.38 2.23
N TYR P 229 -22.35 -49.59 1.00
CA TYR P 229 -21.81 -50.90 0.68
C TYR P 229 -20.42 -51.13 1.26
N VAL P 230 -19.61 -50.07 1.41
CA VAL P 230 -18.33 -50.21 2.11
C VAL P 230 -18.56 -50.45 3.59
N LYS P 231 -19.60 -49.83 4.17
CA LYS P 231 -19.94 -50.11 5.57
C LYS P 231 -20.43 -51.55 5.74
N MET P 232 -21.20 -52.06 4.76
CA MET P 232 -21.66 -53.43 4.83
C MET P 232 -20.52 -54.42 4.64
N ARG P 233 -19.54 -54.09 3.77
CA ARG P 233 -18.36 -54.92 3.63
C ARG P 233 -17.50 -54.91 4.89
N GLU P 234 -17.40 -53.76 5.55
CA GLU P 234 -16.65 -53.68 6.81
C GLU P 234 -17.33 -54.49 7.91
N ASP P 235 -18.67 -54.44 7.97
CA ASP P 235 -19.40 -55.24 8.94
C ASP P 235 -19.29 -56.73 8.64
N TYR P 236 -19.33 -57.11 7.36
CA TYR P 236 -19.20 -58.51 6.98
C TYR P 236 -17.81 -59.03 7.28
N ASP P 237 -16.77 -58.23 7.01
CA ASP P 237 -15.40 -58.64 7.32
C ASP P 237 -15.16 -58.70 8.82
N ARG P 238 -15.78 -57.81 9.59
CA ARG P 238 -15.67 -57.87 11.05
C ARG P 238 -16.36 -59.10 11.60
N LEU P 239 -17.53 -59.45 11.06
CA LEU P 239 -18.22 -60.65 11.54
C LEU P 239 -17.53 -61.93 11.09
N MET P 240 -16.88 -61.93 9.92
CA MET P 240 -16.11 -63.10 9.52
C MET P 240 -14.79 -63.21 10.28
N LYS P 241 -14.24 -62.08 10.74
CA LYS P 241 -13.06 -62.13 11.58
C LYS P 241 -13.41 -62.56 13.00
N ASN P 242 -14.61 -62.20 13.48
CA ASN P 242 -15.04 -62.63 14.80
C ASN P 242 -15.47 -64.09 14.81
N ASN P 243 -16.11 -64.55 13.73
CA ASN P 243 -16.57 -65.93 13.67
C ASN P 243 -15.44 -66.90 13.36
N ARG P 244 -14.48 -66.50 12.54
CA ARG P 244 -13.36 -67.37 12.19
C ARG P 244 -12.06 -66.86 12.82
N ALA Q 18 59.94 21.69 -35.48
CA ALA Q 18 59.36 20.51 -34.85
C ALA Q 18 59.47 19.30 -35.76
N LEU Q 19 59.16 19.49 -37.03
CA LEU Q 19 59.23 18.42 -38.03
C LEU Q 19 60.69 18.21 -38.41
N ARG Q 20 61.31 17.18 -37.84
CA ARG Q 20 62.72 16.91 -38.14
C ARG Q 20 62.90 16.28 -39.52
N GLY Q 21 61.90 15.52 -39.98
CA GLY Q 21 61.99 14.92 -41.30
C GLY Q 21 61.91 15.95 -42.42
N LEU Q 22 61.04 16.96 -42.25
CA LEU Q 22 60.95 18.03 -43.23
C LEU Q 22 62.20 18.90 -43.24
N ASP Q 23 62.81 19.10 -42.06
CA ASP Q 23 64.07 19.84 -42.01
C ASP Q 23 65.22 19.06 -42.65
N THR Q 24 65.24 17.73 -42.45
CA THR Q 24 66.26 16.90 -43.10
C THR Q 24 66.06 16.87 -44.60
N GLN Q 25 64.80 16.84 -45.06
CA GLN Q 25 64.52 16.88 -46.49
C GLN Q 25 64.89 18.23 -47.10
N PHE Q 26 64.67 19.33 -46.36
CA PHE Q 26 65.06 20.65 -46.85
C PHE Q 26 66.57 20.80 -46.89
N LEU Q 27 67.27 20.24 -45.91
CA LEU Q 27 68.74 20.26 -45.92
C LEU Q 27 69.30 19.41 -47.06
N GLN Q 28 68.68 18.26 -47.33
CA GLN Q 28 69.11 17.43 -48.45
C GLN Q 28 68.81 18.08 -49.79
N ASP Q 29 67.70 18.82 -49.89
CA ASP Q 29 67.39 19.54 -51.11
C ASP Q 29 68.34 20.71 -51.33
N ASN Q 30 68.73 21.39 -50.24
CA ASN Q 30 69.72 22.47 -50.35
C ASN Q 30 71.09 21.92 -50.73
N THR Q 31 71.47 20.77 -50.19
CA THR Q 31 72.73 20.14 -50.57
C THR Q 31 72.71 19.66 -52.02
N ALA Q 32 71.55 19.17 -52.48
CA ALA Q 32 71.43 18.75 -53.88
C ALA Q 32 71.45 19.94 -54.82
N LEU Q 33 70.89 21.07 -54.39
CA LEU Q 33 70.95 22.29 -55.22
C LEU Q 33 72.37 22.85 -55.26
N VAL Q 34 73.10 22.75 -54.14
CA VAL Q 34 74.49 23.22 -54.13
C VAL Q 34 75.39 22.28 -54.93
N GLN Q 35 75.04 20.99 -55.01
CA GLN Q 35 75.81 20.06 -55.82
C GLN Q 35 75.47 20.18 -57.30
N ALA Q 36 74.23 20.52 -57.63
CA ALA Q 36 73.82 20.68 -59.02
C ALA Q 36 74.15 22.05 -59.59
N TYR Q 37 74.41 23.04 -58.73
CA TYR Q 37 74.83 24.35 -59.21
C TYR Q 37 76.24 24.33 -59.78
N ARG Q 38 77.10 23.42 -59.30
CA ARG Q 38 78.46 23.18 -59.78
C ARG Q 38 79.36 24.42 -59.67
N GLY Q 39 79.10 25.30 -58.73
CA GLY Q 39 79.89 26.50 -58.56
C GLY Q 39 80.19 26.83 -57.11
N LEU Q 40 80.39 28.12 -56.81
CA LEU Q 40 80.63 28.52 -55.44
C LEU Q 40 79.35 28.51 -54.63
N ASP Q 41 78.37 29.33 -55.04
CA ASP Q 41 77.03 29.46 -54.44
C ASP Q 41 77.14 29.83 -52.94
N TRP Q 42 77.70 31.03 -52.73
CA TRP Q 42 77.95 31.51 -51.36
C TRP Q 42 76.65 31.78 -50.62
N SER Q 43 75.61 32.27 -51.30
CA SER Q 43 74.32 32.46 -50.67
C SER Q 43 73.67 31.12 -50.33
N ASP Q 44 73.79 30.14 -51.23
CA ASP Q 44 73.28 28.80 -50.95
C ASP Q 44 74.10 28.12 -49.86
N ILE Q 45 75.41 28.39 -49.79
CA ILE Q 45 76.23 27.82 -48.73
C ILE Q 45 75.87 28.44 -47.38
N SER Q 46 75.58 29.74 -47.36
CA SER Q 46 75.15 30.39 -46.12
C SER Q 46 73.78 29.91 -45.68
N SER Q 47 72.88 29.66 -46.63
CA SER Q 47 71.56 29.11 -46.31
C SER Q 47 71.68 27.68 -45.78
N LEU Q 48 72.57 26.89 -46.37
CA LEU Q 48 72.78 25.52 -45.89
C LEU Q 48 73.43 25.51 -44.51
N THR Q 49 74.34 26.45 -44.24
CA THR Q 49 74.95 26.55 -42.92
C THR Q 49 73.94 27.00 -41.87
N GLN Q 50 73.05 27.93 -42.24
CA GLN Q 50 72.00 28.35 -41.32
C GLN Q 50 70.99 27.23 -41.05
N MET Q 51 70.68 26.43 -42.08
CA MET Q 51 69.79 25.30 -41.90
C MET Q 51 70.43 24.21 -41.05
N VAL Q 52 71.74 24.00 -41.21
CA VAL Q 52 72.44 23.01 -40.39
C VAL Q 52 72.54 23.48 -38.94
N ASP Q 53 72.72 24.79 -38.73
CA ASP Q 53 72.75 25.32 -37.37
C ASP Q 53 71.38 25.25 -36.72
N VAL Q 54 70.31 25.49 -37.48
CA VAL Q 54 68.96 25.37 -36.94
C VAL Q 54 68.61 23.91 -36.64
N ILE Q 55 69.09 22.98 -37.46
CA ILE Q 55 68.84 21.56 -37.20
C ILE Q 55 69.66 21.07 -36.00
N GLU Q 56 70.86 21.63 -35.80
CA GLU Q 56 71.64 21.27 -34.63
C GLU Q 56 71.08 21.88 -33.35
N GLN Q 57 70.47 23.07 -33.46
CA GLN Q 57 69.88 23.71 -32.29
C GLN Q 57 68.50 23.14 -31.96
N THR Q 58 67.78 22.61 -32.95
CA THR Q 58 66.44 22.08 -32.72
C THR Q 58 66.41 20.59 -32.46
N VAL Q 59 67.38 19.83 -32.98
CA VAL Q 59 67.38 18.38 -32.82
C VAL Q 59 68.63 17.95 -32.07
N VAL Q 60 68.80 16.65 -31.85
CA VAL Q 60 69.93 16.13 -31.10
C VAL Q 60 71.24 16.22 -31.89
N LYS Q 61 71.16 16.28 -33.22
CA LYS Q 61 72.30 16.41 -34.14
C LYS Q 61 73.29 15.25 -33.96
N TYR Q 62 72.80 14.05 -34.29
CA TYR Q 62 73.60 12.84 -34.20
C TYR Q 62 74.72 12.85 -35.23
N GLY Q 63 75.71 11.97 -34.99
CA GLY Q 63 76.90 11.96 -35.82
C GLY Q 63 76.67 11.43 -37.22
N ASN Q 64 75.68 10.57 -37.40
CA ASN Q 64 75.33 9.99 -38.70
C ASN Q 64 74.79 11.07 -39.62
N PRO Q 65 74.00 12.00 -39.11
CA PRO Q 65 73.56 13.13 -39.93
C PRO Q 65 74.57 14.26 -39.99
N ASN Q 66 75.45 14.38 -38.99
CA ASN Q 66 76.44 15.45 -38.97
C ASN Q 66 77.70 15.10 -39.75
N ASP Q 67 77.86 13.85 -40.18
CA ASP Q 67 79.05 13.45 -40.93
C ASP Q 67 79.07 14.11 -42.31
N SER Q 68 77.91 14.21 -42.96
CA SER Q 68 77.85 14.87 -44.25
C SER Q 68 78.07 16.38 -44.11
N ILE Q 69 77.60 16.97 -43.00
CA ILE Q 69 77.81 18.39 -42.75
C ILE Q 69 79.28 18.67 -42.46
N LYS Q 70 79.95 17.76 -41.74
CA LYS Q 70 81.37 17.93 -41.49
C LYS Q 70 82.20 17.71 -42.74
N LEU Q 71 81.75 16.81 -43.63
CA LEU Q 71 82.44 16.61 -44.89
C LEU Q 71 82.24 17.79 -45.83
N ALA Q 72 81.08 18.45 -45.76
CA ALA Q 72 80.87 19.64 -46.56
C ALA Q 72 81.63 20.84 -45.99
N LEU Q 73 81.79 20.91 -44.66
CA LEU Q 73 82.54 22.00 -44.06
C LEU Q 73 84.04 21.83 -44.26
N GLU Q 74 84.52 20.58 -44.28
CA GLU Q 74 85.94 20.34 -44.50
C GLU Q 74 86.34 20.56 -45.95
N THR Q 75 85.40 20.37 -46.89
CA THR Q 75 85.68 20.60 -48.30
C THR Q 75 85.52 22.06 -48.70
N ILE Q 76 85.01 22.92 -47.81
CA ILE Q 76 84.83 24.33 -48.11
C ILE Q 76 85.92 25.20 -47.51
N LEU Q 77 87.04 24.58 -47.09
CA LEU Q 77 88.19 25.24 -46.46
C LEU Q 77 87.77 26.01 -45.19
N TRP Q 78 87.05 25.30 -44.33
CA TRP Q 78 86.52 25.84 -43.09
C TRP Q 78 86.92 24.95 -41.92
N GLN Q 79 88.21 24.62 -41.85
CA GLN Q 79 88.71 23.73 -40.79
C GLN Q 79 88.68 24.40 -39.43
N ILE Q 80 88.77 25.73 -39.39
CA ILE Q 80 88.66 26.44 -38.11
C ILE Q 80 87.23 26.38 -37.59
N LEU Q 81 86.25 26.32 -38.48
CA LEU Q 81 84.87 26.10 -38.07
C LEU Q 81 84.53 24.63 -37.91
N ARG Q 82 85.28 23.74 -38.57
CA ARG Q 82 85.05 22.30 -38.43
C ARG Q 82 85.62 21.74 -37.15
N LYS Q 83 86.71 22.35 -36.63
CA LYS Q 83 87.28 21.90 -35.37
C LYS Q 83 86.39 22.27 -34.19
N TYR Q 84 85.69 23.40 -34.28
CA TYR Q 84 84.74 23.81 -33.26
C TYR Q 84 83.50 22.92 -33.32
N PRO Q 85 83.11 22.46 -34.50
CA PRO Q 85 81.94 21.58 -34.60
C PRO Q 85 82.19 20.17 -34.10
N LEU Q 86 83.45 19.73 -34.03
CA LEU Q 86 83.76 18.40 -33.54
C LEU Q 86 83.47 18.26 -32.05
N LEU Q 87 83.69 19.32 -31.27
CA LEU Q 87 83.37 19.29 -29.86
C LEU Q 87 81.86 19.25 -29.62
N PHE Q 88 81.10 19.97 -30.44
CA PHE Q 88 79.64 19.93 -30.34
C PHE Q 88 79.10 18.57 -30.80
N GLY Q 89 79.72 17.96 -31.80
CA GLY Q 89 79.31 16.62 -32.21
C GLY Q 89 79.68 15.55 -31.20
N PHE Q 90 80.78 15.74 -30.47
CA PHE Q 90 81.14 14.81 -29.42
C PHE Q 90 80.25 14.98 -28.18
N TRP Q 91 79.87 16.22 -27.87
CA TRP Q 91 78.97 16.46 -26.74
C TRP Q 91 77.53 16.06 -27.07
N LYS Q 92 77.14 16.09 -28.35
CA LYS Q 92 75.79 15.69 -28.72
C LYS Q 92 75.62 14.18 -28.65
N ARG Q 93 76.63 13.43 -29.09
CA ARG Q 93 76.61 11.98 -29.06
C ARG Q 93 77.91 11.49 -28.45
N PHE Q 94 77.83 10.90 -27.26
CA PHE Q 94 79.04 10.41 -26.59
C PHE Q 94 79.53 9.11 -27.22
N ALA Q 95 78.64 8.32 -27.82
CA ALA Q 95 78.99 7.07 -28.46
C ALA Q 95 79.27 7.22 -29.95
N THR Q 96 79.60 8.42 -30.41
CA THR Q 96 79.91 8.68 -31.82
C THR Q 96 81.39 8.42 -32.04
N ILE Q 97 81.72 7.15 -32.31
CA ILE Q 97 83.10 6.79 -32.57
C ILE Q 97 83.51 7.21 -33.98
N GLU Q 98 82.54 7.35 -34.89
CA GLU Q 98 82.85 7.78 -36.25
C GLU Q 98 83.26 9.25 -36.29
N TYR Q 99 82.60 10.09 -35.49
CA TYR Q 99 82.98 11.50 -35.41
C TYR Q 99 84.34 11.66 -34.75
N GLN Q 100 84.64 10.81 -33.76
CA GLN Q 100 85.96 10.85 -33.12
C GLN Q 100 87.04 10.38 -34.08
N LEU Q 101 86.75 9.37 -34.90
CA LEU Q 101 87.72 8.91 -35.90
C LEU Q 101 87.91 9.95 -37.00
N PHE Q 102 86.85 10.68 -37.37
CA PHE Q 102 86.99 11.76 -38.35
C PHE Q 102 87.76 12.94 -37.77
N GLY Q 103 87.60 13.22 -36.48
CA GLY Q 103 88.39 14.27 -35.86
C GLY Q 103 89.84 13.89 -35.66
N LEU Q 104 90.10 12.60 -35.42
CA LEU Q 104 91.49 12.13 -35.31
C LEU Q 104 92.17 12.05 -36.67
N LYS Q 105 91.42 11.74 -37.72
CA LYS Q 105 92.01 11.74 -39.07
C LYS Q 105 92.25 13.16 -39.56
N LYS Q 106 91.43 14.11 -39.13
CA LYS Q 106 91.63 15.51 -39.49
C LYS Q 106 92.69 16.14 -38.58
N SER Q 107 92.92 17.44 -38.78
CA SER Q 107 93.90 18.26 -38.07
C SER Q 107 95.32 17.71 -38.16
N ILE Q 108 95.65 17.05 -39.27
CA ILE Q 108 97.01 16.54 -39.47
C ILE Q 108 97.86 17.53 -40.24
N ALA Q 109 97.31 18.12 -41.31
CA ALA Q 109 97.99 19.18 -42.04
C ALA Q 109 97.65 20.51 -41.37
N VAL Q 110 98.32 20.75 -40.24
CA VAL Q 110 98.03 21.90 -39.39
C VAL Q 110 99.33 22.59 -39.02
N LEU Q 111 99.26 23.59 -38.15
CA LEU Q 111 100.41 24.40 -37.77
C LEU Q 111 101.28 23.65 -36.75
N ALA Q 112 102.21 24.37 -36.12
CA ALA Q 112 103.20 23.77 -35.24
C ALA Q 112 102.62 23.25 -33.93
N THR Q 113 101.38 23.60 -33.59
CA THR Q 113 100.74 23.10 -32.38
C THR Q 113 100.02 21.78 -32.60
N SER Q 114 100.10 21.21 -33.81
CA SER Q 114 99.38 19.97 -34.12
C SER Q 114 99.93 18.79 -33.35
N VAL Q 115 101.22 18.79 -33.02
CA VAL Q 115 101.79 17.77 -32.17
C VAL Q 115 101.23 17.85 -30.76
N LYS Q 116 100.81 19.05 -30.34
CA LYS Q 116 100.06 19.20 -29.10
C LYS Q 116 98.56 19.08 -29.31
N TRP Q 117 98.10 18.97 -30.55
CA TRP Q 117 96.67 18.94 -30.83
C TRP Q 117 96.18 17.56 -31.25
N PHE Q 118 97.03 16.76 -31.90
CA PHE Q 118 96.62 15.44 -32.38
C PHE Q 118 96.48 14.46 -31.21
N PRO Q 119 97.37 14.53 -30.22
CA PRO Q 119 97.24 13.62 -29.07
C PRO Q 119 96.15 14.08 -28.11
N THR Q 120 96.02 15.40 -27.94
CA THR Q 120 95.03 15.94 -27.00
C THR Q 120 93.61 15.74 -27.51
N SER Q 121 93.43 15.69 -28.83
CA SER Q 121 92.14 15.30 -29.38
C SER Q 121 91.91 13.79 -29.33
N LEU Q 122 92.99 13.00 -29.16
CA LEU Q 122 92.83 11.56 -29.09
C LEU Q 122 92.67 11.09 -27.65
N GLU Q 123 93.49 11.63 -26.73
CA GLU Q 123 93.41 11.24 -25.32
C GLU Q 123 92.11 11.68 -24.68
N LEU Q 124 91.53 12.80 -25.15
CA LEU Q 124 90.20 13.18 -24.70
C LEU Q 124 89.14 12.19 -25.16
N TRP Q 125 89.39 11.50 -26.28
CA TRP Q 125 88.53 10.39 -26.67
C TRP Q 125 88.87 9.11 -25.94
N CYS Q 126 89.99 9.08 -25.21
CA CYS Q 126 90.38 7.88 -24.48
C CYS Q 126 89.55 7.68 -23.23
N ASP Q 127 88.95 8.74 -22.70
CA ASP Q 127 88.09 8.64 -21.52
C ASP Q 127 86.60 8.77 -21.86
N TYR Q 128 86.26 8.82 -23.14
CA TYR Q 128 84.87 8.99 -23.56
C TYR Q 128 84.35 7.85 -24.42
N LEU Q 129 85.16 7.34 -25.35
CA LEU Q 129 84.70 6.30 -26.28
C LEU Q 129 85.64 5.11 -26.38
N ASN Q 130 86.72 5.07 -25.59
CA ASN Q 130 87.65 3.95 -25.65
C ASN Q 130 87.24 2.78 -24.77
N VAL Q 131 86.10 2.88 -24.07
CA VAL Q 131 85.62 1.80 -23.22
C VAL Q 131 84.57 0.94 -23.93
N LEU Q 132 84.36 1.15 -25.23
CA LEU Q 132 83.37 0.42 -26.00
C LEU Q 132 84.02 -0.74 -26.74
N CYS Q 133 83.18 -1.64 -27.23
CA CYS Q 133 83.66 -2.80 -27.99
C CYS Q 133 84.02 -2.46 -29.43
N VAL Q 134 83.57 -1.31 -29.93
CA VAL Q 134 83.87 -0.90 -31.29
C VAL Q 134 85.00 0.13 -31.32
N ASN Q 135 85.79 0.22 -30.26
CA ASN Q 135 86.90 1.17 -30.18
C ASN Q 135 88.22 0.59 -30.69
N ASN Q 136 88.17 -0.48 -31.48
CA ASN Q 136 89.37 -1.10 -32.03
C ASN Q 136 90.00 -0.19 -33.08
N PRO Q 137 89.20 0.58 -33.82
CA PRO Q 137 89.78 1.47 -34.84
C PRO Q 137 90.42 2.73 -34.29
N ASN Q 138 89.95 3.22 -33.14
CA ASN Q 138 90.50 4.45 -32.56
C ASN Q 138 91.92 4.20 -32.02
N GLU Q 139 92.14 3.05 -31.39
CA GLU Q 139 93.47 2.70 -30.92
C GLU Q 139 94.44 2.45 -32.08
N THR Q 140 93.95 1.87 -33.18
CA THR Q 140 94.78 1.68 -34.36
C THR Q 140 95.11 3.02 -35.02
N ASP Q 141 94.16 3.95 -35.02
CA ASP Q 141 94.43 5.29 -35.56
C ASP Q 141 95.42 6.05 -34.69
N PHE Q 142 95.33 5.90 -33.37
CA PHE Q 142 96.30 6.52 -32.47
C PHE Q 142 97.68 5.89 -32.61
N ILE Q 143 97.74 4.58 -32.87
CA ILE Q 143 99.03 3.92 -33.08
C ILE Q 143 99.63 4.31 -34.44
N ARG Q 144 98.78 4.55 -35.44
CA ARG Q 144 99.26 5.02 -36.73
C ARG Q 144 99.72 6.47 -36.66
N ASN Q 145 99.06 7.29 -35.83
CA ASN Q 145 99.52 8.66 -35.59
C ASN Q 145 100.83 8.67 -34.81
N ASN Q 146 101.00 7.71 -33.89
CA ASN Q 146 102.26 7.61 -33.16
C ASN Q 146 103.35 6.98 -34.01
N PHE Q 147 102.98 6.26 -35.07
CA PHE Q 147 103.97 5.65 -35.95
C PHE Q 147 104.64 6.66 -36.88
N GLU Q 148 104.03 7.83 -37.06
CA GLU Q 148 104.64 8.87 -37.89
C GLU Q 148 105.83 9.50 -37.18
N ILE Q 149 105.74 9.65 -35.85
CA ILE Q 149 106.85 10.18 -35.06
C ILE Q 149 107.84 9.07 -34.78
N ALA Q 150 109.04 9.43 -34.32
CA ALA Q 150 110.08 8.47 -34.00
C ALA Q 150 110.12 8.12 -32.51
N LYS Q 151 108.98 8.22 -31.82
CA LYS Q 151 108.90 7.94 -30.39
C LYS Q 151 108.39 6.51 -30.23
N ASP Q 152 109.30 5.58 -29.92
CA ASP Q 152 108.90 4.19 -29.73
C ASP Q 152 108.30 3.95 -28.36
N LEU Q 153 108.66 4.78 -27.38
CA LEU Q 153 108.14 4.60 -26.02
C LEU Q 153 106.67 4.99 -25.93
N ILE Q 154 106.26 6.03 -26.67
CA ILE Q 154 104.85 6.43 -26.68
C ILE Q 154 104.01 5.38 -27.40
N GLY Q 155 104.54 4.79 -28.46
CA GLY Q 155 103.84 3.71 -29.14
C GLY Q 155 103.76 2.46 -28.31
N LYS Q 156 104.80 2.16 -27.52
CA LYS Q 156 104.77 1.02 -26.62
C LYS Q 156 103.77 1.23 -25.49
N GLN Q 157 103.67 2.47 -24.99
CA GLN Q 157 102.68 2.78 -23.96
C GLN Q 157 101.27 2.71 -24.51
N PHE Q 158 101.07 3.17 -25.76
CA PHE Q 158 99.76 3.08 -26.40
C PHE Q 158 99.37 1.64 -26.70
N LEU Q 159 100.35 0.77 -27.01
CA LEU Q 159 100.05 -0.63 -27.22
C LEU Q 159 99.79 -1.36 -25.90
N SER Q 160 100.46 -0.94 -24.82
CA SER Q 160 100.22 -1.56 -23.52
C SER Q 160 98.90 -1.11 -22.90
N HIS Q 161 98.47 0.13 -23.17
CA HIS Q 161 97.21 0.64 -22.66
C HIS Q 161 96.05 -0.01 -23.41
N PRO Q 162 96.19 -0.25 -24.72
CA PRO Q 162 95.09 -0.89 -25.46
C PRO Q 162 94.99 -2.38 -25.23
N PHE Q 163 96.10 -3.05 -24.87
CA PHE Q 163 96.05 -4.48 -24.61
C PHE Q 163 95.42 -4.82 -23.26
N TRP Q 164 95.36 -3.85 -22.34
CA TRP Q 164 94.75 -4.05 -21.04
C TRP Q 164 93.24 -3.81 -21.05
N ASP Q 165 92.69 -3.36 -22.17
CA ASP Q 165 91.26 -3.10 -22.29
C ASP Q 165 90.59 -4.21 -23.09
N LYS Q 166 89.33 -4.48 -22.74
CA LYS Q 166 88.55 -5.52 -23.41
C LYS Q 166 87.99 -4.96 -24.70
N PHE Q 167 88.62 -5.29 -25.81
CA PHE Q 167 88.21 -4.84 -27.14
C PHE Q 167 87.82 -6.06 -27.98
N ILE Q 168 87.51 -5.80 -29.26
CA ILE Q 168 87.15 -6.87 -30.18
C ILE Q 168 88.38 -7.63 -30.63
N GLU Q 169 89.34 -6.93 -31.22
CA GLU Q 169 90.58 -7.55 -31.70
C GLU Q 169 91.68 -7.39 -30.64
N PHE Q 170 91.47 -8.06 -29.51
CA PHE Q 170 92.44 -8.01 -28.42
C PHE Q 170 93.63 -8.92 -28.70
N GLU Q 171 93.38 -10.14 -29.17
CA GLU Q 171 94.46 -11.07 -29.45
C GLU Q 171 95.27 -10.65 -30.68
N VAL Q 172 94.59 -10.13 -31.70
CA VAL Q 172 95.29 -9.64 -32.88
C VAL Q 172 96.10 -8.40 -32.56
N GLY Q 173 95.57 -7.53 -31.69
CA GLY Q 173 96.33 -6.35 -31.27
C GLY Q 173 97.52 -6.72 -30.41
N GLN Q 174 97.38 -7.74 -29.56
CA GLN Q 174 98.50 -8.20 -28.74
C GLN Q 174 99.58 -8.86 -29.61
N LYS Q 175 99.16 -9.61 -30.63
CA LYS Q 175 100.13 -10.21 -31.55
C LYS Q 175 100.83 -9.15 -32.39
N ASN Q 176 100.11 -8.09 -32.78
CA ASN Q 176 100.73 -7.00 -33.53
C ASN Q 176 101.70 -6.22 -32.65
N TRP Q 177 101.36 -6.03 -31.36
CA TRP Q 177 102.26 -5.33 -30.45
C TRP Q 177 103.48 -6.18 -30.10
N HIS Q 178 103.34 -7.50 -30.12
CA HIS Q 178 104.46 -8.39 -29.85
C HIS Q 178 105.35 -8.62 -31.07
N ASN Q 179 104.81 -8.49 -32.29
CA ASN Q 179 105.59 -8.72 -33.49
C ASN Q 179 106.11 -7.44 -34.14
N VAL Q 180 105.51 -6.29 -33.83
CA VAL Q 180 105.96 -5.04 -34.44
C VAL Q 180 107.19 -4.51 -33.71
N GLN Q 181 107.11 -4.38 -32.39
CA GLN Q 181 108.22 -3.89 -31.58
C GLN Q 181 109.22 -5.04 -31.38
N ARG Q 182 110.16 -5.11 -32.33
CA ARG Q 182 111.16 -6.18 -32.30
C ARG Q 182 112.25 -5.94 -31.25
N ILE Q 183 112.42 -4.70 -30.79
CA ILE Q 183 113.44 -4.43 -29.79
C ILE Q 183 112.85 -4.41 -28.37
N TYR Q 184 111.54 -4.28 -28.24
CA TYR Q 184 110.87 -4.23 -26.95
C TYR Q 184 109.69 -5.19 -26.92
N GLU Q 185 109.93 -6.42 -27.38
CA GLU Q 185 108.86 -7.42 -27.46
C GLU Q 185 108.56 -8.01 -26.09
N TYR Q 186 109.58 -8.47 -25.38
CA TYR Q 186 109.43 -9.19 -24.12
C TYR Q 186 110.26 -8.55 -23.02
N ILE Q 187 110.16 -7.23 -22.89
CA ILE Q 187 110.84 -6.53 -21.81
C ILE Q 187 110.18 -6.82 -20.48
N ILE Q 188 108.84 -6.75 -20.43
CA ILE Q 188 108.07 -7.12 -19.25
C ILE Q 188 107.02 -8.12 -19.74
N GLU Q 189 107.34 -9.41 -19.64
CA GLU Q 189 106.47 -10.45 -20.21
C GLU Q 189 105.35 -10.84 -19.25
N VAL Q 190 105.64 -10.91 -17.95
CA VAL Q 190 104.69 -11.39 -16.95
C VAL Q 190 103.58 -10.38 -16.76
N PRO Q 191 103.88 -9.08 -16.65
CA PRO Q 191 102.81 -8.09 -16.47
C PRO Q 191 101.96 -7.90 -17.71
N LEU Q 192 102.57 -7.94 -18.90
CA LEU Q 192 101.81 -7.85 -20.14
C LEU Q 192 100.94 -9.10 -20.34
N HIS Q 193 101.45 -10.26 -19.94
CA HIS Q 193 100.65 -11.49 -20.03
C HIS Q 193 99.50 -11.48 -19.04
N GLN Q 194 99.72 -10.93 -17.84
CA GLN Q 194 98.63 -10.82 -16.86
C GLN Q 194 97.58 -9.82 -17.31
N TYR Q 195 98.01 -8.71 -17.93
CA TYR Q 195 97.06 -7.74 -18.47
C TYR Q 195 96.28 -8.31 -19.64
N ALA Q 196 96.94 -9.11 -20.50
CA ALA Q 196 96.23 -9.76 -21.61
C ALA Q 196 95.26 -10.81 -21.10
N ARG Q 197 95.61 -11.52 -20.03
CA ARG Q 197 94.70 -12.50 -19.45
C ARG Q 197 93.49 -11.82 -18.80
N PHE Q 198 93.72 -10.68 -18.14
CA PHE Q 198 92.60 -9.92 -17.56
C PHE Q 198 91.69 -9.35 -18.65
N PHE Q 199 92.29 -8.90 -19.76
CA PHE Q 199 91.49 -8.39 -20.87
C PHE Q 199 90.70 -9.51 -21.55
N THR Q 200 91.30 -10.70 -21.65
CA THR Q 200 90.59 -11.84 -22.22
C THR Q 200 89.46 -12.30 -21.31
N SER Q 201 89.67 -12.24 -19.99
CA SER Q 201 88.60 -12.58 -19.04
C SER Q 201 87.47 -11.57 -19.08
N TYR Q 202 87.81 -10.29 -19.22
CA TYR Q 202 86.78 -9.25 -19.34
C TYR Q 202 86.02 -9.37 -20.65
N LYS Q 203 86.71 -9.74 -21.74
CA LYS Q 203 86.03 -9.96 -23.01
C LYS Q 203 85.14 -11.19 -22.97
N LYS Q 204 85.57 -12.25 -22.28
CA LYS Q 204 84.73 -13.43 -22.14
C LYS Q 204 83.54 -13.18 -21.23
N PHE Q 205 83.68 -12.25 -20.26
CA PHE Q 205 82.54 -11.89 -19.44
C PHE Q 205 81.56 -11.01 -20.20
N LEU Q 206 82.06 -10.09 -21.02
CA LEU Q 206 81.20 -9.19 -21.77
C LEU Q 206 80.70 -9.79 -23.09
N ASN Q 207 81.17 -10.98 -23.46
CA ASN Q 207 80.72 -11.61 -24.70
C ASN Q 207 79.25 -12.02 -24.64
N GLU Q 208 78.73 -12.30 -23.44
CA GLU Q 208 77.31 -12.62 -23.30
C GLU Q 208 76.44 -11.40 -23.62
N LYS Q 209 76.80 -10.25 -23.08
CA LYS Q 209 76.08 -9.01 -23.39
C LYS Q 209 76.30 -8.60 -24.84
N ASN Q 210 77.49 -8.87 -25.40
CA ASN Q 210 77.75 -8.55 -26.80
C ASN Q 210 76.91 -9.41 -27.73
N LEU Q 211 76.74 -10.69 -27.40
CA LEU Q 211 75.89 -11.56 -28.21
C LEU Q 211 74.42 -11.26 -27.99
N LYS Q 212 74.05 -10.76 -26.81
CA LYS Q 212 72.66 -10.38 -26.57
C LYS Q 212 72.30 -9.08 -27.27
N THR Q 213 73.28 -8.19 -27.46
CA THR Q 213 73.02 -6.91 -28.11
C THR Q 213 73.20 -6.96 -29.63
N THR Q 214 74.17 -7.73 -30.13
CA THR Q 214 74.45 -7.75 -31.56
C THR Q 214 73.49 -8.63 -32.35
N ARG Q 215 72.96 -9.68 -31.75
CA ARG Q 215 72.02 -10.57 -32.42
C ARG Q 215 70.58 -10.07 -32.35
N ASN Q 216 70.34 -8.92 -31.70
CA ASN Q 216 69.01 -8.34 -31.61
C ASN Q 216 68.90 -6.95 -32.20
N ILE Q 217 70.01 -6.24 -32.40
CA ILE Q 217 69.99 -4.88 -32.95
C ILE Q 217 69.73 -5.00 -34.45
N ASP Q 218 68.51 -4.68 -34.85
CA ASP Q 218 68.13 -4.71 -36.26
C ASP Q 218 66.99 -3.71 -36.48
N ILE Q 219 67.13 -2.87 -37.50
CA ILE Q 219 66.15 -1.83 -37.77
C ILE Q 219 64.90 -2.44 -38.37
N VAL Q 220 63.88 -2.65 -37.54
CA VAL Q 220 62.61 -3.22 -37.99
C VAL Q 220 61.46 -2.37 -37.49
N LEU Q 221 61.79 -1.14 -37.03
CA LEU Q 221 60.83 -0.16 -36.50
C LEU Q 221 60.04 -0.73 -35.32
N ARG Q 222 60.76 -1.25 -34.33
CA ARG Q 222 60.15 -1.82 -33.15
C ARG Q 222 61.11 -1.63 -31.97
N LYS Q 223 60.87 -2.36 -30.88
CA LYS Q 223 61.73 -2.29 -29.70
C LYS Q 223 63.03 -3.05 -29.88
N THR Q 224 63.15 -3.89 -30.92
CA THR Q 224 64.39 -4.62 -31.15
C THR Q 224 65.49 -3.72 -31.71
N GLN Q 225 65.12 -2.67 -32.43
CA GLN Q 225 66.13 -1.75 -32.97
C GLN Q 225 66.74 -0.90 -31.86
N THR Q 226 65.93 -0.49 -30.88
CA THR Q 226 66.46 0.25 -29.74
C THR Q 226 67.17 -0.65 -28.75
N THR Q 227 66.69 -1.89 -28.60
CA THR Q 227 67.23 -2.92 -27.69
C THR Q 227 67.30 -2.41 -26.25
N VAL Q 228 66.15 -2.04 -25.71
CA VAL Q 228 66.10 -1.51 -24.35
C VAL Q 228 66.29 -2.63 -23.33
N ASN Q 229 65.84 -3.85 -23.67
CA ASN Q 229 66.00 -4.97 -22.75
C ASN Q 229 67.46 -5.41 -22.65
N GLU Q 230 68.16 -5.47 -23.80
CA GLU Q 230 69.57 -5.83 -23.78
C GLU Q 230 70.42 -4.74 -23.13
N ILE Q 231 70.04 -3.47 -23.33
CA ILE Q 231 70.77 -2.39 -22.68
C ILE Q 231 70.53 -2.39 -21.17
N TRP Q 232 69.32 -2.72 -20.75
CA TRP Q 232 69.03 -2.81 -19.31
C TRP Q 232 69.75 -3.99 -18.68
N GLN Q 233 69.84 -5.11 -19.40
CA GLN Q 233 70.56 -6.27 -18.88
C GLN Q 233 72.06 -6.00 -18.82
N PHE Q 234 72.60 -5.27 -19.81
CA PHE Q 234 74.01 -4.91 -19.79
C PHE Q 234 74.31 -3.91 -18.67
N GLU Q 235 73.38 -2.98 -18.41
CA GLU Q 235 73.55 -2.04 -17.31
C GLU Q 235 73.47 -2.74 -15.96
N SER Q 236 72.59 -3.74 -15.84
CA SER Q 236 72.50 -4.50 -14.60
C SER Q 236 73.75 -5.35 -14.38
N LYS Q 237 74.29 -5.93 -15.46
CA LYS Q 237 75.51 -6.72 -15.35
C LYS Q 237 76.73 -5.83 -15.08
N ILE Q 238 76.72 -4.59 -15.56
CA ILE Q 238 77.81 -3.67 -15.26
C ILE Q 238 77.71 -3.14 -13.84
N LYS Q 239 76.48 -2.95 -13.33
CA LYS Q 239 76.32 -2.52 -11.94
C LYS Q 239 76.63 -3.66 -10.97
N GLN Q 240 76.39 -4.91 -11.37
CA GLN Q 240 76.75 -6.04 -10.52
C GLN Q 240 78.25 -6.28 -10.50
N PRO Q 241 78.90 -6.51 -11.65
CA PRO Q 241 80.36 -6.76 -11.64
C PRO Q 241 81.18 -5.48 -11.75
N PHE Q 242 81.21 -4.73 -10.64
CA PHE Q 242 81.98 -3.48 -10.58
C PHE Q 242 83.31 -3.74 -9.88
N PHE Q 243 84.25 -4.30 -10.65
CA PHE Q 243 85.59 -4.61 -10.15
C PHE Q 243 86.55 -3.48 -10.52
N ASN Q 244 86.31 -2.32 -9.91
CA ASN Q 244 87.07 -1.07 -10.01
C ASN Q 244 87.15 -0.48 -11.41
N LEU Q 245 86.33 -0.95 -12.36
CA LEU Q 245 86.29 -0.41 -13.70
C LEU Q 245 84.87 -0.17 -14.18
N GLY Q 246 83.89 -0.14 -13.27
CA GLY Q 246 82.51 0.00 -13.65
C GLY Q 246 82.11 1.41 -14.05
N GLN Q 247 82.95 2.40 -13.78
CA GLN Q 247 82.61 3.78 -14.10
C GLN Q 247 82.64 4.03 -15.61
N VAL Q 248 83.76 3.70 -16.26
CA VAL Q 248 83.89 3.93 -17.70
C VAL Q 248 83.00 2.98 -18.48
N LEU Q 249 82.84 1.74 -17.98
CA LEU Q 249 81.96 0.78 -18.63
C LEU Q 249 80.50 1.19 -18.51
N ASN Q 250 80.11 1.73 -17.36
CA ASN Q 250 78.75 2.23 -17.19
C ASN Q 250 78.50 3.48 -18.01
N ASP Q 251 79.53 4.33 -18.16
CA ASP Q 251 79.39 5.50 -19.02
C ASP Q 251 79.24 5.11 -20.49
N ASP Q 252 80.01 4.11 -20.93
CA ASP Q 252 79.89 3.61 -22.30
C ASP Q 252 78.54 2.94 -22.53
N LEU Q 253 78.03 2.22 -21.52
CA LEU Q 253 76.72 1.58 -21.65
C LEU Q 253 75.60 2.61 -21.66
N GLU Q 254 75.74 3.68 -20.87
CA GLU Q 254 74.74 4.75 -20.88
C GLU Q 254 74.78 5.52 -22.19
N ASN Q 255 75.96 5.71 -22.78
CA ASN Q 255 76.06 6.36 -24.07
C ASN Q 255 75.48 5.49 -25.19
N TRP Q 256 75.71 4.17 -25.11
CA TRP Q 256 75.12 3.28 -26.12
C TRP Q 256 73.62 3.14 -25.95
N SER Q 257 73.11 3.29 -24.73
CA SER Q 257 71.67 3.25 -24.53
C SER Q 257 71.00 4.56 -24.92
N ARG Q 258 71.69 5.69 -24.75
CA ARG Q 258 71.13 6.97 -25.15
C ARG Q 258 71.23 7.20 -26.66
N TYR Q 259 72.23 6.59 -27.31
CA TYR Q 259 72.37 6.75 -28.75
C TYR Q 259 71.36 5.91 -29.52
N LEU Q 260 71.04 4.71 -29.03
CA LEU Q 260 70.10 3.83 -29.71
C LEU Q 260 68.66 4.28 -29.49
N TYR Q 288 67.13 10.78 -24.33
CA TYR Q 288 65.76 11.19 -24.03
C TYR Q 288 65.14 10.29 -22.97
N HIS Q 289 65.74 9.13 -22.75
CA HIS Q 289 65.26 8.18 -21.75
C HIS Q 289 65.64 8.69 -20.36
N GLU Q 290 64.64 9.17 -19.61
CA GLU Q 290 64.91 9.73 -18.29
C GLU Q 290 65.15 8.66 -17.24
N ASN Q 291 64.60 7.46 -17.43
CA ASN Q 291 64.78 6.39 -16.44
C ASN Q 291 66.20 5.85 -16.45
N THR Q 292 66.78 5.69 -17.65
CA THR Q 292 68.16 5.24 -17.75
C THR Q 292 69.13 6.31 -17.24
N TRP Q 293 68.82 7.58 -17.47
CA TRP Q 293 69.64 8.67 -16.94
C TRP Q 293 69.56 8.74 -15.43
N MET Q 294 68.37 8.50 -14.87
CA MET Q 294 68.22 8.48 -13.41
C MET Q 294 68.94 7.29 -12.79
N MET Q 295 68.91 6.13 -13.48
CA MET Q 295 69.65 4.96 -13.00
C MET Q 295 71.15 5.18 -13.08
N TYR Q 296 71.62 5.86 -14.13
CA TYR Q 296 73.04 6.16 -14.24
C TYR Q 296 73.48 7.18 -13.19
N ILE Q 297 72.61 8.14 -12.87
CA ILE Q 297 72.92 9.12 -11.83
C ILE Q 297 72.93 8.45 -10.46
N LYS Q 298 72.03 7.50 -10.23
CA LYS Q 298 72.02 6.77 -8.96
C LYS Q 298 73.24 5.86 -8.83
N TRP Q 299 73.67 5.26 -9.95
CA TRP Q 299 74.87 4.42 -9.92
C TRP Q 299 76.13 5.26 -9.75
N LEU Q 300 76.14 6.49 -10.26
CA LEU Q 300 77.28 7.38 -10.07
C LEU Q 300 77.32 7.94 -8.65
N THR Q 301 76.15 8.19 -8.05
CA THR Q 301 76.12 8.67 -6.68
C THR Q 301 76.42 7.56 -5.68
N LYS Q 302 76.02 6.33 -5.99
CA LYS Q 302 76.27 5.22 -5.08
C LYS Q 302 77.71 4.76 -5.12
N LYS Q 303 78.44 5.05 -6.21
CA LYS Q 303 79.83 4.63 -6.33
C LYS Q 303 80.80 5.62 -5.73
N ASN Q 304 80.30 6.67 -5.07
CA ASN Q 304 81.08 7.72 -4.40
C ASN Q 304 82.02 8.42 -5.38
N ILE Q 305 81.43 9.09 -6.36
CA ILE Q 305 82.16 9.80 -7.40
C ILE Q 305 82.30 11.25 -7.01
N SER Q 306 83.13 11.98 -7.76
CA SER Q 306 83.38 13.38 -7.48
C SER Q 306 82.18 14.23 -7.88
N ASP Q 307 82.09 15.42 -7.29
CA ASP Q 307 80.97 16.31 -7.55
C ASP Q 307 81.07 17.05 -8.88
N GLU Q 308 82.29 17.19 -9.41
CA GLU Q 308 82.48 17.92 -10.67
C GLU Q 308 81.92 17.15 -11.85
N VAL Q 309 82.24 15.85 -11.96
CA VAL Q 309 81.71 15.04 -13.05
C VAL Q 309 80.21 14.83 -12.90
N VAL Q 310 79.71 14.79 -11.66
CA VAL Q 310 78.27 14.65 -11.42
C VAL Q 310 77.55 15.93 -11.83
N VAL Q 311 78.15 17.09 -11.55
CA VAL Q 311 77.54 18.35 -11.96
C VAL Q 311 77.61 18.52 -13.47
N ASP Q 312 78.69 18.05 -14.10
CA ASP Q 312 78.77 18.09 -15.56
C ASP Q 312 77.76 17.17 -16.22
N ILE Q 313 77.52 15.99 -15.61
CA ILE Q 313 76.51 15.08 -16.13
C ILE Q 313 75.11 15.65 -15.91
N TYR Q 314 74.89 16.37 -14.80
CA TYR Q 314 73.60 17.01 -14.57
C TYR Q 314 73.36 18.14 -15.56
N GLN Q 315 74.41 18.90 -15.88
CA GLN Q 315 74.29 19.95 -16.89
C GLN Q 315 74.06 19.38 -18.29
N LYS Q 316 74.72 18.26 -18.60
CA LYS Q 316 74.50 17.62 -19.89
C LYS Q 316 73.11 17.02 -20.00
N ALA Q 317 72.58 16.51 -18.88
CA ALA Q 317 71.20 16.01 -18.89
C ALA Q 317 70.18 17.14 -18.94
N ASN Q 318 70.52 18.30 -18.38
CA ASN Q 318 69.60 19.44 -18.46
C ASN Q 318 69.64 20.08 -19.84
N THR Q 319 70.78 19.98 -20.53
CA THR Q 319 70.90 20.59 -21.86
C THR Q 319 70.36 19.67 -22.95
N PHE Q 320 70.72 18.37 -22.90
CA PHE Q 320 70.39 17.45 -23.98
C PHE Q 320 68.96 16.93 -23.91
N LEU Q 321 68.35 16.87 -22.71
CA LEU Q 321 66.99 16.38 -22.68
C LEU Q 321 66.00 17.52 -22.94
N PRO Q 322 64.85 17.22 -23.57
CA PRO Q 322 63.84 18.26 -23.79
C PRO Q 322 63.17 18.74 -22.50
N LEU Q 323 62.37 19.79 -22.61
CA LEU Q 323 61.75 20.40 -21.45
C LEU Q 323 60.49 19.63 -21.05
N ASP Q 324 59.70 20.22 -20.14
CA ASP Q 324 58.45 19.69 -19.59
C ASP Q 324 58.65 18.33 -18.93
N PHE Q 325 59.80 18.12 -18.29
CA PHE Q 325 60.06 16.86 -17.60
C PHE Q 325 59.65 16.96 -16.13
N LYS Q 326 60.27 17.90 -15.39
CA LYS Q 326 59.99 18.19 -13.98
C LYS Q 326 60.22 16.97 -13.09
N THR Q 327 61.21 16.16 -13.44
CA THR Q 327 61.55 14.99 -12.64
C THR Q 327 63.01 15.01 -12.17
N LEU Q 328 63.94 15.43 -13.02
CA LEU Q 328 65.34 15.51 -12.64
C LEU Q 328 65.75 16.90 -12.17
N ARG Q 329 64.93 17.91 -12.45
CA ARG Q 329 65.27 19.28 -12.02
C ARG Q 329 65.14 19.42 -10.51
N TYR Q 330 64.07 18.87 -9.92
CA TYR Q 330 63.91 18.91 -8.48
C TYR Q 330 64.96 18.05 -7.77
N ASP Q 331 65.35 16.92 -8.39
CA ASP Q 331 66.42 16.10 -7.83
C ASP Q 331 67.76 16.81 -7.90
N PHE Q 332 68.01 17.57 -8.97
CA PHE Q 332 69.24 18.35 -9.07
C PHE Q 332 69.24 19.50 -8.07
N LEU Q 333 68.07 20.11 -7.83
CA LEU Q 333 67.97 21.18 -6.84
C LEU Q 333 68.18 20.63 -5.42
N ARG Q 334 67.65 19.44 -5.15
CA ARG Q 334 67.91 18.80 -3.86
C ARG Q 334 69.36 18.37 -3.70
N PHE Q 335 70.00 17.91 -4.78
CA PHE Q 335 71.42 17.58 -4.71
C PHE Q 335 72.28 18.82 -4.49
N LEU Q 336 71.88 19.95 -5.08
CA LEU Q 336 72.59 21.21 -4.84
C LEU Q 336 72.39 21.69 -3.42
N LYS Q 337 71.18 21.53 -2.88
CA LYS Q 337 70.92 21.92 -1.50
C LYS Q 337 71.65 21.01 -0.52
N ARG Q 338 71.88 19.76 -0.90
CA ARG Q 338 72.64 18.86 -0.05
C ARG Q 338 74.14 19.13 -0.14
N LYS Q 339 74.63 19.47 -1.33
CA LYS Q 339 76.06 19.72 -1.54
C LYS Q 339 76.46 21.17 -1.28
N TYR Q 340 75.52 22.03 -0.88
CA TYR Q 340 75.87 23.39 -0.48
C TYR Q 340 76.68 23.42 0.81
N ARG Q 341 76.61 22.37 1.62
CA ARG Q 341 77.42 22.31 2.84
C ARG Q 341 78.88 22.05 2.52
N SER Q 342 79.16 21.34 1.43
CA SER Q 342 80.56 21.06 1.07
C SER Q 342 81.23 22.27 0.44
N ASN Q 343 80.58 22.85 -0.57
CA ASN Q 343 81.10 24.04 -1.24
C ASN Q 343 80.02 25.11 -1.27
N ASN Q 344 80.44 26.36 -1.11
CA ASN Q 344 79.52 27.49 -1.07
C ASN Q 344 79.79 28.52 -2.16
N THR Q 345 81.00 28.55 -2.72
CA THR Q 345 81.33 29.53 -3.75
C THR Q 345 80.71 29.16 -5.09
N LEU Q 346 81.05 27.98 -5.62
CA LEU Q 346 80.53 27.55 -6.90
C LEU Q 346 79.09 27.08 -6.83
N PHE Q 347 78.66 26.53 -5.68
CA PHE Q 347 77.32 25.96 -5.58
C PHE Q 347 76.24 27.03 -5.59
N ASN Q 348 76.52 28.22 -5.03
CA ASN Q 348 75.55 29.31 -5.05
C ASN Q 348 75.36 29.85 -6.46
N ASN Q 349 76.45 29.99 -7.21
CA ASN Q 349 76.35 30.43 -8.60
C ASN Q 349 75.70 29.37 -9.47
N ILE Q 350 75.92 28.09 -9.16
CA ILE Q 350 75.28 27.00 -9.90
C ILE Q 350 73.79 26.98 -9.62
N PHE Q 351 73.39 27.25 -8.37
CA PHE Q 351 71.97 27.30 -8.03
C PHE Q 351 71.30 28.51 -8.66
N ASN Q 352 72.02 29.63 -8.73
CA ASN Q 352 71.48 30.83 -9.38
C ASN Q 352 71.30 30.61 -10.88
N GLU Q 353 72.27 29.94 -11.52
CA GLU Q 353 72.15 29.61 -12.94
C GLU Q 353 71.04 28.60 -13.19
N THR Q 354 70.85 27.65 -12.26
CA THR Q 354 69.78 26.67 -12.40
C THR Q 354 68.42 27.33 -12.23
N VAL Q 355 68.31 28.30 -11.32
CA VAL Q 355 67.05 29.02 -11.14
C VAL Q 355 66.76 29.91 -12.34
N SER Q 356 67.81 30.49 -12.94
CA SER Q 356 67.63 31.32 -14.13
C SER Q 356 67.23 30.47 -15.32
N ARG Q 357 67.77 29.25 -15.41
CA ARG Q 357 67.41 28.35 -16.50
C ARG Q 357 66.03 27.71 -16.31
N TYR Q 358 65.59 27.55 -15.06
CA TYR Q 358 64.31 26.93 -14.78
C TYR Q 358 63.14 27.92 -14.82
N LEU Q 359 63.36 29.15 -14.38
CA LEU Q 359 62.31 30.17 -14.41
C LEU Q 359 62.07 30.71 -15.82
N LYS Q 360 63.01 30.53 -16.75
CA LYS Q 360 62.78 30.96 -18.12
C LYS Q 360 61.97 29.95 -18.91
N ILE Q 361 61.89 28.72 -18.42
CA ILE Q 361 61.13 27.67 -19.12
C ILE Q 361 59.85 27.29 -18.40
N TRP Q 362 59.78 27.40 -17.07
CA TRP Q 362 58.58 27.11 -16.30
C TRP Q 362 58.16 28.37 -15.55
N PRO Q 363 57.41 29.28 -16.18
CA PRO Q 363 57.07 30.54 -15.52
C PRO Q 363 55.98 30.42 -14.47
N ASN Q 364 55.16 29.37 -14.51
CA ASN Q 364 54.03 29.22 -13.60
C ASN Q 364 54.39 28.43 -12.34
N ASP Q 365 55.66 28.13 -12.12
CA ASP Q 365 56.06 27.38 -10.94
C ASP Q 365 56.11 28.29 -9.72
N ILE Q 366 55.96 27.68 -8.54
CA ILE Q 366 55.98 28.42 -7.29
C ILE Q 366 56.99 27.88 -6.28
N LEU Q 367 57.41 26.63 -6.38
CA LEU Q 367 58.39 26.10 -5.43
C LEU Q 367 59.80 26.57 -5.77
N LEU Q 368 60.05 26.91 -7.04
CA LEU Q 368 61.36 27.41 -7.43
C LEU Q 368 61.62 28.80 -6.86
N MET Q 369 60.59 29.63 -6.77
CA MET Q 369 60.74 30.96 -6.15
C MET Q 369 60.99 30.83 -4.65
N THR Q 370 60.35 29.85 -4.00
CA THR Q 370 60.62 29.58 -2.59
C THR Q 370 62.03 29.05 -2.36
N GLU Q 371 62.52 28.19 -3.25
CA GLU Q 371 63.89 27.69 -3.13
C GLU Q 371 64.91 28.81 -3.37
N TYR Q 372 64.62 29.70 -4.32
CA TYR Q 372 65.51 30.84 -4.56
C TYR Q 372 65.50 31.83 -3.40
N LEU Q 373 64.33 32.06 -2.79
CA LEU Q 373 64.26 32.94 -1.63
C LEU Q 373 64.96 32.33 -0.42
N CYS Q 374 64.85 31.01 -0.25
CA CYS Q 374 65.53 30.34 0.84
C CYS Q 374 67.05 30.35 0.64
N MET Q 375 67.51 30.17 -0.60
CA MET Q 375 68.94 30.24 -0.88
C MET Q 375 69.47 31.66 -0.72
N LEU Q 376 68.67 32.67 -1.08
CA LEU Q 376 69.10 34.05 -0.89
C LEU Q 376 69.12 34.44 0.59
N LYS Q 377 68.19 33.91 1.38
CA LYS Q 377 68.18 34.22 2.81
C LYS Q 377 69.21 33.40 3.57
N ARG Q 378 69.67 32.29 3.00
CA ARG Q 378 70.66 31.47 3.68
C ARG Q 378 72.09 31.87 3.31
N HIS Q 379 72.36 32.13 2.03
CA HIS Q 379 73.73 32.32 1.59
C HIS Q 379 74.15 33.78 1.68
N SER Q 380 73.28 34.70 1.26
CA SER Q 380 73.67 36.11 1.19
C SER Q 380 73.66 36.75 2.57
N PHE Q 381 72.53 36.68 3.27
CA PHE Q 381 72.38 37.31 4.59
C PHE Q 381 72.31 36.20 5.63
N LYS Q 382 73.48 35.78 6.10
CA LYS Q 382 73.59 34.74 7.10
C LYS Q 382 74.04 35.35 8.42
N ASN Q 383 73.45 34.85 9.51
CA ASN Q 383 73.77 35.33 10.84
C ASN Q 383 73.52 34.21 11.84
N SER Q 384 74.58 33.72 12.46
CA SER Q 384 74.46 32.63 13.43
C SER Q 384 73.99 33.16 14.78
N LEU Q 385 73.75 32.24 15.72
CA LEU Q 385 73.30 32.64 17.04
C LEU Q 385 74.42 33.12 17.94
N ASP Q 386 75.67 32.76 17.63
CA ASP Q 386 76.80 33.20 18.44
C ASP Q 386 77.20 34.65 18.15
N GLN Q 387 76.71 35.23 17.05
CA GLN Q 387 77.04 36.60 16.71
C GLN Q 387 76.22 37.58 17.53
N SER Q 388 76.46 38.87 17.31
CA SER Q 388 75.74 39.90 18.04
C SER Q 388 74.30 40.00 17.53
N PRO Q 389 73.33 40.29 18.39
CA PRO Q 389 71.95 40.41 17.93
C PRO Q 389 71.68 41.68 17.15
N LYS Q 390 72.50 42.72 17.32
CA LYS Q 390 72.31 43.97 16.58
C LYS Q 390 72.61 43.78 15.10
N GLU Q 391 73.68 43.05 14.78
CA GLU Q 391 74.00 42.78 13.38
C GLU Q 391 72.99 41.84 12.75
N ILE Q 392 72.43 40.90 13.52
CA ILE Q 392 71.42 39.99 12.99
C ILE Q 392 70.13 40.74 12.73
N LEU Q 393 69.76 41.66 13.62
CA LEU Q 393 68.57 42.48 13.42
C LEU Q 393 68.75 43.45 12.25
N GLU Q 394 69.96 43.99 12.08
CA GLU Q 394 70.24 44.85 10.94
C GLU Q 394 70.20 44.07 9.62
N LYS Q 395 70.68 42.82 9.63
CA LYS Q 395 70.62 42.00 8.43
C LYS Q 395 69.19 41.61 8.09
N GLN Q 396 68.37 41.30 9.11
CA GLN Q 396 66.97 40.99 8.86
C GLN Q 396 66.19 42.21 8.37
N THR Q 397 66.49 43.38 8.92
CA THR Q 397 65.84 44.61 8.46
C THR Q 397 66.28 44.97 7.05
N SER Q 398 67.55 44.70 6.71
CA SER Q 398 68.03 44.97 5.36
C SER Q 398 67.41 44.01 4.35
N PHE Q 399 67.22 42.74 4.73
CA PHE Q 399 66.56 41.78 3.86
C PHE Q 399 65.09 42.13 3.67
N THR Q 400 64.42 42.59 4.73
CA THR Q 400 63.03 43.00 4.62
C THR Q 400 62.89 44.26 3.78
N LYS Q 401 63.84 45.20 3.90
CA LYS Q 401 63.81 46.42 3.10
C LYS Q 401 64.10 46.11 1.63
N ILE Q 402 64.98 45.14 1.38
CA ILE Q 402 65.28 44.73 0.01
C ILE Q 402 64.08 44.05 -0.62
N LEU Q 403 63.38 43.19 0.13
CA LEU Q 403 62.18 42.55 -0.39
C LEU Q 403 61.05 43.56 -0.62
N GLU Q 404 60.90 44.54 0.28
CA GLU Q 404 59.88 45.57 0.10
C GLU Q 404 60.20 46.47 -1.09
N THR Q 405 61.47 46.81 -1.28
CA THR Q 405 61.86 47.63 -2.43
C THR Q 405 61.71 46.86 -3.74
N SER Q 406 61.98 45.55 -3.73
CA SER Q 406 61.78 44.74 -4.93
C SER Q 406 60.30 44.62 -5.27
N ILE Q 407 59.45 44.45 -4.25
CA ILE Q 407 58.01 44.37 -4.50
C ILE Q 407 57.45 45.72 -4.96
N THR Q 408 57.96 46.82 -4.42
CA THR Q 408 57.49 48.14 -4.83
C THR Q 408 57.99 48.50 -6.23
N ASN Q 409 59.17 48.02 -6.61
CA ASN Q 409 59.67 48.26 -7.96
C ASN Q 409 58.97 47.37 -8.98
N TYR Q 410 58.60 46.15 -8.58
CA TYR Q 410 57.85 45.28 -9.48
C TYR Q 410 56.40 45.72 -9.61
N ILE Q 411 55.87 46.40 -8.59
CA ILE Q 411 54.52 46.95 -8.70
C ILE Q 411 54.52 48.21 -9.56
N ASN Q 412 55.62 48.97 -9.52
CA ASN Q 412 55.74 50.20 -10.29
C ASN Q 412 56.39 50.00 -11.65
N ASN Q 413 56.66 48.74 -12.02
CA ASN Q 413 57.24 48.35 -13.32
C ASN Q 413 58.59 49.02 -13.55
N GLN Q 414 59.48 48.90 -12.57
CA GLN Q 414 60.83 49.42 -12.66
C GLN Q 414 61.82 48.30 -12.42
N ILE Q 415 62.64 48.01 -13.42
CA ILE Q 415 63.57 46.88 -13.37
C ILE Q 415 64.98 47.40 -13.16
N ASP Q 416 65.82 46.56 -12.57
CA ASP Q 416 67.24 46.86 -12.37
C ASP Q 416 68.03 45.61 -12.77
N ALA Q 417 68.84 45.73 -13.83
CA ALA Q 417 69.56 44.58 -14.35
C ALA Q 417 70.73 44.16 -13.46
N LYS Q 418 71.16 45.02 -12.54
CA LYS Q 418 72.26 44.65 -11.65
C LYS Q 418 71.80 43.67 -10.57
N VAL Q 419 70.52 43.71 -10.20
CA VAL Q 419 69.97 42.82 -9.19
C VAL Q 419 69.22 41.69 -9.89
N HIS Q 420 69.48 40.45 -9.48
CA HIS Q 420 68.80 39.31 -10.06
C HIS Q 420 67.37 39.17 -9.56
N LEU Q 421 67.07 39.74 -8.39
CA LEU Q 421 65.72 39.65 -7.83
C LEU Q 421 64.73 40.52 -8.62
N GLN Q 422 65.21 41.57 -9.28
CA GLN Q 422 64.34 42.36 -10.14
C GLN Q 422 63.91 41.57 -11.37
N THR Q 423 64.72 40.62 -11.81
CA THR Q 423 64.40 39.84 -12.99
C THR Q 423 63.64 38.57 -12.65
N LEU Q 424 64.05 37.87 -11.59
CA LEU Q 424 63.51 36.55 -11.28
C LEU Q 424 62.08 36.58 -10.71
N ILE Q 425 61.60 37.72 -10.23
CA ILE Q 425 60.23 37.80 -9.73
C ILE Q 425 59.27 37.84 -10.91
N ASN Q 426 58.38 36.86 -10.97
CA ASN Q 426 57.35 36.78 -12.00
C ASN Q 426 56.01 37.14 -11.38
N ASP Q 427 55.01 37.39 -12.24
CA ASP Q 427 53.69 37.76 -11.75
C ASP Q 427 52.98 36.59 -11.08
N LYS Q 428 53.30 35.36 -11.49
CA LYS Q 428 52.80 34.19 -10.78
C LYS Q 428 53.49 34.03 -9.42
N ASN Q 429 54.79 34.31 -9.37
CA ASN Q 429 55.58 34.13 -8.16
C ASN Q 429 55.83 35.45 -7.43
N LEU Q 430 54.89 36.40 -7.51
CA LEU Q 430 55.02 37.64 -6.77
C LEU Q 430 54.36 37.54 -5.40
N SER Q 431 53.25 36.79 -5.34
CA SER Q 431 52.52 36.62 -4.08
C SER Q 431 53.35 35.85 -3.05
N ILE Q 432 54.19 34.92 -3.49
CA ILE Q 432 55.05 34.21 -2.56
C ILE Q 432 56.15 35.13 -2.02
N VAL Q 433 56.57 36.12 -2.82
CA VAL Q 433 57.50 37.14 -2.33
C VAL Q 433 56.80 38.03 -1.31
N VAL Q 434 55.51 38.33 -1.53
CA VAL Q 434 54.73 39.07 -0.55
C VAL Q 434 54.57 38.28 0.75
N VAL Q 435 54.40 36.96 0.64
CA VAL Q 435 54.29 36.09 1.83
C VAL Q 435 55.61 36.07 2.60
N GLU Q 436 56.73 35.99 1.89
CA GLU Q 436 58.04 36.04 2.56
C GLU Q 436 58.28 37.40 3.22
N LEU Q 437 57.78 38.48 2.59
CA LEU Q 437 57.89 39.80 3.19
C LEU Q 437 57.06 39.93 4.46
N ILE Q 438 55.82 39.40 4.44
CA ILE Q 438 54.95 39.43 5.61
C ILE Q 438 55.54 38.57 6.74
N LYS Q 439 56.13 37.43 6.39
CA LYS Q 439 56.74 36.54 7.38
C LYS Q 439 57.95 37.19 8.02
N THR Q 440 58.83 37.79 7.21
CA THR Q 440 60.02 38.47 7.73
C THR Q 440 59.65 39.72 8.51
N THR Q 441 58.53 40.37 8.16
CA THR Q 441 58.09 41.55 8.89
C THR Q 441 57.52 41.18 10.25
N TRP Q 442 56.56 40.24 10.28
CA TRP Q 442 55.83 39.98 11.51
C TRP Q 442 56.54 39.00 12.44
N LEU Q 443 57.15 37.94 11.92
CA LEU Q 443 57.75 36.92 12.79
C LEU Q 443 59.18 37.25 13.21
N VAL Q 444 59.75 38.34 12.72
CA VAL Q 444 61.12 38.71 13.11
C VAL Q 444 61.13 40.09 13.74
N LEU Q 445 60.65 41.10 13.00
CA LEU Q 445 60.73 42.47 13.47
C LEU Q 445 59.70 42.78 14.55
N LYS Q 446 58.63 41.98 14.66
CA LYS Q 446 57.61 42.04 15.71
C LYS Q 446 56.91 43.40 15.72
N ASN Q 447 56.17 43.64 14.64
CA ASN Q 447 55.37 44.86 14.50
C ASN Q 447 53.99 44.50 13.94
N ASN Q 448 52.94 45.02 14.59
CA ASN Q 448 51.57 44.67 14.24
C ASN Q 448 50.90 45.72 13.36
N MET Q 449 51.07 47.00 13.68
CA MET Q 449 50.45 48.06 12.90
C MET Q 449 51.07 48.17 11.51
N GLN Q 450 52.39 47.95 11.42
CA GLN Q 450 53.07 47.90 10.12
C GLN Q 450 52.59 46.72 9.29
N THR Q 451 52.39 45.57 9.94
CA THR Q 451 51.90 44.38 9.23
C THR Q 451 50.48 44.56 8.74
N ARG Q 452 49.62 45.20 9.55
CA ARG Q 452 48.27 45.50 9.10
C ARG Q 452 48.26 46.56 8.01
N LYS Q 453 49.25 47.46 8.00
CA LYS Q 453 49.35 48.43 6.92
C LYS Q 453 49.76 47.77 5.61
N TYR Q 454 50.69 46.79 5.69
CA TYR Q 454 51.00 45.99 4.50
C TYR Q 454 49.79 45.17 4.04
N PHE Q 455 48.99 44.68 4.98
CA PHE Q 455 47.78 43.93 4.63
C PHE Q 455 46.75 44.82 3.96
N ASN Q 456 46.59 46.05 4.43
CA ASN Q 456 45.67 46.97 3.80
C ASN Q 456 46.20 47.52 2.48
N LEU Q 457 47.52 47.51 2.29
CA LEU Q 457 48.09 48.03 1.04
C LEU Q 457 48.08 46.97 -0.06
N TYR Q 458 48.42 45.73 0.26
CA TYR Q 458 48.59 44.69 -0.74
C TYR Q 458 47.39 43.76 -0.86
N GLN Q 459 46.20 44.21 -0.49
CA GLN Q 459 45.00 43.40 -0.70
C GLN Q 459 44.17 43.88 -1.89
N LYS Q 460 44.36 45.12 -2.33
CA LYS Q 460 43.61 45.67 -3.45
C LYS Q 460 44.33 45.50 -4.78
N ASN Q 461 45.45 44.78 -4.79
CA ASN Q 461 46.18 44.56 -6.02
C ASN Q 461 45.46 43.54 -6.89
N ILE Q 462 45.62 43.69 -8.21
CA ILE Q 462 44.87 42.85 -9.14
C ILE Q 462 45.47 41.45 -9.19
N LEU Q 463 46.80 41.34 -9.16
CA LEU Q 463 47.45 40.06 -9.39
C LEU Q 463 47.38 39.13 -8.19
N ILE Q 464 47.36 39.67 -6.97
CA ILE Q 464 47.50 38.84 -5.77
C ILE Q 464 46.24 38.84 -4.92
N LYS Q 465 45.10 39.27 -5.46
CA LYS Q 465 43.87 39.22 -4.69
C LYS Q 465 43.25 37.83 -4.64
N ASN Q 466 43.63 36.93 -5.54
CA ASN Q 466 43.09 35.58 -5.61
C ASN Q 466 44.19 34.55 -5.46
N SER Q 467 45.10 34.77 -4.52
CA SER Q 467 46.23 33.89 -4.30
C SER Q 467 46.07 33.14 -2.98
N VAL Q 468 46.57 31.90 -2.96
CA VAL Q 468 46.43 31.03 -1.80
C VAL Q 468 47.29 31.46 -0.61
N PRO Q 469 48.64 31.58 -0.69
CA PRO Q 469 49.41 31.73 0.56
C PRO Q 469 49.29 33.11 1.20
N PHE Q 470 48.95 34.16 0.42
CA PHE Q 470 48.76 35.47 1.01
C PHE Q 470 47.54 35.50 1.93
N TRP Q 471 46.39 35.02 1.43
CA TRP Q 471 45.21 34.99 2.26
C TRP Q 471 45.32 33.94 3.36
N LEU Q 472 46.09 32.87 3.13
CA LEU Q 472 46.29 31.89 4.19
C LEU Q 472 47.20 32.43 5.29
N THR Q 473 48.17 33.27 4.92
CA THR Q 473 49.02 33.93 5.92
C THR Q 473 48.24 34.98 6.68
N TYR Q 474 47.34 35.69 6.01
CA TYR Q 474 46.43 36.61 6.70
C TYR Q 474 45.51 35.87 7.66
N TYR Q 475 45.06 34.67 7.26
CA TYR Q 475 44.24 33.85 8.13
C TYR Q 475 45.01 33.36 9.35
N LYS Q 476 46.28 32.98 9.16
CA LYS Q 476 47.09 32.55 10.30
C LYS Q 476 47.42 33.73 11.23
N PHE Q 477 47.60 34.93 10.66
CA PHE Q 477 47.83 36.12 11.48
C PHE Q 477 46.59 36.47 12.30
N GLU Q 478 45.41 36.40 11.70
CA GLU Q 478 44.20 36.67 12.47
C GLU Q 478 43.83 35.53 13.42
N LYS Q 479 44.30 34.31 13.15
CA LYS Q 479 44.19 33.23 14.12
C LYS Q 479 45.10 33.46 15.31
N SER Q 480 46.29 34.03 15.07
CA SER Q 480 47.24 34.29 16.15
C SER Q 480 46.71 35.35 17.11
N ASN Q 481 46.00 36.34 16.58
CA ASN Q 481 45.31 37.29 17.45
C ASN Q 481 44.02 36.68 17.97
N VAL Q 482 43.54 37.23 19.10
CA VAL Q 482 42.38 36.67 19.77
C VAL Q 482 41.07 37.08 19.11
N ASN Q 483 41.11 38.04 18.18
CA ASN Q 483 39.89 38.58 17.59
C ASN Q 483 39.25 37.58 16.63
N PHE Q 484 37.95 37.77 16.42
CA PHE Q 484 37.17 36.93 15.52
C PHE Q 484 36.42 37.70 14.45
N THR Q 485 36.37 39.04 14.54
CA THR Q 485 35.62 39.84 13.58
C THR Q 485 36.28 39.80 12.20
N LYS Q 486 37.61 39.88 12.17
CA LYS Q 486 38.32 39.76 10.89
C LYS Q 486 38.26 38.33 10.36
N LEU Q 487 38.16 37.33 11.24
CA LEU Q 487 38.00 35.96 10.79
C LEU Q 487 36.66 35.73 10.12
N ASN Q 488 35.58 36.28 10.69
CA ASN Q 488 34.28 36.19 10.06
C ASN Q 488 34.18 37.05 8.81
N LYS Q 489 34.88 38.19 8.77
CA LYS Q 489 34.95 38.98 7.55
C LYS Q 489 35.72 38.25 6.47
N PHE Q 490 36.70 37.42 6.85
CA PHE Q 490 37.43 36.63 5.87
C PHE Q 490 36.59 35.47 5.34
N ILE Q 491 35.95 34.71 6.24
CA ILE Q 491 35.22 33.53 5.78
C ILE Q 491 33.87 33.90 5.16
N ARG Q 492 33.36 35.10 5.41
CA ARG Q 492 32.16 35.53 4.70
C ARG Q 492 32.50 36.01 3.29
N GLU Q 493 33.69 36.57 3.11
CA GLU Q 493 34.19 37.00 1.81
C GLU Q 493 34.86 35.85 1.06
N LEU Q 494 34.92 34.66 1.67
CA LEU Q 494 35.65 33.51 1.14
C LEU Q 494 34.99 32.90 -0.10
N GLY Q 495 33.74 33.25 -0.39
CA GLY Q 495 33.09 32.77 -1.59
C GLY Q 495 32.48 33.88 -2.42
N VAL Q 496 32.55 35.10 -1.90
CA VAL Q 496 31.93 36.26 -2.55
C VAL Q 496 32.94 37.05 -3.36
N GLU Q 497 34.05 37.44 -2.74
CA GLU Q 497 35.07 38.26 -3.41
C GLU Q 497 36.45 37.65 -3.37
N ILE Q 498 36.80 36.95 -2.30
CA ILE Q 498 38.08 36.25 -2.22
C ILE Q 498 37.87 34.88 -2.87
N TYR Q 499 38.35 34.73 -4.10
CA TYR Q 499 38.16 33.50 -4.85
C TYR Q 499 39.40 32.62 -4.68
N LEU Q 500 39.25 31.56 -3.90
CA LEU Q 500 40.30 30.59 -3.62
C LEU Q 500 39.88 29.22 -4.14
N PRO Q 501 40.83 28.30 -4.35
CA PRO Q 501 40.46 26.94 -4.75
C PRO Q 501 39.63 26.22 -3.70
N THR Q 502 38.87 25.23 -4.18
CA THR Q 502 37.84 24.59 -3.35
C THR Q 502 38.45 23.72 -2.26
N THR Q 503 39.57 23.07 -2.54
CA THR Q 503 40.27 22.29 -1.51
C THR Q 503 40.84 23.19 -0.44
N VAL Q 504 41.42 24.34 -0.84
CA VAL Q 504 41.95 25.30 0.12
C VAL Q 504 40.83 25.92 0.94
N MET Q 505 39.68 26.18 0.31
CA MET Q 505 38.53 26.72 1.02
C MET Q 505 37.96 25.72 2.02
N ASN Q 506 37.94 24.43 1.65
CA ASN Q 506 37.50 23.39 2.57
C ASN Q 506 38.45 23.26 3.74
N ASP Q 507 39.75 23.40 3.49
CA ASP Q 507 40.74 23.31 4.56
C ASP Q 507 40.61 24.50 5.51
N ILE Q 508 40.35 25.70 4.98
CA ILE Q 508 40.16 26.88 5.82
C ILE Q 508 38.90 26.77 6.65
N LEU Q 509 37.81 26.27 6.05
CA LEU Q 509 36.56 26.14 6.80
C LEU Q 509 36.64 25.04 7.86
N THR Q 510 37.33 23.93 7.55
CA THR Q 510 37.48 22.86 8.53
C THR Q 510 38.41 23.28 9.67
N ASP Q 511 39.47 24.05 9.35
CA ASP Q 511 40.35 24.55 10.39
C ASP Q 511 39.66 25.61 11.24
N TYR Q 512 38.73 26.39 10.64
CA TYR Q 512 37.99 27.36 11.42
C TYR Q 512 36.95 26.68 12.31
N LYS Q 513 36.37 25.57 11.85
CA LYS Q 513 35.47 24.81 12.69
C LYS Q 513 36.24 24.11 13.81
N THR Q 514 37.50 23.77 13.57
CA THR Q 514 38.33 23.20 14.62
C THR Q 514 38.71 24.27 15.65
N PHE Q 515 39.13 25.45 15.18
CA PHE Q 515 39.68 26.47 16.06
C PHE Q 515 38.59 27.23 16.82
N TYR Q 516 37.48 27.54 16.16
CA TYR Q 516 36.46 28.39 16.77
C TYR Q 516 35.69 27.68 17.87
N LEU Q 517 35.51 26.36 17.76
CA LEU Q 517 34.82 25.62 18.81
C LEU Q 517 35.68 25.37 20.03
N THR Q 518 36.99 25.67 19.96
CA THR Q 518 37.89 25.45 21.07
C THR Q 518 38.43 26.75 21.66
N HIS Q 519 38.07 27.90 21.11
CA HIS Q 519 38.60 29.17 21.59
C HIS Q 519 37.53 30.25 21.64
N SER Q 520 36.27 29.87 21.79
CA SER Q 520 35.19 30.86 21.85
C SER Q 520 34.11 30.34 22.79
N ASN Q 521 33.17 31.24 23.11
CA ASN Q 521 32.06 30.93 24.00
C ASN Q 521 30.75 31.44 23.38
N ILE Q 522 29.66 31.21 24.11
CA ILE Q 522 28.34 31.58 23.62
C ILE Q 522 28.13 33.09 23.69
N VAL Q 523 28.83 33.77 24.61
CA VAL Q 523 28.69 35.21 24.77
C VAL Q 523 29.22 35.95 23.54
N THR Q 524 30.35 35.48 22.99
CA THR Q 524 30.86 36.03 21.75
C THR Q 524 30.02 35.57 20.55
N TYR Q 525 29.49 34.36 20.62
CA TYR Q 525 28.80 33.76 19.47
C TYR Q 525 27.45 34.40 19.22
N GLU Q 526 26.67 34.63 20.28
CA GLU Q 526 25.32 35.16 20.12
C GLU Q 526 25.31 36.61 19.69
N SER Q 527 26.39 37.36 19.96
CA SER Q 527 26.50 38.73 19.48
C SER Q 527 26.91 38.79 18.01
N SER Q 528 27.48 37.72 17.47
CA SER Q 528 27.95 37.70 16.09
C SER Q 528 26.88 37.26 15.10
N ILE Q 529 25.72 36.84 15.56
CA ILE Q 529 24.66 36.34 14.69
C ILE Q 529 23.87 37.54 14.15
N ILE Q 530 23.83 37.69 12.83
CA ILE Q 530 23.09 38.75 12.17
C ILE Q 530 22.06 38.12 11.23
N ASP Q 531 20.94 38.83 11.06
CA ASP Q 531 19.83 38.33 10.27
C ASP Q 531 19.84 38.83 8.82
N SER Q 532 20.78 39.71 8.47
CA SER Q 532 20.84 40.20 7.10
C SER Q 532 21.41 39.15 6.15
N ASN Q 533 22.30 38.28 6.64
CA ASN Q 533 22.91 37.26 5.81
C ASN Q 533 22.97 35.91 6.52
N THR Q 534 22.09 35.68 7.51
CA THR Q 534 21.92 34.48 8.36
C THR Q 534 23.23 33.81 8.77
N PHE Q 535 24.23 34.62 9.11
CA PHE Q 535 25.59 34.15 9.29
C PHE Q 535 25.75 33.53 10.68
N ASP Q 536 26.10 32.25 10.72
CA ASP Q 536 26.36 31.55 11.97
C ASP Q 536 27.63 30.72 11.83
N PRO Q 537 28.72 31.08 12.53
CA PRO Q 537 30.03 30.44 12.29
C PRO Q 537 30.12 28.97 12.71
N ILE Q 538 29.08 28.37 13.26
CA ILE Q 538 29.11 26.94 13.53
C ILE Q 538 28.60 26.13 12.33
N LEU Q 539 27.54 26.62 11.69
CA LEU Q 539 26.86 25.87 10.64
C LEU Q 539 27.18 26.36 9.24
N TYR Q 540 27.47 27.64 9.06
CA TYR Q 540 27.87 28.20 7.77
C TYR Q 540 29.17 27.64 7.19
N PRO Q 541 30.21 27.28 7.97
CA PRO Q 541 31.34 26.54 7.34
C PRO Q 541 31.00 25.13 6.89
N GLU Q 542 29.86 24.58 7.29
CA GLU Q 542 29.50 23.24 6.82
C GLU Q 542 28.79 23.29 5.47
N LEU Q 543 27.88 24.25 5.28
CA LEU Q 543 27.14 24.35 4.02
C LEU Q 543 27.98 24.87 2.87
N LYS Q 544 29.06 25.60 3.16
CA LYS Q 544 29.89 26.21 2.14
C LYS Q 544 30.97 25.25 1.64
N MET Q 545 30.95 24.00 2.08
CA MET Q 545 31.98 23.04 1.68
C MET Q 545 31.78 22.57 0.25
N SER Q 546 30.53 22.36 -0.16
CA SER Q 546 30.26 21.80 -1.48
C SER Q 546 30.47 22.84 -2.58
N ASN Q 547 29.80 23.97 -2.49
CA ASN Q 547 29.82 24.97 -3.54
C ASN Q 547 30.72 26.15 -3.18
N PRO Q 548 31.47 26.68 -4.15
CA PRO Q 548 32.27 27.89 -3.84
C PRO Q 548 31.43 29.13 -3.72
N LYS Q 549 30.42 29.30 -4.58
CA LYS Q 549 29.50 30.41 -4.46
C LYS Q 549 28.30 29.99 -3.61
N TYR Q 550 27.82 30.90 -2.77
CA TYR Q 550 26.73 30.58 -1.85
C TYR Q 550 26.03 31.87 -1.46
N ASP Q 551 24.80 32.05 -1.94
CA ASP Q 551 24.07 33.21 -1.44
C ASP Q 551 23.31 32.86 -0.16
N PRO Q 552 23.21 33.79 0.80
CA PRO Q 552 22.51 33.46 2.04
C PRO Q 552 20.99 33.44 1.89
N VAL Q 553 20.43 34.34 1.09
CA VAL Q 553 18.99 34.39 0.89
C VAL Q 553 18.66 34.14 -0.57
N ASP Q 561 9.42 34.44 -11.11
CA ASP Q 561 10.59 34.61 -11.95
C ASP Q 561 11.50 33.37 -11.95
N TRP Q 562 11.00 32.29 -11.35
CA TRP Q 562 11.78 31.06 -11.24
C TRP Q 562 11.87 30.31 -12.56
N HIS Q 563 10.86 30.43 -13.42
CA HIS Q 563 10.79 29.67 -14.65
C HIS Q 563 11.71 30.21 -15.74
N LYS Q 564 12.32 31.38 -15.55
CA LYS Q 564 13.21 31.97 -16.55
C LYS Q 564 14.65 32.03 -16.08
N LYS Q 565 15.00 31.33 -15.00
CA LYS Q 565 16.35 31.33 -14.48
C LYS Q 565 17.19 30.24 -15.15
N THR Q 566 18.43 30.10 -14.71
CA THR Q 566 19.35 29.11 -15.25
C THR Q 566 19.37 27.82 -14.43
N GLU Q 567 18.37 27.60 -13.58
CA GLU Q 567 18.23 26.37 -12.82
C GLU Q 567 16.99 25.58 -13.17
N TRP Q 568 15.88 26.27 -13.49
CA TRP Q 568 14.69 25.59 -13.98
C TRP Q 568 14.91 24.98 -15.36
N LYS Q 569 15.81 25.57 -16.16
CA LYS Q 569 15.96 25.16 -17.54
C LYS Q 569 16.83 23.90 -17.68
N GLU Q 570 17.84 23.74 -16.83
CA GLU Q 570 18.74 22.60 -16.90
C GLU Q 570 18.63 21.74 -15.64
N ALA Q 571 17.39 21.53 -15.19
CA ALA Q 571 17.16 20.78 -13.96
C ALA Q 571 17.41 19.29 -14.15
N GLY Q 572 16.67 18.67 -15.08
CA GLY Q 572 16.79 17.23 -15.29
C GLY Q 572 18.08 16.81 -15.97
N HIS Q 573 18.76 17.73 -16.62
CA HIS Q 573 19.98 17.42 -17.35
C HIS Q 573 20.85 18.66 -17.39
N ILE Q 574 22.12 18.52 -17.01
CA ILE Q 574 23.01 19.66 -16.88
C ILE Q 574 23.76 19.86 -18.19
N GLY Q 575 24.12 21.10 -18.48
CA GLY Q 575 24.79 21.47 -19.71
C GLY Q 575 23.87 21.90 -20.83
N ILE Q 576 22.80 21.14 -21.07
CA ILE Q 576 21.84 21.42 -22.12
C ILE Q 576 20.68 22.19 -21.49
N THR Q 577 20.37 23.37 -22.04
CA THR Q 577 19.26 24.18 -21.57
C THR Q 577 18.04 23.95 -22.45
N THR Q 578 16.86 24.06 -21.84
CA THR Q 578 15.59 23.92 -22.55
C THR Q 578 14.50 24.66 -21.78
N GLU Q 579 13.51 25.14 -22.51
CA GLU Q 579 12.37 25.82 -21.89
C GLU Q 579 11.20 24.85 -21.89
N ARG Q 580 11.00 24.17 -20.77
CA ARG Q 580 9.96 23.16 -20.67
C ARG Q 580 8.58 23.81 -20.55
N PRO Q 581 7.55 23.17 -21.10
CA PRO Q 581 6.19 23.68 -20.91
C PRO Q 581 5.67 23.38 -19.52
N GLN Q 582 4.95 24.34 -18.97
CA GLN Q 582 4.32 24.20 -17.66
C GLN Q 582 2.94 24.81 -17.70
N ILE Q 583 2.23 24.69 -16.58
CA ILE Q 583 0.91 25.27 -16.41
C ILE Q 583 1.00 26.38 -15.38
N SER Q 584 0.45 27.55 -15.69
CA SER Q 584 0.57 28.70 -14.81
C SER Q 584 -0.30 28.53 -13.57
N ASN Q 585 -1.59 28.29 -13.76
CA ASN Q 585 -2.53 28.11 -12.65
C ASN Q 585 -2.59 26.63 -12.30
N SER Q 586 -1.47 26.11 -11.78
CA SER Q 586 -1.40 24.73 -11.36
C SER Q 586 -2.16 24.53 -10.06
N ILE Q 587 -2.98 23.48 -10.02
CA ILE Q 587 -3.79 23.17 -8.85
C ILE Q 587 -3.30 21.91 -8.15
N ILE Q 588 -2.05 21.53 -8.36
CA ILE Q 588 -1.51 20.31 -7.76
C ILE Q 588 -1.23 20.48 -6.28
N GLU Q 589 -1.19 21.70 -5.77
CA GLU Q 589 -0.93 21.92 -4.35
C GLU Q 589 -2.21 22.09 -3.54
N CYS Q 590 -3.30 22.56 -4.15
CA CYS Q 590 -4.54 22.77 -3.45
C CYS Q 590 -5.31 21.46 -3.31
N ASN Q 591 -5.82 21.21 -2.11
CA ASN Q 591 -6.61 20.02 -1.84
C ASN Q 591 -7.99 20.14 -2.47
N SER Q 592 -8.63 18.99 -2.71
CA SER Q 592 -9.96 18.98 -3.31
C SER Q 592 -11.04 19.49 -2.35
N GLY Q 593 -10.74 19.56 -1.05
CA GLY Q 593 -11.65 20.19 -0.12
C GLY Q 593 -11.75 21.70 -0.29
N THR Q 594 -10.74 22.31 -0.91
CA THR Q 594 -10.77 23.73 -1.24
C THR Q 594 -11.13 23.99 -2.70
N LEU Q 595 -10.85 23.03 -3.60
CA LEU Q 595 -11.19 23.19 -5.00
C LEU Q 595 -12.67 22.92 -5.29
N ILE Q 596 -13.38 22.31 -4.34
CA ILE Q 596 -14.81 22.08 -4.51
C ILE Q 596 -15.62 23.32 -4.16
N GLN Q 597 -14.98 24.32 -3.54
CA GLN Q 597 -15.69 25.52 -3.11
C GLN Q 597 -16.10 26.40 -4.28
N LYS Q 598 -15.33 26.39 -5.37
CA LYS Q 598 -15.59 27.23 -6.53
C LYS Q 598 -15.16 26.46 -7.77
N PRO Q 599 -15.80 26.72 -8.92
CA PRO Q 599 -15.33 26.09 -10.16
C PRO Q 599 -14.00 26.66 -10.62
N ILE Q 600 -13.11 25.76 -11.02
CA ILE Q 600 -11.73 26.10 -11.38
C ILE Q 600 -11.72 26.66 -12.79
N SER Q 601 -10.91 27.70 -13.01
CA SER Q 601 -10.83 28.36 -14.31
C SER Q 601 -10.07 27.49 -15.32
N LEU Q 602 -9.96 28.00 -16.54
CA LEU Q 602 -9.25 27.30 -17.60
C LEU Q 602 -7.75 27.30 -17.32
N PRO Q 603 -7.03 26.26 -17.76
CA PRO Q 603 -5.58 26.23 -17.55
C PRO Q 603 -4.86 27.19 -18.48
N ASN Q 604 -4.01 28.05 -17.90
CA ASN Q 604 -3.21 28.97 -18.66
C ASN Q 604 -1.93 28.27 -19.12
N PHE Q 605 -1.61 28.41 -20.40
CA PHE Q 605 -0.53 27.67 -21.02
C PHE Q 605 0.65 28.59 -21.32
N ARG Q 606 1.84 28.00 -21.30
CA ARG Q 606 3.06 28.70 -21.72
C ARG Q 606 4.07 27.68 -22.21
N ASN Q 607 4.95 28.13 -23.11
CA ASN Q 607 6.07 27.37 -23.67
C ASN Q 607 5.60 26.12 -24.41
N LEU Q 608 4.43 26.24 -25.06
CA LEU Q 608 3.82 25.10 -25.81
C LEU Q 608 4.32 25.14 -27.27
N GLU Q 609 5.21 26.07 -27.59
CA GLU Q 609 5.77 26.19 -28.97
C GLU Q 609 7.24 25.78 -28.97
N LYS Q 610 7.67 25.08 -27.91
CA LYS Q 610 9.09 24.62 -27.79
C LYS Q 610 9.11 23.18 -27.28
N ILE Q 611 8.08 22.39 -27.60
CA ILE Q 611 8.00 21.00 -27.18
C ILE Q 611 8.99 20.12 -27.93
N ASN Q 612 9.49 20.57 -29.08
CA ASN Q 612 10.49 19.85 -29.83
C ASN Q 612 11.80 20.61 -29.97
N GLN Q 613 11.80 21.91 -29.69
CA GLN Q 613 12.97 22.75 -29.88
C GLN Q 613 13.83 22.77 -28.63
N VAL Q 614 15.10 22.43 -28.79
CA VAL Q 614 16.07 22.48 -27.71
C VAL Q 614 17.35 23.11 -28.26
N LYS Q 615 18.03 23.90 -27.43
CA LYS Q 615 19.26 24.56 -27.84
C LYS Q 615 20.39 24.13 -26.92
N ILE Q 616 21.60 24.11 -27.47
CA ILE Q 616 22.79 23.66 -26.76
C ILE Q 616 23.86 24.73 -26.89
N ASN Q 617 24.37 25.22 -25.77
CA ASN Q 617 25.47 26.19 -25.77
C ASN Q 617 26.75 25.43 -26.05
N ASP Q 618 27.02 25.19 -27.34
CA ASP Q 618 28.15 24.37 -27.76
C ASP Q 618 29.41 25.23 -27.71
N LEU Q 619 30.16 25.09 -26.62
CA LEU Q 619 31.43 25.80 -26.49
C LEU Q 619 32.60 24.96 -26.96
N TYR Q 620 32.46 23.64 -26.92
CA TYR Q 620 33.58 22.73 -27.23
C TYR Q 620 33.92 22.74 -28.71
N THR Q 621 32.91 22.86 -29.57
CA THR Q 621 33.16 22.93 -31.00
C THR Q 621 33.59 24.33 -31.42
N GLU Q 622 32.98 25.35 -30.84
CA GLU Q 622 33.20 26.72 -31.29
C GLU Q 622 34.49 27.31 -30.74
N GLU Q 623 34.92 26.91 -29.54
CA GLU Q 623 36.09 27.51 -28.92
C GLU Q 623 37.33 26.61 -28.98
N PHE Q 624 37.17 25.34 -29.28
CA PHE Q 624 38.33 24.44 -29.30
C PHE Q 624 38.53 23.77 -30.65
N LEU Q 625 37.46 23.35 -31.31
CA LEU Q 625 37.62 22.69 -32.61
C LEU Q 625 37.76 23.72 -33.74
N LYS Q 626 36.82 24.65 -33.83
CA LYS Q 626 36.81 25.66 -34.88
C LYS Q 626 37.57 26.93 -34.48
N GLU Q 627 38.22 26.92 -33.31
CA GLU Q 627 39.00 28.03 -32.76
C GLU Q 627 38.20 29.34 -32.65
N MET R 1 -13.14 -7.56 -1.94
CA MET R 1 -13.47 -6.60 -2.98
C MET R 1 -12.54 -6.74 -4.18
N ASN R 2 -11.34 -7.25 -3.93
CA ASN R 2 -10.34 -7.48 -4.98
C ASN R 2 -10.33 -8.93 -5.47
N TYR R 3 -10.16 -9.89 -4.55
CA TYR R 3 -10.18 -11.31 -4.87
C TYR R 3 -11.45 -11.93 -4.32
N ASN R 4 -12.10 -12.77 -5.12
CA ASN R 4 -13.36 -13.38 -4.75
C ASN R 4 -13.29 -14.90 -4.81
N LEU R 5 -14.21 -15.53 -4.07
CA LEU R 5 -14.47 -16.97 -4.17
C LEU R 5 -15.37 -17.30 -5.35
N SER R 6 -15.94 -16.30 -6.00
CA SER R 6 -17.07 -16.48 -6.91
C SER R 6 -16.67 -17.25 -8.17
N LYS R 7 -17.59 -18.14 -8.59
CA LYS R 7 -17.42 -18.95 -9.79
C LYS R 7 -17.51 -18.14 -11.08
N TYR R 8 -18.00 -16.91 -11.01
CA TYR R 8 -18.16 -16.06 -12.18
C TYR R 8 -16.81 -15.48 -12.60
N PRO R 9 -16.62 -15.20 -13.89
CA PRO R 9 -15.36 -14.59 -14.34
C PRO R 9 -15.25 -13.14 -13.89
N ASP R 10 -14.08 -12.56 -14.18
CA ASP R 10 -13.79 -11.19 -13.78
C ASP R 10 -14.64 -10.17 -14.53
N ASP R 11 -15.09 -10.49 -15.75
CA ASP R 11 -15.95 -9.57 -16.49
C ASP R 11 -17.33 -9.48 -15.87
N VAL R 12 -17.80 -10.58 -15.25
CA VAL R 12 -19.03 -10.52 -14.48
C VAL R 12 -18.82 -9.78 -13.17
N SER R 13 -17.67 -9.99 -12.54
CA SER R 13 -17.37 -9.39 -11.24
C SER R 13 -17.17 -7.87 -11.33
N ARG R 14 -16.69 -7.36 -12.47
CA ARG R 14 -16.64 -5.91 -12.64
C ARG R 14 -18.03 -5.33 -12.81
N LEU R 15 -18.97 -6.11 -13.35
CA LEU R 15 -20.38 -5.71 -13.34
C LEU R 15 -21.02 -5.91 -11.97
N PHE R 16 -20.46 -6.79 -11.14
CA PHE R 16 -20.93 -7.04 -9.79
C PHE R 16 -20.11 -6.32 -8.73
N LYS R 17 -19.59 -5.15 -9.05
CA LYS R 17 -19.02 -4.29 -8.01
C LYS R 17 -20.18 -3.77 -7.16
N PRO R 18 -20.26 -4.15 -5.89
CA PRO R 18 -21.49 -3.93 -5.12
C PRO R 18 -21.64 -2.48 -4.69
N ARG R 19 -22.71 -2.23 -3.94
CA ARG R 19 -22.96 -0.92 -3.38
C ARG R 19 -21.92 -0.59 -2.30
N PRO R 20 -21.67 0.69 -2.03
CA PRO R 20 -20.82 1.05 -0.88
C PRO R 20 -21.50 0.67 0.43
N PRO R 21 -20.72 0.45 1.49
CA PRO R 21 -21.31 0.04 2.77
C PRO R 21 -22.20 1.12 3.38
N LEU R 22 -23.17 0.67 4.17
CA LEU R 22 -24.24 1.54 4.64
C LEU R 22 -23.74 2.44 5.76
N SER R 23 -24.14 3.72 5.68
CA SER R 23 -23.77 4.69 6.71
C SER R 23 -24.58 4.43 7.97
N TYR R 24 -23.91 3.95 9.01
CA TYR R 24 -24.58 3.61 10.26
C TYR R 24 -24.86 4.86 11.08
N LYS R 25 -26.05 4.91 11.66
CA LYS R 25 -26.44 5.96 12.60
C LYS R 25 -26.99 5.31 13.86
N ARG R 26 -27.32 6.13 14.85
CA ARG R 26 -27.77 5.60 16.13
C ARG R 26 -29.21 5.10 16.02
N PRO R 27 -29.54 3.97 16.64
CA PRO R 27 -30.91 3.44 16.54
C PRO R 27 -31.91 4.30 17.31
N THR R 28 -33.18 4.05 17.01
CA THR R 28 -34.29 4.80 17.58
C THR R 28 -35.14 4.00 18.56
N ASP R 29 -35.38 2.72 18.27
CA ASP R 29 -36.19 1.90 19.15
C ASP R 29 -35.40 1.40 20.35
N TYR R 30 -36.11 0.75 21.26
CA TYR R 30 -35.46 0.11 22.39
C TYR R 30 -34.79 -1.18 21.91
N PRO R 31 -33.66 -1.56 22.48
CA PRO R 31 -33.02 -2.84 22.12
C PRO R 31 -33.86 -4.02 22.57
N TYR R 32 -33.47 -5.20 22.06
CA TYR R 32 -34.29 -6.40 22.26
C TYR R 32 -34.21 -6.91 23.70
N ALA R 33 -33.21 -6.42 24.45
CA ALA R 33 -33.16 -6.66 25.88
C ALA R 33 -34.31 -5.94 26.60
N LYS R 34 -34.72 -4.79 26.07
CA LYS R 34 -35.81 -4.05 26.67
C LYS R 34 -37.14 -4.22 25.96
N ARG R 35 -37.19 -4.98 24.86
CA ARG R 35 -38.44 -5.16 24.10
C ARG R 35 -39.35 -6.11 24.85
N GLN R 36 -40.41 -5.58 25.45
CA GLN R 36 -41.42 -6.36 26.13
C GLN R 36 -42.69 -5.53 26.21
N THR R 37 -43.80 -6.20 26.52
CA THR R 37 -45.05 -5.49 26.74
C THR R 37 -45.10 -4.97 28.18
N ASN R 38 -46.27 -4.51 28.60
CA ASN R 38 -46.38 -3.83 29.88
C ASN R 38 -46.41 -4.82 31.05
N PRO R 39 -45.64 -4.57 32.11
CA PRO R 39 -45.78 -5.35 33.35
C PRO R 39 -46.96 -4.88 34.19
N ASN R 40 -47.00 -5.39 35.43
CA ASN R 40 -47.90 -5.03 36.56
C ASN R 40 -49.35 -4.78 36.14
N ILE R 41 -49.87 -5.63 35.26
CA ILE R 41 -51.29 -5.59 34.89
C ILE R 41 -52.10 -6.10 36.06
N THR R 42 -52.99 -5.26 36.58
CA THR R 42 -53.76 -5.59 37.77
C THR R 42 -54.85 -6.61 37.45
N GLY R 43 -55.38 -7.22 38.50
CA GLY R 43 -56.40 -8.24 38.33
C GLY R 43 -57.74 -7.66 37.95
N VAL R 44 -58.59 -8.53 37.40
CA VAL R 44 -59.92 -8.15 36.94
C VAL R 44 -60.97 -8.25 38.02
N ALA R 45 -60.57 -8.50 39.27
CA ALA R 45 -61.53 -8.61 40.37
C ALA R 45 -62.11 -7.25 40.78
N ASN R 46 -61.42 -6.15 40.48
CA ASN R 46 -61.95 -4.83 40.80
C ASN R 46 -63.09 -4.43 39.87
N LEU R 47 -63.09 -4.95 38.64
CA LEU R 47 -64.18 -4.66 37.72
C LEU R 47 -65.44 -5.45 38.06
N LEU R 48 -65.29 -6.65 38.60
CA LEU R 48 -66.44 -7.46 38.97
C LEU R 48 -67.11 -6.97 40.26
N SER R 49 -66.42 -6.15 41.04
CA SER R 49 -66.95 -5.65 42.31
C SER R 49 -67.69 -4.33 42.14
N THR R 50 -67.02 -3.33 41.58
CA THR R 50 -67.59 -2.00 41.47
C THR R 50 -68.11 -1.71 40.07
N SER R 51 -67.31 -2.04 39.04
CA SER R 51 -67.69 -1.71 37.67
C SER R 51 -68.79 -2.62 37.13
N LEU R 52 -68.93 -3.84 37.67
CA LEU R 52 -69.98 -4.73 37.20
C LEU R 52 -71.35 -4.27 37.70
N LYS R 53 -71.41 -3.67 38.88
CA LYS R 53 -72.67 -3.16 39.41
C LYS R 53 -73.17 -1.95 38.63
N HIS R 54 -72.24 -1.13 38.12
CA HIS R 54 -72.63 -0.02 37.26
C HIS R 54 -72.84 -0.46 35.81
N TYR R 55 -72.23 -1.56 35.39
CA TYR R 55 -72.41 -2.04 34.03
C TYR R 55 -73.73 -2.77 33.87
N MET R 56 -74.14 -3.53 34.89
CA MET R 56 -75.42 -4.23 34.82
C MET R 56 -76.59 -3.26 35.03
N GLU R 57 -76.35 -2.14 35.71
CA GLU R 57 -77.41 -1.16 35.92
C GLU R 57 -77.72 -0.34 34.68
N GLU R 58 -76.75 -0.18 33.77
CA GLU R 58 -76.99 0.55 32.54
C GLU R 58 -77.57 -0.33 31.43
N PHE R 59 -77.27 -1.63 31.46
CA PHE R 59 -77.81 -2.58 30.48
C PHE R 59 -78.25 -3.82 31.24
N PRO R 60 -79.48 -3.84 31.77
CA PRO R 60 -79.96 -5.01 32.51
C PRO R 60 -80.35 -6.16 31.59
N GLU R 61 -80.66 -5.85 30.34
CA GLU R 61 -81.07 -6.85 29.36
C GLU R 61 -80.17 -6.78 28.14
N GLY R 62 -79.86 -7.95 27.57
CA GLY R 62 -79.02 -8.01 26.40
C GLY R 62 -79.82 -8.03 25.10
N SER R 63 -79.09 -7.86 24.00
CA SER R 63 -79.72 -7.86 22.68
C SER R 63 -79.96 -9.30 22.22
N PRO R 64 -81.08 -9.55 21.53
CA PRO R 64 -81.32 -10.90 21.01
C PRO R 64 -80.46 -11.20 19.79
N ASN R 65 -80.11 -12.47 19.64
CA ASN R 65 -79.30 -12.94 18.52
C ASN R 65 -80.22 -13.57 17.49
N ASN R 66 -80.42 -12.87 16.38
CA ASN R 66 -81.31 -13.39 15.34
C ASN R 66 -80.65 -14.49 14.52
N HIS R 67 -79.34 -14.40 14.31
CA HIS R 67 -78.64 -15.44 13.54
C HIS R 67 -78.53 -16.74 14.33
N LEU R 68 -78.26 -16.67 15.64
CA LEU R 68 -78.22 -17.87 16.46
C LEU R 68 -79.59 -18.50 16.59
N GLN R 69 -80.63 -17.66 16.66
CA GLN R 69 -82.00 -18.16 16.67
C GLN R 69 -82.39 -18.81 15.35
N ARG R 70 -81.94 -18.27 14.22
CA ARG R 70 -82.21 -18.88 12.93
C ARG R 70 -81.47 -20.20 12.77
N TYR R 71 -80.23 -20.28 13.28
CA TYR R 71 -79.49 -21.52 13.24
C TYR R 71 -80.12 -22.58 14.14
N GLU R 72 -80.61 -22.17 15.31
CA GLU R 72 -81.30 -23.10 16.20
C GLU R 72 -82.64 -23.54 15.61
N ASP R 73 -83.32 -22.65 14.89
CA ASP R 73 -84.56 -23.02 14.22
C ASP R 73 -84.30 -23.99 13.06
N ILE R 74 -83.18 -23.81 12.36
CA ILE R 74 -82.81 -24.75 11.29
C ILE R 74 -82.43 -26.11 11.87
N LYS R 75 -81.73 -26.12 13.02
CA LYS R 75 -81.39 -27.38 13.67
C LYS R 75 -82.63 -28.09 14.20
N LEU R 76 -83.59 -27.32 14.74
CA LEU R 76 -84.84 -27.91 15.21
C LEU R 76 -85.69 -28.43 14.06
N SER R 77 -85.68 -27.73 12.92
CA SER R 77 -86.41 -28.22 11.75
C SER R 77 -85.76 -29.48 11.18
N LYS R 78 -84.43 -29.56 11.21
CA LYS R 78 -83.74 -30.77 10.78
C LYS R 78 -84.02 -31.94 11.72
N ILE R 79 -84.09 -31.66 13.03
CA ILE R 79 -84.40 -32.70 14.00
C ILE R 79 -85.85 -33.17 13.85
N LYS R 80 -86.77 -32.25 13.57
CA LYS R 80 -88.16 -32.63 13.34
C LYS R 80 -88.33 -33.42 12.05
N ASN R 81 -87.56 -33.06 11.01
CA ASN R 81 -87.61 -33.82 9.77
C ASN R 81 -87.02 -35.21 9.95
N ALA R 82 -85.96 -35.33 10.75
CA ALA R 82 -85.38 -36.65 11.03
C ALA R 82 -86.31 -37.50 11.87
N GLN R 83 -87.03 -36.87 12.82
CA GLN R 83 -88.01 -37.61 13.63
C GLN R 83 -89.20 -38.07 12.79
N LEU R 84 -89.65 -37.21 11.86
CA LEU R 84 -90.75 -37.59 10.98
C LEU R 84 -90.32 -38.70 10.01
N LEU R 85 -89.07 -38.64 9.53
CA LEU R 85 -88.56 -39.70 8.66
C LEU R 85 -88.40 -41.02 9.42
N ASP R 86 -87.98 -40.96 10.68
CA ASP R 86 -87.89 -42.17 11.49
C ASP R 86 -89.26 -42.75 11.80
N ARG R 87 -90.25 -41.88 12.04
CA ARG R 87 -91.61 -42.36 12.30
C ARG R 87 -92.26 -42.92 11.04
N ARG R 88 -91.88 -42.40 9.88
CA ARG R 88 -92.41 -42.92 8.62
C ARG R 88 -91.70 -44.18 8.15
N LEU R 89 -90.42 -44.36 8.52
CA LEU R 89 -89.68 -45.54 8.09
C LEU R 89 -89.86 -46.71 9.06
N GLN R 90 -89.93 -46.45 10.36
CA GLN R 90 -90.10 -47.54 11.32
C GLN R 90 -91.53 -48.03 11.36
N ASN R 91 -92.50 -47.17 11.03
CA ASN R 91 -93.90 -47.56 11.03
C ASN R 91 -94.59 -47.12 9.74
N PRO R 94 -92.91 -56.02 6.93
CA PRO R 94 -93.44 -56.70 5.75
C PRO R 94 -94.53 -57.71 6.10
N ASN R 95 -94.80 -57.88 7.39
CA ASN R 95 -95.83 -58.81 7.85
C ASN R 95 -97.17 -58.13 8.09
N VAL R 96 -97.24 -56.80 8.02
CA VAL R 96 -98.48 -56.08 8.25
C VAL R 96 -98.88 -55.34 6.98
N ASP R 97 -98.52 -55.90 5.82
CA ASP R 97 -98.83 -55.29 4.53
C ASP R 97 -99.70 -56.23 3.70
N PRO R 98 -100.87 -55.78 3.24
CA PRO R 98 -101.69 -56.68 2.41
C PRO R 98 -101.15 -56.87 1.00
N HIS R 99 -100.38 -55.91 0.49
CA HIS R 99 -99.75 -56.06 -0.82
C HIS R 99 -98.51 -56.95 -0.76
N ILE R 100 -98.01 -57.24 0.43
CA ILE R 100 -96.84 -58.11 0.60
C ILE R 100 -97.26 -59.36 1.34
N LYS R 101 -98.51 -59.79 1.13
CA LYS R 101 -99.08 -60.97 1.76
C LYS R 101 -98.99 -62.18 0.83
N ASP R 102 -97.92 -62.25 0.03
CA ASP R 102 -97.69 -63.33 -0.91
C ASP R 102 -96.97 -64.48 -0.20
N THR R 103 -96.38 -65.39 -0.97
CA THR R 103 -95.71 -66.56 -0.42
C THR R 103 -94.33 -66.18 0.11
N ASP R 104 -93.52 -67.21 0.39
CA ASP R 104 -92.22 -67.00 1.01
C ASP R 104 -91.25 -66.33 0.03
N PRO R 105 -90.24 -65.62 0.55
CA PRO R 105 -89.33 -64.85 -0.32
C PRO R 105 -88.23 -65.67 -0.96
N TYR R 106 -88.22 -67.00 -0.77
CA TYR R 106 -87.23 -67.82 -1.46
C TYR R 106 -87.51 -67.91 -2.96
N ARG R 107 -88.78 -67.89 -3.35
CA ARG R 107 -89.18 -67.87 -4.74
C ARG R 107 -89.77 -66.54 -5.16
N THR R 108 -89.77 -65.53 -4.29
CA THR R 108 -90.33 -64.23 -4.58
C THR R 108 -89.21 -63.24 -4.82
N ILE R 109 -89.01 -62.86 -6.08
CA ILE R 109 -88.00 -61.88 -6.46
C ILE R 109 -88.67 -60.52 -6.62
N PHE R 110 -87.87 -59.47 -6.60
CA PHE R 110 -88.34 -58.10 -6.72
C PHE R 110 -87.60 -57.40 -7.86
N ILE R 111 -88.36 -56.80 -8.77
CA ILE R 111 -87.82 -56.04 -9.89
C ILE R 111 -88.10 -54.57 -9.64
N GLY R 112 -87.05 -53.76 -9.56
CA GLY R 112 -87.19 -52.35 -9.28
C GLY R 112 -86.78 -51.46 -10.43
N ARG R 113 -87.13 -50.17 -10.33
CA ARG R 113 -86.84 -49.14 -11.34
C ARG R 113 -87.41 -49.50 -12.72
N LEU R 114 -88.64 -49.99 -12.73
CA LEU R 114 -89.30 -50.36 -13.97
C LEU R 114 -89.97 -49.14 -14.58
N PRO R 115 -90.62 -49.29 -15.73
CA PRO R 115 -91.27 -48.16 -16.38
C PRO R 115 -92.58 -47.79 -15.71
N TYR R 116 -92.97 -46.53 -15.88
CA TYR R 116 -94.22 -46.04 -15.30
C TYR R 116 -95.43 -46.33 -16.17
N ASP R 117 -95.22 -46.63 -17.45
CA ASP R 117 -96.31 -46.91 -18.38
C ASP R 117 -96.34 -48.37 -18.82
N LEU R 118 -95.73 -49.26 -18.05
CA LEU R 118 -95.71 -50.67 -18.39
C LEU R 118 -97.02 -51.33 -17.93
N ASP R 119 -97.17 -52.60 -18.29
CA ASP R 119 -98.35 -53.38 -17.96
C ASP R 119 -97.94 -54.69 -17.29
N GLU R 120 -98.91 -55.32 -16.64
CA GLU R 120 -98.64 -56.58 -15.94
C GLU R 120 -98.51 -57.75 -16.89
N ILE R 121 -99.08 -57.66 -18.09
CA ILE R 121 -99.01 -58.77 -19.04
C ILE R 121 -97.60 -58.93 -19.60
N GLU R 122 -96.96 -57.82 -19.95
CA GLU R 122 -95.59 -57.88 -20.45
C GLU R 122 -94.61 -58.30 -19.36
N LEU R 123 -94.85 -57.85 -18.12
CA LEU R 123 -94.01 -58.26 -17.00
C LEU R 123 -94.19 -59.74 -16.69
N GLN R 124 -95.42 -60.26 -16.82
CA GLN R 124 -95.66 -61.68 -16.61
C GLN R 124 -95.04 -62.52 -17.72
N LYS R 125 -95.08 -62.02 -18.96
CA LYS R 125 -94.45 -62.73 -20.08
C LYS R 125 -92.93 -62.70 -19.97
N TYR R 126 -92.37 -61.64 -19.38
CA TYR R 126 -90.92 -61.58 -19.18
C TYR R 126 -90.49 -62.44 -18.00
N PHE R 127 -91.34 -62.56 -16.98
CA PHE R 127 -91.00 -63.35 -15.80
C PHE R 127 -91.26 -64.83 -15.98
N VAL R 128 -92.16 -65.22 -16.90
CA VAL R 128 -92.47 -66.63 -17.11
C VAL R 128 -91.53 -67.29 -18.12
N LYS R 129 -90.48 -66.60 -18.55
CA LYS R 129 -89.56 -67.19 -19.53
C LYS R 129 -88.56 -68.13 -18.89
N PHE R 130 -88.20 -67.89 -17.62
CA PHE R 130 -87.20 -68.69 -16.93
C PHE R 130 -87.78 -69.40 -15.71
N GLY R 131 -89.02 -69.84 -15.79
CA GLY R 131 -89.67 -70.55 -14.72
C GLY R 131 -91.13 -70.15 -14.62
N GLU R 132 -91.93 -71.07 -14.07
CA GLU R 132 -93.36 -70.84 -13.92
C GLU R 132 -93.60 -69.88 -12.76
N ILE R 133 -94.31 -68.78 -13.03
CA ILE R 133 -94.61 -67.77 -12.02
C ILE R 133 -95.95 -68.08 -11.38
N GLU R 134 -96.01 -67.96 -10.06
CA GLU R 134 -97.24 -68.24 -9.32
C GLU R 134 -98.06 -66.98 -9.07
N LYS R 135 -97.39 -65.85 -8.81
CA LYS R 135 -98.09 -64.60 -8.54
C LYS R 135 -97.22 -63.43 -8.94
N ILE R 136 -97.85 -62.31 -9.29
CA ILE R 136 -97.16 -61.08 -9.62
C ILE R 136 -97.96 -59.91 -9.07
N ARG R 137 -97.26 -58.92 -8.52
CA ARG R 137 -97.92 -57.77 -7.91
C ARG R 137 -97.03 -56.54 -8.09
N ILE R 138 -97.52 -55.56 -8.84
CA ILE R 138 -96.82 -54.29 -9.00
C ILE R 138 -97.22 -53.36 -7.88
N VAL R 139 -96.23 -52.79 -7.21
CA VAL R 139 -96.46 -51.92 -6.06
C VAL R 139 -96.59 -50.49 -6.53
N LYS R 140 -97.53 -49.75 -5.93
CA LYS R 140 -97.74 -48.34 -6.26
C LYS R 140 -97.87 -47.55 -4.98
N ASP R 141 -97.88 -46.23 -5.12
CA ASP R 141 -98.03 -45.33 -3.98
C ASP R 141 -99.47 -45.33 -3.49
N LYS R 142 -99.64 -44.97 -2.21
CA LYS R 142 -100.97 -44.93 -1.63
C LYS R 142 -101.65 -43.58 -1.85
N ILE R 143 -100.87 -42.51 -2.00
CA ILE R 143 -101.46 -41.19 -2.17
C ILE R 143 -101.89 -40.95 -3.62
N THR R 144 -101.18 -41.55 -4.58
CA THR R 144 -101.51 -41.36 -5.99
C THR R 144 -101.40 -42.70 -6.70
N GLN R 145 -102.18 -42.85 -7.77
CA GLN R 145 -102.22 -44.10 -8.53
C GLN R 145 -101.20 -44.06 -9.68
N LYS R 146 -99.94 -43.88 -9.31
CA LYS R 146 -98.83 -43.84 -10.26
C LYS R 146 -97.92 -45.03 -10.05
N SER R 147 -97.37 -45.55 -11.15
CA SER R 147 -96.48 -46.69 -11.10
C SER R 147 -95.10 -46.24 -10.64
N LYS R 148 -94.67 -46.74 -9.48
CA LYS R 148 -93.37 -46.38 -8.93
C LYS R 148 -92.22 -47.15 -9.56
N GLY R 149 -92.50 -48.17 -10.36
CA GLY R 149 -91.46 -48.95 -11.00
C GLY R 149 -90.99 -50.15 -10.20
N TYR R 150 -91.80 -50.66 -9.28
CA TYR R 150 -91.42 -51.79 -8.46
C TYR R 150 -92.48 -52.88 -8.55
N ALA R 151 -92.02 -54.13 -8.58
CA ALA R 151 -92.92 -55.26 -8.68
C ALA R 151 -92.30 -56.45 -7.96
N PHE R 152 -93.17 -57.35 -7.49
CA PHE R 152 -92.76 -58.57 -6.80
C PHE R 152 -93.38 -59.75 -7.53
N ILE R 153 -92.53 -60.68 -7.97
CA ILE R 153 -92.96 -61.86 -8.72
C ILE R 153 -92.55 -63.09 -7.92
N VAL R 154 -93.54 -63.85 -7.46
CA VAL R 154 -93.31 -65.10 -6.74
C VAL R 154 -93.50 -66.24 -7.73
N PHE R 155 -92.44 -67.01 -7.96
CA PHE R 155 -92.48 -68.12 -8.88
C PHE R 155 -92.87 -69.41 -8.16
N LYS R 156 -92.97 -70.50 -8.93
CA LYS R 156 -93.35 -71.78 -8.34
C LYS R 156 -92.20 -72.45 -7.61
N ASP R 157 -90.96 -72.19 -8.02
CA ASP R 157 -89.78 -72.79 -7.41
C ASP R 157 -88.80 -71.69 -7.06
N PRO R 158 -87.94 -71.92 -6.06
CA PRO R 158 -86.97 -70.90 -5.67
C PRO R 158 -85.76 -70.85 -6.59
N ILE R 159 -85.40 -72.01 -7.15
CA ILE R 159 -84.22 -72.08 -8.01
C ILE R 159 -84.49 -71.40 -9.35
N SER R 160 -85.69 -71.59 -9.90
CA SER R 160 -86.05 -70.93 -11.16
C SER R 160 -86.20 -69.43 -10.98
N SER R 161 -86.74 -68.99 -9.84
CA SER R 161 -86.84 -67.56 -9.55
C SER R 161 -85.46 -66.94 -9.35
N LYS R 162 -84.55 -67.67 -8.69
CA LYS R 162 -83.19 -67.17 -8.50
C LYS R 162 -82.43 -67.10 -9.83
N MET R 163 -82.65 -68.08 -10.71
CA MET R 163 -82.01 -68.06 -12.02
C MET R 163 -82.58 -66.93 -12.89
N ALA R 164 -83.89 -66.67 -12.78
CA ALA R 164 -84.49 -65.57 -13.53
C ALA R 164 -84.00 -64.22 -13.01
N PHE R 165 -83.84 -64.09 -11.68
CA PHE R 165 -83.32 -62.85 -11.11
C PHE R 165 -81.85 -62.65 -11.49
N LYS R 166 -81.08 -63.73 -11.56
CA LYS R 166 -79.68 -63.62 -11.97
C LYS R 166 -79.57 -63.26 -13.45
N GLU R 167 -80.42 -63.84 -14.29
CA GLU R 167 -80.39 -63.52 -15.71
C GLU R 167 -80.93 -62.12 -16.00
N ILE R 168 -81.80 -61.59 -15.13
CA ILE R 168 -82.33 -60.25 -15.31
C ILE R 168 -81.44 -59.18 -14.69
N GLY R 169 -80.61 -59.52 -13.70
CA GLY R 169 -79.76 -58.54 -13.07
C GLY R 169 -78.30 -58.62 -13.48
N VAL R 170 -77.94 -59.67 -14.22
CA VAL R 170 -76.55 -59.83 -14.64
C VAL R 170 -76.26 -59.02 -15.90
N HIS R 171 -77.21 -58.95 -16.83
CA HIS R 171 -77.01 -58.25 -18.11
C HIS R 171 -77.48 -56.80 -18.03
N ARG R 172 -76.98 -56.07 -17.02
CA ARG R 172 -77.20 -54.63 -16.81
C ARG R 172 -78.67 -54.27 -16.72
N GLY R 173 -79.48 -55.14 -16.13
CA GLY R 173 -80.91 -54.88 -16.03
C GLY R 173 -81.69 -55.41 -17.21
N ILE R 174 -82.91 -55.92 -16.95
CA ILE R 174 -83.75 -56.44 -18.01
C ILE R 174 -84.35 -55.28 -18.79
N GLN R 175 -84.25 -55.35 -20.12
CA GLN R 175 -84.73 -54.27 -20.99
C GLN R 175 -86.25 -54.38 -21.10
N ILE R 176 -86.93 -53.79 -20.13
CA ILE R 176 -88.41 -53.80 -20.12
C ILE R 176 -88.85 -52.54 -20.84
N LYS R 177 -88.80 -52.61 -22.18
CA LYS R 177 -89.66 -51.92 -23.15
C LYS R 177 -89.59 -50.38 -23.16
N ASP R 178 -89.15 -49.78 -22.07
CA ASP R 178 -88.72 -48.39 -22.04
C ASP R 178 -87.60 -48.16 -21.05
N ARG R 179 -87.14 -49.18 -20.33
CA ARG R 179 -86.15 -48.96 -19.27
C ARG R 179 -85.36 -50.24 -19.04
N ILE R 180 -84.41 -50.15 -18.12
CA ILE R 180 -83.59 -51.28 -17.69
C ILE R 180 -83.91 -51.54 -16.23
N CYS R 181 -84.79 -52.49 -15.98
CA CYS R 181 -85.20 -52.84 -14.62
C CYS R 181 -84.47 -54.11 -14.19
N ILE R 182 -83.61 -53.97 -13.17
CA ILE R 182 -82.90 -55.12 -12.63
C ILE R 182 -83.78 -55.86 -11.62
N VAL R 183 -83.48 -57.13 -11.42
CA VAL R 183 -84.21 -57.97 -10.49
C VAL R 183 -83.25 -58.49 -9.43
N ASP R 184 -83.76 -58.64 -8.21
CA ASP R 184 -82.97 -59.10 -7.09
C ASP R 184 -83.89 -59.81 -6.10
N ILE R 185 -83.38 -60.08 -4.90
CA ILE R 185 -84.16 -60.73 -3.86
C ILE R 185 -85.15 -59.73 -3.26
N GLU R 186 -86.15 -60.24 -2.54
CA GLU R 186 -87.16 -59.37 -1.96
C GLU R 186 -86.63 -58.60 -0.75
N ARG R 187 -85.65 -59.18 -0.04
CA ARG R 187 -85.00 -58.59 1.14
C ARG R 187 -86.02 -58.27 2.24
N GLY R 188 -86.93 -59.20 2.49
CA GLY R 188 -87.95 -59.02 3.50
C GLY R 188 -87.42 -59.17 4.91
#